data_7XDK
#
_entry.id   7XDK
#
_cell.length_a   1.00
_cell.length_b   1.00
_cell.length_c   1.00
_cell.angle_alpha   90.00
_cell.angle_beta   90.00
_cell.angle_gamma   90.00
#
_symmetry.space_group_name_H-M   'P 1'
#
loop_
_entity.id
_entity.type
_entity.pdbx_description
1 polymer 'Spike glycoprotein'
2 polymer 'BA7125 fab'
3 polymer 'BA7125 fab'
4 polymer 'BA7054 fab'
5 polymer 'BA7054 fab'
6 branched 2-acetamido-2-deoxy-beta-D-glucopyranose-(1-4)-2-acetamido-2-deoxy-beta-D-glucopyranose
7 non-polymer 2-acetamido-2-deoxy-beta-D-glucopyranose
#
loop_
_entity_poly.entity_id
_entity_poly.type
_entity_poly.pdbx_seq_one_letter_code
_entity_poly.pdbx_strand_id
1 'polypeptide(L)'
;PAYTNSFTRGVYYPDKVFRSSVLHSTQDLFLPFFSNVTWFHAIHVSGTNGTKRFDNPVLPFNDGVYFASTEKSNIIRGWI
FGTTLDSKTQSLLIVNNATNVVIKVCEFQFCNDPFLDVYYHKNNKSWMDMESGVYSSANNCTFEYVSQPFLMDLEGKQGN
FKNLREFVFKNIDGYFKIYSKHTPINLVRDLPQGFSALEPLVDLPIGINITRFQTLLALHRSYLTPGDSSSGWTAGAAAY
YVGYLQPRTFLLKYNENGTITDAVDCALDPLSETKCTLKSFTVEKGIYQTSNFRVQPTESIVRFPNITNLCPFGEVFNAT
RFASVYAWNRKRISNCVADYSVLYNSASFSTFKCYGVSPTKLNDLCFTNVYADSFVIRGDEVRQIAPGQTGKIADYNYKL
PDDFTGCVIAWNSNNLDSKVGGNYNYRYRLFRKSNLKPFERDISTEIYQAGSKPCNGVEGFNCYFPLQSYGFQPTNGVGY
QPYRVVVLSFELLHAPATVCGPKKDCNLVKNKCVNFNFNGLTGTGVLTESNKKFLPFQQFGRDIADTTDAVRDPQTLEIL
DITPCSFGGVSVITPGTNTSNQVAVLYQGVNCTEVPVAIHADQLTPTWRVYSTGSNVFQTRAGCLIGAEHVNNSYECDIP
IGAGICASYQTQTNSPRRARSVASQSIIAYTMSLGAENSVAYSNNSIAIPTNFTISVTTEILPVSMTKTSVDCTMYICGD
STECSNLLLQYGSFCTQLNRALTGIAVEQDKNTQEVFAQVKQIYKTPPIKDFGGFNFSQILPDPSKPSKRSFIEDLLFNK
VTLADAGFIKQYGDCLGDIAARDLICAQKFNGLTVLPPLLTDEMIAQYTSALLAGTITSGWTFGAGAALQIPFAMQMAYR
FNGIGVTQNVLYENQKLIANQFNSAIGKIQDSLSSTASALGKLQNVVNQNAQALNTLVKQLSSNFGAISSVLNDILSRLD
PPEAEVQIDRLITGRLQSLQTYVTQQLIRAAEIRASANLAATKMSECVLGQSKRVDFCGKGYHLMSFPQSAPHGVVFLHV
TYVPAQEKNFTTAPAICHDGKAHFPREGVFVSNGTHWFVTQRNFYEPQIITTDNTFVSGNCDVVIGIVNNTVYDPLQP
;
A,B,C
2 'polypeptide(L)'
;EVQLQQWGAGLLKPSETLSLTCAVYGESFSGYYWSWIRQSPGKGLEWIGQINHSGNTNYNPSLKSRVTMSVDTSKNQFSL
KLSSVTAADTAVYYCARELGHDYWGQGTLVTVSSASTKGPSVFPLAPSSKSTSGGTAALGCLVKDYFPEPVTVSWNSGAL
TSGVHTFPAVLQSSGLYSLSSVVTVPSSSLGTQTYICNVNHKPSNTKVDKKVEP
;
F,K,L
3 'polypeptide(L)'
;EIVMTQSPGTLSLSPGERATLSCRASQSISSSYLAWFQQKPGQAPRLLIYGASSRAPGIPDRFSGSGSGTDFTLTISRLE
PEDFAVYYCQQYGDSPLTFGGGTKVDIKRTVAAPSVFIFPPSDEQLKSGTASVVCLLNNFYPREAKVQWKVDNALQSGNS
QESVTEQDSKDSTYSLSSTLTLSKADYEKHKVYACEVTHQGLSSPVTKSFNRGEC
;
G,J,M
4 'polypeptide(L)'
;EVQLVESGGGVVQPGRSLRLSCAASGFTFSSYAMHWVRQAPGKGLEWVAVISFDGSNKYYADSVKGRFTISRDNSKNTLY
LQMNSLRAEDTAVYYCARASITTTDDGMDVWGQGTTVTVSS
;
D,H,N
5 'polypeptide(L)'
;DIQMTQSPSSVSASVGDRVTITCRASQGISSWLAWYQQKPGKAPKLLIYAASSLQSGVPSRFSGSGSGTDFTLTISSLQP
EDFATYYCQQANSFPFSFGPGTKVDIK
;
E,I,O
#
# COMPACT_ATOMS: atom_id res chain seq x y z
N PRO A 1 49.98 26.53 9.79
CA PRO A 1 50.94 27.63 10.00
C PRO A 1 50.49 28.61 11.07
N ALA A 2 50.54 29.91 10.75
CA ALA A 2 50.21 30.93 11.73
C ALA A 2 48.74 30.85 12.11
N TYR A 3 48.45 31.28 13.34
CA TYR A 3 47.09 31.26 13.88
C TYR A 3 46.73 32.65 14.39
N THR A 4 45.44 32.96 14.35
CA THR A 4 44.93 34.22 14.85
C THR A 4 43.48 34.04 15.24
N ASN A 5 42.96 35.00 16.01
CA ASN A 5 41.62 34.92 16.58
C ASN A 5 40.66 35.84 15.84
N SER A 6 39.48 35.31 15.54
CA SER A 6 38.43 36.09 14.88
C SER A 6 37.53 36.69 15.94
N PHE A 7 37.59 38.01 16.08
CA PHE A 7 36.86 38.73 17.12
C PHE A 7 35.51 39.19 16.55
N THR A 8 34.50 38.34 16.70
CA THR A 8 33.14 38.63 16.26
C THR A 8 33.11 39.04 14.78
N ARG A 9 33.59 38.13 13.94
CA ARG A 9 33.62 38.36 12.50
C ARG A 9 33.10 37.14 11.77
N GLY A 10 32.62 37.35 10.56
CA GLY A 10 32.10 36.29 9.74
C GLY A 10 30.60 36.11 9.76
N VAL A 11 29.85 37.09 10.22
CA VAL A 11 28.40 37.01 10.31
C VAL A 11 27.80 37.76 9.13
N TYR A 12 26.80 37.15 8.50
CA TYR A 12 26.17 37.67 7.30
C TYR A 12 24.66 37.74 7.51
N TYR A 13 23.95 38.12 6.45
CA TYR A 13 22.49 38.11 6.49
C TYR A 13 22.01 36.73 6.06
N PRO A 14 21.40 35.95 6.95
CA PRO A 14 20.99 34.59 6.58
C PRO A 14 19.97 34.54 5.45
N ASP A 15 19.09 35.52 5.35
CA ASP A 15 18.04 35.52 4.33
C ASP A 15 17.71 36.95 3.94
N LYS A 16 16.69 37.10 3.10
CA LYS A 16 16.31 38.38 2.52
C LYS A 16 15.08 38.98 3.19
N VAL A 17 14.94 38.80 4.50
CA VAL A 17 13.81 39.31 5.26
C VAL A 17 14.24 40.56 5.99
N PHE A 18 13.42 41.62 5.90
CA PHE A 18 13.72 42.89 6.54
C PHE A 18 13.04 42.94 7.90
N ARG A 19 13.82 43.06 8.96
CA ARG A 19 13.31 43.18 10.32
C ARG A 19 13.83 44.46 10.94
N SER A 20 12.96 45.16 11.67
CA SER A 20 13.28 46.45 12.26
C SER A 20 13.11 46.37 13.77
N SER A 21 14.19 46.64 14.51
CA SER A 21 14.20 46.62 15.96
C SER A 21 13.72 45.28 16.51
N VAL A 22 14.23 44.20 15.94
CA VAL A 22 13.92 42.85 16.37
C VAL A 22 15.23 42.16 16.74
N LEU A 23 15.12 41.21 17.68
CA LEU A 23 16.25 40.36 18.08
C LEU A 23 15.92 38.95 17.65
N HIS A 24 16.25 38.62 16.41
CA HIS A 24 15.92 37.32 15.83
C HIS A 24 16.99 36.29 16.16
N SER A 25 16.54 35.08 16.49
CA SER A 25 17.42 33.96 16.77
C SER A 25 17.32 32.97 15.61
N THR A 26 18.46 32.74 14.94
CA THR A 26 18.48 31.92 13.74
C THR A 26 19.53 30.83 13.88
N GLN A 27 19.28 29.71 13.18
CA GLN A 27 20.18 28.57 13.15
C GLN A 27 20.67 28.38 11.73
N ASP A 28 21.98 28.51 11.54
CA ASP A 28 22.57 28.42 10.21
C ASP A 28 24.07 28.14 10.37
N LEU A 29 24.80 28.23 9.26
CA LEU A 29 26.24 28.00 9.26
C LEU A 29 26.94 29.33 9.48
N PHE A 30 27.54 29.51 10.66
CA PHE A 30 28.24 30.74 11.01
C PHE A 30 29.64 30.41 11.48
N LEU A 31 30.53 31.39 11.37
CA LEU A 31 31.87 31.26 11.91
C LEU A 31 31.81 31.45 13.42
N PRO A 32 32.21 30.47 14.22
CA PRO A 32 32.07 30.60 15.68
C PRO A 32 32.84 31.80 16.21
N PHE A 33 32.25 32.45 17.21
CA PHE A 33 32.87 33.62 17.82
C PHE A 33 34.12 33.20 18.58
N PHE A 34 35.16 34.02 18.47
CA PHE A 34 36.43 33.81 19.16
C PHE A 34 36.98 32.41 18.87
N SER A 35 37.29 32.18 17.61
CA SER A 35 37.85 30.92 17.15
C SER A 35 39.16 31.17 16.40
N ASN A 36 40.06 30.19 16.46
CA ASN A 36 41.35 30.31 15.81
C ASN A 36 41.23 29.97 14.33
N VAL A 37 41.69 30.88 13.48
CA VAL A 37 41.65 30.70 12.03
C VAL A 37 43.07 30.66 11.50
N THR A 38 43.32 29.77 10.54
CA THR A 38 44.64 29.63 9.96
C THR A 38 45.02 30.88 9.19
N TRP A 39 46.26 31.35 9.39
CA TRP A 39 46.75 32.56 8.77
C TRP A 39 47.80 32.19 7.72
N PHE A 40 47.63 32.71 6.51
CA PHE A 40 48.55 32.48 5.40
C PHE A 40 49.05 33.81 4.87
N HIS A 41 50.34 33.85 4.54
CA HIS A 41 50.93 35.05 3.95
C HIS A 41 51.98 34.61 2.93
N ALA A 42 52.07 35.36 1.83
CA ALA A 42 53.00 35.03 0.76
C ALA A 42 53.50 36.29 0.05
N ASN A 56 50.10 29.38 -1.25
CA ASN A 56 48.69 29.18 -1.50
C ASN A 56 48.36 27.72 -1.81
N PRO A 57 48.33 26.88 -0.78
CA PRO A 57 48.06 25.46 -0.98
C PRO A 57 46.57 25.19 -1.17
N VAL A 58 46.28 23.97 -1.60
CA VAL A 58 44.89 23.53 -1.72
C VAL A 58 44.33 23.24 -0.34
N LEU A 59 43.13 23.74 -0.08
CA LEU A 59 42.50 23.66 1.22
C LEU A 59 41.15 22.98 1.12
N PRO A 60 40.71 22.32 2.20
CA PRO A 60 39.37 21.71 2.18
C PRO A 60 38.28 22.76 2.25
N PHE A 61 37.07 22.34 1.86
CA PHE A 61 35.89 23.20 1.85
C PHE A 61 34.86 22.58 2.81
N ASN A 62 34.98 22.93 4.09
CA ASN A 62 34.17 22.30 5.14
C ASN A 62 32.94 23.16 5.38
N ASP A 63 31.85 22.84 4.68
CA ASP A 63 30.55 23.49 4.89
C ASP A 63 30.66 25.01 4.75
N GLY A 64 31.57 25.47 3.91
CA GLY A 64 31.76 26.90 3.74
C GLY A 64 33.08 27.39 4.29
N VAL A 65 33.56 28.52 3.75
CA VAL A 65 34.84 29.09 4.15
C VAL A 65 34.68 30.60 4.27
N TYR A 66 35.26 31.18 5.32
CA TYR A 66 35.32 32.62 5.49
C TYR A 66 36.69 33.12 5.06
N PHE A 67 36.73 33.95 4.03
CA PHE A 67 37.97 34.44 3.45
C PHE A 67 38.12 35.92 3.75
N ALA A 68 39.30 36.31 4.25
CA ALA A 68 39.59 37.70 4.56
C ALA A 68 41.02 38.01 4.13
N SER A 69 41.21 39.18 3.52
CA SER A 69 42.53 39.61 3.08
C SER A 69 42.61 41.12 3.23
N THR A 70 43.42 41.58 4.17
CA THR A 70 43.52 43.01 4.49
C THR A 70 44.71 43.64 3.78
N GLU A 71 44.66 43.61 2.45
CA GLU A 71 45.71 44.21 1.64
C GLU A 71 45.10 45.06 0.55
N LYS A 72 45.80 46.14 0.21
CA LYS A 72 45.42 47.05 -0.87
C LYS A 72 46.23 46.80 -2.14
N SER A 73 47.05 45.75 -2.16
CA SER A 73 47.87 45.46 -3.33
C SER A 73 47.04 44.99 -4.53
N ASN A 74 45.81 44.53 -4.29
CA ASN A 74 44.92 44.06 -5.35
C ASN A 74 45.53 42.90 -6.13
N ILE A 75 46.31 42.06 -5.47
CA ILE A 75 46.88 40.89 -6.14
C ILE A 75 45.99 39.67 -5.96
N ILE A 76 45.16 39.65 -4.91
CA ILE A 76 44.23 38.55 -4.68
C ILE A 76 43.10 38.63 -5.70
N ARG A 77 43.15 37.77 -6.71
CA ARG A 77 42.30 37.91 -7.88
C ARG A 77 41.72 36.57 -8.34
N GLY A 78 41.14 35.80 -7.45
CA GLY A 78 40.38 34.65 -7.88
C GLY A 78 40.45 33.51 -6.89
N TRP A 79 39.66 32.48 -7.18
CA TRP A 79 39.57 31.27 -6.37
C TRP A 79 39.21 30.10 -7.28
N ILE A 80 39.51 28.89 -6.81
CA ILE A 80 39.19 27.66 -7.53
C ILE A 80 38.50 26.70 -6.57
N PHE A 81 37.38 26.12 -7.00
CA PHE A 81 36.64 25.17 -6.20
C PHE A 81 36.42 23.90 -7.00
N GLY A 82 36.62 22.75 -6.37
CA GLY A 82 36.42 21.47 -7.02
C GLY A 82 36.69 20.30 -6.09
N THR A 83 36.14 19.14 -6.41
CA THR A 83 36.32 17.95 -5.58
C THR A 83 37.53 17.13 -6.03
N THR A 84 37.64 16.87 -7.34
CA THR A 84 38.76 16.16 -7.93
C THR A 84 38.93 16.70 -9.35
N LEU A 85 39.83 17.66 -9.51
CA LEU A 85 39.96 18.35 -10.78
C LEU A 85 40.55 17.42 -11.84
N ASP A 86 39.78 17.18 -12.89
CA ASP A 86 40.18 16.32 -14.00
C ASP A 86 39.47 16.81 -15.25
N SER A 87 39.44 15.98 -16.28
CA SER A 87 38.66 16.27 -17.48
C SER A 87 37.21 15.81 -17.35
N LYS A 88 36.85 15.17 -16.23
CA LYS A 88 35.50 14.64 -16.05
C LYS A 88 34.67 15.42 -15.05
N THR A 89 35.29 16.16 -14.14
CA THR A 89 34.57 16.87 -13.09
C THR A 89 34.61 18.37 -13.34
N GLN A 90 33.57 19.06 -12.86
CA GLN A 90 33.46 20.51 -13.03
C GLN A 90 34.40 21.22 -12.06
N SER A 91 34.44 22.55 -12.19
CA SER A 91 35.29 23.38 -11.35
C SER A 91 34.73 24.79 -11.34
N LEU A 92 35.40 25.68 -10.60
CA LEU A 92 35.03 27.08 -10.51
C LEU A 92 36.23 27.96 -10.88
N LEU A 93 35.92 29.22 -11.19
CA LEU A 93 36.94 30.23 -11.42
C LEU A 93 36.29 31.59 -11.25
N ILE A 94 36.75 32.34 -10.25
CA ILE A 94 36.16 33.64 -9.95
C ILE A 94 37.23 34.71 -10.12
N VAL A 95 38.13 34.50 -11.10
CA VAL A 95 39.20 35.45 -11.35
C VAL A 95 38.62 36.82 -11.65
N ASN A 96 39.26 37.85 -11.08
CA ASN A 96 38.79 39.23 -11.20
C ASN A 96 39.68 39.99 -12.17
N ASN A 97 39.06 40.63 -13.15
CA ASN A 97 39.78 41.49 -14.09
C ASN A 97 39.83 42.90 -13.53
N ALA A 98 40.32 43.85 -14.33
CA ALA A 98 40.37 45.24 -13.88
C ALA A 98 38.98 45.80 -13.65
N THR A 99 38.02 45.47 -14.52
CA THR A 99 36.68 46.02 -14.41
C THR A 99 35.60 44.97 -14.66
N ASN A 100 35.95 43.69 -14.63
CA ASN A 100 34.98 42.64 -14.87
C ASN A 100 35.35 41.42 -14.03
N VAL A 101 34.35 40.57 -13.80
CA VAL A 101 34.55 39.28 -13.15
C VAL A 101 33.90 38.22 -14.01
N VAL A 102 34.41 36.99 -13.93
CA VAL A 102 33.90 35.88 -14.70
C VAL A 102 33.77 34.67 -13.79
N ILE A 103 32.72 33.88 -14.00
CA ILE A 103 32.50 32.64 -13.28
C ILE A 103 32.53 31.52 -14.32
N LYS A 104 33.71 30.95 -14.52
CA LYS A 104 33.90 29.92 -15.55
C LYS A 104 33.70 28.55 -14.91
N VAL A 105 32.48 28.04 -14.98
CA VAL A 105 32.16 26.70 -14.51
C VAL A 105 32.27 25.80 -15.73
N CYS A 106 33.48 25.31 -15.99
CA CYS A 106 33.74 24.40 -17.09
C CYS A 106 34.29 23.10 -16.52
N GLU A 107 34.19 22.02 -17.30
CA GLU A 107 34.78 20.74 -16.92
C GLU A 107 36.23 20.70 -17.38
N PHE A 108 37.06 21.49 -16.70
CA PHE A 108 38.47 21.61 -17.05
C PHE A 108 39.33 21.33 -15.83
N GLN A 109 40.57 20.92 -16.09
CA GLN A 109 41.60 20.78 -15.08
C GLN A 109 42.79 21.65 -15.48
N PHE A 110 43.82 21.64 -14.63
CA PHE A 110 45.00 22.45 -14.87
C PHE A 110 46.15 21.91 -14.03
N CYS A 111 47.36 22.41 -14.33
CA CYS A 111 48.57 21.94 -13.69
C CYS A 111 48.68 22.50 -12.27
N ASN A 112 49.67 21.99 -11.54
CA ASN A 112 49.91 22.45 -10.18
C ASN A 112 50.46 23.87 -10.17
N ASP A 113 50.40 24.49 -8.99
CA ASP A 113 50.85 25.86 -8.78
C ASP A 113 50.15 26.85 -9.73
N PRO A 114 48.84 27.02 -9.61
CA PRO A 114 48.13 27.98 -10.46
C PRO A 114 48.51 29.42 -10.11
N PHE A 115 48.34 30.29 -11.09
CA PHE A 115 48.58 31.72 -10.94
C PHE A 115 47.93 32.42 -12.13
N LEU A 116 48.20 33.71 -12.29
CA LEU A 116 47.76 34.46 -13.45
C LEU A 116 48.83 35.47 -13.81
N ASP A 117 48.77 35.95 -15.06
CA ASP A 117 49.74 36.89 -15.59
C ASP A 117 49.76 38.21 -14.80
N MET A 130 46.68 35.52 -21.49
CA MET A 130 47.42 34.32 -21.12
C MET A 130 47.02 33.82 -19.74
N GLU A 131 45.82 33.27 -19.63
CA GLU A 131 45.31 32.73 -18.37
C GLU A 131 46.06 31.43 -18.07
N SER A 132 46.76 31.40 -16.94
CA SER A 132 47.55 30.24 -16.56
C SER A 132 46.71 29.10 -15.99
N GLY A 133 45.40 29.30 -15.81
CA GLY A 133 44.55 28.25 -15.29
C GLY A 133 43.78 27.50 -16.36
N VAL A 134 43.16 28.24 -17.29
CA VAL A 134 42.28 27.65 -18.29
C VAL A 134 43.00 27.39 -19.61
N TYR A 135 44.31 27.67 -19.70
CA TYR A 135 45.02 27.41 -20.93
C TYR A 135 45.17 25.92 -21.20
N SER A 136 45.13 25.10 -20.16
CA SER A 136 45.28 23.66 -20.32
C SER A 136 44.08 23.05 -21.05
N SER A 137 42.87 23.39 -20.61
CA SER A 137 41.68 22.83 -21.24
C SER A 137 40.48 23.71 -20.88
N ALA A 138 39.45 23.61 -21.72
CA ALA A 138 38.14 24.22 -21.46
C ALA A 138 37.03 23.27 -21.90
N ASN A 139 37.18 22.00 -21.58
CA ASN A 139 36.28 20.97 -22.11
C ASN A 139 34.92 21.03 -21.42
N ASN A 140 33.86 21.00 -22.22
CA ASN A 140 32.48 20.81 -21.76
C ASN A 140 32.09 21.83 -20.70
N CYS A 141 32.08 23.09 -21.11
CA CYS A 141 31.68 24.16 -20.20
C CYS A 141 30.16 24.28 -20.14
N THR A 142 29.66 24.66 -18.96
CA THR A 142 28.23 24.76 -18.71
C THR A 142 27.78 26.17 -18.37
N PHE A 143 28.44 26.82 -17.40
CA PHE A 143 27.96 28.07 -16.83
C PHE A 143 28.87 29.22 -17.22
N GLU A 144 28.25 30.38 -17.48
CA GLU A 144 28.97 31.60 -17.82
C GLU A 144 28.30 32.76 -17.10
N TYR A 145 29.10 33.68 -16.57
CA TYR A 145 28.57 34.80 -15.81
C TYR A 145 29.61 35.91 -15.79
N VAL A 146 29.18 37.14 -16.13
CA VAL A 146 30.04 38.31 -16.12
C VAL A 146 29.27 39.45 -15.46
N SER A 147 29.93 40.17 -14.56
CA SER A 147 29.29 41.29 -13.86
C SER A 147 30.36 42.27 -13.42
N GLN A 148 29.97 43.20 -12.56
CA GLN A 148 30.88 44.22 -12.05
C GLN A 148 31.91 43.59 -11.12
N PRO A 149 33.07 44.25 -10.93
CA PRO A 149 34.14 43.81 -10.01
C PRO A 149 33.63 43.29 -8.67
N LYS A 162 44.97 51.12 3.95
CA LYS A 162 44.61 49.74 3.63
C LYS A 162 43.13 49.51 3.89
N ASN A 163 42.63 48.35 3.43
CA ASN A 163 41.24 48.00 3.62
C ASN A 163 41.12 46.48 3.72
N LEU A 164 40.00 46.03 4.28
CA LEU A 164 39.77 44.62 4.54
C LEU A 164 38.65 44.11 3.64
N ARG A 165 38.93 43.04 2.90
CA ARG A 165 37.94 42.35 2.10
C ARG A 165 37.50 41.08 2.83
N GLU A 166 36.21 40.96 3.09
CA GLU A 166 35.65 39.80 3.77
C GLU A 166 34.70 39.08 2.83
N PHE A 167 34.88 37.77 2.70
CA PHE A 167 34.04 36.97 1.82
C PHE A 167 33.64 35.68 2.53
N VAL A 168 32.42 35.22 2.25
CA VAL A 168 31.93 33.94 2.73
C VAL A 168 31.39 33.18 1.53
N PHE A 169 31.89 31.96 1.31
CA PHE A 169 31.43 31.10 0.23
C PHE A 169 30.74 29.89 0.81
N LYS A 170 29.51 29.64 0.38
CA LYS A 170 28.74 28.50 0.83
C LYS A 170 28.23 27.72 -0.37
N ASN A 171 28.07 26.41 -0.18
CA ASN A 171 27.57 25.51 -1.22
C ASN A 171 26.47 24.64 -0.60
N ILE A 172 25.22 25.00 -0.85
CA ILE A 172 24.07 24.30 -0.28
C ILE A 172 23.05 24.07 -1.39
N ASP A 173 22.48 22.87 -1.42
CA ASP A 173 21.47 22.42 -2.38
C ASP A 173 21.80 22.85 -3.81
N GLY A 174 23.07 22.80 -4.18
CA GLY A 174 23.48 23.14 -5.53
C GLY A 174 23.61 24.62 -5.80
N TYR A 175 23.47 25.48 -4.79
CA TYR A 175 23.57 26.91 -4.95
C TYR A 175 24.87 27.40 -4.33
N PHE A 176 25.62 28.19 -5.07
CA PHE A 176 26.85 28.80 -4.59
C PHE A 176 26.55 30.25 -4.21
N LYS A 177 26.80 30.59 -2.95
CA LYS A 177 26.45 31.90 -2.41
C LYS A 177 27.69 32.62 -1.90
N ILE A 178 27.78 33.91 -2.21
CA ILE A 178 28.93 34.72 -1.83
C ILE A 178 28.42 35.96 -1.10
N TYR A 179 28.97 36.21 0.08
CA TYR A 179 28.67 37.41 0.86
C TYR A 179 29.95 38.21 1.00
N SER A 180 29.88 39.52 0.74
CA SER A 180 31.06 40.35 0.74
C SER A 180 30.82 41.63 1.53
N LYS A 181 31.91 42.18 2.07
CA LYS A 181 31.88 43.45 2.78
C LYS A 181 33.22 44.14 2.61
N HIS A 182 33.21 45.41 2.23
CA HIS A 182 34.42 46.19 1.99
C HIS A 182 34.44 47.35 2.96
N THR A 183 35.39 47.31 3.91
CA THR A 183 35.53 48.36 4.90
C THR A 183 36.98 48.77 5.03
N PRO A 184 37.25 50.05 5.30
CA PRO A 184 38.63 50.50 5.49
C PRO A 184 39.09 50.36 6.94
N ILE A 185 40.33 49.93 7.09
CA ILE A 185 40.94 49.71 8.39
C ILE A 185 42.30 50.38 8.42
N ASN A 186 42.77 50.68 9.63
CA ASN A 186 44.02 51.42 9.81
C ASN A 186 44.86 50.75 10.91
N LEU A 187 46.03 50.27 10.53
CA LEU A 187 47.08 49.85 11.47
C LEU A 187 46.59 48.75 12.42
N VAL A 188 46.26 47.60 11.84
CA VAL A 188 45.91 46.42 12.60
C VAL A 188 46.73 45.24 12.08
N ARG A 189 47.28 44.46 13.00
CA ARG A 189 48.03 43.27 12.61
C ARG A 189 47.13 42.05 12.47
N ASP A 190 46.15 41.90 13.35
CA ASP A 190 45.19 40.81 13.29
C ASP A 190 43.82 41.37 12.90
N LEU A 191 42.80 40.52 12.92
CA LEU A 191 41.46 40.94 12.56
C LEU A 191 40.96 42.00 13.53
N PRO A 192 40.31 43.06 13.04
CA PRO A 192 39.92 44.16 13.91
C PRO A 192 38.87 43.76 14.93
N GLN A 193 38.88 44.47 16.06
CA GLN A 193 37.87 44.29 17.10
C GLN A 193 36.67 45.16 16.74
N GLY A 194 35.64 44.52 16.21
CA GLY A 194 34.46 45.26 15.79
C GLY A 194 33.43 44.33 15.18
N PHE A 195 32.40 44.94 14.61
CA PHE A 195 31.30 44.22 14.00
C PHE A 195 31.05 44.73 12.59
N SER A 196 30.83 43.81 11.66
CA SER A 196 30.53 44.15 10.29
C SER A 196 29.72 43.02 9.67
N ALA A 197 28.51 43.35 9.19
CA ALA A 197 27.65 42.36 8.57
C ALA A 197 27.97 42.24 7.09
N LEU A 198 27.79 41.03 6.55
CA LEU A 198 28.14 40.72 5.18
C LEU A 198 26.87 40.64 4.34
N GLU A 199 26.82 41.42 3.25
CA GLU A 199 25.66 41.37 2.38
C GLU A 199 25.89 40.39 1.24
N PRO A 200 24.85 39.72 0.77
CA PRO A 200 25.04 38.74 -0.32
C PRO A 200 25.35 39.42 -1.64
N LEU A 201 26.22 38.79 -2.42
CA LEU A 201 26.57 39.26 -3.75
C LEU A 201 25.77 38.56 -4.84
N VAL A 202 25.92 37.24 -4.96
CA VAL A 202 25.32 36.48 -6.05
C VAL A 202 24.91 35.12 -5.54
N ASP A 203 23.87 34.55 -6.16
CA ASP A 203 23.47 33.16 -5.95
C ASP A 203 23.52 32.46 -7.29
N LEU A 204 24.40 31.46 -7.41
CA LEU A 204 24.64 30.80 -8.69
C LEU A 204 24.19 29.35 -8.63
N PRO A 205 23.40 28.90 -9.59
CA PRO A 205 22.91 27.50 -9.58
C PRO A 205 23.85 26.55 -10.32
N ILE A 206 25.11 26.51 -9.88
CA ILE A 206 26.09 25.66 -10.54
C ILE A 206 25.75 24.19 -10.35
N GLY A 207 25.24 23.83 -9.17
CA GLY A 207 24.77 22.48 -8.92
C GLY A 207 25.80 21.38 -9.05
N ILE A 208 26.98 21.58 -8.44
CA ILE A 208 28.05 20.59 -8.48
C ILE A 208 28.50 20.32 -7.04
N ASN A 209 29.51 19.48 -6.90
CA ASN A 209 30.07 19.10 -5.61
C ASN A 209 31.43 19.77 -5.43
N ILE A 210 31.60 20.46 -4.31
CA ILE A 210 32.84 21.16 -3.98
C ILE A 210 33.41 20.53 -2.72
N THR A 211 34.68 20.15 -2.78
CA THR A 211 35.35 19.57 -1.62
C THR A 211 36.66 20.28 -1.28
N ARG A 212 37.40 20.77 -2.26
CA ARG A 212 38.65 21.45 -2.03
C ARG A 212 38.53 22.93 -2.40
N PHE A 213 39.62 23.66 -2.20
CA PHE A 213 39.61 25.11 -2.36
C PHE A 213 41.04 25.61 -2.50
N GLN A 214 41.26 26.51 -3.44
CA GLN A 214 42.58 27.10 -3.66
C GLN A 214 42.39 28.51 -4.17
N THR A 215 43.39 29.36 -3.92
CA THR A 215 43.33 30.77 -4.28
C THR A 215 44.40 31.13 -5.30
N LEU A 216 44.27 32.34 -5.84
CA LEU A 216 45.16 32.86 -6.88
C LEU A 216 45.81 34.15 -6.43
N LEU A 217 47.08 34.32 -6.77
CA LEU A 217 47.82 35.55 -6.51
C LEU A 217 48.41 36.06 -7.81
N ALA A 218 48.58 37.39 -7.88
CA ALA A 218 49.08 38.00 -9.11
C ALA A 218 50.58 37.76 -9.27
N LEU A 219 50.93 36.62 -9.85
CA LEU A 219 52.33 36.24 -10.07
C LEU A 219 52.82 36.90 -11.35
N HIS A 220 53.39 38.08 -11.22
CA HIS A 220 53.93 38.80 -12.37
C HIS A 220 55.32 39.35 -12.05
N ALA A 238 50.87 40.25 1.28
CA ALA A 238 50.04 39.21 0.68
C ALA A 238 49.60 38.20 1.73
N ALA A 239 48.83 38.67 2.72
CA ALA A 239 48.38 37.85 3.82
C ALA A 239 46.86 37.75 3.79
N TYR A 240 46.33 36.52 3.84
CA TYR A 240 44.90 36.29 3.85
C TYR A 240 44.56 35.25 4.91
N TYR A 241 43.44 35.46 5.59
CA TYR A 241 42.99 34.59 6.67
C TYR A 241 41.86 33.69 6.18
N VAL A 242 41.85 32.45 6.65
CA VAL A 242 40.86 31.46 6.24
C VAL A 242 40.24 30.84 7.48
N GLY A 243 38.92 30.84 7.56
CA GLY A 243 38.22 30.19 8.64
C GLY A 243 37.02 29.43 8.12
N TYR A 244 36.61 28.43 8.89
CA TYR A 244 35.57 27.49 8.46
C TYR A 244 34.29 27.73 9.25
N LEU A 245 33.17 27.33 8.65
CA LEU A 245 31.85 27.53 9.24
C LEU A 245 31.35 26.24 9.88
N GLN A 246 30.53 26.39 10.91
CA GLN A 246 29.92 25.28 11.63
C GLN A 246 28.46 25.61 11.89
N PRO A 247 27.61 24.60 12.06
CA PRO A 247 26.21 24.86 12.41
C PRO A 247 26.07 25.42 13.82
N ARG A 248 25.72 26.71 13.92
CA ARG A 248 25.64 27.39 15.20
C ARG A 248 24.36 28.21 15.25
N THR A 249 23.95 28.54 16.48
CA THR A 249 22.79 29.38 16.71
C THR A 249 23.26 30.78 17.07
N PHE A 250 22.67 31.79 16.45
CA PHE A 250 23.04 33.17 16.67
C PHE A 250 21.81 34.00 17.00
N LEU A 251 22.02 35.07 17.77
CA LEU A 251 20.96 36.01 18.13
C LEU A 251 21.31 37.35 17.52
N LEU A 252 20.86 37.57 16.29
CA LEU A 252 21.14 38.81 15.59
C LEU A 252 20.27 39.94 16.14
N LYS A 253 20.78 41.17 16.01
CA LYS A 253 20.10 42.35 16.55
C LYS A 253 19.93 43.36 15.42
N TYR A 254 18.76 43.34 14.79
CA TYR A 254 18.44 44.29 13.74
C TYR A 254 18.08 45.63 14.35
N ASN A 255 18.62 46.71 13.81
CA ASN A 255 18.29 48.05 14.27
C ASN A 255 17.08 48.56 13.49
N GLU A 256 16.79 49.86 13.59
CA GLU A 256 15.60 50.41 12.98
C GLU A 256 15.64 50.37 11.45
N ASN A 257 16.84 50.51 10.86
CA ASN A 257 16.97 50.53 9.42
C ASN A 257 17.03 49.14 8.80
N GLY A 258 17.04 48.09 9.61
CA GLY A 258 17.17 46.74 9.12
C GLY A 258 18.58 46.22 9.03
N THR A 259 19.55 46.93 9.59
CA THR A 259 20.96 46.54 9.53
C THR A 259 21.34 45.82 10.82
N ILE A 260 22.03 44.69 10.69
CA ILE A 260 22.49 43.94 11.85
C ILE A 260 23.58 44.75 12.55
N THR A 261 23.40 45.02 13.83
CA THR A 261 24.34 45.81 14.61
C THR A 261 25.21 44.97 15.54
N ASP A 262 24.63 44.03 16.27
CA ASP A 262 25.37 43.15 17.18
C ASP A 262 24.89 41.72 16.99
N ALA A 263 25.58 40.79 17.65
CA ALA A 263 25.21 39.38 17.60
C ALA A 263 25.77 38.69 18.84
N VAL A 264 25.17 37.55 19.17
CA VAL A 264 25.56 36.75 20.32
C VAL A 264 25.67 35.30 19.87
N ASP A 265 26.78 34.65 20.21
CA ASP A 265 26.96 33.23 19.92
C ASP A 265 26.24 32.43 21.00
N CYS A 266 25.16 31.76 20.62
CA CYS A 266 24.29 31.05 21.56
C CYS A 266 24.97 29.85 22.23
N ALA A 267 26.24 29.56 21.92
CA ALA A 267 26.91 28.42 22.52
C ALA A 267 28.36 28.72 22.90
N LEU A 268 28.71 29.98 23.13
CA LEU A 268 30.09 30.32 23.45
C LEU A 268 30.40 30.06 24.92
N ASP A 269 29.69 30.75 25.81
CA ASP A 269 29.87 30.60 27.24
C ASP A 269 28.51 30.63 27.94
N PRO A 270 28.41 30.28 29.22
CA PRO A 270 27.09 30.30 29.87
C PRO A 270 26.38 31.65 29.82
N LEU A 271 27.11 32.76 29.90
CA LEU A 271 26.46 34.06 29.83
C LEU A 271 25.78 34.28 28.49
N SER A 272 26.45 33.89 27.40
CA SER A 272 25.84 34.02 26.08
C SER A 272 24.65 33.08 25.92
N GLU A 273 24.72 31.88 26.52
CA GLU A 273 23.57 31.00 26.51
C GLU A 273 22.39 31.62 27.26
N THR A 274 22.67 32.27 28.39
CA THR A 274 21.61 32.96 29.13
C THR A 274 20.99 34.08 28.31
N LYS A 275 21.83 34.89 27.65
CA LYS A 275 21.32 35.96 26.80
C LYS A 275 20.47 35.40 25.68
N CYS A 276 20.93 34.30 25.07
CA CYS A 276 20.19 33.68 23.97
C CYS A 276 18.85 33.14 24.43
N THR A 277 18.81 32.53 25.62
CA THR A 277 17.56 31.99 26.15
C THR A 277 16.59 33.12 26.51
N LEU A 278 17.08 34.16 27.19
CA LEU A 278 16.24 35.30 27.51
C LEU A 278 15.88 36.15 26.30
N LYS A 279 16.53 35.92 25.16
CA LYS A 279 16.28 36.67 23.93
C LYS A 279 16.47 38.17 24.15
N SER A 280 17.54 38.53 24.85
CA SER A 280 17.88 39.93 25.07
C SER A 280 19.39 40.03 25.22
N PHE A 281 19.90 41.25 24.98
CA PHE A 281 21.32 41.49 25.05
C PHE A 281 21.79 41.96 26.43
N THR A 282 20.86 42.14 27.36
CA THR A 282 21.20 42.49 28.73
C THR A 282 20.35 41.66 29.68
N VAL A 283 20.94 41.25 30.80
CA VAL A 283 20.25 40.43 31.79
C VAL A 283 20.38 41.12 33.15
N GLU A 284 19.41 40.85 34.01
CA GLU A 284 19.39 41.41 35.36
C GLU A 284 19.87 40.37 36.36
N LYS A 285 20.11 40.84 37.58
CA LYS A 285 20.55 39.95 38.65
C LYS A 285 19.53 38.86 38.89
N GLY A 286 19.99 37.63 38.99
CA GLY A 286 19.10 36.51 39.26
C GLY A 286 19.71 35.21 38.78
N ILE A 287 18.92 34.15 38.94
CA ILE A 287 19.29 32.81 38.50
C ILE A 287 18.33 32.40 37.40
N TYR A 288 18.87 31.99 36.26
CA TYR A 288 18.09 31.60 35.10
C TYR A 288 18.47 30.18 34.68
N GLN A 289 17.46 29.36 34.40
CA GLN A 289 17.70 28.03 33.87
C GLN A 289 17.79 28.12 32.35
N THR A 290 18.89 27.60 31.79
CA THR A 290 19.17 27.72 30.37
C THR A 290 19.01 26.40 29.62
N SER A 291 19.69 25.35 30.06
CA SER A 291 19.67 24.09 29.32
C SER A 291 19.42 22.90 30.23
N ASN A 292 19.57 21.70 29.69
CA ASN A 292 19.44 20.46 30.45
C ASN A 292 20.74 19.68 30.33
N PHE A 293 21.23 19.18 31.46
CA PHE A 293 22.47 18.42 31.51
C PHE A 293 22.14 16.94 31.59
N ARG A 294 22.70 16.15 30.68
CA ARG A 294 22.46 14.71 30.64
C ARG A 294 23.73 13.99 30.21
N VAL A 295 24.07 12.93 30.92
CA VAL A 295 25.21 12.09 30.59
C VAL A 295 24.74 10.96 29.68
N GLN A 296 25.46 10.73 28.60
CA GLN A 296 25.07 9.69 27.67
C GLN A 296 25.81 8.38 27.98
N PRO A 297 25.20 7.24 27.67
CA PRO A 297 25.89 5.96 27.92
C PRO A 297 27.18 5.86 27.11
N THR A 298 28.17 5.19 27.70
CA THR A 298 29.47 5.05 27.08
C THR A 298 29.72 3.68 26.46
N GLU A 299 29.13 2.63 27.00
CA GLU A 299 29.33 1.27 26.50
C GLU A 299 27.98 0.57 26.42
N SER A 300 27.98 -0.58 25.76
CA SER A 300 26.79 -1.43 25.66
C SER A 300 27.20 -2.85 25.99
N ILE A 301 26.61 -3.42 27.03
CA ILE A 301 26.93 -4.77 27.48
C ILE A 301 25.70 -5.64 27.33
N VAL A 302 25.93 -6.93 27.11
CA VAL A 302 24.88 -7.93 26.99
C VAL A 302 25.29 -9.14 27.81
N ARG A 303 24.34 -9.69 28.56
CA ARG A 303 24.60 -10.84 29.41
C ARG A 303 23.55 -11.92 29.14
N PHE A 304 24.01 -13.14 28.92
CA PHE A 304 23.17 -14.30 28.68
C PHE A 304 23.73 -15.46 29.49
N PRO A 305 22.90 -16.46 29.79
CA PRO A 305 23.38 -17.60 30.58
C PRO A 305 24.57 -18.29 29.92
N ASN A 306 25.27 -19.08 30.72
CA ASN A 306 26.46 -19.77 30.26
C ASN A 306 26.12 -20.67 29.07
N ILE A 307 26.96 -20.61 28.05
CA ILE A 307 26.80 -21.48 26.88
C ILE A 307 27.34 -22.85 27.23
N THR A 308 26.46 -23.85 27.27
CA THR A 308 26.83 -25.19 27.69
C THR A 308 26.26 -26.19 26.70
N ASN A 309 26.85 -27.39 26.71
CA ASN A 309 26.44 -28.49 25.83
C ASN A 309 26.64 -28.11 24.36
N LEU A 310 27.84 -27.64 24.01
CA LEU A 310 27.99 -27.23 22.60
C LEU A 310 27.76 -28.47 21.73
N CYS A 311 27.20 -28.29 20.53
CA CYS A 311 26.84 -29.45 19.66
C CYS A 311 28.06 -30.25 19.26
N PRO A 312 27.96 -31.60 19.19
CA PRO A 312 29.12 -32.42 18.89
C PRO A 312 29.36 -32.56 17.38
N PHE A 313 29.75 -31.46 16.73
CA PHE A 313 30.12 -31.52 15.29
C PHE A 313 31.60 -31.84 15.22
N GLY A 314 32.30 -31.75 16.36
CA GLY A 314 33.75 -31.94 16.34
C GLY A 314 34.07 -33.33 15.88
N GLU A 315 33.28 -34.31 16.32
CA GLU A 315 33.49 -35.72 15.89
C GLU A 315 33.19 -35.89 14.40
N VAL A 316 32.12 -35.27 13.89
CA VAL A 316 31.73 -35.45 12.48
C VAL A 316 32.81 -34.92 11.54
N PHE A 317 33.35 -33.74 11.78
CA PHE A 317 34.29 -33.15 10.80
C PHE A 317 35.72 -33.51 11.13
N ASN A 318 35.96 -34.31 12.16
CA ASN A 318 37.36 -34.60 12.52
C ASN A 318 37.61 -36.09 12.68
N ALA A 319 36.60 -36.94 12.47
CA ALA A 319 36.76 -38.40 12.72
C ALA A 319 37.87 -38.94 11.85
N THR A 320 38.64 -39.89 12.37
CA THR A 320 39.76 -40.48 11.61
C THR A 320 39.25 -41.25 10.38
N ARG A 321 38.17 -42.03 10.50
CA ARG A 321 37.72 -42.88 9.38
C ARG A 321 36.27 -42.56 9.00
N PHE A 322 36.06 -42.03 7.80
CA PHE A 322 34.69 -41.74 7.30
C PHE A 322 34.25 -43.00 6.55
N ALA A 323 32.99 -43.06 6.11
CA ALA A 323 32.44 -44.27 5.47
C ALA A 323 32.49 -44.21 3.94
N SER A 324 32.35 -45.36 3.28
CA SER A 324 32.35 -45.43 1.80
C SER A 324 31.03 -44.82 1.32
N VAL A 325 30.93 -44.35 0.08
CA VAL A 325 29.71 -43.60 -0.32
C VAL A 325 28.46 -44.45 -0.23
N TYR A 326 28.50 -45.73 -0.60
CA TYR A 326 27.26 -46.56 -0.63
C TYR A 326 26.66 -46.62 0.76
N ALA A 327 27.47 -46.85 1.80
CA ALA A 327 27.02 -46.83 3.21
C ALA A 327 27.27 -45.46 3.83
N TRP A 328 26.62 -44.40 3.36
CA TRP A 328 26.79 -43.08 4.00
C TRP A 328 26.25 -43.18 5.42
N ASN A 329 26.93 -42.61 6.41
CA ASN A 329 26.46 -42.79 7.81
C ASN A 329 25.70 -41.53 8.25
N ARG A 330 24.59 -41.71 8.96
CA ARG A 330 23.76 -40.55 9.40
C ARG A 330 23.87 -40.39 10.91
N LYS A 331 24.23 -39.20 11.38
CA LYS A 331 24.36 -38.93 12.84
C LYS A 331 23.36 -37.84 13.23
N ARG A 332 22.35 -38.18 14.04
CA ARG A 332 21.31 -37.20 14.40
C ARG A 332 21.80 -36.37 15.61
N ILE A 333 22.43 -35.23 15.36
CA ILE A 333 22.88 -34.34 16.47
C ILE A 333 21.67 -33.56 16.98
N SER A 334 21.40 -33.60 18.29
CA SER A 334 20.17 -32.95 18.82
C SER A 334 20.41 -32.40 20.23
N ASN A 335 19.57 -31.45 20.67
CA ASN A 335 19.68 -30.88 22.05
C ASN A 335 21.07 -30.28 22.27
N CYS A 336 21.46 -29.28 21.46
CA CYS A 336 22.84 -28.74 21.61
C CYS A 336 22.90 -27.29 21.14
N VAL A 337 23.97 -26.59 21.52
CA VAL A 337 24.20 -25.19 21.06
C VAL A 337 25.19 -25.28 19.91
N ALA A 338 24.78 -24.93 18.69
CA ALA A 338 25.65 -25.12 17.54
C ALA A 338 26.23 -23.80 17.08
N ASP A 339 27.55 -23.75 16.95
CA ASP A 339 28.27 -22.59 16.44
C ASP A 339 28.96 -22.99 15.14
N TYR A 340 28.57 -22.36 14.04
CA TYR A 340 29.15 -22.63 12.74
C TYR A 340 30.23 -21.63 12.36
N SER A 341 30.58 -20.71 13.26
CA SER A 341 31.68 -19.79 13.01
C SER A 341 33.00 -20.55 12.92
N VAL A 342 33.15 -21.61 13.71
CA VAL A 342 34.33 -22.46 13.61
C VAL A 342 34.38 -23.14 12.24
N LEU A 343 33.22 -23.51 11.70
CA LEU A 343 33.17 -24.12 10.38
C LEU A 343 33.58 -23.11 9.30
N TYR A 344 32.84 -22.01 9.19
CA TYR A 344 33.06 -21.09 8.07
C TYR A 344 34.44 -20.45 8.13
N ASN A 345 34.88 -20.02 9.32
CA ASN A 345 36.17 -19.35 9.42
C ASN A 345 37.34 -20.28 9.19
N SER A 346 37.11 -21.59 9.15
CA SER A 346 38.18 -22.53 8.85
C SER A 346 38.59 -22.40 7.39
N ALA A 347 39.80 -22.85 7.08
CA ALA A 347 40.34 -22.77 5.73
C ALA A 347 40.52 -24.12 5.07
N SER A 348 40.30 -25.23 5.78
CA SER A 348 40.47 -26.54 5.19
C SER A 348 39.38 -26.88 4.19
N PHE A 349 38.20 -26.27 4.31
CA PHE A 349 37.06 -26.62 3.46
C PHE A 349 37.25 -25.99 2.08
N SER A 350 37.40 -26.83 1.06
CA SER A 350 37.54 -26.32 -0.30
C SER A 350 36.23 -25.71 -0.81
N THR A 351 35.11 -26.38 -0.55
CA THR A 351 33.79 -25.90 -0.95
C THR A 351 32.90 -25.80 0.27
N PHE A 352 32.12 -24.72 0.34
CA PHE A 352 31.19 -24.50 1.45
C PHE A 352 29.85 -23.95 0.99
N LYS A 353 29.49 -24.15 -0.28
CA LYS A 353 28.27 -23.54 -0.79
C LYS A 353 27.05 -24.12 -0.09
N CYS A 354 26.08 -23.25 0.21
CA CYS A 354 24.87 -23.65 0.89
C CYS A 354 23.64 -23.22 0.11
N TYR A 355 22.57 -24.03 0.23
CA TYR A 355 21.41 -23.92 -0.62
C TYR A 355 20.21 -23.31 0.09
N GLY A 356 19.77 -23.90 1.20
CA GLY A 356 18.55 -23.45 1.84
C GLY A 356 18.73 -22.22 2.72
N VAL A 357 19.92 -22.01 3.25
CA VAL A 357 20.19 -20.91 4.17
C VAL A 357 21.41 -20.13 3.68
N SER A 358 21.47 -18.87 4.08
CA SER A 358 22.64 -18.07 3.78
C SER A 358 23.86 -18.64 4.49
N PRO A 359 25.02 -18.67 3.85
CA PRO A 359 26.18 -19.34 4.46
C PRO A 359 26.84 -18.53 5.58
N THR A 360 26.44 -17.28 5.79
CA THR A 360 27.13 -16.41 6.72
C THR A 360 26.34 -16.08 7.98
N LYS A 361 25.10 -16.52 8.09
CA LYS A 361 24.24 -16.17 9.23
C LYS A 361 23.51 -17.41 9.74
N LEU A 362 24.23 -18.52 9.90
CA LEU A 362 23.61 -19.72 10.46
C LEU A 362 23.40 -19.58 11.96
N ASN A 363 24.23 -18.77 12.64
CA ASN A 363 24.13 -18.66 14.09
C ASN A 363 22.80 -18.07 14.52
N ASP A 364 22.37 -16.98 13.87
CA ASP A 364 21.08 -16.38 14.16
C ASP A 364 19.95 -16.98 13.33
N LEU A 365 19.86 -18.31 13.34
CA LEU A 365 18.79 -19.05 12.68
C LEU A 365 18.91 -20.49 13.12
N CYS A 366 17.81 -21.06 13.63
CA CYS A 366 17.90 -22.39 14.21
C CYS A 366 16.62 -23.17 13.97
N PHE A 367 16.77 -24.49 13.97
CA PHE A 367 15.78 -25.41 13.45
C PHE A 367 15.53 -26.54 14.45
N THR A 368 14.58 -27.41 14.10
CA THR A 368 14.20 -28.51 14.98
C THR A 368 15.33 -29.52 15.15
N ASN A 369 15.89 -30.00 14.04
CA ASN A 369 16.86 -31.07 14.09
C ASN A 369 17.85 -30.92 12.96
N VAL A 370 19.05 -31.47 13.16
CA VAL A 370 20.14 -31.40 12.19
C VAL A 370 20.71 -32.80 12.00
N TYR A 371 20.90 -33.20 10.75
CA TYR A 371 21.50 -34.48 10.41
C TYR A 371 22.82 -34.26 9.70
N ALA A 372 23.81 -35.10 10.01
CA ALA A 372 25.12 -35.05 9.40
C ALA A 372 25.39 -36.35 8.67
N ASP A 373 25.84 -36.25 7.42
CA ASP A 373 26.13 -37.42 6.59
C ASP A 373 27.57 -37.33 6.12
N SER A 374 28.35 -38.38 6.37
CA SER A 374 29.78 -38.38 6.12
C SER A 374 30.16 -39.53 5.20
N PHE A 375 30.91 -39.22 4.14
CA PHE A 375 31.41 -40.22 3.21
C PHE A 375 32.57 -39.61 2.44
N VAL A 376 33.32 -40.46 1.75
CA VAL A 376 34.49 -40.05 1.00
C VAL A 376 34.31 -40.44 -0.46
N ILE A 377 34.61 -39.51 -1.37
CA ILE A 377 34.47 -39.69 -2.81
C ILE A 377 35.72 -39.12 -3.48
N ARG A 378 35.75 -39.19 -4.81
CA ARG A 378 36.88 -38.66 -5.55
C ARG A 378 36.64 -37.19 -5.90
N GLY A 379 37.64 -36.58 -6.55
CA GLY A 379 37.64 -35.16 -6.82
C GLY A 379 36.59 -34.68 -7.81
N ASP A 380 36.61 -35.20 -9.03
CA ASP A 380 35.71 -34.76 -10.09
C ASP A 380 34.29 -35.26 -9.90
N GLU A 381 33.98 -35.83 -8.74
CA GLU A 381 32.67 -36.38 -8.44
C GLU A 381 31.92 -35.57 -7.39
N VAL A 382 32.58 -34.60 -6.74
CA VAL A 382 31.94 -33.81 -5.70
C VAL A 382 30.91 -32.85 -6.27
N ARG A 383 30.99 -32.53 -7.55
CA ARG A 383 30.01 -31.63 -8.15
C ARG A 383 28.62 -32.26 -8.26
N GLN A 384 28.51 -33.57 -8.10
CA GLN A 384 27.22 -34.25 -8.18
C GLN A 384 26.48 -34.28 -6.86
N ILE A 385 27.09 -33.80 -5.78
CA ILE A 385 26.42 -33.76 -4.46
C ILE A 385 25.70 -32.41 -4.41
N ALA A 386 24.51 -32.39 -4.99
CA ALA A 386 23.70 -31.18 -5.06
C ALA A 386 22.26 -31.60 -5.30
N PRO A 387 21.29 -30.74 -4.97
CA PRO A 387 19.88 -31.11 -5.22
C PRO A 387 19.55 -31.10 -6.70
N GLY A 388 19.47 -32.29 -7.29
CA GLY A 388 19.14 -32.44 -8.69
C GLY A 388 20.38 -32.63 -9.54
N GLN A 389 20.70 -33.88 -9.88
CA GLN A 389 21.88 -34.19 -10.66
C GLN A 389 21.63 -35.49 -11.42
N THR A 390 22.51 -35.76 -12.39
CA THR A 390 22.39 -36.94 -13.25
C THR A 390 23.75 -37.62 -13.38
N GLY A 391 24.36 -37.92 -12.23
CA GLY A 391 25.56 -38.73 -12.19
C GLY A 391 25.27 -40.13 -11.69
N LYS A 392 26.33 -40.91 -11.53
CA LYS A 392 26.19 -42.22 -10.89
C LYS A 392 26.05 -42.08 -9.38
N ILE A 393 26.69 -41.09 -8.78
CA ILE A 393 26.67 -40.95 -7.33
C ILE A 393 25.43 -40.23 -6.84
N ALA A 394 24.77 -39.47 -7.69
CA ALA A 394 23.52 -38.83 -7.34
C ALA A 394 22.31 -39.61 -7.82
N ASP A 395 22.51 -40.84 -8.29
CA ASP A 395 21.41 -41.66 -8.76
C ASP A 395 21.47 -43.04 -8.11
N TYR A 396 22.67 -43.50 -7.76
CA TYR A 396 22.84 -44.83 -7.20
C TYR A 396 23.32 -44.84 -5.76
N ASN A 397 23.94 -43.75 -5.29
CA ASN A 397 24.55 -43.76 -3.96
C ASN A 397 23.89 -42.78 -2.99
N TYR A 398 23.86 -41.49 -3.30
CA TYR A 398 23.44 -40.48 -2.32
C TYR A 398 22.54 -39.42 -2.96
N LYS A 399 21.47 -39.87 -3.62
CA LYS A 399 20.51 -38.94 -4.21
C LYS A 399 19.95 -38.00 -3.14
N LEU A 400 19.92 -36.70 -3.46
CA LEU A 400 19.40 -35.64 -2.60
C LEU A 400 18.04 -35.15 -3.09
N PRO A 401 17.17 -34.72 -2.18
CA PRO A 401 15.88 -34.16 -2.60
C PRO A 401 16.04 -32.79 -3.23
N ASP A 402 15.08 -32.43 -4.07
CA ASP A 402 15.10 -31.13 -4.72
C ASP A 402 14.94 -30.01 -3.71
N ASP A 403 14.04 -30.17 -2.74
CA ASP A 403 13.80 -29.15 -1.73
C ASP A 403 14.74 -29.32 -0.53
N PHE A 404 16.03 -29.29 -0.83
CA PHE A 404 17.06 -29.45 0.18
C PHE A 404 17.18 -28.19 1.02
N THR A 405 17.18 -28.35 2.34
CA THR A 405 17.23 -27.22 3.27
C THR A 405 18.61 -26.99 3.86
N GLY A 406 19.33 -28.05 4.23
CA GLY A 406 20.67 -27.91 4.77
C GLY A 406 21.68 -27.57 3.70
N CYS A 407 22.95 -27.92 3.91
CA CYS A 407 23.94 -27.65 2.88
C CYS A 407 25.16 -28.54 3.07
N VAL A 408 26.01 -28.54 2.04
CA VAL A 408 27.08 -29.52 1.86
C VAL A 408 28.42 -28.87 2.13
N ILE A 409 29.33 -29.64 2.74
CA ILE A 409 30.69 -29.20 3.03
C ILE A 409 31.65 -30.29 2.56
N ALA A 410 32.67 -29.90 1.79
CA ALA A 410 33.62 -30.86 1.25
C ALA A 410 35.03 -30.29 1.34
N TRP A 411 35.99 -31.16 1.62
CA TRP A 411 37.39 -30.75 1.70
C TRP A 411 38.28 -31.89 1.22
N ASN A 412 39.37 -31.54 0.57
CA ASN A 412 40.31 -32.55 0.07
C ASN A 412 41.01 -33.23 1.25
N SER A 413 41.05 -34.55 1.21
CA SER A 413 41.78 -35.35 2.20
C SER A 413 42.56 -36.42 1.43
N ASN A 414 43.75 -36.07 0.97
CA ASN A 414 44.61 -37.02 0.28
C ASN A 414 45.61 -37.69 1.20
N ASN A 415 46.09 -36.98 2.22
CA ASN A 415 47.05 -37.57 3.16
C ASN A 415 46.42 -38.71 3.95
N LEU A 416 45.19 -38.53 4.43
CA LEU A 416 44.56 -39.55 5.26
C LEU A 416 44.21 -40.79 4.45
N ASP A 417 43.75 -40.62 3.22
CA ASP A 417 43.28 -41.73 2.39
C ASP A 417 44.16 -41.83 1.15
N SER A 418 45.28 -42.54 1.28
CA SER A 418 46.15 -42.80 0.14
C SER A 418 47.08 -43.95 0.50
N LYS A 419 46.98 -45.05 -0.23
CA LYS A 419 47.87 -46.19 -0.08
C LYS A 419 48.67 -46.38 -1.34
N VAL A 420 49.94 -46.79 -1.20
CA VAL A 420 50.77 -47.09 -2.35
C VAL A 420 50.24 -48.24 -3.17
N GLY A 421 49.27 -48.98 -2.62
CA GLY A 421 48.48 -49.91 -3.40
C GLY A 421 47.17 -49.25 -3.77
N GLY A 422 46.10 -49.57 -3.05
CA GLY A 422 44.84 -48.87 -3.25
C GLY A 422 43.89 -49.03 -2.08
N ASN A 423 43.21 -47.93 -1.72
CA ASN A 423 42.22 -47.98 -0.64
C ASN A 423 40.98 -48.71 -1.17
N TYR A 424 41.08 -50.03 -1.20
CA TYR A 424 39.93 -50.85 -1.58
C TYR A 424 38.83 -50.84 -0.53
N ASN A 425 39.08 -50.26 0.65
CA ASN A 425 38.06 -50.13 1.66
C ASN A 425 37.01 -49.09 1.29
N TYR A 426 37.32 -48.19 0.37
CA TYR A 426 36.38 -47.17 -0.10
C TYR A 426 35.81 -47.63 -1.44
N ARG A 427 34.52 -47.93 -1.44
CA ARG A 427 33.85 -48.50 -2.61
C ARG A 427 32.60 -47.71 -2.92
N TYR A 428 32.19 -47.77 -4.19
CA TYR A 428 30.97 -47.12 -4.66
C TYR A 428 30.12 -48.12 -5.42
N ARG A 429 28.81 -47.87 -5.45
CA ARG A 429 27.88 -48.73 -6.14
C ARG A 429 27.82 -48.34 -7.60
N LEU A 430 28.24 -49.25 -8.48
CA LEU A 430 28.34 -48.96 -9.90
C LEU A 430 27.07 -49.36 -10.66
N PHE A 431 26.44 -50.46 -10.29
CA PHE A 431 25.32 -51.01 -11.03
C PHE A 431 24.08 -51.05 -10.14
N ARG A 432 22.95 -50.63 -10.68
CA ARG A 432 21.67 -50.69 -10.00
C ARG A 432 20.56 -50.73 -11.04
N LYS A 433 19.37 -51.13 -10.60
CA LYS A 433 18.24 -51.26 -11.50
C LYS A 433 17.45 -49.98 -11.67
N SER A 434 17.46 -49.10 -10.65
CA SER A 434 16.71 -47.86 -10.73
C SER A 434 17.37 -46.83 -9.82
N ASN A 435 17.06 -45.57 -10.06
CA ASN A 435 17.63 -44.49 -9.28
C ASN A 435 17.15 -44.56 -7.84
N LEU A 436 18.04 -44.22 -6.91
CA LEU A 436 17.68 -44.20 -5.50
C LEU A 436 16.69 -43.07 -5.22
N LYS A 437 15.73 -43.36 -4.34
CA LYS A 437 14.86 -42.32 -3.82
C LYS A 437 15.69 -41.39 -2.93
N PRO A 438 15.27 -40.14 -2.78
CA PRO A 438 16.05 -39.20 -1.96
C PRO A 438 16.26 -39.72 -0.55
N PHE A 439 17.51 -39.58 -0.07
CA PHE A 439 17.90 -40.02 1.27
C PHE A 439 17.61 -41.50 1.49
N GLU A 440 18.07 -42.33 0.55
CA GLU A 440 17.95 -43.76 0.66
C GLU A 440 19.34 -44.37 0.82
N ARG A 441 19.43 -45.41 1.66
CA ARG A 441 20.69 -46.08 1.97
C ARG A 441 20.58 -47.52 1.48
N ASP A 442 21.11 -47.79 0.29
CA ASP A 442 21.01 -49.11 -0.32
C ASP A 442 22.27 -49.88 0.05
N ILE A 443 22.12 -50.83 0.98
CA ILE A 443 23.18 -51.77 1.34
C ILE A 443 22.77 -53.14 0.82
N SER A 444 23.60 -53.71 -0.06
CA SER A 444 23.30 -55.00 -0.68
C SER A 444 24.54 -55.46 -1.42
N THR A 445 24.60 -56.77 -1.66
CA THR A 445 25.67 -57.39 -2.44
C THR A 445 25.13 -58.28 -3.54
N GLU A 446 23.83 -58.17 -3.85
CA GLU A 446 23.24 -58.99 -4.90
C GLU A 446 23.92 -58.71 -6.23
N ILE A 447 24.26 -59.77 -6.95
CA ILE A 447 25.06 -59.61 -8.16
C ILE A 447 24.19 -59.08 -9.29
N TYR A 448 24.68 -58.05 -9.96
CA TYR A 448 23.95 -57.40 -11.04
C TYR A 448 23.72 -58.38 -12.19
N GLN A 449 22.50 -58.40 -12.71
CA GLN A 449 22.13 -59.26 -13.83
C GLN A 449 22.02 -58.40 -15.08
N ALA A 450 22.98 -58.55 -16.00
CA ALA A 450 23.02 -57.79 -17.24
C ALA A 450 23.00 -58.71 -18.45
N GLY A 451 22.30 -59.85 -18.35
CA GLY A 451 22.25 -60.81 -19.41
C GLY A 451 20.93 -61.55 -19.43
N SER A 452 20.77 -62.42 -20.43
CA SER A 452 19.53 -63.17 -20.57
C SER A 452 19.39 -64.22 -19.47
N LYS A 453 20.46 -64.98 -19.22
CA LYS A 453 20.41 -66.03 -18.22
C LYS A 453 20.33 -65.43 -16.81
N PRO A 454 19.60 -66.08 -15.91
CA PRO A 454 19.52 -65.56 -14.53
C PRO A 454 20.83 -65.73 -13.78
N CYS A 455 21.01 -64.86 -12.79
CA CYS A 455 22.19 -64.88 -11.94
C CYS A 455 21.85 -65.63 -10.65
N ASN A 456 22.59 -66.70 -10.37
CA ASN A 456 22.36 -67.55 -9.21
C ASN A 456 23.31 -67.22 -8.07
N GLY A 457 23.66 -65.96 -7.90
CA GLY A 457 24.56 -65.55 -6.86
C GLY A 457 26.03 -65.76 -7.15
N VAL A 458 26.38 -66.14 -8.37
CA VAL A 458 27.76 -66.39 -8.77
C VAL A 458 28.09 -65.46 -9.93
N GLU A 459 29.22 -64.76 -9.81
CA GLU A 459 29.66 -63.88 -10.89
C GLU A 459 30.05 -64.70 -12.12
N GLY A 460 29.82 -64.10 -13.29
CA GLY A 460 30.12 -64.77 -14.55
C GLY A 460 29.86 -63.89 -15.75
N PHE A 461 29.36 -64.48 -16.83
CA PHE A 461 29.08 -63.72 -18.04
C PHE A 461 27.84 -62.86 -17.84
N ASN A 462 27.99 -61.55 -18.08
CA ASN A 462 26.91 -60.59 -17.87
C ASN A 462 26.34 -60.69 -16.45
N CYS A 463 27.22 -60.95 -15.50
CA CYS A 463 26.83 -61.11 -14.09
C CYS A 463 27.98 -60.53 -13.26
N TYR A 464 27.84 -59.27 -12.88
CA TYR A 464 28.93 -58.50 -12.30
C TYR A 464 28.56 -58.00 -10.92
N PHE A 465 29.55 -57.96 -10.04
CA PHE A 465 29.36 -57.43 -8.70
C PHE A 465 29.19 -55.92 -8.76
N PRO A 466 28.16 -55.35 -8.13
CA PRO A 466 27.90 -53.92 -8.27
C PRO A 466 28.98 -53.04 -7.65
N LEU A 467 29.38 -53.33 -6.41
CA LEU A 467 30.30 -52.47 -5.69
C LEU A 467 31.70 -52.55 -6.28
N GLN A 468 32.34 -51.39 -6.48
CA GLN A 468 33.67 -51.32 -7.06
C GLN A 468 34.54 -50.36 -6.26
N SER A 469 35.85 -50.59 -6.32
CA SER A 469 36.80 -49.92 -5.45
C SER A 469 37.27 -48.61 -6.07
N TYR A 470 38.13 -47.90 -5.33
CA TYR A 470 38.68 -46.61 -5.74
C TYR A 470 40.19 -46.72 -5.92
N GLY A 471 40.69 -46.08 -6.97
CA GLY A 471 42.13 -45.98 -7.20
C GLY A 471 42.76 -44.81 -6.48
N PHE A 472 42.98 -44.94 -5.17
CA PHE A 472 43.43 -43.84 -4.32
C PHE A 472 44.93 -43.84 -4.09
N GLN A 473 45.73 -44.18 -5.10
CA GLN A 473 47.17 -44.09 -4.95
C GLN A 473 47.58 -42.65 -4.68
N PRO A 474 48.60 -42.42 -3.84
CA PRO A 474 48.98 -41.03 -3.51
C PRO A 474 49.49 -40.24 -4.71
N THR A 475 50.02 -40.91 -5.73
CA THR A 475 50.54 -40.23 -6.91
C THR A 475 49.42 -39.63 -7.76
N ASN A 476 48.17 -40.08 -7.55
CA ASN A 476 47.06 -39.59 -8.36
C ASN A 476 46.93 -38.08 -8.28
N GLY A 477 46.67 -37.46 -9.43
CA GLY A 477 46.53 -36.02 -9.49
C GLY A 477 45.20 -35.53 -8.95
N VAL A 478 45.06 -34.21 -8.93
CA VAL A 478 43.82 -33.60 -8.46
C VAL A 478 42.69 -33.97 -9.41
N GLY A 479 41.57 -34.43 -8.84
CA GLY A 479 40.44 -34.93 -9.59
C GLY A 479 40.14 -36.38 -9.33
N TYR A 480 41.16 -37.15 -8.94
CA TYR A 480 40.98 -38.54 -8.55
C TYR A 480 41.42 -38.81 -7.13
N GLN A 481 41.73 -37.76 -6.36
CA GLN A 481 42.12 -37.82 -4.96
C GLN A 481 40.88 -37.75 -4.06
N PRO A 482 40.93 -38.38 -2.90
CA PRO A 482 39.74 -38.45 -2.05
C PRO A 482 39.29 -37.07 -1.59
N TYR A 483 37.98 -36.92 -1.42
CA TYR A 483 37.36 -35.66 -1.00
C TYR A 483 36.26 -35.99 -0.01
N ARG A 484 36.59 -35.96 1.27
CA ARG A 484 35.59 -36.24 2.30
C ARG A 484 34.50 -35.18 2.27
N VAL A 485 33.25 -35.63 2.36
CA VAL A 485 32.08 -34.76 2.24
C VAL A 485 31.23 -34.93 3.48
N VAL A 486 30.80 -33.81 4.06
CA VAL A 486 29.86 -33.80 5.18
C VAL A 486 28.67 -32.96 4.76
N VAL A 487 27.50 -33.59 4.68
CA VAL A 487 26.28 -32.93 4.22
C VAL A 487 25.44 -32.65 5.47
N LEU A 488 25.47 -31.40 5.92
CA LEU A 488 24.65 -30.99 7.06
C LEU A 488 23.25 -30.68 6.55
N SER A 489 22.29 -31.51 6.94
CA SER A 489 20.91 -31.39 6.48
C SER A 489 20.04 -30.90 7.64
N PHE A 490 19.68 -29.62 7.59
CA PHE A 490 18.78 -29.06 8.58
C PHE A 490 17.33 -29.38 8.21
N GLU A 491 16.45 -29.26 9.20
CA GLU A 491 15.03 -29.45 8.96
C GLU A 491 14.23 -28.72 10.03
N LEU A 492 13.09 -28.17 9.61
CA LEU A 492 12.21 -27.42 10.49
C LEU A 492 10.94 -28.21 10.77
N LEU A 493 10.38 -28.01 11.95
CA LEU A 493 9.18 -28.75 12.36
C LEU A 493 8.41 -27.93 13.38
N HIS A 494 7.15 -28.33 13.60
CA HIS A 494 6.31 -27.63 14.56
C HIS A 494 6.86 -27.74 15.98
N ALA A 495 7.62 -28.80 16.27
CA ALA A 495 8.18 -28.98 17.59
C ALA A 495 9.20 -27.87 17.89
N PRO A 496 9.37 -27.51 19.15
CA PRO A 496 10.36 -26.48 19.50
C PRO A 496 11.77 -26.92 19.13
N ALA A 497 12.58 -25.94 18.73
CA ALA A 497 13.94 -26.21 18.30
C ALA A 497 14.81 -26.64 19.48
N THR A 498 15.58 -27.72 19.28
CA THR A 498 16.51 -28.19 20.29
C THR A 498 17.96 -27.84 19.98
N VAL A 499 18.31 -27.65 18.72
CA VAL A 499 19.65 -27.22 18.32
C VAL A 499 19.52 -25.77 17.88
N CYS A 500 20.08 -24.86 18.66
CA CYS A 500 19.94 -23.45 18.31
C CYS A 500 21.21 -22.69 18.72
N GLY A 501 21.44 -21.57 18.04
CA GLY A 501 22.71 -20.88 18.10
C GLY A 501 23.06 -20.29 19.45
N PRO A 502 24.35 -20.04 19.67
CA PRO A 502 24.80 -19.49 20.95
C PRO A 502 24.56 -18.00 21.03
N LYS A 503 24.68 -17.48 22.25
CA LYS A 503 24.50 -16.06 22.54
C LYS A 503 25.76 -15.54 23.21
N LYS A 504 26.53 -14.72 22.50
CA LYS A 504 27.76 -14.18 23.03
C LYS A 504 27.48 -13.14 24.12
N ASP A 505 28.46 -12.96 25.00
CA ASP A 505 28.32 -12.06 26.14
C ASP A 505 29.53 -11.14 26.23
N CYS A 506 29.29 -9.96 26.79
CA CYS A 506 30.35 -9.00 27.09
C CYS A 506 30.66 -9.03 28.58
N ASN A 507 31.89 -8.66 28.92
CA ASN A 507 32.28 -8.63 30.33
C ASN A 507 31.48 -7.58 31.08
N LEU A 508 31.23 -7.86 32.36
CA LEU A 508 30.38 -7.00 33.17
C LEU A 508 31.15 -5.79 33.67
N VAL A 509 30.57 -4.60 33.50
CA VAL A 509 31.14 -3.36 33.99
C VAL A 509 30.11 -2.68 34.88
N LYS A 510 30.59 -1.88 35.82
CA LYS A 510 29.74 -1.27 36.82
C LYS A 510 30.16 0.17 37.06
N ASN A 511 29.31 0.89 37.80
CA ASN A 511 29.57 2.28 38.21
C ASN A 511 29.70 3.20 37.01
N LYS A 512 29.08 2.84 35.90
CA LYS A 512 29.08 3.65 34.69
C LYS A 512 27.75 3.47 33.98
N CYS A 513 27.22 4.58 33.47
CA CYS A 513 25.97 4.55 32.71
C CYS A 513 26.23 3.86 31.38
N VAL A 514 25.74 2.63 31.23
CA VAL A 514 25.97 1.82 30.06
C VAL A 514 24.67 1.11 29.68
N ASN A 515 24.41 0.98 28.39
CA ASN A 515 23.29 0.20 27.93
C ASN A 515 23.51 -1.27 28.28
N PHE A 516 22.44 -1.95 28.72
CA PHE A 516 22.55 -3.32 29.17
C PHE A 516 21.43 -4.16 28.56
N ASN A 517 21.76 -5.43 28.30
CA ASN A 517 20.80 -6.43 27.84
C ASN A 517 20.97 -7.68 28.70
N PHE A 518 20.28 -7.72 29.84
CA PHE A 518 20.37 -8.85 30.76
C PHE A 518 19.26 -9.84 30.45
N ASN A 519 19.57 -10.82 29.60
CA ASN A 519 18.62 -11.89 29.26
C ASN A 519 17.31 -11.33 28.72
N GLY A 520 17.40 -10.29 27.90
CA GLY A 520 16.25 -9.70 27.26
C GLY A 520 15.77 -8.40 27.89
N LEU A 521 16.28 -8.03 29.06
CA LEU A 521 15.91 -6.78 29.69
C LEU A 521 16.77 -5.65 29.13
N THR A 522 16.13 -4.67 28.50
CA THR A 522 16.82 -3.58 27.83
C THR A 522 16.58 -2.29 28.59
N GLY A 523 17.64 -1.51 28.78
CA GLY A 523 17.53 -0.25 29.49
C GLY A 523 18.87 0.44 29.54
N THR A 524 18.86 1.63 30.14
CA THR A 524 20.07 2.43 30.33
C THR A 524 20.14 2.85 31.78
N GLY A 525 21.30 2.64 32.40
CA GLY A 525 21.46 3.01 33.80
C GLY A 525 22.85 2.67 34.30
N VAL A 526 23.05 2.91 35.58
CA VAL A 526 24.31 2.61 36.26
C VAL A 526 24.10 1.36 37.10
N LEU A 527 24.97 0.37 36.92
CA LEU A 527 24.86 -0.90 37.61
C LEU A 527 25.81 -0.92 38.80
N THR A 528 25.29 -1.31 39.96
CA THR A 528 26.08 -1.36 41.19
C THR A 528 25.74 -2.63 41.94
N GLU A 529 26.67 -3.08 42.77
CA GLU A 529 26.45 -4.27 43.59
C GLU A 529 25.31 -4.02 44.56
N SER A 530 24.48 -5.04 44.76
CA SER A 530 23.26 -4.90 45.54
C SER A 530 23.24 -5.91 46.68
N ASN A 531 22.61 -5.50 47.78
CA ASN A 531 22.41 -6.36 48.93
C ASN A 531 21.02 -6.99 48.97
N LYS A 532 20.21 -6.78 47.93
CA LYS A 532 18.85 -7.31 47.91
C LYS A 532 18.87 -8.83 47.91
N LYS A 533 17.91 -9.43 48.63
CA LYS A 533 17.80 -10.87 48.76
C LYS A 533 16.71 -11.36 47.80
N PHE A 534 17.12 -12.06 46.76
CA PHE A 534 16.21 -12.60 45.76
C PHE A 534 15.87 -14.05 46.07
N LEU A 535 14.61 -14.42 45.89
CA LEU A 535 14.25 -15.82 45.90
C LEU A 535 14.83 -16.51 44.67
N PRO A 536 15.11 -17.81 44.77
CA PRO A 536 15.84 -18.49 43.68
C PRO A 536 15.17 -18.37 42.32
N PHE A 537 13.84 -18.47 42.27
CA PHE A 537 13.16 -18.43 40.96
C PHE A 537 13.06 -17.01 40.42
N GLN A 538 13.02 -16.01 41.31
CA GLN A 538 12.90 -14.63 40.87
C GLN A 538 14.15 -14.18 40.13
N GLN A 539 13.95 -13.46 39.02
CA GLN A 539 15.04 -13.05 38.15
C GLN A 539 15.34 -11.56 38.19
N PHE A 540 14.32 -10.70 38.28
CA PHE A 540 14.53 -9.27 38.30
C PHE A 540 13.49 -8.63 39.21
N GLY A 541 13.80 -7.42 39.67
CA GLY A 541 12.99 -6.73 40.65
C GLY A 541 12.33 -5.49 40.05
N ARG A 542 11.20 -5.11 40.62
CA ARG A 542 10.47 -3.91 40.22
C ARG A 542 10.09 -3.11 41.45
N ASP A 543 9.93 -1.80 41.27
CA ASP A 543 9.59 -0.91 42.36
C ASP A 543 8.07 -0.75 42.44
N ILE A 544 7.61 0.23 43.23
CA ILE A 544 6.19 0.48 43.36
C ILE A 544 5.58 0.94 42.04
N ALA A 545 6.29 1.79 41.32
CA ALA A 545 5.81 2.32 40.04
C ALA A 545 6.08 1.39 38.87
N ASP A 546 6.35 0.11 39.14
CA ASP A 546 6.60 -0.89 38.11
C ASP A 546 7.78 -0.49 37.22
N THR A 547 8.84 0.01 37.84
CA THR A 547 10.08 0.35 37.14
C THR A 547 11.18 -0.59 37.63
N THR A 548 11.83 -1.27 36.70
CA THR A 548 12.86 -2.24 37.07
C THR A 548 14.01 -1.55 37.78
N ASP A 549 14.43 -2.12 38.90
CA ASP A 549 15.53 -1.58 39.69
C ASP A 549 16.63 -2.58 39.97
N ALA A 550 16.33 -3.87 40.09
CA ALA A 550 17.34 -4.88 40.36
C ALA A 550 17.19 -6.01 39.36
N VAL A 551 18.33 -6.49 38.88
CA VAL A 551 18.39 -7.59 37.91
C VAL A 551 19.45 -8.58 38.36
N ARG A 552 19.16 -9.86 38.17
CA ARG A 552 20.10 -10.93 38.49
C ARG A 552 20.98 -11.19 37.28
N ASP A 553 22.29 -11.14 37.47
CA ASP A 553 23.21 -11.44 36.38
C ASP A 553 23.04 -12.90 35.97
N PRO A 554 22.95 -13.21 34.67
CA PRO A 554 22.73 -14.61 34.28
C PRO A 554 23.92 -15.51 34.56
N GLN A 555 25.13 -15.08 34.20
CA GLN A 555 26.29 -15.95 34.34
C GLN A 555 26.59 -16.23 35.80
N THR A 556 26.68 -15.19 36.63
CA THR A 556 26.88 -15.34 38.06
C THR A 556 25.65 -14.84 38.80
N LEU A 557 25.14 -15.65 39.72
CA LEU A 557 23.88 -15.34 40.41
C LEU A 557 24.14 -14.28 41.47
N GLU A 558 24.18 -13.03 41.00
CA GLU A 558 24.34 -11.88 41.88
C GLU A 558 23.33 -10.82 41.47
N ILE A 559 22.97 -9.96 42.43
CA ILE A 559 21.95 -8.94 42.22
C ILE A 559 22.62 -7.60 41.98
N LEU A 560 22.18 -6.90 40.94
CA LEU A 560 22.72 -5.59 40.59
C LEU A 560 21.59 -4.56 40.60
N ASP A 561 21.85 -3.42 41.26
CA ASP A 561 20.88 -2.34 41.34
C ASP A 561 21.00 -1.45 40.11
N ILE A 562 19.86 -1.17 39.48
CA ILE A 562 19.83 -0.28 38.33
C ILE A 562 19.49 1.12 38.81
N THR A 563 20.41 2.06 38.57
CA THR A 563 20.21 3.44 38.93
C THR A 563 20.40 4.32 37.69
N PRO A 564 19.38 5.07 37.27
CA PRO A 564 19.55 5.94 36.11
C PRO A 564 20.68 6.94 36.33
N CYS A 565 21.47 7.15 35.28
CA CYS A 565 22.60 8.05 35.39
C CYS A 565 22.11 9.50 35.43
N SER A 566 22.95 10.38 35.99
CA SER A 566 22.50 11.69 36.44
C SER A 566 21.97 12.53 35.29
N PHE A 567 20.95 13.33 35.58
CA PHE A 567 20.41 14.31 34.65
C PHE A 567 19.88 15.48 35.48
N GLY A 568 19.38 16.49 34.79
CA GLY A 568 18.83 17.65 35.50
C GLY A 568 18.85 18.87 34.62
N GLY A 569 19.01 20.03 35.28
CA GLY A 569 19.02 21.30 34.59
C GLY A 569 20.28 22.09 34.93
N VAL A 570 20.54 23.09 34.10
CA VAL A 570 21.69 23.97 34.25
C VAL A 570 21.18 25.38 34.46
N SER A 571 21.60 26.02 35.54
CA SER A 571 21.17 27.36 35.89
C SER A 571 22.39 28.26 36.02
N VAL A 572 22.33 29.42 35.37
CA VAL A 572 23.43 30.36 35.37
C VAL A 572 23.10 31.49 36.34
N ILE A 573 23.99 31.72 37.30
CA ILE A 573 23.81 32.74 38.33
C ILE A 573 24.63 33.95 37.91
N THR A 574 23.95 35.07 37.69
CA THR A 574 24.66 36.26 37.23
C THR A 574 24.31 37.47 38.08
N PRO A 575 25.23 38.40 38.28
CA PRO A 575 24.92 39.65 38.97
C PRO A 575 24.41 40.76 38.06
N GLY A 576 24.02 40.44 36.83
CA GLY A 576 23.55 41.45 35.91
C GLY A 576 24.65 42.00 35.04
N THR A 577 24.40 42.14 33.74
CA THR A 577 25.42 42.65 32.84
C THR A 577 25.71 44.13 33.08
N ASN A 578 24.86 44.83 33.81
CA ASN A 578 25.11 46.23 34.13
C ASN A 578 26.29 46.40 35.08
N THR A 579 26.67 45.35 35.80
CA THR A 579 27.78 45.40 36.75
C THR A 579 28.98 44.57 36.31
N SER A 580 28.78 43.28 36.05
CA SER A 580 29.88 42.42 35.66
C SER A 580 29.39 41.33 34.72
N ASN A 581 30.32 40.77 33.96
CA ASN A 581 30.05 39.68 33.05
C ASN A 581 30.47 38.32 33.61
N GLN A 582 30.90 38.27 34.85
CA GLN A 582 31.32 37.03 35.49
C GLN A 582 30.09 36.30 36.03
N VAL A 583 29.98 35.02 35.72
CA VAL A 583 28.81 34.23 36.11
C VAL A 583 29.28 32.95 36.79
N ALA A 584 28.36 32.34 37.52
CA ALA A 584 28.53 31.02 38.11
C ALA A 584 27.43 30.10 37.60
N VAL A 585 27.71 28.80 37.59
CA VAL A 585 26.81 27.81 37.00
C VAL A 585 26.42 26.79 38.05
N LEU A 586 25.14 26.44 38.08
CA LEU A 586 24.59 25.46 39.01
C LEU A 586 24.07 24.27 38.24
N TYR A 587 24.41 23.07 38.69
CA TYR A 587 23.88 21.83 38.14
C TYR A 587 22.95 21.23 39.18
N GLN A 588 21.66 21.27 38.92
CA GLN A 588 20.68 20.91 39.93
C GLN A 588 20.61 19.40 40.13
N GLY A 589 20.68 18.98 41.39
CA GLY A 589 20.49 17.58 41.74
C GLY A 589 21.50 16.63 41.12
N VAL A 590 22.74 17.07 40.98
CA VAL A 590 23.79 16.28 40.34
C VAL A 590 25.00 16.27 41.26
N ASN A 591 25.49 15.06 41.57
CA ASN A 591 26.73 14.95 42.30
C ASN A 591 27.87 15.52 41.48
N CYS A 592 28.72 16.32 42.12
CA CYS A 592 29.74 17.07 41.39
C CYS A 592 30.88 16.21 40.87
N THR A 593 30.86 14.90 41.12
CA THR A 593 31.94 14.04 40.61
C THR A 593 31.93 13.98 39.09
N GLU A 594 30.75 13.88 38.48
CA GLU A 594 30.64 13.63 37.05
C GLU A 594 30.27 14.87 36.24
N VAL A 595 30.33 16.06 36.84
CA VAL A 595 29.98 17.28 36.11
C VAL A 595 31.07 17.68 35.11
N PRO A 596 32.37 17.43 35.31
CA PRO A 596 33.33 17.82 34.28
C PRO A 596 33.08 17.16 32.93
N VAL A 597 32.53 15.94 32.93
CA VAL A 597 32.29 15.23 31.68
C VAL A 597 31.29 15.99 30.82
N ALA A 598 30.21 16.46 31.41
CA ALA A 598 29.19 17.18 30.67
C ALA A 598 28.54 18.27 31.53
N SER A 615 36.24 27.30 37.57
CA SER A 615 36.92 27.95 38.69
C SER A 615 36.71 27.17 39.98
N ASN A 616 36.24 27.87 41.01
CA ASN A 616 35.96 27.23 42.29
C ASN A 616 34.81 26.25 42.16
N VAL A 617 34.94 25.10 42.80
CA VAL A 617 33.93 24.04 42.76
C VAL A 617 33.36 23.89 44.16
N PHE A 618 32.04 24.00 44.28
CA PHE A 618 31.34 23.94 45.55
C PHE A 618 30.18 22.97 45.39
N GLN A 619 30.02 22.06 46.36
CA GLN A 619 28.91 21.12 46.37
C GLN A 619 27.90 21.56 47.42
N THR A 620 26.66 21.76 46.98
CA THR A 620 25.56 22.13 47.86
C THR A 620 24.48 21.07 47.80
N ARG A 621 23.48 21.21 48.67
CA ARG A 621 22.37 20.26 48.67
C ARG A 621 21.51 20.38 47.43
N ALA A 622 21.51 21.56 46.78
CA ALA A 622 20.80 21.69 45.51
C ALA A 622 21.59 21.08 44.36
N GLY A 623 22.92 21.14 44.41
CA GLY A 623 23.74 20.59 43.36
C GLY A 623 25.12 21.25 43.39
N CYS A 624 25.95 20.84 42.44
CA CYS A 624 27.30 21.38 42.38
C CYS A 624 27.28 22.79 41.83
N LEU A 625 27.97 23.69 42.53
CA LEU A 625 28.09 25.09 42.12
C LEU A 625 29.52 25.32 41.63
N ILE A 626 29.64 25.91 40.43
CA ILE A 626 30.93 26.11 39.78
C ILE A 626 31.13 27.60 39.57
N GLY A 627 32.28 28.11 40.03
CA GLY A 627 32.64 29.49 39.84
C GLY A 627 32.32 30.41 41.00
N ALA A 628 31.81 29.89 42.10
CA ALA A 628 31.45 30.68 43.26
C ALA A 628 32.28 30.25 44.46
N GLU A 629 32.85 31.21 45.17
CA GLU A 629 33.69 30.95 46.34
C GLU A 629 32.83 30.87 47.58
N HIS A 630 32.94 29.77 48.31
CA HIS A 630 32.09 29.51 49.48
C HIS A 630 32.74 30.14 50.70
N VAL A 631 32.21 31.28 51.13
CA VAL A 631 32.67 31.97 52.32
C VAL A 631 31.98 31.34 53.54
N ASN A 632 32.46 31.68 54.74
CA ASN A 632 31.87 31.18 55.97
C ASN A 632 30.88 32.14 56.60
N ASN A 633 30.86 33.41 56.18
CA ASN A 633 29.98 34.40 56.77
C ASN A 633 28.54 34.19 56.30
N SER A 634 27.63 34.96 56.88
CA SER A 634 26.22 34.91 56.53
C SER A 634 25.72 36.33 56.29
N TYR A 635 25.04 36.53 55.16
CA TYR A 635 24.44 37.82 54.82
C TYR A 635 23.00 37.56 54.36
N GLU A 636 22.35 38.63 53.91
CA GLU A 636 21.00 38.51 53.39
C GLU A 636 21.02 37.80 52.03
N CYS A 637 19.87 37.25 51.65
CA CYS A 637 19.76 36.52 50.40
C CYS A 637 19.69 37.51 49.24
N ASP A 638 20.62 37.38 48.29
CA ASP A 638 20.63 38.19 47.08
C ASP A 638 20.08 37.41 45.89
N ILE A 639 20.68 36.27 45.58
CA ILE A 639 20.22 35.39 44.52
C ILE A 639 19.97 34.01 45.13
N PRO A 640 18.71 33.66 45.35
CA PRO A 640 18.41 32.35 45.98
C PRO A 640 18.88 31.20 45.11
N ILE A 641 19.37 30.15 45.76
CA ILE A 641 19.85 28.94 45.09
C ILE A 641 19.06 27.72 45.54
N GLY A 642 18.91 27.54 46.84
CA GLY A 642 18.14 26.42 47.39
C GLY A 642 18.80 25.84 48.62
N ALA A 643 17.98 25.22 49.47
CA ALA A 643 18.43 24.57 50.69
C ALA A 643 19.15 25.54 51.62
N GLY A 644 18.77 26.81 51.59
CA GLY A 644 19.37 27.79 52.47
C GLY A 644 20.66 28.41 51.98
N ILE A 645 20.92 28.38 50.68
CA ILE A 645 22.14 28.92 50.09
C ILE A 645 21.76 30.06 49.17
N CYS A 646 22.45 31.19 49.31
CA CYS A 646 22.24 32.35 48.46
C CYS A 646 23.59 32.86 47.96
N ALA A 647 23.64 33.24 46.69
CA ALA A 647 24.85 33.76 46.07
C ALA A 647 24.74 35.26 45.90
N SER A 648 25.89 35.94 45.90
CA SER A 648 25.92 37.39 45.78
C SER A 648 27.25 37.83 45.19
N TYR A 649 27.27 39.06 44.70
CA TYR A 649 28.44 39.66 44.07
C TYR A 649 29.03 40.68 45.03
N GLN A 650 30.17 40.34 45.62
CA GLN A 650 30.79 41.20 46.63
C GLN A 650 32.29 41.29 46.40
N THR A 651 32.88 42.34 46.94
CA THR A 651 34.31 42.57 46.82
C THR A 651 35.07 41.99 48.02
N SER A 664 39.60 41.07 43.38
CA SER A 664 39.02 42.29 43.90
C SER A 664 37.49 42.24 43.86
N GLN A 665 36.96 41.44 42.94
CA GLN A 665 35.52 41.30 42.79
C GLN A 665 35.23 39.86 42.37
N SER A 666 34.32 39.19 43.09
CA SER A 666 33.99 37.80 42.80
C SER A 666 32.57 37.53 43.26
N ILE A 667 32.10 36.32 42.95
CA ILE A 667 30.78 35.86 43.34
C ILE A 667 30.94 34.86 44.47
N ILE A 668 30.30 35.14 45.60
CA ILE A 668 30.40 34.29 46.78
C ILE A 668 29.11 33.50 46.91
N ALA A 669 29.17 32.45 47.74
CA ALA A 669 28.01 31.57 47.98
C ALA A 669 27.99 31.25 49.48
N TYR A 670 27.21 32.03 50.21
CA TYR A 670 27.14 31.92 51.66
C TYR A 670 25.87 31.17 52.06
N THR A 671 25.60 31.14 53.36
CA THR A 671 24.37 30.60 53.91
C THR A 671 23.49 31.75 54.36
N MET A 672 22.19 31.65 54.06
CA MET A 672 21.27 32.75 54.31
C MET A 672 21.24 33.13 55.78
N SER A 673 21.17 34.44 56.04
CA SER A 673 20.99 34.98 57.38
C SER A 673 19.57 35.53 57.50
N LEU A 674 18.89 35.15 58.57
CA LEU A 674 17.48 35.45 58.73
C LEU A 674 17.22 36.81 59.38
N GLY A 675 18.16 37.73 59.29
CA GLY A 675 18.00 39.07 59.81
C GLY A 675 18.92 39.33 60.98
N ALA A 676 18.85 40.57 61.47
CA ALA A 676 19.66 40.96 62.60
C ALA A 676 19.23 40.23 63.86
N GLU A 677 20.12 40.19 64.84
CA GLU A 677 19.87 39.51 66.10
C GLU A 677 19.47 40.53 67.16
N ASN A 678 18.38 40.26 67.86
CA ASN A 678 17.87 41.16 68.88
C ASN A 678 17.56 40.38 70.15
N SER A 679 17.71 41.05 71.29
CA SER A 679 17.43 40.46 72.59
C SER A 679 16.80 41.55 73.44
N VAL A 680 15.47 41.55 73.51
CA VAL A 680 14.76 42.57 74.26
C VAL A 680 15.02 42.37 75.75
N ALA A 681 15.34 43.46 76.44
CA ALA A 681 15.66 43.38 77.86
C ALA A 681 14.41 43.17 78.70
N TYR A 682 13.99 41.92 78.84
CA TYR A 682 12.78 41.60 79.57
C TYR A 682 13.06 41.49 81.06
N SER A 683 12.15 42.06 81.85
CA SER A 683 12.16 41.90 83.30
C SER A 683 10.73 42.10 83.79
N ASN A 684 10.48 41.65 85.01
CA ASN A 684 9.10 41.60 85.48
C ASN A 684 8.57 42.94 85.96
N ASN A 685 9.40 43.98 86.01
CA ASN A 685 8.91 45.30 86.44
C ASN A 685 9.49 46.44 85.61
N SER A 686 9.77 46.21 84.34
CA SER A 686 10.26 47.25 83.46
C SER A 686 9.39 47.33 82.21
N ILE A 687 9.11 48.56 81.79
CA ILE A 687 8.30 48.82 80.60
C ILE A 687 8.95 49.96 79.82
N ALA A 688 8.89 49.87 78.50
CA ALA A 688 9.45 50.87 77.61
C ALA A 688 8.31 51.60 76.91
N ILE A 689 8.37 52.92 76.88
CA ILE A 689 7.28 53.74 76.34
C ILE A 689 7.86 54.77 75.38
N PRO A 690 7.31 54.90 74.17
CA PRO A 690 7.86 55.85 73.21
C PRO A 690 7.68 57.29 73.67
N THR A 691 8.62 58.14 73.27
CA THR A 691 8.59 59.56 73.59
C THR A 691 8.40 60.43 72.36
N ASN A 692 8.31 59.84 71.17
CA ASN A 692 8.12 60.57 69.92
C ASN A 692 7.31 59.69 68.99
N PHE A 693 7.28 60.07 67.71
CA PHE A 693 6.61 59.25 66.71
C PHE A 693 7.12 59.66 65.33
N THR A 694 6.63 58.96 64.30
CA THR A 694 7.01 59.21 62.93
C THR A 694 5.84 58.86 62.03
N ILE A 695 5.58 59.70 61.04
CA ILE A 695 4.53 59.46 60.05
C ILE A 695 5.19 58.89 58.82
N SER A 696 4.86 57.65 58.47
CA SER A 696 5.47 56.95 57.35
C SER A 696 4.41 56.59 56.32
N VAL A 697 4.73 56.84 55.05
CA VAL A 697 3.84 56.55 53.93
C VAL A 697 4.48 55.44 53.11
N THR A 698 3.71 54.39 52.83
CA THR A 698 4.18 53.26 52.03
C THR A 698 3.16 52.95 50.95
N THR A 699 3.65 52.49 49.80
CA THR A 699 2.79 52.19 48.66
C THR A 699 2.41 50.72 48.64
N GLU A 700 1.49 50.39 47.73
CA GLU A 700 1.07 49.00 47.55
C GLU A 700 0.38 48.90 46.20
N ILE A 701 0.86 47.98 45.36
CA ILE A 701 0.37 47.82 43.99
C ILE A 701 -0.42 46.52 43.90
N LEU A 702 -1.64 46.61 43.35
CA LEU A 702 -2.50 45.46 43.17
C LEU A 702 -3.12 45.48 41.77
N PRO A 703 -2.86 44.48 40.93
CA PRO A 703 -3.57 44.40 39.66
C PRO A 703 -5.05 44.12 39.88
N VAL A 704 -5.89 44.70 39.03
CA VAL A 704 -7.33 44.51 39.13
C VAL A 704 -7.95 43.94 37.88
N SER A 705 -7.34 44.12 36.71
CA SER A 705 -7.93 43.63 35.46
C SER A 705 -6.83 43.36 34.47
N MET A 706 -7.15 42.55 33.46
CA MET A 706 -6.22 42.22 32.39
C MET A 706 -6.89 42.47 31.05
N THR A 707 -6.08 42.49 30.00
CA THR A 707 -6.55 42.88 28.67
C THR A 707 -7.60 41.89 28.15
N LYS A 708 -8.62 42.44 27.50
CA LYS A 708 -9.76 41.65 27.02
C LYS A 708 -9.50 41.26 25.56
N THR A 709 -9.03 40.04 25.36
CA THR A 709 -8.81 39.52 24.02
C THR A 709 -9.84 38.45 23.70
N SER A 710 -10.43 38.54 22.51
CA SER A 710 -11.36 37.55 22.01
C SER A 710 -10.81 36.99 20.71
N VAL A 711 -10.71 35.66 20.63
CA VAL A 711 -10.11 34.98 19.49
C VAL A 711 -11.19 34.14 18.81
N ASP A 712 -11.37 34.36 17.51
CA ASP A 712 -12.28 33.54 16.73
C ASP A 712 -11.70 32.15 16.53
N CYS A 713 -12.59 31.16 16.45
CA CYS A 713 -12.16 29.77 16.32
C CYS A 713 -11.92 29.37 14.86
N THR A 714 -12.94 29.52 14.02
CA THR A 714 -12.82 29.13 12.63
C THR A 714 -11.76 29.95 11.91
N MET A 715 -11.73 31.27 12.15
CA MET A 715 -10.75 32.11 11.49
C MET A 715 -9.33 31.75 11.88
N TYR A 716 -9.12 31.41 13.16
CA TYR A 716 -7.79 31.04 13.61
C TYR A 716 -7.37 29.68 13.05
N ILE A 717 -8.27 28.70 13.13
CA ILE A 717 -7.93 27.35 12.66
C ILE A 717 -7.69 27.37 11.16
N CYS A 718 -8.64 27.93 10.40
CA CYS A 718 -8.45 28.12 8.96
C CYS A 718 -9.41 29.21 8.50
N GLY A 719 -8.88 30.39 8.21
CA GLY A 719 -9.70 31.53 7.88
C GLY A 719 -10.07 31.70 6.42
N ASP A 720 -9.57 30.85 5.53
CA ASP A 720 -9.79 31.02 4.11
C ASP A 720 -10.20 29.75 3.37
N SER A 721 -10.06 28.58 3.98
CA SER A 721 -10.35 27.31 3.31
C SER A 721 -11.76 26.87 3.67
N THR A 722 -12.65 26.91 2.68
CA THR A 722 -14.03 26.51 2.92
C THR A 722 -14.15 25.04 3.28
N GLU A 723 -13.39 24.18 2.59
CA GLU A 723 -13.44 22.75 2.90
C GLU A 723 -12.90 22.48 4.29
N CYS A 724 -11.92 23.26 4.75
CA CYS A 724 -11.43 23.09 6.12
C CYS A 724 -12.51 23.42 7.13
N SER A 725 -13.27 24.49 6.89
CA SER A 725 -14.38 24.84 7.78
C SER A 725 -15.45 23.76 7.76
N ASN A 726 -15.74 23.22 6.57
CA ASN A 726 -16.72 22.15 6.48
C ASN A 726 -16.26 20.91 7.25
N LEU A 727 -14.97 20.59 7.17
CA LEU A 727 -14.43 19.49 7.95
C LEU A 727 -14.52 19.77 9.44
N LEU A 728 -14.21 20.99 9.85
CA LEU A 728 -14.24 21.35 11.26
C LEU A 728 -15.66 21.32 11.82
N LEU A 729 -16.66 21.56 10.97
CA LEU A 729 -18.04 21.54 11.43
C LEU A 729 -18.44 20.18 12.01
N GLN A 730 -17.72 19.11 11.66
CA GLN A 730 -18.04 17.79 12.19
C GLN A 730 -17.62 17.62 13.65
N TYR A 731 -16.86 18.55 14.21
CA TYR A 731 -16.40 18.44 15.58
C TYR A 731 -17.42 18.92 16.60
N GLY A 732 -18.57 19.42 16.16
CA GLY A 732 -19.59 19.86 17.08
C GLY A 732 -19.31 21.24 17.64
N SER A 733 -19.67 21.46 18.90
CA SER A 733 -19.49 22.75 19.57
C SER A 733 -18.13 22.90 20.21
N PHE A 734 -17.05 22.66 19.46
CA PHE A 734 -15.71 22.90 19.96
C PHE A 734 -15.23 24.32 19.67
N CYS A 735 -16.05 25.15 19.03
CA CYS A 735 -15.71 26.53 18.77
C CYS A 735 -16.63 27.53 19.45
N THR A 736 -17.72 27.08 20.05
CA THR A 736 -18.61 27.96 20.80
C THR A 736 -18.21 28.04 22.28
N GLN A 737 -17.70 26.94 22.82
CA GLN A 737 -17.27 26.93 24.22
C GLN A 737 -16.13 27.92 24.45
N LEU A 738 -15.17 27.96 23.53
CA LEU A 738 -14.05 28.89 23.69
C LEU A 738 -14.52 30.34 23.63
N ASN A 739 -15.40 30.65 22.68
CA ASN A 739 -15.93 32.01 22.58
C ASN A 739 -16.69 32.39 23.83
N ARG A 740 -17.50 31.47 24.36
CA ARG A 740 -18.25 31.73 25.58
C ARG A 740 -17.32 31.99 26.75
N ALA A 741 -16.26 31.17 26.87
CA ALA A 741 -15.31 31.36 27.96
C ALA A 741 -14.61 32.72 27.88
N LEU A 742 -14.17 33.10 26.68
CA LEU A 742 -13.48 34.38 26.53
C LEU A 742 -14.43 35.55 26.80
N THR A 743 -15.69 35.44 26.35
CA THR A 743 -16.65 36.48 26.65
C THR A 743 -16.89 36.62 28.16
N GLY A 744 -17.00 35.48 28.85
CA GLY A 744 -17.14 35.52 30.30
C GLY A 744 -15.94 36.17 30.97
N ILE A 745 -14.74 35.89 30.46
CA ILE A 745 -13.54 36.50 31.01
C ILE A 745 -13.57 38.01 30.84
N ALA A 746 -13.97 38.49 29.66
CA ALA A 746 -14.03 39.93 29.43
C ALA A 746 -15.06 40.60 30.35
N VAL A 747 -16.23 39.98 30.50
CA VAL A 747 -17.23 40.51 31.42
C VAL A 747 -16.67 40.54 32.84
N GLU A 748 -15.90 39.52 33.21
CA GLU A 748 -15.28 39.49 34.53
C GLU A 748 -14.32 40.65 34.71
N GLN A 749 -13.53 40.97 33.68
CA GLN A 749 -12.58 42.08 33.79
C GLN A 749 -13.32 43.39 34.02
N ASP A 750 -14.39 43.62 33.25
CA ASP A 750 -15.16 44.85 33.44
C ASP A 750 -15.78 44.92 34.83
N LYS A 751 -16.29 43.78 35.33
CA LYS A 751 -16.87 43.76 36.67
C LYS A 751 -15.81 44.01 37.73
N ASN A 752 -14.60 43.47 37.54
CA ASN A 752 -13.52 43.69 38.48
C ASN A 752 -13.21 45.19 38.61
N THR A 753 -13.04 45.86 37.48
CA THR A 753 -12.75 47.29 37.53
C THR A 753 -13.91 48.05 38.17
N GLN A 754 -15.15 47.70 37.81
CA GLN A 754 -16.31 48.40 38.35
C GLN A 754 -16.40 48.25 39.87
N GLU A 755 -16.18 47.05 40.38
CA GLU A 755 -16.31 46.84 41.82
C GLU A 755 -15.13 47.41 42.58
N VAL A 756 -13.95 47.46 41.97
CA VAL A 756 -12.80 48.03 42.66
C VAL A 756 -12.94 49.54 42.78
N PHE A 757 -13.32 50.22 41.70
CA PHE A 757 -13.24 51.67 41.66
C PHE A 757 -14.57 52.37 41.94
N ALA A 758 -15.66 51.91 41.34
CA ALA A 758 -16.96 52.58 41.48
C ALA A 758 -17.52 52.27 42.86
N GLN A 759 -17.20 53.12 43.83
CA GLN A 759 -17.69 52.93 45.19
C GLN A 759 -18.23 54.22 45.80
N VAL A 760 -18.44 55.26 45.00
CA VAL A 760 -18.97 56.53 45.48
C VAL A 760 -20.25 56.83 44.72
N LYS A 761 -21.29 57.24 45.46
CA LYS A 761 -22.56 57.58 44.84
C LYS A 761 -22.48 58.89 44.07
N GLN A 762 -21.64 59.82 44.52
CA GLN A 762 -21.53 61.14 43.92
C GLN A 762 -20.06 61.44 43.64
N ILE A 763 -19.83 62.51 42.90
CA ILE A 763 -18.49 62.95 42.52
C ILE A 763 -18.16 64.16 43.37
N TYR A 764 -17.36 63.97 44.41
CA TYR A 764 -16.98 65.07 45.28
C TYR A 764 -15.84 65.88 44.67
N LYS A 765 -15.68 67.10 45.17
CA LYS A 765 -14.65 68.00 44.67
C LYS A 765 -14.02 68.76 45.83
N THR A 766 -12.70 68.94 45.74
CA THR A 766 -11.99 69.71 46.76
C THR A 766 -12.26 71.19 46.55
N PRO A 767 -12.29 71.97 47.64
CA PRO A 767 -12.54 73.40 47.49
C PRO A 767 -11.40 74.09 46.77
N PRO A 768 -11.65 75.20 46.08
CA PRO A 768 -10.55 75.92 45.42
C PRO A 768 -9.48 76.39 46.38
N ILE A 769 -9.85 76.78 47.59
CA ILE A 769 -8.89 77.11 48.63
C ILE A 769 -8.42 75.83 49.29
N LYS A 770 -7.10 75.68 49.42
CA LYS A 770 -6.54 74.42 49.88
C LYS A 770 -5.66 74.60 51.10
N ASP A 771 -6.17 75.32 52.10
CA ASP A 771 -5.48 75.49 53.38
C ASP A 771 -6.02 74.44 54.35
N PHE A 772 -5.36 73.29 54.37
CA PHE A 772 -5.76 72.16 55.22
C PHE A 772 -4.99 72.12 56.52
N GLY A 773 -4.59 73.28 57.05
CA GLY A 773 -3.86 73.31 58.30
C GLY A 773 -2.40 72.99 58.21
N GLY A 774 -1.83 72.96 57.01
CA GLY A 774 -0.43 72.64 56.79
C GLY A 774 -0.20 71.39 55.98
N PHE A 775 -1.16 70.49 55.90
CA PHE A 775 -1.02 69.29 55.10
C PHE A 775 -1.14 69.64 53.63
N ASN A 776 -0.21 69.14 52.81
CA ASN A 776 -0.09 69.53 51.41
C ASN A 776 -0.33 68.30 50.54
N PHE A 777 -1.47 68.27 49.87
CA PHE A 777 -1.88 67.14 49.04
C PHE A 777 -1.66 67.40 47.55
N SER A 778 -0.65 68.22 47.21
CA SER A 778 -0.43 68.56 45.81
C SER A 778 -0.01 67.34 44.99
N GLN A 779 0.64 66.37 45.62
CA GLN A 779 1.15 65.22 44.88
C GLN A 779 0.05 64.24 44.50
N ILE A 780 -1.09 64.27 45.19
CA ILE A 780 -2.15 63.32 44.93
C ILE A 780 -3.39 63.96 44.31
N LEU A 781 -3.64 65.24 44.57
CA LEU A 781 -4.78 65.91 43.98
C LEU A 781 -4.55 66.09 42.48
N PRO A 782 -5.63 66.13 41.68
CA PRO A 782 -5.46 66.26 40.23
C PRO A 782 -4.84 67.59 39.85
N ASP A 783 -4.11 67.57 38.73
CA ASP A 783 -3.48 68.77 38.22
C ASP A 783 -4.27 69.27 37.01
N PRO A 784 -4.97 70.40 37.10
CA PRO A 784 -5.77 70.87 35.96
C PRO A 784 -4.93 71.32 34.78
N SER A 785 -3.65 71.62 34.97
CA SER A 785 -2.81 72.08 33.86
C SER A 785 -2.64 70.99 32.82
N LYS A 786 -2.39 69.77 33.25
CA LYS A 786 -2.21 68.68 32.30
C LYS A 786 -3.52 68.36 31.60
N PRO A 787 -3.48 67.98 30.32
CA PRO A 787 -4.74 67.67 29.62
C PRO A 787 -5.50 66.49 30.20
N SER A 788 -4.80 65.51 30.75
CA SER A 788 -5.43 64.29 31.26
C SER A 788 -6.00 64.47 32.66
N LYS A 789 -5.70 65.57 33.33
CA LYS A 789 -6.19 65.84 34.69
C LYS A 789 -5.79 64.74 35.67
N ARG A 790 -4.59 64.20 35.51
CA ARG A 790 -4.05 63.23 36.45
C ARG A 790 -3.05 63.93 37.37
N SER A 791 -2.85 63.34 38.54
CA SER A 791 -1.94 63.91 39.52
C SER A 791 -0.50 63.60 39.14
N PHE A 792 0.43 64.05 39.98
CA PHE A 792 1.85 63.82 39.72
C PHE A 792 2.18 62.33 39.76
N ILE A 793 1.78 61.67 40.86
CA ILE A 793 2.13 60.27 41.04
C ILE A 793 1.44 59.39 40.00
N GLU A 794 0.20 59.74 39.66
CA GLU A 794 -0.50 58.98 38.62
C GLU A 794 0.22 59.09 37.28
N ASP A 795 0.72 60.29 36.96
CA ASP A 795 1.49 60.45 35.73
C ASP A 795 2.78 59.64 35.78
N LEU A 796 3.47 59.63 36.93
CA LEU A 796 4.67 58.80 37.04
C LEU A 796 4.34 57.33 36.80
N LEU A 797 3.25 56.85 37.40
CA LEU A 797 2.87 55.45 37.25
C LEU A 797 2.50 55.13 35.80
N PHE A 798 1.78 56.03 35.14
CA PHE A 798 1.35 55.76 33.77
C PHE A 798 2.52 55.80 32.80
N ASN A 799 3.42 56.79 32.94
CA ASN A 799 4.57 56.86 32.07
C ASN A 799 5.52 55.68 32.28
N LYS A 800 5.72 55.30 33.54
CA LYS A 800 6.66 54.22 33.84
C LYS A 800 6.20 52.89 33.26
N VAL A 801 4.90 52.60 33.35
CA VAL A 801 4.37 51.34 32.82
C VAL A 801 3.98 51.51 31.36
N PHE A 830 -3.98 39.38 11.93
CA PHE A 830 -3.95 39.02 13.34
C PHE A 830 -4.39 37.57 13.55
N ASN A 831 -4.76 36.90 12.47
CA ASN A 831 -5.19 35.51 12.50
C ASN A 831 -6.40 35.30 13.40
N GLY A 832 -7.30 36.28 13.44
CA GLY A 832 -8.57 36.11 14.12
C GLY A 832 -8.59 36.52 15.58
N LEU A 833 -7.57 37.19 16.08
CA LEU A 833 -7.56 37.65 17.47
C LEU A 833 -7.84 39.14 17.51
N THR A 834 -8.76 39.54 18.39
CA THR A 834 -9.13 40.94 18.56
C THR A 834 -9.01 41.31 20.03
N VAL A 835 -8.72 42.58 20.28
CA VAL A 835 -8.58 43.11 21.64
C VAL A 835 -9.68 44.14 21.84
N LEU A 836 -10.62 43.85 22.73
CA LEU A 836 -11.73 44.73 23.00
C LEU A 836 -11.30 45.87 23.93
N PRO A 837 -11.94 47.02 23.83
CA PRO A 837 -11.58 48.15 24.70
C PRO A 837 -12.29 48.04 26.04
N PRO A 838 -11.67 48.53 27.11
CA PRO A 838 -12.34 48.52 28.41
C PRO A 838 -13.53 49.48 28.42
N LEU A 839 -14.53 49.13 29.23
CA LEU A 839 -15.74 49.95 29.31
C LEU A 839 -15.45 51.30 29.95
N LEU A 840 -14.57 51.32 30.96
CA LEU A 840 -14.22 52.55 31.65
C LEU A 840 -12.89 53.06 31.13
N THR A 841 -12.91 54.25 30.53
CA THR A 841 -11.67 54.86 30.06
C THR A 841 -10.84 55.34 31.24
N ASP A 842 -9.55 55.60 30.97
CA ASP A 842 -8.63 55.99 32.02
C ASP A 842 -9.06 57.31 32.67
N GLU A 843 -9.69 58.19 31.92
CA GLU A 843 -10.16 59.45 32.50
C GLU A 843 -11.26 59.22 33.52
N MET A 844 -12.14 58.25 33.28
CA MET A 844 -13.19 57.95 34.25
C MET A 844 -12.61 57.30 35.51
N ILE A 845 -11.58 56.46 35.35
CA ILE A 845 -10.92 55.90 36.52
C ILE A 845 -10.26 57.00 37.33
N ALA A 846 -9.61 57.95 36.66
CA ALA A 846 -9.01 59.08 37.36
C ALA A 846 -10.06 59.94 38.04
N GLN A 847 -11.24 60.07 37.42
CA GLN A 847 -12.33 60.84 38.03
C GLN A 847 -12.82 60.16 39.30
N TYR A 848 -13.00 58.84 39.27
CA TYR A 848 -13.34 58.10 40.48
C TYR A 848 -12.29 58.26 41.56
N THR A 849 -11.01 58.17 41.20
CA THR A 849 -9.96 58.32 42.19
C THR A 849 -9.95 59.71 42.81
N SER A 850 -10.16 60.74 41.98
CA SER A 850 -10.22 62.11 42.49
C SER A 850 -11.43 62.30 43.39
N ALA A 851 -12.56 61.69 43.05
CA ALA A 851 -13.74 61.79 43.90
C ALA A 851 -13.49 61.14 45.26
N LEU A 852 -12.86 59.97 45.26
CA LEU A 852 -12.53 59.31 46.53
C LEU A 852 -11.57 60.16 47.35
N LEU A 853 -10.56 60.74 46.72
CA LEU A 853 -9.62 61.58 47.46
C LEU A 853 -10.30 62.80 48.05
N ALA A 854 -11.15 63.47 47.26
CA ALA A 854 -11.83 64.65 47.77
C ALA A 854 -12.77 64.31 48.91
N GLY A 855 -13.50 63.19 48.79
CA GLY A 855 -14.37 62.78 49.87
C GLY A 855 -13.61 62.43 51.14
N THR A 856 -12.49 61.74 51.00
CA THR A 856 -11.68 61.41 52.17
C THR A 856 -11.11 62.64 52.83
N ILE A 857 -10.59 63.58 52.03
CA ILE A 857 -9.96 64.77 52.59
C ILE A 857 -10.99 65.67 53.27
N THR A 858 -12.14 65.87 52.62
CA THR A 858 -13.11 66.83 53.14
C THR A 858 -13.98 66.23 54.24
N SER A 859 -14.35 64.95 54.11
CA SER A 859 -15.32 64.32 54.99
C SER A 859 -14.71 63.31 55.95
N GLY A 860 -13.97 62.34 55.44
CA GLY A 860 -13.37 61.32 56.28
C GLY A 860 -14.10 59.99 56.22
N TRP A 861 -14.55 59.51 57.39
CA TRP A 861 -15.34 58.27 57.43
C TRP A 861 -16.74 58.47 56.88
N THR A 862 -17.28 59.69 56.97
CA THR A 862 -18.71 59.90 56.82
C THR A 862 -19.19 59.61 55.41
N PHE A 863 -18.44 60.00 54.40
CA PHE A 863 -18.93 59.91 53.02
C PHE A 863 -19.06 58.47 52.53
N GLY A 864 -18.51 57.50 53.25
CA GLY A 864 -18.65 56.11 52.89
C GLY A 864 -19.68 55.33 53.67
N ALA A 865 -20.39 55.98 54.59
CA ALA A 865 -21.37 55.31 55.42
C ALA A 865 -22.64 56.13 55.58
N GLY A 866 -23.00 56.89 54.55
CA GLY A 866 -24.18 57.73 54.61
C GLY A 866 -23.98 59.10 54.00
N ALA A 867 -24.65 60.11 54.55
CA ALA A 867 -24.50 61.47 54.06
C ALA A 867 -23.11 61.99 54.37
N ALA A 868 -22.52 62.68 53.39
CA ALA A 868 -21.19 63.24 53.58
C ALA A 868 -21.25 64.45 54.48
N LEU A 869 -20.40 64.48 55.50
CA LEU A 869 -20.36 65.56 56.47
C LEU A 869 -18.97 66.17 56.50
N GLN A 870 -18.90 67.50 56.42
CA GLN A 870 -17.62 68.18 56.40
C GLN A 870 -17.03 68.26 57.79
N ILE A 871 -15.70 68.35 57.85
CA ILE A 871 -14.96 68.46 59.11
C ILE A 871 -13.55 68.92 58.77
N PRO A 872 -12.96 69.85 59.52
CA PRO A 872 -11.60 70.30 59.23
C PRO A 872 -10.61 69.14 59.29
N PHE A 873 -9.61 69.20 58.41
CA PHE A 873 -8.67 68.08 58.32
C PHE A 873 -7.89 67.90 59.60
N ALA A 874 -7.60 68.98 60.33
CA ALA A 874 -6.92 68.85 61.61
C ALA A 874 -7.75 68.03 62.58
N MET A 875 -9.06 68.28 62.62
CA MET A 875 -9.91 67.54 63.56
C MET A 875 -10.14 66.11 63.08
N GLN A 876 -10.18 65.88 61.77
CA GLN A 876 -10.24 64.52 61.28
C GLN A 876 -9.00 63.73 61.67
N MET A 877 -7.82 64.35 61.53
CA MET A 877 -6.59 63.69 61.97
C MET A 877 -6.57 63.48 63.46
N ALA A 878 -7.17 64.40 64.24
CA ALA A 878 -7.28 64.18 65.67
C ALA A 878 -8.15 62.98 65.98
N TYR A 879 -9.26 62.83 65.26
CA TYR A 879 -10.10 61.64 65.43
C TYR A 879 -9.32 60.37 65.10
N ARG A 880 -8.54 60.40 64.02
CA ARG A 880 -7.80 59.22 63.62
C ARG A 880 -6.69 58.89 64.63
N PHE A 881 -6.07 59.92 65.22
CA PHE A 881 -5.13 59.67 66.31
C PHE A 881 -5.83 59.06 67.51
N ASN A 882 -7.00 59.59 67.88
CA ASN A 882 -7.74 59.05 69.00
C ASN A 882 -8.16 57.62 68.75
N GLY A 883 -8.32 57.24 67.48
CA GLY A 883 -8.72 55.89 67.14
C GLY A 883 -7.63 54.83 67.23
N ILE A 884 -6.39 55.21 67.51
CA ILE A 884 -5.30 54.25 67.67
C ILE A 884 -4.73 54.23 69.07
N GLY A 885 -5.30 55.00 70.00
CA GLY A 885 -4.83 55.00 71.36
C GLY A 885 -3.99 56.19 71.78
N VAL A 886 -3.99 57.27 70.99
CA VAL A 886 -3.23 58.48 71.30
C VAL A 886 -4.21 59.63 71.37
N THR A 887 -4.13 60.43 72.43
CA THR A 887 -5.11 61.48 72.67
C THR A 887 -5.02 62.56 71.61
N GLN A 888 -5.95 63.52 71.68
CA GLN A 888 -6.02 64.57 70.68
C GLN A 888 -4.94 65.63 70.89
N ASN A 889 -4.60 65.91 72.14
CA ASN A 889 -3.63 66.97 72.42
C ASN A 889 -2.28 66.66 71.81
N VAL A 890 -1.97 65.37 71.59
CA VAL A 890 -0.70 65.00 70.97
C VAL A 890 -0.62 65.56 69.55
N LEU A 891 -1.72 65.46 68.79
CA LEU A 891 -1.73 66.06 67.46
C LEU A 891 -1.83 67.58 67.54
N TYR A 892 -2.72 68.09 68.41
CA TYR A 892 -2.96 69.52 68.44
C TYR A 892 -1.73 70.31 68.86
N GLU A 893 -0.87 69.71 69.67
CA GLU A 893 0.35 70.38 70.11
C GLU A 893 1.56 70.10 69.23
N ASN A 894 1.39 69.29 68.19
CA ASN A 894 2.48 68.95 67.27
C ASN A 894 2.00 69.00 65.84
N GLN A 895 1.13 69.96 65.53
CA GLN A 895 0.50 69.99 64.21
C GLN A 895 1.50 70.29 63.11
N LYS A 896 2.36 71.29 63.30
CA LYS A 896 3.34 71.64 62.27
C LYS A 896 4.33 70.52 62.03
N LEU A 897 4.81 69.88 63.10
CA LEU A 897 5.77 68.79 62.93
C LEU A 897 5.14 67.63 62.16
N ILE A 898 3.90 67.29 62.49
CA ILE A 898 3.22 66.18 61.81
C ILE A 898 2.95 66.53 60.35
N ALA A 899 2.55 67.78 60.08
CA ALA A 899 2.31 68.19 58.70
C ALA A 899 3.59 68.13 57.88
N ASN A 900 4.70 68.60 58.45
CA ASN A 900 5.98 68.54 57.74
C ASN A 900 6.41 67.10 57.50
N GLN A 901 6.22 66.22 58.49
CA GLN A 901 6.54 64.81 58.30
C GLN A 901 5.70 64.19 57.20
N PHE A 902 4.42 64.53 57.15
CA PHE A 902 3.53 63.99 56.12
C PHE A 902 3.97 64.44 54.73
N ASN A 903 4.26 65.74 54.58
CA ASN A 903 4.70 66.25 53.28
C ASN A 903 6.02 65.63 52.85
N SER A 904 6.97 65.51 53.79
CA SER A 904 8.26 64.91 53.47
C SER A 904 8.09 63.45 53.07
N ALA A 905 7.20 62.72 53.75
CA ALA A 905 6.97 61.33 53.41
C ALA A 905 6.39 61.19 52.00
N ILE A 906 5.44 62.05 51.64
CA ILE A 906 4.88 61.97 50.29
C ILE A 906 5.93 62.30 49.24
N GLY A 907 6.76 63.31 49.50
CA GLY A 907 7.84 63.63 48.58
C GLY A 907 8.80 62.47 48.40
N LYS A 908 9.16 61.80 49.50
CA LYS A 908 10.03 60.63 49.41
C LYS A 908 9.35 59.51 48.63
N ILE A 909 8.04 59.36 48.78
CA ILE A 909 7.32 58.34 48.03
C ILE A 909 7.41 58.61 46.53
N GLN A 910 7.20 59.86 46.14
CA GLN A 910 7.31 60.20 44.72
C GLN A 910 8.72 59.94 44.20
N ASP A 911 9.73 60.34 44.97
CA ASP A 911 11.11 60.12 44.55
C ASP A 911 11.43 58.64 44.43
N SER A 912 10.97 57.83 45.38
CA SER A 912 11.22 56.39 45.36
C SER A 912 10.54 55.73 44.16
N LEU A 913 9.30 56.13 43.88
CA LEU A 913 8.62 55.58 42.71
C LEU A 913 9.31 55.99 41.41
N SER A 914 9.90 57.19 41.38
CA SER A 914 10.60 57.64 40.19
C SER A 914 11.96 56.95 40.02
N SER A 915 12.63 56.61 41.11
CA SER A 915 14.01 56.12 41.02
C SER A 915 14.06 54.65 40.63
N THR A 916 13.51 53.78 41.47
CA THR A 916 13.58 52.35 41.21
C THR A 916 12.76 52.00 39.97
N ALA A 917 13.29 51.09 39.16
CA ALA A 917 12.64 50.69 37.91
C ALA A 917 11.87 49.38 38.02
N SER A 918 11.79 48.79 39.21
CA SER A 918 11.11 47.50 39.39
C SER A 918 10.05 47.57 40.49
N ALA A 919 9.59 48.76 40.84
CA ALA A 919 8.57 48.88 41.88
C ALA A 919 7.21 48.36 41.39
N LEU A 920 6.84 48.70 40.15
CA LEU A 920 5.58 48.25 39.58
C LEU A 920 5.79 46.94 38.84
N GLY A 921 6.03 45.88 39.62
CA GLY A 921 6.33 44.59 39.07
C GLY A 921 5.12 43.76 38.70
N LYS A 922 4.03 43.89 39.47
CA LYS A 922 2.88 43.01 39.28
C LYS A 922 2.14 43.33 37.99
N LEU A 923 1.91 44.60 37.72
CA LEU A 923 1.22 44.99 36.48
C LEU A 923 2.04 44.58 35.26
N GLN A 924 3.36 44.79 35.31
CA GLN A 924 4.22 44.36 34.22
C GLN A 924 4.20 42.85 34.07
N ASN A 925 4.14 42.12 35.18
CA ASN A 925 4.04 40.67 35.10
C ASN A 925 2.76 40.25 34.38
N VAL A 926 1.64 40.88 34.70
CA VAL A 926 0.38 40.54 34.06
C VAL A 926 0.45 40.82 32.56
N VAL A 927 0.96 42.00 32.20
CA VAL A 927 1.03 42.38 30.79
C VAL A 927 1.94 41.42 30.02
N ASN A 928 3.10 41.10 30.60
CA ASN A 928 4.04 40.22 29.94
C ASN A 928 3.47 38.82 29.78
N GLN A 929 2.76 38.33 30.80
CA GLN A 929 2.16 37.00 30.71
C GLN A 929 1.14 36.93 29.59
N ASN A 930 0.27 37.94 29.49
CA ASN A 930 -0.72 37.95 28.42
C ASN A 930 -0.04 38.02 27.04
N ALA A 931 0.96 38.88 26.90
CA ALA A 931 1.65 39.00 25.62
C ALA A 931 2.35 37.70 25.24
N GLN A 932 2.99 37.04 26.22
CA GLN A 932 3.67 35.79 25.94
C GLN A 932 2.69 34.70 25.53
N ALA A 933 1.52 34.65 26.18
CA ALA A 933 0.52 33.67 25.79
C ALA A 933 0.06 33.89 24.35
N LEU A 934 -0.22 35.15 24.00
CA LEU A 934 -0.65 35.44 22.63
C LEU A 934 0.44 35.09 21.62
N ASN A 935 1.68 35.44 21.93
CA ASN A 935 2.79 35.14 21.01
C ASN A 935 2.97 33.64 20.85
N THR A 936 2.85 32.88 21.94
CA THR A 936 2.97 31.43 21.85
C THR A 936 1.86 30.85 20.98
N LEU A 937 0.64 31.36 21.13
CA LEU A 937 -0.46 30.90 20.28
C LEU A 937 -0.16 31.17 18.81
N VAL A 938 0.29 32.38 18.50
CA VAL A 938 0.56 32.75 17.11
C VAL A 938 1.68 31.89 16.54
N LYS A 939 2.75 31.65 17.32
CA LYS A 939 3.81 30.78 16.86
C LYS A 939 3.32 29.36 16.64
N GLN A 940 2.47 28.86 17.54
CA GLN A 940 1.90 27.53 17.39
C GLN A 940 1.01 27.42 16.15
N LEU A 941 0.49 28.55 15.66
CA LEU A 941 -0.32 28.51 14.45
C LEU A 941 0.47 27.95 13.26
N SER A 942 1.75 28.31 13.16
CA SER A 942 2.59 27.89 12.03
C SER A 942 3.43 26.69 12.44
N SER A 943 2.80 25.51 12.46
CA SER A 943 3.49 24.27 12.75
C SER A 943 2.86 23.14 11.94
N ASN A 944 3.68 22.15 11.61
CA ASN A 944 3.23 21.06 10.74
C ASN A 944 2.35 20.06 11.48
N PHE A 945 2.61 19.83 12.77
CA PHE A 945 1.90 18.83 13.55
C PHE A 945 1.99 17.45 12.90
N GLY A 946 3.15 17.17 12.28
CA GLY A 946 3.38 15.91 11.61
C GLY A 946 2.88 15.82 10.18
N ALA A 947 2.30 16.89 9.65
CA ALA A 947 1.81 16.90 8.28
C ALA A 947 2.93 17.30 7.33
N ILE A 948 2.60 17.39 6.04
CA ILE A 948 3.61 17.73 5.04
C ILE A 948 4.08 19.17 5.20
N SER A 949 3.13 20.10 5.37
CA SER A 949 3.49 21.50 5.52
C SER A 949 2.52 22.16 6.50
N SER A 950 2.99 23.26 7.11
CA SER A 950 2.17 23.98 8.07
C SER A 950 0.96 24.63 7.41
N VAL A 951 1.20 25.37 6.31
CA VAL A 951 0.11 26.04 5.61
C VAL A 951 -0.76 25.00 4.92
N LEU A 952 -2.08 25.16 5.05
CA LEU A 952 -3.02 24.22 4.47
C LEU A 952 -3.35 24.52 3.02
N ASN A 953 -2.96 25.68 2.50
CA ASN A 953 -3.17 25.98 1.09
C ASN A 953 -2.38 25.00 0.22
N ASP A 954 -1.12 24.76 0.57
CA ASP A 954 -0.34 23.77 -0.16
C ASP A 954 -0.94 22.37 0.00
N ILE A 955 -1.42 22.05 1.20
CA ILE A 955 -2.01 20.74 1.44
C ILE A 955 -3.21 20.52 0.53
N LEU A 956 -4.07 21.54 0.40
CA LEU A 956 -5.24 21.40 -0.46
C LEU A 956 -4.88 21.47 -1.94
N SER A 957 -3.78 22.15 -2.30
CA SER A 957 -3.44 22.28 -3.72
C SER A 957 -2.71 21.04 -4.23
N ARG A 958 -1.53 20.75 -3.69
CA ARG A 958 -0.69 19.67 -4.21
C ARG A 958 -0.92 18.35 -3.48
N LEU A 959 -2.18 17.90 -3.43
CA LEU A 959 -2.49 16.60 -2.85
C LEU A 959 -3.90 16.20 -3.27
N ASP A 960 -4.13 14.89 -3.34
CA ASP A 960 -5.44 14.37 -3.68
C ASP A 960 -6.42 14.62 -2.54
N PRO A 961 -7.71 14.67 -2.84
CA PRO A 961 -8.71 15.04 -1.82
C PRO A 961 -8.65 14.17 -0.57
N PRO A 962 -8.45 12.83 -0.67
CA PRO A 962 -8.41 12.03 0.56
C PRO A 962 -7.24 12.35 1.48
N GLU A 963 -6.03 12.32 0.93
CA GLU A 963 -4.85 12.61 1.75
C GLU A 963 -4.83 14.06 2.21
N ALA A 964 -5.24 14.99 1.35
CA ALA A 964 -5.37 16.37 1.78
C ALA A 964 -6.37 16.50 2.92
N GLU A 965 -7.47 15.76 2.85
CA GLU A 965 -8.46 15.76 3.91
C GLU A 965 -7.88 15.27 5.22
N VAL A 966 -7.13 14.17 5.18
CA VAL A 966 -6.60 13.62 6.44
C VAL A 966 -5.53 14.54 7.02
N GLN A 967 -4.70 15.15 6.16
CA GLN A 967 -3.71 16.10 6.66
C GLN A 967 -4.39 17.34 7.26
N ILE A 968 -5.44 17.82 6.62
CA ILE A 968 -6.20 18.95 7.15
C ILE A 968 -6.82 18.59 8.49
N ASP A 969 -7.30 17.35 8.62
CA ASP A 969 -7.86 16.91 9.90
C ASP A 969 -6.80 16.91 10.99
N ARG A 970 -5.60 16.43 10.68
CA ARG A 970 -4.54 16.43 11.67
C ARG A 970 -4.15 17.85 12.08
N LEU A 971 -4.04 18.76 11.10
CA LEU A 971 -3.74 20.15 11.41
C LEU A 971 -4.84 20.77 12.26
N ILE A 972 -6.10 20.44 11.96
CA ILE A 972 -7.22 20.94 12.74
C ILE A 972 -7.12 20.47 14.18
N THR A 973 -6.80 19.19 14.38
CA THR A 973 -6.65 18.68 15.74
C THR A 973 -5.54 19.41 16.49
N GLY A 974 -4.39 19.62 15.83
CA GLY A 974 -3.31 20.32 16.50
C GLY A 974 -3.68 21.74 16.90
N ARG A 975 -4.30 22.48 15.98
CA ARG A 975 -4.66 23.86 16.28
C ARG A 975 -5.76 23.93 17.33
N LEU A 976 -6.69 22.97 17.32
CA LEU A 976 -7.73 22.92 18.34
C LEU A 976 -7.13 22.68 19.71
N GLN A 977 -6.14 21.77 19.79
CA GLN A 977 -5.49 21.52 21.07
C GLN A 977 -4.77 22.78 21.56
N SER A 978 -4.09 23.49 20.65
CA SER A 978 -3.42 24.73 21.05
C SER A 978 -4.41 25.75 21.58
N LEU A 979 -5.55 25.92 20.90
CA LEU A 979 -6.56 26.88 21.34
C LEU A 979 -7.13 26.48 22.69
N GLN A 980 -7.38 25.18 22.90
CA GLN A 980 -7.91 24.73 24.18
C GLN A 980 -6.94 25.01 25.31
N THR A 981 -5.65 24.74 25.10
CA THR A 981 -4.66 25.04 26.13
C THR A 981 -4.62 26.52 26.45
N TYR A 982 -4.66 27.36 25.41
CA TYR A 982 -4.66 28.80 25.64
C TYR A 982 -5.88 29.25 26.45
N VAL A 983 -7.05 28.72 26.12
CA VAL A 983 -8.27 29.10 26.83
C VAL A 983 -8.20 28.67 28.29
N THR A 984 -7.71 27.45 28.55
CA THR A 984 -7.60 26.98 29.93
C THR A 984 -6.65 27.86 30.75
N GLN A 985 -5.49 28.19 30.17
CA GLN A 985 -4.55 29.05 30.87
C GLN A 985 -5.15 30.42 31.14
N GLN A 986 -5.88 30.97 30.17
CA GLN A 986 -6.52 32.26 30.37
C GLN A 986 -7.55 32.19 31.49
N LEU A 987 -8.31 31.09 31.57
CA LEU A 987 -9.29 30.96 32.64
C LEU A 987 -8.63 30.94 34.01
N ILE A 988 -7.53 30.19 34.16
CA ILE A 988 -6.84 30.15 35.44
C ILE A 988 -6.28 31.52 35.80
N ARG A 989 -5.65 32.20 34.83
CA ARG A 989 -5.11 33.52 35.08
C ARG A 989 -6.20 34.52 35.45
N ALA A 990 -7.37 34.41 34.82
CA ALA A 990 -8.47 35.29 35.15
C ALA A 990 -8.98 35.05 36.56
N ALA A 991 -9.00 33.78 36.99
CA ALA A 991 -9.37 33.50 38.38
C ALA A 991 -8.41 34.17 39.35
N GLU A 992 -7.11 34.07 39.07
CA GLU A 992 -6.11 34.72 39.92
C GLU A 992 -6.32 36.24 39.96
N ILE A 993 -6.56 36.84 38.80
CA ILE A 993 -6.77 38.28 38.73
C ILE A 993 -8.03 38.68 39.48
N ARG A 994 -9.07 37.86 39.41
CA ARG A 994 -10.30 38.16 40.14
C ARG A 994 -10.07 38.12 41.64
N ALA A 995 -9.27 37.17 42.12
CA ALA A 995 -8.92 37.16 43.53
C ALA A 995 -8.19 38.44 43.92
N SER A 996 -7.24 38.86 43.10
CA SER A 996 -6.50 40.10 43.39
C SER A 996 -7.44 41.32 43.38
N ALA A 997 -8.38 41.36 42.44
CA ALA A 997 -9.31 42.48 42.36
C ALA A 997 -10.25 42.51 43.56
N ASN A 998 -10.68 41.34 44.05
CA ASN A 998 -11.48 41.30 45.26
C ASN A 998 -10.70 41.82 46.45
N LEU A 999 -9.41 41.45 46.56
CA LEU A 999 -8.59 42.00 47.62
C LEU A 999 -8.46 43.51 47.52
N ALA A 1000 -8.27 44.03 46.30
CA ALA A 1000 -8.17 45.47 46.11
C ALA A 1000 -9.45 46.19 46.50
N ALA A 1001 -10.60 45.62 46.14
CA ALA A 1001 -11.88 46.22 46.53
C ALA A 1001 -12.05 46.23 48.04
N THR A 1002 -11.66 45.14 48.70
CA THR A 1002 -11.74 45.11 50.16
C THR A 1002 -10.83 46.17 50.79
N LYS A 1003 -9.62 46.32 50.27
CA LYS A 1003 -8.71 47.33 50.81
C LYS A 1003 -9.25 48.74 50.58
N MET A 1004 -9.86 48.99 49.43
CA MET A 1004 -10.48 50.29 49.19
C MET A 1004 -11.61 50.55 50.17
N SER A 1005 -12.45 49.54 50.41
CA SER A 1005 -13.58 49.72 51.32
C SER A 1005 -13.12 49.97 52.74
N GLU A 1006 -12.09 49.26 53.20
CA GLU A 1006 -11.72 49.27 54.61
C GLU A 1006 -10.62 50.27 54.95
N CYS A 1007 -9.65 50.48 54.06
CA CYS A 1007 -8.57 51.41 54.35
C CYS A 1007 -8.87 52.83 53.89
N VAL A 1008 -9.54 52.99 52.75
CA VAL A 1008 -9.77 54.32 52.19
C VAL A 1008 -11.05 54.94 52.73
N LEU A 1009 -12.12 54.16 52.84
CA LEU A 1009 -13.39 54.67 53.32
C LEU A 1009 -13.52 54.61 54.83
N GLY A 1010 -12.48 54.18 55.54
CA GLY A 1010 -12.52 54.13 56.98
C GLY A 1010 -11.14 53.92 57.55
N GLN A 1011 -11.09 53.66 58.85
CA GLN A 1011 -9.85 53.38 59.55
C GLN A 1011 -9.88 51.94 60.05
N SER A 1012 -8.86 51.17 59.73
CA SER A 1012 -8.85 49.74 59.99
C SER A 1012 -7.98 49.42 61.19
N LYS A 1013 -8.50 48.58 62.09
CA LYS A 1013 -7.73 48.08 63.22
C LYS A 1013 -7.08 46.74 62.93
N ARG A 1014 -7.23 46.21 61.71
CA ARG A 1014 -6.59 44.95 61.36
C ARG A 1014 -5.10 45.17 61.18
N VAL A 1015 -4.30 44.30 61.81
CA VAL A 1015 -2.85 44.48 61.83
C VAL A 1015 -2.27 44.11 60.48
N ASP A 1016 -1.30 44.90 60.03
CA ASP A 1016 -0.53 44.69 58.79
C ASP A 1016 -1.41 44.66 57.55
N PHE A 1017 -2.68 45.06 57.66
CA PHE A 1017 -3.55 45.07 56.50
C PHE A 1017 -3.33 46.33 55.66
N CYS A 1018 -3.60 47.49 56.25
CA CYS A 1018 -3.45 48.77 55.55
C CYS A 1018 -2.15 49.45 55.95
N GLY A 1019 -1.03 48.81 55.58
CA GLY A 1019 0.28 49.42 55.74
C GLY A 1019 1.17 48.60 56.66
N LYS A 1020 2.01 49.31 57.42
CA LYS A 1020 2.95 48.69 58.36
C LYS A 1020 3.09 49.64 59.55
N GLY A 1021 2.33 49.36 60.61
CA GLY A 1021 2.26 50.24 61.75
C GLY A 1021 0.82 50.41 62.20
N TYR A 1022 0.50 51.56 62.77
CA TYR A 1022 -0.87 51.87 63.16
C TYR A 1022 -1.50 52.72 62.06
N HIS A 1023 -2.58 52.22 61.48
CA HIS A 1023 -3.18 52.87 60.32
C HIS A 1023 -3.81 54.20 60.68
N LEU A 1024 -3.58 55.20 59.85
CA LEU A 1024 -4.24 56.49 59.96
C LEU A 1024 -5.18 56.76 58.79
N MET A 1025 -4.66 56.69 57.56
CA MET A 1025 -5.48 56.90 56.38
C MET A 1025 -4.76 56.35 55.17
N SER A 1026 -5.49 56.20 54.07
CA SER A 1026 -4.94 55.74 52.81
C SER A 1026 -5.50 56.57 51.67
N PHE A 1027 -4.72 56.68 50.59
CA PHE A 1027 -5.10 57.46 49.43
C PHE A 1027 -4.99 56.59 48.19
N PRO A 1028 -6.05 56.43 47.41
CA PRO A 1028 -5.95 55.61 46.19
C PRO A 1028 -5.33 56.39 45.05
N GLN A 1029 -4.60 55.66 44.21
CA GLN A 1029 -4.03 56.21 42.99
C GLN A 1029 -4.22 55.21 41.86
N SER A 1030 -4.56 55.72 40.69
CA SER A 1030 -4.81 54.84 39.56
C SER A 1030 -3.50 54.38 38.92
N ALA A 1031 -3.58 53.30 38.17
CA ALA A 1031 -2.44 52.74 37.46
C ALA A 1031 -2.97 51.91 36.30
N PRO A 1032 -2.15 51.65 35.27
CA PRO A 1032 -2.61 50.83 34.16
C PRO A 1032 -2.94 49.41 34.58
N HIS A 1033 -4.23 49.05 34.51
CA HIS A 1033 -4.71 47.73 34.90
C HIS A 1033 -4.36 47.41 36.35
N GLY A 1034 -4.56 48.38 37.23
CA GLY A 1034 -4.24 48.17 38.63
C GLY A 1034 -4.57 49.42 39.44
N VAL A 1035 -4.28 49.33 40.73
CA VAL A 1035 -4.52 50.43 41.67
C VAL A 1035 -3.35 50.48 42.65
N VAL A 1036 -3.06 51.68 43.14
CA VAL A 1036 -1.96 51.92 44.05
C VAL A 1036 -2.49 52.68 45.26
N PHE A 1037 -2.21 52.17 46.46
CA PHE A 1037 -2.60 52.81 47.70
C PHE A 1037 -1.38 53.42 48.37
N LEU A 1038 -1.60 54.49 49.13
CA LEU A 1038 -0.55 55.15 49.90
C LEU A 1038 -0.96 55.11 51.36
N HIS A 1039 -0.56 54.05 52.05
CA HIS A 1039 -1.00 53.81 53.43
C HIS A 1039 -0.21 54.70 54.38
N VAL A 1040 -0.88 55.70 54.95
CA VAL A 1040 -0.28 56.56 55.97
C VAL A 1040 -0.39 55.85 57.31
N THR A 1041 0.74 55.67 57.99
CA THR A 1041 0.79 54.92 59.23
C THR A 1041 1.58 55.68 60.28
N TYR A 1042 1.27 55.38 61.53
CA TYR A 1042 1.90 55.98 62.70
C TYR A 1042 2.83 54.94 63.32
N VAL A 1043 4.12 55.23 63.38
CA VAL A 1043 5.11 54.32 63.93
C VAL A 1043 5.77 55.00 65.13
N PRO A 1044 5.82 54.36 66.29
CA PRO A 1044 6.50 54.97 67.44
C PRO A 1044 8.01 54.92 67.28
N ALA A 1045 8.68 55.83 68.00
CA ALA A 1045 10.13 55.92 67.94
C ALA A 1045 10.64 56.55 69.23
N GLN A 1046 11.94 56.36 69.46
CA GLN A 1046 12.65 56.95 70.59
C GLN A 1046 12.03 56.53 71.93
N GLU A 1047 12.12 55.23 72.19
CA GLU A 1047 11.59 54.69 73.43
C GLU A 1047 12.50 55.03 74.60
N LYS A 1048 11.99 54.81 75.81
CA LYS A 1048 12.74 55.07 77.04
C LYS A 1048 12.35 54.04 78.09
N ASN A 1049 13.34 53.53 78.81
CA ASN A 1049 13.09 52.54 79.84
C ASN A 1049 12.39 53.18 81.05
N PHE A 1050 11.57 52.39 81.72
CA PHE A 1050 10.85 52.84 82.90
C PHE A 1050 10.66 51.65 83.84
N THR A 1051 10.12 51.94 85.02
CA THR A 1051 9.76 50.92 85.99
C THR A 1051 8.25 50.97 86.21
N THR A 1052 7.60 49.81 86.07
CA THR A 1052 6.15 49.73 86.10
C THR A 1052 5.68 49.10 87.41
N ALA A 1053 4.37 49.11 87.61
CA ALA A 1053 3.74 48.53 88.78
C ALA A 1053 2.29 48.19 88.46
N PRO A 1054 1.83 46.98 88.78
CA PRO A 1054 0.43 46.63 88.48
C PRO A 1054 -0.59 47.54 89.15
N ALA A 1055 -0.34 47.95 90.39
CA ALA A 1055 -1.30 48.76 91.13
C ALA A 1055 -0.54 49.58 92.16
N ILE A 1056 -1.28 50.31 92.99
CA ILE A 1056 -0.71 51.15 94.03
C ILE A 1056 -1.55 51.00 95.29
N CYS A 1057 -0.89 50.83 96.43
CA CYS A 1057 -1.55 50.70 97.72
C CYS A 1057 -1.49 52.04 98.43
N HIS A 1058 -2.64 52.73 98.50
CA HIS A 1058 -2.69 54.07 99.07
C HIS A 1058 -3.11 54.04 100.54
N ASP A 1059 -4.32 53.55 100.81
CA ASP A 1059 -4.89 53.52 102.15
C ASP A 1059 -5.41 52.12 102.45
N GLY A 1060 -4.60 51.11 102.17
CA GLY A 1060 -5.04 49.74 102.31
C GLY A 1060 -5.91 49.24 101.18
N LYS A 1061 -6.11 50.04 100.14
CA LYS A 1061 -6.90 49.67 98.98
C LYS A 1061 -6.06 49.84 97.73
N ALA A 1062 -6.24 48.93 96.78
CA ALA A 1062 -5.47 48.96 95.55
C ALA A 1062 -6.04 49.97 94.57
N HIS A 1063 -5.16 50.57 93.77
CA HIS A 1063 -5.53 51.56 92.77
C HIS A 1063 -5.03 51.11 91.41
N PHE A 1064 -5.94 50.96 90.45
CA PHE A 1064 -5.59 50.60 89.09
C PHE A 1064 -5.87 51.76 88.15
N PRO A 1065 -5.09 51.90 87.08
CA PRO A 1065 -5.32 53.03 86.15
C PRO A 1065 -6.59 52.83 85.35
N ARG A 1066 -7.35 53.93 85.19
CA ARG A 1066 -8.53 53.88 84.34
C ARG A 1066 -8.14 53.62 82.89
N GLU A 1067 -7.13 54.33 82.40
CA GLU A 1067 -6.53 54.06 81.10
C GLU A 1067 -5.10 54.57 81.13
N GLY A 1068 -4.17 53.72 80.74
CA GLY A 1068 -2.77 54.07 80.81
C GLY A 1068 -2.00 53.04 81.60
N VAL A 1069 -0.88 53.49 82.17
CA VAL A 1069 0.05 52.61 82.86
C VAL A 1069 0.85 53.42 83.86
N PHE A 1070 1.18 52.81 85.00
CA PHE A 1070 2.05 53.43 85.99
C PHE A 1070 3.49 53.32 85.53
N VAL A 1071 4.25 54.42 85.65
CA VAL A 1071 5.67 54.44 85.35
C VAL A 1071 6.39 55.17 86.48
N SER A 1072 7.72 55.20 86.40
CA SER A 1072 8.54 55.81 87.43
C SER A 1072 9.73 56.53 86.82
N ASN A 1073 9.87 57.81 87.17
CA ASN A 1073 11.10 58.55 86.85
C ASN A 1073 12.32 57.83 87.39
N GLY A 1074 12.17 57.14 88.52
CA GLY A 1074 13.26 56.58 89.28
C GLY A 1074 13.03 56.81 90.76
N THR A 1075 12.32 57.88 91.08
CA THR A 1075 11.96 58.23 92.45
C THR A 1075 10.45 58.40 92.66
N HIS A 1076 9.76 58.99 91.69
CA HIS A 1076 8.33 59.26 91.79
C HIS A 1076 7.55 58.28 90.92
N TRP A 1077 6.24 58.47 90.87
CA TRP A 1077 5.35 57.65 90.06
C TRP A 1077 4.38 58.54 89.30
N PHE A 1078 4.04 58.11 88.08
CA PHE A 1078 3.14 58.86 87.22
C PHE A 1078 2.19 57.90 86.52
N VAL A 1079 1.21 58.46 85.83
CA VAL A 1079 0.29 57.72 84.97
C VAL A 1079 0.44 58.29 83.57
N THR A 1080 0.71 57.42 82.61
CA THR A 1080 0.99 57.85 81.24
C THR A 1080 0.25 56.95 80.26
N GLN A 1081 0.08 57.46 79.05
CA GLN A 1081 -0.52 56.66 77.99
C GLN A 1081 0.39 55.49 77.64
N ARG A 1082 -0.21 54.42 77.14
CA ARG A 1082 0.56 53.24 76.77
C ARG A 1082 1.34 53.43 75.48
N ASN A 1083 1.01 54.43 74.67
CA ASN A 1083 1.64 54.64 73.38
C ASN A 1083 2.51 55.89 73.31
N PHE A 1084 2.17 56.94 74.05
CA PHE A 1084 2.94 58.16 74.07
C PHE A 1084 3.27 58.51 75.51
N TYR A 1085 4.45 59.09 75.72
CA TYR A 1085 4.92 59.38 77.07
C TYR A 1085 4.55 60.82 77.42
N GLU A 1086 3.45 60.98 78.14
CA GLU A 1086 3.10 62.25 78.78
C GLU A 1086 2.74 61.96 80.23
N PRO A 1087 3.73 61.90 81.11
CA PRO A 1087 3.46 61.56 82.51
C PRO A 1087 2.64 62.65 83.18
N GLN A 1088 1.79 62.22 84.12
CA GLN A 1088 1.00 63.14 84.92
C GLN A 1088 0.83 62.54 86.31
N ILE A 1089 0.55 63.42 87.28
CA ILE A 1089 0.49 62.99 88.67
C ILE A 1089 -0.70 62.07 88.89
N ILE A 1090 -0.50 61.07 89.75
CA ILE A 1090 -1.56 60.11 90.06
C ILE A 1090 -2.63 60.81 90.88
N THR A 1091 -3.89 60.64 90.47
CA THR A 1091 -5.00 61.33 91.11
C THR A 1091 -6.17 60.36 91.18
N THR A 1092 -7.22 60.76 91.91
CA THR A 1092 -8.37 59.89 92.08
C THR A 1092 -9.17 59.72 90.79
N ASP A 1093 -9.16 60.73 89.92
CA ASP A 1093 -10.01 60.69 88.73
C ASP A 1093 -9.49 59.75 87.67
N ASN A 1094 -8.17 59.59 87.55
CA ASN A 1094 -7.59 58.71 86.54
C ASN A 1094 -7.19 57.35 87.09
N THR A 1095 -7.74 56.97 88.25
CA THR A 1095 -7.55 55.65 88.82
C THR A 1095 -8.89 55.16 89.35
N PHE A 1096 -9.03 53.84 89.46
CA PHE A 1096 -10.22 53.24 90.05
C PHE A 1096 -9.80 52.20 91.08
N VAL A 1097 -10.60 52.10 92.14
CA VAL A 1097 -10.27 51.30 93.31
C VAL A 1097 -11.06 50.00 93.29
N SER A 1098 -10.38 48.90 93.57
CA SER A 1098 -11.04 47.59 93.63
C SER A 1098 -10.22 46.67 94.50
N GLY A 1099 -10.79 46.23 95.62
CA GLY A 1099 -10.12 45.28 96.50
C GLY A 1099 -9.12 45.94 97.43
N ASN A 1100 -8.54 45.11 98.27
CA ASN A 1100 -7.52 45.53 99.24
C ASN A 1100 -6.14 45.16 98.71
N CYS A 1101 -5.12 45.33 99.55
CA CYS A 1101 -3.72 45.24 99.12
C CYS A 1101 -3.12 43.87 99.42
N ASP A 1102 -3.91 42.80 99.29
CA ASP A 1102 -3.43 41.46 99.64
C ASP A 1102 -3.35 40.49 98.48
N VAL A 1103 -4.05 40.72 97.38
CA VAL A 1103 -4.15 39.73 96.32
C VAL A 1103 -3.31 40.08 95.09
N VAL A 1104 -2.96 41.35 94.89
CA VAL A 1104 -2.18 41.74 93.73
C VAL A 1104 -0.71 41.40 93.96
N ILE A 1105 -0.10 40.75 92.98
CA ILE A 1105 1.28 40.28 93.09
C ILE A 1105 2.16 41.32 92.39
N GLY A 1106 2.66 42.27 93.16
CA GLY A 1106 3.53 43.30 92.61
C GLY A 1106 3.08 44.71 92.95
N ILE A 1107 2.16 44.83 93.92
CA ILE A 1107 1.66 46.13 94.30
C ILE A 1107 2.78 46.96 94.92
N VAL A 1108 2.69 48.28 94.76
CA VAL A 1108 3.72 49.22 95.21
C VAL A 1108 3.10 50.24 96.14
N ASN A 1109 3.70 50.44 97.30
CA ASN A 1109 3.25 51.46 98.23
C ASN A 1109 3.51 52.85 97.65
N ASN A 1110 2.48 53.69 97.63
CA ASN A 1110 2.61 55.07 97.18
C ASN A 1110 1.39 55.84 97.64
N THR A 1111 1.37 57.13 97.32
CA THR A 1111 0.29 58.02 97.72
C THR A 1111 -0.37 58.60 96.48
N VAL A 1112 -1.70 58.68 96.51
CA VAL A 1112 -2.48 59.28 95.44
C VAL A 1112 -3.08 60.59 95.94
N TYR A 1113 -3.29 61.52 95.02
CA TYR A 1113 -3.83 62.83 95.32
C TYR A 1113 -5.32 62.87 94.98
N ASP A 1114 -6.04 63.76 95.64
CA ASP A 1114 -7.46 63.93 95.36
C ASP A 1114 -7.76 65.40 95.10
N PRO A 1115 -8.57 65.70 94.07
CA PRO A 1115 -8.89 67.10 93.77
C PRO A 1115 -9.61 67.81 94.90
N LEU A 1116 -10.44 67.10 95.66
CA LEU A 1116 -11.24 67.73 96.72
C LEU A 1116 -10.35 67.93 97.93
N GLN A 1117 -9.70 69.09 97.98
CA GLN A 1117 -8.89 69.49 99.12
C GLN A 1117 -8.66 71.00 99.09
N PRO A 1118 -9.69 71.82 99.33
CA PRO A 1118 -9.56 73.27 99.28
C PRO A 1118 -9.13 73.87 100.61
N GLU B 1 16.99 -64.83 -26.53
CA GLU B 1 17.74 -63.84 -27.29
C GLU B 1 16.84 -62.68 -27.70
N VAL B 2 17.45 -61.54 -28.02
CA VAL B 2 16.71 -60.37 -28.46
C VAL B 2 17.13 -60.03 -29.88
N GLN B 3 16.22 -59.39 -30.61
CA GLN B 3 16.49 -58.85 -31.93
C GLN B 3 16.12 -57.39 -31.93
N LEU B 4 17.08 -56.52 -32.26
CA LEU B 4 16.89 -55.08 -32.21
C LEU B 4 16.74 -54.53 -33.62
N GLN B 5 15.69 -53.73 -33.83
CA GLN B 5 15.41 -53.12 -35.13
C GLN B 5 15.49 -51.61 -34.98
N GLN B 6 16.20 -50.96 -35.90
CA GLN B 6 16.44 -49.52 -35.82
C GLN B 6 15.83 -48.80 -37.01
N TRP B 7 15.32 -47.60 -36.76
CA TRP B 7 14.82 -46.73 -37.82
C TRP B 7 14.92 -45.29 -37.34
N GLY B 8 15.23 -44.40 -38.28
CA GLY B 8 15.35 -42.99 -37.95
C GLY B 8 15.77 -42.21 -39.17
N ALA B 9 15.86 -40.90 -38.99
CA ALA B 9 16.21 -39.99 -40.08
C ALA B 9 17.70 -40.10 -40.36
N GLY B 10 18.04 -40.52 -41.58
CA GLY B 10 19.43 -40.68 -41.96
C GLY B 10 20.10 -39.37 -42.33
N LEU B 11 19.57 -38.70 -43.35
CA LEU B 11 20.15 -37.44 -43.80
C LEU B 11 19.63 -36.29 -42.94
N LEU B 12 20.55 -35.42 -42.52
CA LEU B 12 20.21 -34.30 -41.66
C LEU B 12 20.91 -33.05 -42.14
N LYS B 13 20.53 -31.91 -41.58
CA LYS B 13 21.13 -30.63 -41.88
C LYS B 13 21.52 -29.94 -40.58
N PRO B 14 22.52 -29.07 -40.61
CA PRO B 14 23.03 -28.48 -39.36
C PRO B 14 21.95 -27.74 -38.59
N SER B 15 22.06 -27.79 -37.26
CA SER B 15 21.17 -27.16 -36.29
C SER B 15 19.80 -27.82 -36.22
N GLU B 16 19.63 -29.01 -36.79
CA GLU B 16 18.40 -29.76 -36.62
C GLU B 16 18.53 -30.67 -35.40
N THR B 17 17.57 -31.57 -35.21
CA THR B 17 17.55 -32.48 -34.09
C THR B 17 17.51 -33.92 -34.59
N LEU B 18 18.56 -34.67 -34.29
CA LEU B 18 18.60 -36.09 -34.64
C LEU B 18 17.60 -36.86 -33.80
N SER B 19 16.88 -37.78 -34.44
CA SER B 19 15.86 -38.58 -33.76
C SER B 19 15.93 -40.00 -34.29
N LEU B 20 16.32 -40.94 -33.42
CA LEU B 20 16.43 -42.34 -33.78
C LEU B 20 15.57 -43.17 -32.82
N THR B 21 15.16 -44.34 -33.28
CA THR B 21 14.33 -45.24 -32.48
C THR B 21 14.83 -46.67 -32.65
N CYS B 22 14.70 -47.46 -31.59
CA CYS B 22 15.09 -48.86 -31.60
C CYS B 22 13.98 -49.68 -30.97
N ALA B 23 13.69 -50.84 -31.55
CA ALA B 23 12.61 -51.71 -31.10
C ALA B 23 13.19 -53.02 -30.59
N VAL B 24 12.66 -53.49 -29.47
CA VAL B 24 13.16 -54.68 -28.80
C VAL B 24 12.20 -55.83 -29.05
N TYR B 25 12.74 -56.96 -29.49
CA TYR B 25 11.96 -58.15 -29.77
C TYR B 25 12.58 -59.35 -29.06
N GLY B 26 11.87 -60.47 -29.11
CA GLY B 26 12.38 -61.71 -28.56
C GLY B 26 12.17 -61.88 -27.07
N GLU B 27 12.98 -61.21 -26.26
CA GLU B 27 12.94 -61.36 -24.82
C GLU B 27 12.30 -60.12 -24.20
N SER B 28 12.11 -60.14 -22.89
CA SER B 28 11.39 -59.07 -22.21
C SER B 28 12.15 -57.75 -22.32
N PHE B 29 11.38 -56.66 -22.33
CA PHE B 29 11.91 -55.31 -22.40
C PHE B 29 12.17 -54.73 -21.02
N SER B 30 11.21 -54.83 -20.11
CA SER B 30 11.39 -54.34 -18.76
C SER B 30 12.43 -55.18 -18.01
N GLY B 31 13.15 -54.53 -17.11
CA GLY B 31 14.15 -55.20 -16.30
C GLY B 31 15.57 -55.10 -16.79
N TYR B 32 15.86 -54.24 -17.76
CA TYR B 32 17.22 -54.05 -18.26
C TYR B 32 17.45 -52.58 -18.56
N TYR B 33 18.67 -52.26 -18.96
CA TYR B 33 19.05 -50.95 -19.43
C TYR B 33 19.38 -51.04 -20.92
N TRP B 34 18.96 -50.05 -21.69
CA TRP B 34 19.16 -50.03 -23.12
C TRP B 34 20.05 -48.85 -23.50
N SER B 35 21.08 -49.12 -24.28
CA SER B 35 22.15 -48.18 -24.53
C SER B 35 22.13 -47.68 -25.97
N TRP B 36 22.74 -46.51 -26.16
CA TRP B 36 23.02 -45.96 -27.48
C TRP B 36 24.52 -45.76 -27.61
N ILE B 37 25.12 -46.33 -28.64
CA ILE B 37 26.56 -46.28 -28.85
C ILE B 37 26.84 -45.72 -30.23
N ARG B 38 27.74 -44.75 -30.30
CA ARG B 38 28.05 -44.03 -31.53
C ARG B 38 29.46 -44.37 -32.00
N GLN B 39 29.62 -44.63 -33.30
CA GLN B 39 30.91 -44.95 -33.89
C GLN B 39 31.22 -43.93 -34.98
N SER B 40 32.11 -43.00 -34.69
CA SER B 40 32.41 -41.99 -35.69
C SER B 40 33.71 -42.31 -36.41
N PRO B 41 33.82 -42.02 -37.71
CA PRO B 41 35.09 -42.23 -38.41
C PRO B 41 36.19 -41.38 -37.80
N GLY B 42 37.40 -41.93 -37.78
CA GLY B 42 38.52 -41.26 -37.15
C GLY B 42 38.55 -41.51 -35.66
N LYS B 43 37.45 -41.20 -34.97
CA LYS B 43 37.33 -41.50 -33.56
C LYS B 43 36.96 -42.97 -33.36
N GLY B 44 36.77 -43.35 -32.09
CA GLY B 44 36.39 -44.70 -31.75
C GLY B 44 34.94 -44.79 -31.31
N LEU B 45 34.60 -45.95 -30.77
CA LEU B 45 33.27 -46.16 -30.20
C LEU B 45 33.05 -45.21 -29.02
N GLU B 46 31.86 -44.62 -28.96
CA GLU B 46 31.48 -43.73 -27.89
C GLU B 46 30.14 -44.15 -27.31
N TRP B 47 30.04 -44.14 -25.99
CA TRP B 47 28.82 -44.53 -25.29
C TRP B 47 28.02 -43.27 -24.98
N ILE B 48 26.80 -43.19 -25.51
CA ILE B 48 26.00 -41.98 -25.40
C ILE B 48 25.19 -41.96 -24.11
N GLY B 49 24.44 -43.02 -23.82
CA GLY B 49 23.65 -43.05 -22.60
C GLY B 49 22.81 -44.29 -22.50
N GLN B 50 22.02 -44.35 -21.43
CA GLN B 50 21.19 -45.50 -21.09
C GLN B 50 19.81 -45.03 -20.65
N ILE B 51 18.83 -45.91 -20.78
CA ILE B 51 17.49 -45.65 -20.27
C ILE B 51 16.81 -46.99 -20.03
N ASN B 52 15.96 -47.04 -19.01
CA ASN B 52 15.22 -48.23 -18.64
C ASN B 52 13.71 -47.96 -18.77
N HIS B 53 12.91 -48.92 -18.29
CA HIS B 53 11.47 -48.84 -18.47
C HIS B 53 10.83 -47.77 -17.59
N SER B 54 11.51 -47.33 -16.53
CA SER B 54 10.96 -46.33 -15.62
C SER B 54 11.39 -44.92 -15.96
N GLY B 55 12.14 -44.73 -17.04
CA GLY B 55 12.63 -43.42 -17.41
C GLY B 55 13.91 -42.99 -16.75
N ASN B 56 14.54 -43.85 -15.95
CA ASN B 56 15.83 -43.52 -15.38
C ASN B 56 16.90 -43.49 -16.46
N THR B 57 17.69 -42.42 -16.48
CA THR B 57 18.63 -42.18 -17.56
C THR B 57 20.04 -41.96 -17.01
N ASN B 58 21.02 -42.47 -17.74
CA ASN B 58 22.42 -42.14 -17.53
C ASN B 58 22.96 -41.50 -18.80
N TYR B 59 23.73 -40.44 -18.66
CA TYR B 59 24.25 -39.70 -19.80
C TYR B 59 25.76 -39.59 -19.72
N ASN B 60 26.40 -39.68 -20.87
CA ASN B 60 27.83 -39.39 -20.94
C ASN B 60 28.04 -37.91 -20.63
N PRO B 61 28.99 -37.56 -19.76
CA PRO B 61 29.19 -36.14 -19.43
C PRO B 61 29.59 -35.28 -20.63
N SER B 62 30.14 -35.88 -21.69
CA SER B 62 30.45 -35.10 -22.88
C SER B 62 29.17 -34.67 -23.59
N LEU B 63 28.32 -35.62 -23.97
CA LEU B 63 27.06 -35.33 -24.63
C LEU B 63 25.91 -35.33 -23.62
N LYS B 64 25.96 -34.38 -22.69
CA LYS B 64 25.00 -34.32 -21.60
C LYS B 64 23.87 -33.33 -21.84
N SER B 65 24.18 -32.14 -22.35
CA SER B 65 23.18 -31.11 -22.56
C SER B 65 22.45 -31.24 -23.89
N ARG B 66 22.89 -32.13 -24.78
CA ARG B 66 22.25 -32.33 -26.07
C ARG B 66 21.49 -33.65 -26.19
N VAL B 67 21.75 -34.60 -25.30
CA VAL B 67 21.14 -35.92 -25.39
C VAL B 67 19.90 -35.96 -24.52
N THR B 68 18.80 -36.46 -25.09
CA THR B 68 17.55 -36.65 -24.35
C THR B 68 16.93 -37.95 -24.84
N MET B 69 16.64 -38.85 -23.91
CA MET B 69 16.14 -40.18 -24.24
C MET B 69 14.76 -40.39 -23.63
N SER B 70 13.90 -41.08 -24.37
CA SER B 70 12.55 -41.40 -23.94
C SER B 70 12.28 -42.87 -24.19
N VAL B 71 11.36 -43.44 -23.40
CA VAL B 71 11.04 -44.86 -23.46
C VAL B 71 9.53 -45.00 -23.64
N ASP B 72 9.14 -46.07 -24.33
CA ASP B 72 7.74 -46.39 -24.55
C ASP B 72 7.56 -47.86 -24.20
N THR B 73 7.14 -48.12 -22.95
CA THR B 73 7.01 -49.49 -22.48
C THR B 73 5.89 -50.24 -23.20
N SER B 74 4.84 -49.52 -23.60
CA SER B 74 3.69 -50.17 -24.23
C SER B 74 4.08 -50.84 -25.53
N LYS B 75 4.88 -50.17 -26.35
CA LYS B 75 5.27 -50.70 -27.66
C LYS B 75 6.67 -51.31 -27.66
N ASN B 76 7.34 -51.35 -26.50
CA ASN B 76 8.69 -51.89 -26.37
C ASN B 76 9.66 -51.18 -27.31
N GLN B 77 9.80 -49.87 -27.10
CA GLN B 77 10.66 -49.04 -27.93
C GLN B 77 11.29 -47.94 -27.08
N PHE B 78 12.53 -47.60 -27.42
CA PHE B 78 13.23 -46.48 -26.81
C PHE B 78 13.87 -45.64 -27.91
N SER B 79 14.06 -44.36 -27.63
CA SER B 79 14.45 -43.40 -28.67
C SER B 79 15.53 -42.46 -28.15
N LEU B 80 16.24 -41.86 -29.10
CA LEU B 80 17.30 -40.90 -28.84
C LEU B 80 16.99 -39.60 -29.55
N LYS B 81 17.22 -38.47 -28.87
CA LYS B 81 17.04 -37.15 -29.43
C LYS B 81 18.29 -36.32 -29.17
N LEU B 82 19.10 -36.14 -30.22
CA LEU B 82 20.32 -35.34 -30.13
C LEU B 82 20.05 -33.98 -30.74
N SER B 83 20.13 -32.93 -29.92
CA SER B 83 19.69 -31.60 -30.30
C SER B 83 20.83 -30.76 -30.84
N SER B 84 20.51 -29.92 -31.83
CA SER B 84 21.46 -29.01 -32.46
C SER B 84 22.69 -29.75 -32.99
N VAL B 85 22.43 -30.66 -33.93
CA VAL B 85 23.51 -31.46 -34.49
C VAL B 85 24.39 -30.60 -35.37
N THR B 86 25.70 -30.79 -35.25
CA THR B 86 26.69 -30.14 -36.09
C THR B 86 27.29 -31.18 -37.04
N ALA B 87 28.27 -30.74 -37.83
CA ALA B 87 28.90 -31.64 -38.80
C ALA B 87 29.73 -32.73 -38.14
N ALA B 88 29.99 -32.64 -36.83
CA ALA B 88 30.77 -33.63 -36.12
C ALA B 88 29.95 -34.82 -35.64
N ASP B 89 28.64 -34.82 -35.90
CA ASP B 89 27.77 -35.91 -35.48
C ASP B 89 27.60 -36.98 -36.55
N THR B 90 28.29 -36.86 -37.67
CA THR B 90 28.23 -37.87 -38.72
C THR B 90 28.91 -39.15 -38.21
N ALA B 91 28.12 -40.20 -38.01
CA ALA B 91 28.62 -41.43 -37.41
C ALA B 91 27.59 -42.52 -37.64
N VAL B 92 27.82 -43.68 -37.02
CA VAL B 92 26.91 -44.83 -37.07
C VAL B 92 26.41 -45.08 -35.66
N TYR B 93 25.09 -45.16 -35.49
CA TYR B 93 24.47 -45.25 -34.19
C TYR B 93 23.93 -46.65 -33.96
N TYR B 94 24.22 -47.21 -32.79
CA TYR B 94 23.80 -48.56 -32.43
C TYR B 94 22.93 -48.50 -31.17
N CYS B 95 22.00 -49.44 -31.09
CA CYS B 95 21.24 -49.69 -29.86
C CYS B 95 21.58 -51.09 -29.38
N ALA B 96 21.87 -51.22 -28.09
CA ALA B 96 22.40 -52.47 -27.56
C ALA B 96 21.76 -52.73 -26.20
N ARG B 97 22.25 -53.77 -25.53
CA ARG B 97 21.82 -54.15 -24.19
C ARG B 97 22.47 -53.26 -23.14
N GLU B 98 22.46 -53.70 -21.89
CA GLU B 98 23.04 -52.95 -20.77
C GLU B 98 24.40 -52.34 -21.12
N LEU B 99 25.38 -53.17 -21.45
CA LEU B 99 26.70 -52.69 -21.80
C LEU B 99 27.16 -53.17 -23.18
N GLY B 100 26.25 -53.74 -23.98
CA GLY B 100 26.65 -54.27 -25.26
C GLY B 100 27.41 -55.56 -25.20
N HIS B 101 27.32 -56.28 -24.07
CA HIS B 101 28.04 -57.54 -23.94
C HIS B 101 27.37 -58.66 -24.73
N ASP B 102 26.06 -58.59 -24.94
CA ASP B 102 25.32 -59.68 -25.55
C ASP B 102 24.84 -59.36 -26.95
N TYR B 103 24.05 -58.30 -27.12
CA TYR B 103 23.36 -58.06 -28.38
C TYR B 103 23.44 -56.59 -28.75
N TRP B 104 23.75 -56.33 -30.03
CA TRP B 104 23.78 -54.99 -30.58
C TRP B 104 22.73 -54.88 -31.68
N GLY B 105 22.50 -53.65 -32.11
CA GLY B 105 21.59 -53.41 -33.21
C GLY B 105 22.24 -53.72 -34.55
N GLN B 106 21.90 -52.94 -35.58
CA GLN B 106 22.51 -53.06 -36.88
C GLN B 106 23.32 -51.83 -37.24
N GLY B 107 22.76 -50.64 -37.05
CA GLY B 107 23.45 -49.41 -37.35
C GLY B 107 22.68 -48.52 -38.29
N THR B 108 22.64 -47.22 -38.00
CA THR B 108 21.94 -46.25 -38.83
C THR B 108 22.94 -45.16 -39.20
N LEU B 109 23.47 -45.23 -40.42
CA LEU B 109 24.42 -44.22 -40.87
C LEU B 109 23.76 -42.84 -40.92
N VAL B 110 24.17 -41.96 -40.03
CA VAL B 110 23.62 -40.62 -39.92
C VAL B 110 24.70 -39.64 -40.36
N THR B 111 24.35 -38.77 -41.31
CA THR B 111 25.26 -37.75 -41.82
C THR B 111 24.63 -36.38 -41.68
N VAL B 112 25.42 -35.41 -41.23
CA VAL B 112 24.97 -34.05 -41.03
C VAL B 112 25.84 -33.15 -41.91
N SER B 113 25.24 -32.57 -42.94
CA SER B 113 25.97 -31.69 -43.85
C SER B 113 24.98 -30.79 -44.55
N SER B 114 25.38 -29.54 -44.78
CA SER B 114 24.53 -28.56 -45.45
C SER B 114 24.85 -28.59 -46.94
N ALA B 115 24.14 -29.43 -47.68
CA ALA B 115 24.33 -29.53 -49.12
C ALA B 115 23.08 -30.12 -49.73
N SER B 116 22.60 -29.51 -50.81
CA SER B 116 21.42 -30.01 -51.49
C SER B 116 21.74 -31.30 -52.25
N THR B 117 20.73 -32.12 -52.44
CA THR B 117 20.89 -33.35 -53.20
C THR B 117 21.29 -33.03 -54.64
N LYS B 118 22.33 -33.69 -55.12
CA LYS B 118 22.86 -33.44 -56.45
C LYS B 118 23.12 -34.76 -57.16
N GLY B 119 23.16 -34.71 -58.49
CA GLY B 119 23.43 -35.87 -59.30
C GLY B 119 24.88 -35.94 -59.74
N PRO B 120 25.37 -37.17 -59.91
CA PRO B 120 26.77 -37.33 -60.34
C PRO B 120 27.00 -36.82 -61.75
N SER B 121 28.23 -36.36 -61.98
CA SER B 121 28.68 -35.89 -63.28
C SER B 121 29.88 -36.74 -63.70
N VAL B 122 29.62 -37.79 -64.46
CA VAL B 122 30.66 -38.76 -64.80
C VAL B 122 31.45 -38.25 -66.00
N PHE B 123 32.78 -38.32 -65.88
CA PHE B 123 33.68 -37.88 -66.94
C PHE B 123 34.53 -39.06 -67.42
N PRO B 124 34.79 -39.15 -68.72
CA PRO B 124 35.67 -40.23 -69.20
C PRO B 124 37.09 -40.06 -68.68
N LEU B 125 37.74 -41.18 -68.42
CA LEU B 125 39.14 -41.22 -68.00
C LEU B 125 39.92 -41.90 -69.13
N ALA B 126 40.32 -41.10 -70.11
CA ALA B 126 41.00 -41.64 -71.29
C ALA B 126 42.36 -42.21 -70.89
N PRO B 127 42.77 -43.33 -71.50
CA PRO B 127 44.08 -43.91 -71.19
C PRO B 127 45.21 -43.13 -71.84
N SER B 128 46.03 -42.48 -71.03
CA SER B 128 47.14 -41.69 -71.54
C SER B 128 48.21 -42.60 -72.14
N SER B 129 49.03 -42.01 -73.01
CA SER B 129 50.11 -42.76 -73.64
C SER B 129 51.10 -43.30 -72.62
N LYS B 130 51.28 -42.59 -71.50
CA LYS B 130 52.15 -43.09 -70.45
C LYS B 130 51.54 -44.29 -69.74
N SER B 131 50.23 -44.28 -69.54
CA SER B 131 49.56 -45.39 -68.86
C SER B 131 49.47 -46.63 -69.73
N THR B 132 49.56 -46.49 -71.05
CA THR B 132 49.50 -47.63 -71.97
C THR B 132 50.90 -48.22 -72.08
N SER B 133 51.25 -49.04 -71.10
CA SER B 133 52.58 -49.67 -71.06
C SER B 133 52.61 -50.96 -71.88
N GLY B 134 52.21 -50.86 -73.15
CA GLY B 134 52.28 -51.99 -74.06
C GLY B 134 51.14 -52.98 -73.92
N GLY B 135 51.18 -53.80 -72.87
CA GLY B 135 50.18 -54.83 -72.69
C GLY B 135 49.25 -54.57 -71.52
N THR B 136 49.54 -53.55 -70.72
CA THR B 136 48.73 -53.19 -69.57
C THR B 136 48.22 -51.77 -69.74
N ALA B 137 46.92 -51.58 -69.51
CA ALA B 137 46.28 -50.27 -69.57
C ALA B 137 45.41 -50.08 -68.34
N ALA B 138 44.68 -48.97 -68.31
CA ALA B 138 43.81 -48.67 -67.18
C ALA B 138 42.72 -47.72 -67.66
N LEU B 139 41.48 -48.20 -67.69
CA LEU B 139 40.34 -47.38 -68.04
C LEU B 139 39.67 -46.88 -66.77
N GLY B 140 38.52 -46.23 -66.91
CA GLY B 140 37.78 -45.74 -65.76
C GLY B 140 36.92 -44.55 -66.14
N CYS B 141 36.13 -44.11 -65.16
CA CYS B 141 35.26 -42.95 -65.35
C CYS B 141 35.07 -42.27 -64.01
N LEU B 142 35.67 -41.09 -63.86
CA LEU B 142 35.57 -40.34 -62.62
C LEU B 142 34.14 -39.85 -62.40
N VAL B 143 33.70 -39.92 -61.14
CA VAL B 143 32.39 -39.44 -60.74
C VAL B 143 32.59 -38.33 -59.70
N LYS B 144 31.96 -37.19 -59.93
CA LYS B 144 32.23 -36.00 -59.12
C LYS B 144 30.92 -35.29 -58.81
N ASP B 145 30.93 -34.57 -57.69
CA ASP B 145 29.86 -33.64 -57.30
C ASP B 145 28.52 -34.36 -57.13
N TYR B 146 28.46 -35.25 -56.15
CA TYR B 146 27.22 -35.86 -55.69
C TYR B 146 27.22 -35.83 -54.17
N PHE B 147 26.14 -35.31 -53.58
CA PHE B 147 26.13 -35.15 -52.13
C PHE B 147 25.78 -36.42 -51.36
N PRO B 148 24.71 -37.14 -51.68
CA PRO B 148 24.35 -38.31 -50.86
C PRO B 148 25.41 -39.40 -50.94
N GLU B 149 25.54 -40.13 -49.83
CA GLU B 149 26.58 -41.15 -49.72
C GLU B 149 26.46 -42.26 -50.76
N PRO B 150 25.32 -42.94 -50.93
CA PRO B 150 25.31 -44.15 -51.76
C PRO B 150 25.56 -43.84 -53.23
N VAL B 151 26.37 -44.69 -53.86
CA VAL B 151 26.61 -44.62 -55.29
C VAL B 151 27.21 -45.95 -55.71
N THR B 152 26.83 -46.43 -56.90
CA THR B 152 27.28 -47.70 -57.42
C THR B 152 27.78 -47.53 -58.85
N VAL B 153 28.90 -48.16 -59.15
CA VAL B 153 29.51 -48.10 -60.47
C VAL B 153 29.61 -49.52 -61.00
N SER B 154 29.02 -49.77 -62.17
CA SER B 154 29.09 -51.05 -62.85
C SER B 154 29.98 -50.92 -64.07
N TRP B 155 30.08 -52.00 -64.85
CA TRP B 155 30.89 -52.00 -66.06
C TRP B 155 30.29 -53.00 -67.03
N ASN B 156 29.78 -52.49 -68.16
CA ASN B 156 29.16 -53.31 -69.20
C ASN B 156 28.06 -54.20 -68.64
N SER B 157 27.18 -53.57 -67.85
CA SER B 157 26.03 -54.26 -67.24
C SER B 157 26.48 -55.46 -66.41
N GLY B 158 27.60 -55.31 -65.70
CA GLY B 158 28.12 -56.36 -64.86
C GLY B 158 28.97 -57.40 -65.56
N ALA B 159 29.18 -57.27 -66.87
CA ALA B 159 30.02 -58.23 -67.57
C ALA B 159 31.47 -58.17 -67.07
N LEU B 160 31.99 -56.96 -66.87
CA LEU B 160 33.35 -56.79 -66.35
C LEU B 160 33.29 -56.90 -64.83
N THR B 161 33.99 -57.89 -64.28
CA THR B 161 33.96 -58.13 -62.84
C THR B 161 35.38 -58.19 -62.29
N SER B 162 36.33 -58.64 -63.11
CA SER B 162 37.72 -58.79 -62.71
C SER B 162 38.51 -57.57 -63.15
N GLY B 163 39.26 -56.98 -62.21
CA GLY B 163 40.06 -55.82 -62.48
C GLY B 163 39.46 -54.50 -62.04
N VAL B 164 38.21 -54.51 -61.56
CA VAL B 164 37.57 -53.28 -61.11
C VAL B 164 38.15 -52.85 -59.76
N HIS B 165 38.18 -51.54 -59.53
CA HIS B 165 38.70 -50.99 -58.27
C HIS B 165 37.92 -49.72 -57.97
N THR B 166 36.91 -49.85 -57.11
CA THR B 166 36.06 -48.72 -56.72
C THR B 166 36.63 -48.10 -55.45
N PHE B 167 37.24 -46.92 -55.58
CA PHE B 167 37.82 -46.25 -54.44
C PHE B 167 36.72 -45.70 -53.51
N PRO B 168 37.00 -45.59 -52.22
CA PRO B 168 36.02 -45.00 -51.31
C PRO B 168 35.76 -43.54 -51.63
N ALA B 169 34.54 -43.09 -51.35
CA ALA B 169 34.17 -41.71 -51.58
C ALA B 169 34.99 -40.78 -50.70
N VAL B 170 35.42 -39.67 -51.26
CA VAL B 170 36.25 -38.69 -50.57
C VAL B 170 35.54 -37.35 -50.58
N LEU B 171 35.36 -36.76 -49.40
CA LEU B 171 34.65 -35.49 -49.25
C LEU B 171 35.67 -34.36 -49.36
N GLN B 172 35.58 -33.59 -50.45
CA GLN B 172 36.45 -32.45 -50.63
C GLN B 172 35.91 -31.26 -49.84
N SER B 173 36.63 -30.13 -49.90
CA SER B 173 36.25 -28.95 -49.15
C SER B 173 35.17 -28.15 -49.87
N SER B 174 34.09 -28.82 -50.26
CA SER B 174 32.94 -28.15 -50.86
C SER B 174 31.61 -28.72 -50.41
N GLY B 175 31.60 -29.67 -49.47
CA GLY B 175 30.37 -30.29 -49.03
C GLY B 175 29.85 -31.39 -49.93
N LEU B 176 30.59 -31.77 -50.97
CA LEU B 176 30.17 -32.78 -51.92
C LEU B 176 31.22 -33.90 -51.96
N TYR B 177 30.88 -34.97 -52.66
CA TYR B 177 31.72 -36.16 -52.72
C TYR B 177 32.26 -36.36 -54.12
N SER B 178 33.36 -37.11 -54.20
CA SER B 178 33.99 -37.46 -55.47
C SER B 178 34.52 -38.88 -55.38
N LEU B 179 34.20 -39.70 -56.37
CA LEU B 179 34.59 -41.10 -56.38
C LEU B 179 35.20 -41.44 -57.72
N SER B 180 36.19 -42.34 -57.69
CA SER B 180 36.87 -42.82 -58.88
C SER B 180 36.76 -44.33 -58.97
N SER B 181 36.48 -44.83 -60.17
CA SER B 181 36.43 -46.26 -60.43
C SER B 181 37.26 -46.55 -61.66
N VAL B 182 38.13 -47.56 -61.57
CA VAL B 182 39.04 -47.90 -62.66
C VAL B 182 39.02 -49.40 -62.90
N VAL B 183 39.47 -49.78 -64.09
CA VAL B 183 39.59 -51.18 -64.49
C VAL B 183 40.84 -51.31 -65.36
N THR B 184 41.48 -52.48 -65.28
CA THR B 184 42.69 -52.75 -66.04
C THR B 184 42.37 -53.76 -67.15
N VAL B 185 42.73 -53.40 -68.38
CA VAL B 185 42.51 -54.26 -69.54
C VAL B 185 43.70 -54.17 -70.48
N PRO B 186 43.91 -55.22 -71.28
CA PRO B 186 44.98 -55.18 -72.27
C PRO B 186 44.75 -54.08 -73.29
N SER B 187 45.86 -53.52 -73.79
CA SER B 187 45.78 -52.42 -74.74
C SER B 187 45.14 -52.83 -76.05
N SER B 188 45.43 -54.04 -76.52
CA SER B 188 44.85 -54.50 -77.79
C SER B 188 43.34 -54.60 -77.70
N SER B 189 42.81 -55.04 -76.56
CA SER B 189 41.38 -55.19 -76.38
C SER B 189 40.63 -53.86 -76.29
N LEU B 190 41.35 -52.74 -76.19
CA LEU B 190 40.69 -51.44 -76.08
C LEU B 190 39.84 -51.14 -77.29
N GLY B 191 40.37 -51.37 -78.49
CA GLY B 191 39.64 -51.07 -79.71
C GLY B 191 38.69 -52.15 -80.18
N THR B 192 38.70 -53.31 -79.53
CA THR B 192 37.86 -54.43 -79.96
C THR B 192 36.51 -54.43 -79.26
N GLN B 193 36.49 -54.31 -77.94
CA GLN B 193 35.27 -54.35 -77.16
C GLN B 193 34.98 -52.99 -76.55
N THR B 194 33.69 -52.65 -76.45
CA THR B 194 33.26 -51.39 -75.88
C THR B 194 33.02 -51.56 -74.39
N TYR B 195 33.68 -50.72 -73.59
CA TYR B 195 33.58 -50.76 -72.13
C TYR B 195 32.76 -49.56 -71.67
N ILE B 196 31.57 -49.83 -71.14
CA ILE B 196 30.67 -48.80 -70.65
C ILE B 196 30.49 -49.00 -69.15
N CYS B 197 30.76 -47.96 -68.37
CA CYS B 197 30.58 -48.02 -66.92
C CYS B 197 29.20 -47.46 -66.58
N ASN B 198 28.35 -48.33 -66.02
CA ASN B 198 26.98 -47.96 -65.66
C ASN B 198 26.97 -47.47 -64.23
N VAL B 199 26.98 -46.15 -64.06
CA VAL B 199 26.95 -45.52 -62.75
C VAL B 199 25.54 -45.00 -62.49
N ASN B 200 25.02 -45.27 -61.30
CA ASN B 200 23.69 -44.81 -60.93
C ASN B 200 23.74 -44.23 -59.51
N HIS B 201 22.73 -43.41 -59.20
CA HIS B 201 22.65 -42.74 -57.91
C HIS B 201 21.18 -42.77 -57.48
N LYS B 202 20.89 -43.54 -56.44
CA LYS B 202 19.50 -43.71 -56.02
C LYS B 202 18.83 -42.42 -55.57
N PRO B 203 19.43 -41.59 -54.70
CA PRO B 203 18.73 -40.36 -54.27
C PRO B 203 18.40 -39.40 -55.40
N SER B 204 19.25 -39.30 -56.42
CA SER B 204 18.98 -38.40 -57.54
C SER B 204 18.25 -39.08 -58.70
N ASN B 205 18.08 -40.40 -58.65
CA ASN B 205 17.35 -41.16 -59.66
C ASN B 205 17.93 -40.93 -61.06
N THR B 206 19.20 -41.31 -61.21
CA THR B 206 19.90 -41.17 -62.48
C THR B 206 20.58 -42.49 -62.83
N LYS B 207 20.73 -42.73 -64.13
CA LYS B 207 21.39 -43.93 -64.65
C LYS B 207 22.14 -43.53 -65.92
N VAL B 208 23.44 -43.26 -65.79
CA VAL B 208 24.26 -42.78 -66.89
C VAL B 208 25.08 -43.95 -67.43
N ASP B 209 25.10 -44.10 -68.75
CA ASP B 209 25.83 -45.17 -69.42
C ASP B 209 26.93 -44.60 -70.29
N LYS B 210 27.68 -43.63 -69.76
CA LYS B 210 28.68 -42.92 -70.53
C LYS B 210 29.80 -43.85 -70.98
N LYS B 211 30.25 -43.65 -72.22
CA LYS B 211 31.33 -44.42 -72.81
C LYS B 211 32.67 -43.71 -72.66
N VAL B 212 33.71 -44.48 -72.36
CA VAL B 212 35.06 -43.94 -72.24
C VAL B 212 35.68 -43.85 -73.63
N GLU B 213 36.16 -42.65 -73.98
CA GLU B 213 36.76 -42.42 -75.29
C GLU B 213 38.25 -42.18 -75.13
N PRO B 214 39.12 -42.99 -75.76
CA PRO B 214 40.57 -42.80 -75.71
C PRO B 214 41.03 -41.50 -76.36
N GLU C 1 35.94 -40.76 -16.56
CA GLU C 1 36.44 -40.67 -17.93
C GLU C 1 37.86 -41.23 -18.01
N ILE C 2 37.96 -42.55 -18.16
CA ILE C 2 39.24 -43.23 -18.27
C ILE C 2 39.59 -43.30 -19.76
N VAL C 3 40.59 -42.54 -20.17
CA VAL C 3 41.02 -42.53 -21.57
C VAL C 3 41.81 -43.79 -21.86
N MET C 4 41.42 -44.50 -22.91
CA MET C 4 42.04 -45.77 -23.27
C MET C 4 42.94 -45.60 -24.49
N THR C 5 44.09 -46.26 -24.46
CA THR C 5 45.06 -46.20 -25.54
C THR C 5 45.48 -47.62 -25.90
N GLN C 6 45.75 -47.83 -27.19
CA GLN C 6 46.09 -49.15 -27.70
C GLN C 6 47.38 -49.08 -28.51
N SER C 7 47.84 -50.26 -28.93
CA SER C 7 49.05 -50.43 -29.74
C SER C 7 48.79 -49.87 -31.13
N PRO C 8 49.83 -49.64 -31.94
CA PRO C 8 49.60 -49.14 -33.30
C PRO C 8 48.68 -50.07 -34.08
N GLY C 9 47.79 -49.48 -34.85
CA GLY C 9 46.75 -50.20 -35.54
C GLY C 9 47.16 -50.88 -36.83
N THR C 10 48.41 -50.70 -37.27
CA THR C 10 48.89 -51.29 -38.51
C THR C 10 49.63 -52.61 -38.28
N LEU C 11 49.23 -53.36 -37.26
CA LEU C 11 49.88 -54.64 -36.98
C LEU C 11 49.59 -55.63 -38.10
N SER C 12 50.62 -55.98 -38.87
CA SER C 12 50.49 -56.90 -39.98
C SER C 12 51.20 -58.20 -39.62
N LEU C 13 50.46 -59.31 -39.64
CA LEU C 13 51.02 -60.61 -39.31
C LEU C 13 50.54 -61.63 -40.32
N SER C 14 51.42 -62.57 -40.66
CA SER C 14 51.07 -63.62 -41.60
C SER C 14 50.04 -64.57 -40.98
N PRO C 15 49.23 -65.21 -41.81
CA PRO C 15 48.30 -66.22 -41.28
C PRO C 15 49.03 -67.32 -40.55
N GLY C 16 48.39 -67.85 -39.51
CA GLY C 16 49.01 -68.85 -38.67
C GLY C 16 50.16 -68.33 -37.84
N GLU C 17 50.04 -67.12 -37.31
CA GLU C 17 51.06 -66.51 -36.47
C GLU C 17 50.42 -65.93 -35.23
N ARG C 18 51.12 -66.04 -34.10
CA ARG C 18 50.60 -65.52 -32.85
C ARG C 18 50.50 -63.99 -32.90
N ALA C 19 49.38 -63.46 -32.44
CA ALA C 19 49.11 -62.03 -32.46
C ALA C 19 48.93 -61.49 -31.04
N THR C 20 49.50 -60.33 -30.78
CA THR C 20 49.39 -59.68 -29.48
C THR C 20 48.97 -58.23 -29.66
N LEU C 21 48.14 -57.74 -28.73
CA LEU C 21 47.64 -56.38 -28.74
C LEU C 21 47.72 -55.82 -27.32
N SER C 22 47.78 -54.49 -27.23
CA SER C 22 47.89 -53.82 -25.95
C SER C 22 46.72 -52.85 -25.76
N CYS C 23 46.28 -52.72 -24.51
CA CYS C 23 45.17 -51.85 -24.12
C CYS C 23 45.56 -51.05 -22.89
N ARG C 24 46.72 -50.41 -22.94
CA ARG C 24 47.22 -49.62 -21.82
C ARG C 24 46.23 -48.53 -21.44
N ALA C 25 45.63 -48.64 -20.26
CA ALA C 25 44.65 -47.67 -19.81
C ALA C 25 45.35 -46.45 -19.22
N SER C 26 44.54 -45.48 -18.80
CA SER C 26 45.08 -44.28 -18.17
C SER C 26 45.15 -44.40 -16.65
N GLN C 27 44.40 -45.32 -16.06
CA GLN C 27 44.39 -45.51 -14.61
C GLN C 27 44.30 -47.01 -14.33
N SER C 28 44.01 -47.35 -13.08
CA SER C 28 43.89 -48.73 -12.67
C SER C 28 42.44 -49.18 -12.82
N ILE C 29 42.21 -50.18 -13.64
CA ILE C 29 40.86 -50.69 -13.86
C ILE C 29 40.40 -51.48 -12.64
N SER C 30 39.19 -51.19 -12.17
CA SER C 30 38.67 -51.82 -10.97
C SER C 30 38.27 -53.25 -11.24
N SER C 31 38.83 -54.18 -10.45
CA SER C 31 38.47 -55.60 -10.48
C SER C 31 38.73 -56.22 -11.85
N SER C 32 39.67 -55.64 -12.62
CA SER C 32 40.03 -56.14 -13.94
C SER C 32 38.82 -56.23 -14.86
N TYR C 33 37.92 -55.25 -14.76
CA TYR C 33 36.75 -55.18 -15.63
C TYR C 33 37.15 -54.54 -16.96
N LEU C 34 37.71 -55.37 -17.84
CA LEU C 34 38.09 -54.93 -19.18
C LEU C 34 37.66 -55.98 -20.19
N ALA C 35 36.96 -55.55 -21.23
CA ALA C 35 36.44 -56.44 -22.26
C ALA C 35 37.09 -56.14 -23.60
N TRP C 36 37.17 -57.17 -24.44
CA TRP C 36 37.76 -57.07 -25.77
C TRP C 36 36.69 -57.30 -26.82
N PHE C 37 36.58 -56.38 -27.78
CA PHE C 37 35.58 -56.44 -28.83
C PHE C 37 36.25 -56.63 -30.18
N GLN C 38 35.60 -57.41 -31.05
CA GLN C 38 36.04 -57.60 -32.42
C GLN C 38 34.91 -57.18 -33.36
N GLN C 39 35.23 -56.31 -34.31
CA GLN C 39 34.25 -55.80 -35.27
C GLN C 39 34.73 -56.07 -36.69
N LYS C 40 34.16 -57.10 -37.32
CA LYS C 40 34.38 -57.30 -38.74
C LYS C 40 33.68 -56.20 -39.52
N PRO C 41 34.16 -55.87 -40.72
CA PRO C 41 33.58 -54.76 -41.48
C PRO C 41 32.10 -55.01 -41.77
N GLY C 42 31.31 -53.94 -41.65
CA GLY C 42 29.90 -53.97 -41.95
C GLY C 42 29.01 -54.53 -40.86
N GLN C 43 29.57 -54.92 -39.71
CA GLN C 43 28.79 -55.52 -38.64
C GLN C 43 29.08 -54.81 -37.32
N ALA C 44 28.22 -55.07 -36.35
CA ALA C 44 28.39 -54.55 -35.01
C ALA C 44 29.47 -55.34 -34.26
N PRO C 45 30.11 -54.74 -33.26
CA PRO C 45 31.13 -55.47 -32.50
C PRO C 45 30.54 -56.60 -31.68
N ARG C 46 31.39 -57.57 -31.38
CA ARG C 46 31.03 -58.72 -30.57
C ARG C 46 32.13 -58.98 -29.55
N LEU C 47 31.75 -59.59 -28.43
CA LEU C 47 32.72 -59.89 -27.37
C LEU C 47 33.64 -61.04 -27.74
N LEU C 48 34.87 -60.97 -27.26
CA LEU C 48 35.78 -62.09 -27.24
C LEU C 48 36.22 -62.46 -25.83
N ILE C 49 36.69 -61.49 -25.05
CA ILE C 49 37.14 -61.69 -23.68
C ILE C 49 36.37 -60.75 -22.77
N TYR C 50 35.85 -61.28 -21.67
CA TYR C 50 35.24 -60.47 -20.62
C TYR C 50 35.95 -60.75 -19.31
N GLY C 51 36.19 -59.69 -18.54
CA GLY C 51 37.00 -59.81 -17.35
C GLY C 51 38.48 -59.87 -17.60
N ALA C 52 38.92 -59.63 -18.84
CA ALA C 52 40.32 -59.54 -19.23
C ALA C 52 41.04 -60.88 -19.16
N SER C 53 40.36 -61.92 -18.70
CA SER C 53 40.97 -63.25 -18.63
C SER C 53 40.10 -64.39 -19.11
N SER C 54 38.78 -64.26 -19.11
CA SER C 54 37.86 -65.35 -19.41
C SER C 54 37.15 -65.08 -20.73
N ARG C 55 37.17 -66.06 -21.62
CA ARG C 55 36.53 -65.93 -22.93
C ARG C 55 35.02 -66.05 -22.80
N ALA C 56 34.30 -65.28 -23.60
CA ALA C 56 32.86 -65.32 -23.60
C ALA C 56 32.36 -66.64 -24.20
N PRO C 57 31.17 -67.09 -23.82
CA PRO C 57 30.65 -68.34 -24.38
C PRO C 57 30.42 -68.23 -25.88
N GLY C 58 30.70 -69.31 -26.59
CA GLY C 58 30.53 -69.36 -28.02
C GLY C 58 31.70 -68.86 -28.84
N ILE C 59 32.87 -68.68 -28.24
CA ILE C 59 34.06 -68.24 -28.96
C ILE C 59 35.15 -69.29 -28.84
N PRO C 60 35.83 -69.63 -29.93
CA PRO C 60 36.90 -70.64 -29.85
C PRO C 60 38.03 -70.17 -28.96
N ASP C 61 38.74 -71.15 -28.39
CA ASP C 61 39.78 -70.90 -27.41
C ASP C 61 41.04 -70.26 -28.00
N ARG C 62 41.05 -69.91 -29.29
CA ARG C 62 42.21 -69.25 -29.86
C ARG C 62 42.42 -67.85 -29.28
N PHE C 63 41.40 -67.26 -28.68
CA PHE C 63 41.49 -65.93 -28.10
C PHE C 63 41.78 -66.04 -26.61
N SER C 64 42.90 -65.47 -26.17
CA SER C 64 43.28 -65.51 -24.76
C SER C 64 43.68 -64.12 -24.32
N GLY C 65 43.12 -63.67 -23.20
CA GLY C 65 43.46 -62.40 -22.61
C GLY C 65 44.39 -62.55 -21.41
N SER C 66 44.96 -61.42 -21.00
CA SER C 66 45.90 -61.40 -19.88
C SER C 66 46.00 -59.98 -19.37
N GLY C 67 46.90 -59.78 -18.41
CA GLY C 67 47.15 -58.47 -17.85
C GLY C 67 46.16 -58.10 -16.76
N SER C 68 46.58 -57.17 -15.91
CA SER C 68 45.73 -56.67 -14.84
C SER C 68 46.28 -55.32 -14.37
N GLY C 69 45.44 -54.56 -13.69
CA GLY C 69 45.84 -53.28 -13.18
C GLY C 69 45.63 -52.14 -14.16
N THR C 70 46.69 -51.75 -14.85
CA THR C 70 46.65 -50.68 -15.84
C THR C 70 46.96 -51.13 -17.26
N ASP C 71 47.83 -52.11 -17.44
CA ASP C 71 48.19 -52.61 -18.75
C ASP C 71 47.53 -53.95 -19.00
N PHE C 72 46.86 -54.08 -20.14
CA PHE C 72 46.17 -55.30 -20.52
C PHE C 72 46.59 -55.70 -21.92
N THR C 73 46.58 -57.01 -22.19
CA THR C 73 47.00 -57.55 -23.47
C THR C 73 46.01 -58.61 -23.95
N LEU C 74 45.90 -58.73 -25.27
CA LEU C 74 45.11 -59.78 -25.91
C LEU C 74 46.03 -60.61 -26.80
N THR C 75 45.86 -61.92 -26.73
CA THR C 75 46.72 -62.86 -27.46
C THR C 75 45.86 -63.76 -28.33
N ILE C 76 46.29 -63.97 -29.57
CA ILE C 76 45.64 -64.89 -30.49
C ILE C 76 46.65 -65.97 -30.83
N SER C 77 46.31 -67.23 -30.53
CA SER C 77 47.26 -68.31 -30.76
C SER C 77 47.44 -68.59 -32.25
N ARG C 78 46.34 -68.71 -32.99
CA ARG C 78 46.38 -69.01 -34.41
C ARG C 78 45.54 -67.99 -35.16
N LEU C 79 46.12 -67.38 -36.19
CA LEU C 79 45.45 -66.33 -36.96
C LEU C 79 44.65 -66.98 -38.08
N GLU C 80 43.39 -67.30 -37.79
CA GLU C 80 42.50 -67.83 -38.81
C GLU C 80 42.16 -66.72 -39.81
N PRO C 81 41.84 -67.09 -41.05
CA PRO C 81 41.44 -66.05 -42.03
C PRO C 81 40.25 -65.22 -41.58
N GLU C 82 39.33 -65.78 -40.81
CA GLU C 82 38.20 -65.01 -40.27
C GLU C 82 38.56 -64.37 -38.93
N ASP C 83 39.71 -63.70 -38.89
CA ASP C 83 40.15 -62.99 -37.71
C ASP C 83 40.79 -61.64 -38.03
N PHE C 84 40.79 -61.24 -39.29
CA PHE C 84 41.40 -59.98 -39.70
C PHE C 84 40.34 -58.88 -39.62
N ALA C 85 40.20 -58.31 -38.44
CA ALA C 85 39.20 -57.28 -38.19
C ALA C 85 39.84 -56.22 -37.30
N VAL C 86 39.01 -55.32 -36.77
CA VAL C 86 39.45 -54.26 -35.87
C VAL C 86 39.05 -54.64 -34.45
N TYR C 87 40.01 -54.63 -33.53
CA TYR C 87 39.79 -55.07 -32.16
C TYR C 87 39.73 -53.86 -31.24
N TYR C 88 38.64 -53.75 -30.49
CA TYR C 88 38.45 -52.68 -29.51
C TYR C 88 38.43 -53.28 -28.12
N CYS C 89 38.98 -52.53 -27.16
CA CYS C 89 38.96 -52.93 -25.76
C CYS C 89 38.15 -51.93 -24.95
N GLN C 90 37.26 -52.44 -24.11
CA GLN C 90 36.32 -51.63 -23.36
C GLN C 90 36.43 -51.94 -21.87
N GLN C 91 36.40 -50.89 -21.06
CA GLN C 91 36.35 -51.04 -19.61
C GLN C 91 34.95 -50.71 -19.11
N TYR C 92 34.49 -51.48 -18.12
CA TYR C 92 33.14 -51.30 -17.58
C TYR C 92 33.16 -51.21 -16.06
N GLY C 93 34.29 -50.78 -15.50
CA GLY C 93 34.44 -50.59 -14.07
C GLY C 93 34.36 -49.16 -13.59
N ASP C 94 33.90 -48.23 -14.42
CA ASP C 94 33.80 -46.83 -14.07
C ASP C 94 32.42 -46.32 -14.46
N SER C 95 32.19 -45.01 -14.24
CA SER C 95 30.87 -44.44 -14.54
C SER C 95 30.61 -44.40 -16.05
N PRO C 96 31.42 -43.70 -16.87
CA PRO C 96 31.16 -43.75 -18.31
C PRO C 96 31.94 -44.87 -18.99
N LEU C 97 31.26 -45.66 -19.81
CA LEU C 97 31.95 -46.68 -20.59
C LEU C 97 32.87 -46.03 -21.60
N THR C 98 34.08 -46.57 -21.73
CA THR C 98 35.06 -46.05 -22.66
C THR C 98 35.62 -47.20 -23.49
N PHE C 99 35.71 -47.00 -24.79
CA PHE C 99 36.31 -47.97 -25.70
C PHE C 99 37.69 -47.48 -26.12
N GLY C 100 38.52 -48.42 -26.59
CA GLY C 100 39.83 -48.09 -27.06
C GLY C 100 39.82 -47.49 -28.45
N GLY C 101 41.01 -47.15 -28.94
CA GLY C 101 41.13 -46.59 -30.27
C GLY C 101 40.92 -47.61 -31.38
N GLY C 102 41.16 -48.88 -31.10
CA GLY C 102 40.94 -49.93 -32.08
C GLY C 102 42.16 -50.20 -32.94
N THR C 103 42.58 -51.46 -33.00
CA THR C 103 43.70 -51.88 -33.83
C THR C 103 43.23 -52.97 -34.78
N LYS C 104 43.63 -52.85 -36.04
CA LYS C 104 43.23 -53.80 -37.07
C LYS C 104 44.41 -54.68 -37.47
N VAL C 105 44.11 -55.92 -37.83
CA VAL C 105 45.11 -56.88 -38.28
C VAL C 105 44.76 -57.28 -39.71
N ASP C 106 45.77 -57.29 -40.59
CA ASP C 106 45.58 -57.60 -41.99
C ASP C 106 46.58 -58.66 -42.43
N ILE C 107 46.41 -59.13 -43.66
CA ILE C 107 47.21 -60.23 -44.19
C ILE C 107 48.61 -59.73 -44.52
N LYS C 108 49.62 -60.48 -44.11
CA LYS C 108 51.01 -60.20 -44.42
C LYS C 108 51.46 -61.11 -45.55
N ARG C 109 52.06 -60.51 -46.59
CA ARG C 109 52.52 -61.26 -47.75
C ARG C 109 53.84 -60.64 -48.21
N THR C 110 54.29 -61.05 -49.39
CA THR C 110 55.50 -60.49 -49.98
C THR C 110 55.24 -59.09 -50.50
N VAL C 111 56.31 -58.31 -50.61
CA VAL C 111 56.20 -56.94 -51.10
C VAL C 111 55.92 -56.96 -52.60
N ALA C 112 55.12 -56.02 -53.07
CA ALA C 112 54.77 -55.88 -54.48
C ALA C 112 55.26 -54.53 -55.00
N ALA C 113 55.01 -54.28 -56.27
CA ALA C 113 55.44 -53.07 -56.94
C ALA C 113 54.23 -52.26 -57.39
N PRO C 114 54.16 -50.97 -57.06
CA PRO C 114 52.98 -50.17 -57.45
C PRO C 114 53.00 -49.87 -58.95
N SER C 115 52.00 -50.41 -59.66
CA SER C 115 51.84 -50.10 -61.07
C SER C 115 51.27 -48.69 -61.19
N VAL C 116 52.10 -47.75 -61.62
CA VAL C 116 51.75 -46.34 -61.64
C VAL C 116 51.18 -45.97 -63.01
N PHE C 117 50.08 -45.23 -63.00
CA PHE C 117 49.45 -44.74 -64.22
C PHE C 117 49.02 -43.29 -64.00
N ILE C 118 49.04 -42.52 -65.08
CA ILE C 118 48.72 -41.10 -65.05
C ILE C 118 47.62 -40.81 -66.07
N PHE C 119 46.70 -39.91 -65.69
CA PHE C 119 45.59 -39.54 -66.54
C PHE C 119 45.46 -38.03 -66.57
N PRO C 120 45.56 -37.39 -67.74
CA PRO C 120 45.38 -35.94 -67.82
C PRO C 120 43.92 -35.57 -67.72
N PRO C 121 43.60 -34.34 -67.31
CA PRO C 121 42.21 -33.91 -67.25
C PRO C 121 41.57 -33.89 -68.63
N SER C 122 40.27 -34.13 -68.66
CA SER C 122 39.53 -34.16 -69.92
C SER C 122 39.05 -32.76 -70.29
N ASP C 123 38.68 -32.61 -71.56
CA ASP C 123 38.33 -31.30 -72.08
C ASP C 123 36.98 -30.81 -71.56
N GLU C 124 36.01 -31.71 -71.38
CA GLU C 124 34.72 -31.28 -70.86
C GLU C 124 34.82 -30.80 -69.43
N GLN C 125 35.70 -31.39 -68.63
CA GLN C 125 35.95 -30.87 -67.29
C GLN C 125 36.57 -29.49 -67.35
N LEU C 126 37.49 -29.27 -68.31
CA LEU C 126 38.10 -27.95 -68.47
C LEU C 126 37.05 -26.90 -68.85
N LYS C 127 36.17 -27.23 -69.79
CA LYS C 127 35.11 -26.30 -70.16
C LYS C 127 34.07 -26.13 -69.07
N SER C 128 33.96 -27.11 -68.16
CA SER C 128 33.11 -26.93 -66.99
C SER C 128 33.64 -25.85 -66.06
N GLY C 129 34.97 -25.75 -65.93
CA GLY C 129 35.59 -24.74 -65.10
C GLY C 129 36.60 -25.25 -64.10
N THR C 130 36.89 -26.55 -64.04
CA THR C 130 37.84 -27.10 -63.10
C THR C 130 38.76 -28.09 -63.78
N ALA C 131 39.95 -28.25 -63.21
CA ALA C 131 40.94 -29.19 -63.72
C ALA C 131 41.43 -30.08 -62.59
N SER C 132 41.33 -31.39 -62.77
CA SER C 132 41.75 -32.37 -61.77
C SER C 132 42.70 -33.36 -62.42
N VAL C 133 43.87 -33.54 -61.81
CA VAL C 133 44.90 -34.45 -62.31
C VAL C 133 45.01 -35.61 -61.33
N VAL C 134 44.87 -36.83 -61.84
CA VAL C 134 44.87 -38.03 -61.01
C VAL C 134 45.97 -38.97 -61.49
N CYS C 135 46.78 -39.45 -60.55
CA CYS C 135 47.76 -40.49 -60.81
C CYS C 135 47.48 -41.66 -59.86
N LEU C 136 47.54 -42.87 -60.41
CA LEU C 136 47.02 -44.05 -59.73
C LEU C 136 48.11 -45.08 -59.53
N LEU C 137 47.99 -45.84 -58.44
CA LEU C 137 48.89 -46.94 -58.13
C LEU C 137 48.10 -48.24 -58.07
N ASN C 138 48.66 -49.30 -58.64
CA ASN C 138 47.99 -50.59 -58.69
C ASN C 138 48.87 -51.67 -58.10
N ASN C 139 48.28 -52.51 -57.25
CA ASN C 139 48.90 -53.75 -56.75
C ASN C 139 50.22 -53.47 -56.03
N PHE C 140 50.13 -52.74 -54.92
CA PHE C 140 51.24 -52.55 -54.00
C PHE C 140 50.79 -52.98 -52.61
N TYR C 141 51.61 -53.84 -51.96
CA TYR C 141 51.17 -54.39 -50.68
C TYR C 141 51.28 -53.40 -49.53
N PRO C 142 52.46 -52.83 -49.22
CA PRO C 142 52.55 -51.99 -48.01
C PRO C 142 51.65 -50.78 -48.08
N ARG C 143 51.12 -50.40 -46.92
CA ARG C 143 50.19 -49.28 -46.84
C ARG C 143 50.87 -47.97 -47.23
N GLU C 144 52.11 -47.77 -46.80
CA GLU C 144 52.76 -46.49 -46.97
C GLU C 144 53.03 -46.21 -48.45
N ALA C 145 52.62 -45.02 -48.90
CA ALA C 145 52.94 -44.57 -50.26
C ALA C 145 52.85 -43.04 -50.24
N LYS C 146 54.01 -42.39 -50.17
CA LYS C 146 54.06 -40.92 -50.10
C LYS C 146 54.12 -40.39 -51.52
N VAL C 147 52.94 -40.27 -52.13
CA VAL C 147 52.82 -39.72 -53.48
C VAL C 147 52.66 -38.20 -53.36
N GLN C 148 53.69 -37.47 -53.77
CA GLN C 148 53.71 -36.01 -53.67
C GLN C 148 53.68 -35.41 -55.07
N TRP C 149 52.74 -34.50 -55.29
CA TRP C 149 52.56 -33.89 -56.60
C TRP C 149 53.61 -32.80 -56.81
N LYS C 150 54.39 -32.93 -57.89
CA LYS C 150 55.39 -31.93 -58.27
C LYS C 150 54.92 -31.24 -59.54
N VAL C 151 54.76 -29.92 -59.46
CA VAL C 151 54.27 -29.12 -60.58
C VAL C 151 55.23 -27.96 -60.79
N ASP C 152 55.64 -27.74 -62.05
CA ASP C 152 56.52 -26.65 -62.45
C ASP C 152 57.84 -26.69 -61.67
N ASN C 153 58.33 -27.89 -61.36
CA ASN C 153 59.56 -28.09 -60.62
C ASN C 153 59.53 -27.39 -59.27
N ALA C 154 58.33 -27.22 -58.71
CA ALA C 154 58.11 -26.54 -57.44
C ALA C 154 57.47 -27.50 -56.45
N LEU C 155 57.27 -27.02 -55.22
CA LEU C 155 56.70 -27.82 -54.15
C LEU C 155 55.25 -27.42 -53.95
N GLN C 156 54.35 -28.40 -54.02
CA GLN C 156 52.92 -28.21 -53.79
C GLN C 156 52.48 -29.11 -52.65
N SER C 157 51.84 -28.53 -51.64
CA SER C 157 51.40 -29.28 -50.47
C SER C 157 49.97 -28.88 -50.11
N GLY C 158 49.15 -29.89 -49.83
CA GLY C 158 47.81 -29.68 -49.34
C GLY C 158 46.74 -29.54 -50.40
N ASN C 159 47.11 -29.29 -51.65
CA ASN C 159 46.14 -29.15 -52.73
C ASN C 159 45.93 -30.48 -53.46
N SER C 160 45.67 -31.53 -52.69
CA SER C 160 45.46 -32.86 -53.26
C SER C 160 44.84 -33.76 -52.19
N GLN C 161 44.08 -34.75 -52.64
CA GLN C 161 43.47 -35.73 -51.75
C GLN C 161 43.68 -37.12 -52.31
N GLU C 162 43.72 -38.11 -51.43
CA GLU C 162 44.08 -39.47 -51.79
C GLU C 162 43.02 -40.45 -51.31
N SER C 163 42.96 -41.60 -51.99
CA SER C 163 42.05 -42.68 -51.65
C SER C 163 42.82 -43.98 -51.52
N VAL C 164 42.48 -44.78 -50.51
CA VAL C 164 43.14 -46.05 -50.25
C VAL C 164 42.11 -47.16 -50.36
N THR C 165 42.44 -48.21 -51.11
CA THR C 165 41.56 -49.35 -51.29
C THR C 165 41.75 -50.34 -50.14
N GLU C 166 40.67 -51.03 -49.78
CA GLU C 166 40.70 -51.99 -48.70
C GLU C 166 41.47 -53.24 -49.11
N GLN C 167 41.50 -54.22 -48.21
CA GLN C 167 42.19 -55.48 -48.48
C GLN C 167 41.57 -56.17 -49.69
N ASP C 168 42.42 -56.74 -50.54
CA ASP C 168 41.95 -57.56 -51.64
C ASP C 168 41.68 -58.98 -51.15
N SER C 169 40.56 -59.54 -51.60
CA SER C 169 40.13 -60.85 -51.14
C SER C 169 40.80 -62.00 -51.87
N LYS C 170 41.60 -61.72 -52.90
CA LYS C 170 42.25 -62.76 -53.69
C LYS C 170 43.75 -62.82 -53.45
N ASP C 171 44.45 -61.69 -53.57
CA ASP C 171 45.89 -61.64 -53.39
C ASP C 171 46.33 -60.63 -52.36
N SER C 172 45.41 -59.91 -51.73
CA SER C 172 45.70 -59.01 -50.60
C SER C 172 46.71 -57.93 -50.97
N THR C 173 46.32 -57.08 -51.91
CA THR C 173 47.11 -55.92 -52.30
C THR C 173 46.23 -54.67 -52.21
N TYR C 174 46.86 -53.51 -52.43
CA TYR C 174 46.19 -52.23 -52.29
C TYR C 174 46.06 -51.55 -53.66
N SER C 175 45.44 -50.38 -53.66
CA SER C 175 45.34 -49.54 -54.84
C SER C 175 45.06 -48.12 -54.38
N LEU C 176 46.00 -47.21 -54.61
CA LEU C 176 45.91 -45.84 -54.13
C LEU C 176 45.86 -44.90 -55.32
N SER C 177 44.87 -44.00 -55.32
CA SER C 177 44.74 -42.98 -56.35
C SER C 177 44.63 -41.62 -55.68
N SER C 178 45.43 -40.66 -56.15
CA SER C 178 45.43 -39.31 -55.63
C SER C 178 45.06 -38.33 -56.73
N THR C 179 44.20 -37.37 -56.40
CA THR C 179 43.70 -36.39 -57.36
C THR C 179 44.30 -35.02 -57.06
N LEU C 180 44.78 -34.34 -58.09
CA LEU C 180 45.34 -33.01 -57.99
C LEU C 180 44.39 -32.05 -58.71
N THR C 181 43.46 -31.48 -57.95
CA THR C 181 42.55 -30.49 -58.49
C THR C 181 43.23 -29.13 -58.55
N LEU C 182 42.95 -28.39 -59.62
CA LEU C 182 43.57 -27.08 -59.83
C LEU C 182 42.60 -26.18 -60.56
N SER C 183 42.82 -24.87 -60.43
CA SER C 183 42.02 -23.89 -61.14
C SER C 183 42.45 -23.83 -62.62
N LYS C 184 41.56 -23.27 -63.44
CA LYS C 184 41.85 -23.17 -64.87
C LYS C 184 43.08 -22.32 -65.13
N ALA C 185 43.20 -21.19 -64.43
CA ALA C 185 44.37 -20.33 -64.61
C ALA C 185 45.65 -21.05 -64.19
N ASP C 186 45.62 -21.72 -63.04
CA ASP C 186 46.78 -22.49 -62.59
C ASP C 186 47.06 -23.64 -63.53
N TYR C 187 46.01 -24.30 -64.05
CA TYR C 187 46.20 -25.42 -64.96
C TYR C 187 46.87 -24.98 -66.26
N GLU C 188 46.44 -23.84 -66.81
CA GLU C 188 46.97 -23.38 -68.09
C GLU C 188 48.25 -22.56 -67.95
N LYS C 189 48.60 -22.12 -66.75
CA LYS C 189 49.84 -21.37 -66.55
C LYS C 189 51.01 -22.28 -66.22
N HIS C 190 50.76 -23.53 -65.83
CA HIS C 190 51.82 -24.46 -65.49
C HIS C 190 52.15 -25.33 -66.69
N LYS C 191 53.38 -25.85 -66.70
CA LYS C 191 53.90 -26.60 -67.84
C LYS C 191 54.01 -28.10 -67.60
N VAL C 192 54.47 -28.54 -66.43
CA VAL C 192 54.70 -29.95 -66.16
C VAL C 192 53.87 -30.38 -64.97
N TYR C 193 53.33 -31.59 -65.04
CA TYR C 193 52.56 -32.18 -63.94
C TYR C 193 53.15 -33.54 -63.61
N ALA C 194 53.40 -33.78 -62.33
CA ALA C 194 53.99 -35.03 -61.88
C ALA C 194 53.60 -35.30 -60.44
N CYS C 195 53.53 -36.57 -60.08
CA CYS C 195 53.38 -36.99 -58.69
C CYS C 195 54.54 -37.90 -58.34
N GLU C 196 55.26 -37.55 -57.28
CA GLU C 196 56.46 -38.29 -56.87
C GLU C 196 56.03 -39.49 -56.03
N VAL C 197 56.06 -40.66 -56.63
CA VAL C 197 55.69 -41.90 -55.94
C VAL C 197 56.91 -42.47 -55.24
N THR C 198 56.77 -42.74 -53.94
CA THR C 198 57.84 -43.30 -53.13
C THR C 198 57.32 -44.56 -52.45
N HIS C 199 58.16 -45.59 -52.40
CA HIS C 199 57.76 -46.86 -51.82
C HIS C 199 58.99 -47.57 -51.30
N GLN C 200 58.79 -48.38 -50.25
CA GLN C 200 59.88 -49.21 -49.75
C GLN C 200 60.07 -50.47 -50.58
N GLY C 201 59.12 -50.80 -51.47
CA GLY C 201 59.30 -51.91 -52.38
C GLY C 201 60.27 -51.64 -53.50
N LEU C 202 60.52 -50.36 -53.80
CA LEU C 202 61.50 -49.95 -54.80
C LEU C 202 62.61 -49.20 -54.10
N SER C 203 63.85 -49.65 -54.29
CA SER C 203 64.99 -49.03 -53.61
C SER C 203 65.17 -47.59 -54.07
N SER C 204 65.05 -47.34 -55.37
CA SER C 204 65.21 -46.00 -55.92
C SER C 204 63.86 -45.42 -56.26
N PRO C 205 63.44 -44.31 -55.65
CA PRO C 205 62.15 -43.71 -56.02
C PRO C 205 62.12 -43.29 -57.47
N VAL C 206 60.95 -43.43 -58.09
CA VAL C 206 60.76 -43.15 -59.51
C VAL C 206 59.61 -42.16 -59.66
N THR C 207 59.56 -41.50 -60.81
CA THR C 207 58.55 -40.49 -61.09
C THR C 207 58.11 -40.55 -62.54
N LYS C 208 56.81 -40.43 -62.77
CA LYS C 208 56.23 -40.30 -64.09
C LYS C 208 55.51 -38.96 -64.20
N SER C 209 55.61 -38.32 -65.36
CA SER C 209 55.10 -36.98 -65.54
C SER C 209 54.53 -36.83 -66.96
N PHE C 210 53.69 -35.80 -67.13
CA PHE C 210 53.23 -35.42 -68.45
C PHE C 210 53.26 -33.89 -68.53
N ASN C 211 53.34 -33.39 -69.75
CA ASN C 211 53.35 -31.95 -70.00
C ASN C 211 52.20 -31.59 -70.92
N ARG C 212 51.51 -30.51 -70.59
CA ARG C 212 50.39 -30.04 -71.41
C ARG C 212 50.93 -29.40 -72.69
N GLY C 213 50.38 -29.82 -73.83
CA GLY C 213 50.84 -29.33 -75.11
C GLY C 213 51.12 -30.44 -76.10
N GLU C 214 51.35 -31.65 -75.60
CA GLU C 214 51.60 -32.81 -76.44
C GLU C 214 50.75 -33.97 -75.97
N CYS C 215 50.44 -34.87 -76.90
CA CYS C 215 49.61 -36.03 -76.60
C CYS C 215 50.26 -37.31 -77.11
N GLU D 1 67.57 -54.66 -0.89
CA GLU D 1 66.73 -54.83 0.30
C GLU D 1 66.43 -53.48 0.94
N VAL D 2 65.22 -53.33 1.48
CA VAL D 2 64.84 -52.09 2.14
C VAL D 2 65.60 -51.95 3.45
N GLN D 3 66.19 -50.79 3.67
CA GLN D 3 66.99 -50.54 4.86
C GLN D 3 66.68 -49.15 5.38
N LEU D 4 66.46 -49.05 6.70
CA LEU D 4 66.06 -47.81 7.34
C LEU D 4 67.14 -47.38 8.34
N VAL D 5 67.53 -46.12 8.29
CA VAL D 5 68.61 -45.57 9.11
C VAL D 5 68.02 -44.59 10.11
N GLU D 6 68.43 -44.73 11.37
CA GLU D 6 68.04 -43.81 12.42
C GLU D 6 69.27 -43.43 13.23
N SER D 7 69.35 -42.16 13.61
CA SER D 7 70.49 -41.63 14.36
C SER D 7 70.08 -40.28 14.94
N GLY D 8 71.05 -39.57 15.49
CA GLY D 8 70.83 -38.25 16.07
C GLY D 8 70.43 -38.24 17.53
N GLY D 9 70.29 -39.40 18.16
CA GLY D 9 69.90 -39.49 19.55
C GLY D 9 71.09 -39.73 20.46
N GLY D 10 70.95 -39.32 21.71
CA GLY D 10 72.03 -39.48 22.67
C GLY D 10 71.59 -39.00 24.04
N VAL D 11 72.50 -39.16 25.00
CA VAL D 11 72.22 -38.77 26.37
C VAL D 11 72.25 -37.25 26.48
N VAL D 12 71.19 -36.68 27.06
CA VAL D 12 71.06 -35.24 27.21
C VAL D 12 70.59 -34.92 28.62
N GLN D 13 70.94 -33.73 29.09
CA GLN D 13 70.49 -33.27 30.40
C GLN D 13 68.97 -33.06 30.39
N PRO D 14 68.31 -33.31 31.51
CA PRO D 14 66.86 -33.03 31.58
C PRO D 14 66.57 -31.56 31.31
N GLY D 15 65.46 -31.33 30.61
CA GLY D 15 65.03 -29.99 30.29
C GLY D 15 65.57 -29.42 29.00
N ARG D 16 66.49 -30.12 28.34
CA ARG D 16 67.07 -29.63 27.09
C ARG D 16 66.28 -30.18 25.90
N SER D 17 66.81 -29.99 24.69
CA SER D 17 66.15 -30.42 23.47
C SER D 17 67.13 -31.22 22.61
N LEU D 18 66.59 -32.21 21.90
CA LEU D 18 67.38 -33.08 21.05
C LEU D 18 66.66 -33.30 19.73
N ARG D 19 67.44 -33.35 18.65
CA ARG D 19 66.92 -33.53 17.30
C ARG D 19 67.47 -34.81 16.72
N LEU D 20 66.59 -35.64 16.17
CA LEU D 20 66.97 -36.91 15.55
C LEU D 20 66.86 -36.81 14.03
N SER D 21 67.32 -37.86 13.36
CA SER D 21 67.28 -37.95 11.91
C SER D 21 67.05 -39.40 11.52
N CYS D 22 65.88 -39.71 10.98
CA CYS D 22 65.52 -41.06 10.56
C CYS D 22 65.65 -41.13 9.04
N ALA D 23 66.87 -41.42 8.58
CA ALA D 23 67.13 -41.49 7.14
C ALA D 23 66.43 -42.69 6.52
N ALA D 24 65.99 -42.52 5.27
CA ALA D 24 65.28 -43.55 4.55
C ALA D 24 66.09 -44.02 3.35
N SER D 25 66.01 -45.32 3.07
CA SER D 25 66.70 -45.90 1.92
C SER D 25 65.93 -47.13 1.45
N GLY D 26 66.13 -47.46 0.18
CA GLY D 26 65.52 -48.65 -0.40
C GLY D 26 64.09 -48.48 -0.88
N PHE D 27 63.54 -47.26 -0.83
CA PHE D 27 62.16 -47.02 -1.25
C PHE D 27 62.00 -45.53 -1.50
N THR D 28 60.78 -45.15 -1.88
CA THR D 28 60.44 -43.75 -2.12
C THR D 28 59.96 -43.14 -0.80
N PHE D 29 60.74 -42.20 -0.26
CA PHE D 29 60.41 -41.61 1.03
C PHE D 29 59.14 -40.78 0.97
N SER D 30 58.92 -40.08 -0.15
CA SER D 30 57.83 -39.13 -0.26
C SER D 30 56.48 -39.79 -0.50
N SER D 31 56.36 -41.10 -0.29
CA SER D 31 55.11 -41.82 -0.50
C SER D 31 54.54 -42.45 0.75
N TYR D 32 55.37 -42.86 1.71
CA TYR D 32 54.89 -43.53 2.90
C TYR D 32 54.61 -42.53 4.01
N ALA D 33 53.84 -42.99 5.01
CA ALA D 33 53.54 -42.22 6.20
C ALA D 33 54.31 -42.82 7.37
N MET D 34 55.36 -42.13 7.80
CA MET D 34 56.23 -42.65 8.83
C MET D 34 55.64 -42.48 10.22
N HIS D 35 56.07 -43.35 11.13
CA HIS D 35 55.64 -43.34 12.52
C HIS D 35 56.86 -43.21 13.41
N TRP D 36 56.64 -42.69 14.62
CA TRP D 36 57.65 -42.66 15.67
C TRP D 36 57.14 -43.47 16.85
N VAL D 37 57.95 -44.42 17.32
CA VAL D 37 57.56 -45.30 18.40
C VAL D 37 58.75 -45.44 19.35
N ARG D 38 58.49 -45.31 20.65
CA ARG D 38 59.50 -45.44 21.67
C ARG D 38 59.20 -46.65 22.56
N GLN D 39 60.27 -47.24 23.10
CA GLN D 39 60.16 -48.37 24.02
C GLN D 39 61.09 -48.11 25.20
N ALA D 40 60.51 -47.66 26.32
CA ALA D 40 61.31 -47.44 27.51
C ALA D 40 61.80 -48.78 28.06
N PRO D 41 63.00 -48.80 28.65
CA PRO D 41 63.55 -50.06 29.15
C PRO D 41 62.66 -50.70 30.20
N GLY D 42 62.42 -52.00 30.06
CA GLY D 42 61.64 -52.76 31.01
C GLY D 42 60.15 -52.81 30.74
N LYS D 43 59.65 -52.04 29.78
CA LYS D 43 58.22 -52.00 29.48
C LYS D 43 58.01 -52.02 27.97
N GLY D 44 56.74 -52.08 27.58
CA GLY D 44 56.37 -52.26 26.19
C GLY D 44 56.45 -50.99 25.36
N LEU D 45 56.08 -51.14 24.10
CA LEU D 45 56.14 -50.03 23.15
C LEU D 45 55.04 -49.02 23.43
N GLU D 46 55.26 -47.78 22.97
CA GLU D 46 54.27 -46.72 23.07
C GLU D 46 54.30 -45.87 21.81
N TRP D 47 53.12 -45.54 21.30
CA TRP D 47 53.01 -44.67 20.14
C TRP D 47 53.42 -43.25 20.49
N VAL D 48 54.14 -42.60 19.57
CA VAL D 48 54.64 -41.26 19.83
C VAL D 48 54.00 -40.26 18.87
N ALA D 49 54.25 -40.42 17.57
CA ALA D 49 53.77 -39.46 16.59
C ALA D 49 53.75 -40.11 15.21
N VAL D 50 53.06 -39.46 14.28
CA VAL D 50 52.93 -39.94 12.90
C VAL D 50 52.98 -38.75 11.96
N ILE D 51 53.59 -38.96 10.79
CA ILE D 51 53.68 -37.97 9.74
C ILE D 51 53.00 -38.52 8.49
N SER D 52 52.31 -37.66 7.76
CA SER D 52 51.64 -38.07 6.54
C SER D 52 52.67 -38.26 5.42
N PHE D 53 52.18 -38.69 4.26
CA PHE D 53 53.08 -38.90 3.12
C PHE D 53 53.71 -37.60 2.66
N ASP D 54 52.94 -36.52 2.65
CA ASP D 54 53.44 -35.21 2.24
C ASP D 54 53.77 -34.31 3.42
N GLY D 55 53.60 -34.80 4.65
CA GLY D 55 53.94 -34.00 5.82
C GLY D 55 53.00 -32.85 6.11
N SER D 56 51.77 -32.91 5.60
CA SER D 56 50.79 -31.85 5.81
C SER D 56 49.76 -32.20 6.87
N ASN D 57 50.02 -33.24 7.67
CA ASN D 57 49.10 -33.62 8.74
C ASN D 57 49.92 -34.27 9.84
N LYS D 58 50.08 -33.56 10.97
CA LYS D 58 50.87 -34.03 12.10
C LYS D 58 49.95 -34.17 13.30
N TYR D 59 49.70 -35.41 13.71
CA TYR D 59 48.94 -35.71 14.92
C TYR D 59 49.82 -36.49 15.88
N TYR D 60 49.86 -36.06 17.13
CA TYR D 60 50.76 -36.63 18.13
C TYR D 60 49.98 -37.51 19.10
N ALA D 61 50.68 -38.03 20.10
CA ALA D 61 50.10 -38.91 21.08
C ALA D 61 49.26 -38.12 22.09
N ASP D 62 48.68 -38.83 23.05
CA ASP D 62 47.85 -38.23 24.08
C ASP D 62 48.65 -37.84 25.32
N SER D 63 49.95 -38.09 25.34
CA SER D 63 50.80 -37.75 26.49
C SER D 63 51.90 -36.78 26.13
N VAL D 64 52.56 -36.96 24.99
CA VAL D 64 53.66 -36.10 24.59
C VAL D 64 53.13 -34.95 23.73
N LYS D 65 51.82 -34.77 23.72
CA LYS D 65 51.21 -33.69 22.97
C LYS D 65 51.59 -32.35 23.58
N GLY D 66 51.84 -31.37 22.72
CA GLY D 66 52.26 -30.05 23.13
C GLY D 66 53.75 -29.87 23.27
N ARG D 67 54.46 -30.93 23.69
CA ARG D 67 55.92 -30.87 23.82
C ARG D 67 56.60 -31.41 22.57
N PHE D 68 56.32 -32.66 22.20
CA PHE D 68 56.96 -33.28 21.06
C PHE D 68 56.45 -32.66 19.76
N THR D 69 57.35 -32.56 18.78
CA THR D 69 57.00 -32.09 17.45
C THR D 69 57.68 -32.98 16.41
N ILE D 70 57.02 -33.13 15.27
CA ILE D 70 57.48 -34.01 14.21
C ILE D 70 57.45 -33.27 12.88
N SER D 71 58.30 -33.70 11.96
CA SER D 71 58.39 -33.12 10.62
C SER D 71 59.17 -34.07 9.74
N ARG D 72 59.38 -33.66 8.49
CA ARG D 72 60.09 -34.48 7.52
C ARG D 72 60.67 -33.59 6.44
N ASP D 73 61.64 -34.15 5.71
CA ASP D 73 62.27 -33.46 4.58
C ASP D 73 62.45 -34.48 3.47
N ASN D 74 61.67 -34.34 2.39
CA ASN D 74 61.71 -35.32 1.31
C ASN D 74 63.05 -35.26 0.57
N SER D 75 63.63 -34.06 0.44
CA SER D 75 64.92 -33.95 -0.24
C SER D 75 66.01 -34.69 0.50
N LYS D 76 66.05 -34.58 1.84
CA LYS D 76 67.04 -35.28 2.64
C LYS D 76 66.64 -36.72 2.95
N ASN D 77 65.40 -37.10 2.66
CA ASN D 77 64.90 -38.46 2.89
C ASN D 77 65.06 -38.87 4.35
N THR D 78 64.75 -37.96 5.26
CA THR D 78 64.92 -38.21 6.68
C THR D 78 63.78 -37.55 7.46
N LEU D 79 63.66 -37.94 8.72
CA LEU D 79 62.67 -37.41 9.64
C LEU D 79 63.35 -36.45 10.63
N TYR D 80 62.55 -35.57 11.22
CA TYR D 80 63.03 -34.59 12.19
C TYR D 80 62.07 -34.58 13.38
N LEU D 81 62.47 -35.24 14.46
CA LEU D 81 61.71 -35.27 15.70
C LEU D 81 62.46 -34.45 16.74
N GLN D 82 61.78 -33.46 17.31
CA GLN D 82 62.40 -32.56 18.29
C GLN D 82 61.60 -32.63 19.58
N MET D 83 62.32 -32.71 20.70
CA MET D 83 61.71 -32.80 22.02
C MET D 83 61.81 -31.47 22.74
N ASN D 84 60.71 -31.06 23.38
CA ASN D 84 60.66 -29.81 24.13
C ASN D 84 60.30 -30.12 25.58
N SER D 85 61.04 -29.51 26.50
CA SER D 85 60.84 -29.70 27.94
C SER D 85 60.89 -31.18 28.30
N LEU D 86 61.94 -31.86 27.82
CA LEU D 86 62.08 -33.29 28.04
C LEU D 86 62.17 -33.59 29.54
N ARG D 87 61.42 -34.58 29.98
CA ARG D 87 61.35 -34.97 31.39
C ARG D 87 62.00 -36.35 31.57
N ALA D 88 62.25 -36.71 32.82
CA ALA D 88 63.10 -37.87 33.13
C ALA D 88 62.52 -39.18 32.62
N GLU D 89 61.20 -39.29 32.52
CA GLU D 89 60.61 -40.55 32.07
C GLU D 89 60.86 -40.82 30.59
N ASP D 90 61.37 -39.85 29.84
CA ASP D 90 61.57 -39.98 28.41
C ASP D 90 62.77 -40.85 28.05
N THR D 91 63.38 -41.53 29.02
CA THR D 91 64.45 -42.48 28.74
C THR D 91 63.88 -43.67 28.00
N ALA D 92 64.22 -43.80 26.72
CA ALA D 92 63.67 -44.86 25.89
C ALA D 92 64.53 -44.97 24.63
N VAL D 93 64.35 -46.09 23.92
CA VAL D 93 64.90 -46.28 22.59
C VAL D 93 63.79 -45.98 21.58
N TYR D 94 64.12 -45.18 20.57
CA TYR D 94 63.12 -44.66 19.64
C TYR D 94 63.22 -45.40 18.31
N TYR D 95 62.09 -45.94 17.87
CA TYR D 95 62.00 -46.61 16.57
C TYR D 95 61.15 -45.76 15.62
N CYS D 96 61.66 -45.55 14.42
CA CYS D 96 60.92 -44.90 13.35
C CYS D 96 60.60 -45.94 12.27
N ALA D 97 59.32 -46.07 11.94
CA ALA D 97 58.84 -47.09 11.02
C ALA D 97 57.93 -46.46 9.98
N ARG D 98 57.78 -47.17 8.87
CA ARG D 98 56.99 -46.69 7.73
C ARG D 98 55.63 -47.37 7.71
N ALA D 99 54.60 -46.58 7.40
CA ALA D 99 53.24 -47.08 7.25
C ALA D 99 52.67 -46.58 5.93
N SER D 100 51.95 -47.45 5.22
CA SER D 100 51.37 -47.07 3.94
C SER D 100 50.31 -45.99 4.11
N ILE D 101 49.44 -46.13 5.11
CA ILE D 101 48.36 -45.21 5.35
C ILE D 101 48.74 -44.29 6.51
N THR D 102 48.29 -43.04 6.43
CA THR D 102 48.46 -42.11 7.56
C THR D 102 47.78 -42.66 8.80
N THR D 103 46.67 -43.37 8.63
CA THR D 103 45.97 -44.00 9.75
C THR D 103 46.49 -45.39 10.07
N THR D 104 47.55 -45.83 9.38
CA THR D 104 48.15 -47.14 9.59
C THR D 104 47.10 -48.24 9.46
N ASP D 105 46.42 -48.26 8.30
CA ASP D 105 45.46 -49.32 8.03
C ASP D 105 46.17 -50.65 7.84
N ASP D 106 47.28 -50.66 7.09
CA ASP D 106 48.07 -51.86 6.88
C ASP D 106 49.56 -51.62 7.10
N GLY D 107 49.95 -50.49 7.69
CA GLY D 107 51.34 -50.10 7.77
C GLY D 107 52.09 -50.75 8.91
N MET D 108 53.24 -50.14 9.24
CA MET D 108 54.17 -50.65 10.24
C MET D 108 54.71 -52.03 9.84
N ASP D 109 55.27 -52.10 8.63
CA ASP D 109 55.82 -53.34 8.12
C ASP D 109 57.35 -53.37 8.15
N VAL D 110 58.00 -52.24 7.94
CA VAL D 110 59.46 -52.16 7.91
C VAL D 110 59.90 -51.24 9.04
N TRP D 111 60.76 -51.73 9.92
CA TRP D 111 61.31 -50.97 11.02
C TRP D 111 62.82 -50.83 10.82
N GLY D 112 63.47 -50.20 11.80
CA GLY D 112 64.92 -50.09 11.80
C GLY D 112 65.55 -50.87 12.93
N GLN D 113 66.56 -50.29 13.56
CA GLN D 113 67.18 -50.88 14.75
C GLN D 113 66.97 -50.04 16.00
N GLY D 114 66.58 -48.78 15.87
CA GLY D 114 66.33 -47.94 17.01
C GLY D 114 67.55 -47.16 17.45
N THR D 115 67.30 -46.04 18.13
CA THR D 115 68.33 -45.20 18.70
C THR D 115 68.05 -45.02 20.18
N THR D 116 69.03 -45.35 21.02
CA THR D 116 68.85 -45.28 22.46
C THR D 116 68.97 -43.84 22.96
N VAL D 117 68.09 -43.45 23.87
CA VAL D 117 68.12 -42.12 24.49
C VAL D 117 67.90 -42.31 25.98
N THR D 118 68.85 -41.83 26.78
CA THR D 118 68.76 -41.89 28.23
C THR D 118 68.98 -40.49 28.78
N VAL D 119 68.10 -40.07 29.69
CA VAL D 119 68.18 -38.74 30.31
C VAL D 119 68.45 -38.92 31.79
N SER D 120 69.47 -38.22 32.29
CA SER D 120 69.87 -38.30 33.69
C SER D 120 70.78 -37.11 33.98
N SER D 121 71.12 -36.94 35.25
CA SER D 121 71.99 -35.84 35.67
C SER D 121 73.41 -36.04 35.15
N ASP E 1 40.50 -42.35 23.23
CA ASP E 1 41.49 -43.15 23.93
C ASP E 1 40.96 -44.54 24.22
N ILE E 2 41.64 -45.55 23.68
CA ILE E 2 41.24 -46.95 23.82
C ILE E 2 42.42 -47.72 24.39
N GLN E 3 42.17 -48.50 25.43
CA GLN E 3 43.23 -49.23 26.13
C GLN E 3 43.21 -50.71 25.77
N MET E 4 44.40 -51.28 25.61
CA MET E 4 44.57 -52.70 25.35
C MET E 4 44.70 -53.44 26.67
N THR E 5 43.80 -54.39 26.92
CA THR E 5 43.74 -55.14 28.16
C THR E 5 43.70 -56.64 27.87
N GLN E 6 44.63 -57.10 27.03
CA GLN E 6 44.71 -58.51 26.68
C GLN E 6 44.88 -59.36 27.94
N SER E 7 44.13 -60.46 28.00
CA SER E 7 44.04 -61.21 29.25
C SER E 7 45.31 -62.01 29.56
N PRO E 8 45.82 -62.88 28.64
CA PRO E 8 47.02 -63.64 28.99
C PRO E 8 48.22 -62.75 29.30
N SER E 9 48.65 -62.76 30.58
CA SER E 9 49.85 -62.02 30.94
C SER E 9 51.10 -62.75 30.48
N SER E 10 51.12 -64.08 30.61
CA SER E 10 52.21 -64.90 30.12
C SER E 10 51.69 -66.31 29.90
N VAL E 11 52.23 -66.98 28.88
CA VAL E 11 51.82 -68.32 28.50
C VAL E 11 53.06 -69.20 28.46
N SER E 12 52.98 -70.36 29.10
CA SER E 12 54.08 -71.33 29.14
C SER E 12 53.76 -72.45 28.16
N ALA E 13 54.67 -72.70 27.23
CA ALA E 13 54.49 -73.73 26.22
C ALA E 13 55.86 -74.13 25.68
N SER E 14 55.87 -75.12 24.80
CA SER E 14 57.10 -75.65 24.22
C SER E 14 56.89 -75.82 22.72
N VAL E 15 57.85 -76.51 22.09
CA VAL E 15 57.79 -76.73 20.65
C VAL E 15 56.64 -77.68 20.32
N GLY E 16 55.93 -77.37 19.23
CA GLY E 16 54.80 -78.19 18.80
C GLY E 16 53.61 -78.16 19.74
N ASP E 17 53.25 -76.99 20.24
CA ASP E 17 52.10 -76.80 21.12
C ASP E 17 51.08 -75.89 20.44
N ARG E 18 50.06 -75.50 21.19
CA ARG E 18 49.04 -74.57 20.72
C ARG E 18 48.92 -73.44 21.73
N VAL E 19 49.07 -72.21 21.25
CA VAL E 19 49.02 -71.02 22.09
C VAL E 19 48.04 -70.02 21.48
N THR E 20 47.10 -69.55 22.30
CA THR E 20 46.14 -68.54 21.89
C THR E 20 46.28 -67.31 22.78
N ILE E 21 46.44 -66.15 22.16
CA ILE E 21 46.57 -64.88 22.86
C ILE E 21 45.33 -64.05 22.57
N THR E 22 44.59 -63.69 23.60
CA THR E 22 43.34 -62.95 23.46
C THR E 22 43.56 -61.49 23.83
N CYS E 23 43.22 -60.59 22.92
CA CYS E 23 43.35 -59.15 23.13
C CYS E 23 41.97 -58.54 23.31
N ARG E 24 41.85 -57.63 24.28
CA ARG E 24 40.58 -57.03 24.64
C ARG E 24 40.65 -55.52 24.43
N ALA E 25 39.59 -54.95 23.88
CA ALA E 25 39.47 -53.53 23.63
C ALA E 25 38.31 -52.96 24.44
N SER E 26 37.98 -51.69 24.19
CA SER E 26 36.91 -51.05 24.94
C SER E 26 35.88 -50.36 24.07
N GLN E 27 36.11 -50.24 22.76
CA GLN E 27 35.13 -49.68 21.85
C GLN E 27 35.21 -50.44 20.52
N GLY E 28 34.61 -49.88 19.48
CA GLY E 28 34.44 -50.53 18.20
C GLY E 28 35.63 -50.49 17.28
N ILE E 29 36.61 -51.36 17.51
CA ILE E 29 37.82 -51.43 16.69
C ILE E 29 37.69 -52.66 15.79
N SER E 30 36.45 -53.00 15.45
CA SER E 30 36.07 -54.30 14.89
C SER E 30 37.09 -54.91 13.94
N SER E 31 37.66 -54.12 13.02
CA SER E 31 38.53 -54.69 12.01
C SER E 31 39.86 -53.94 11.90
N TRP E 32 40.21 -53.12 12.88
CA TRP E 32 41.44 -52.34 12.85
C TRP E 32 42.33 -52.79 14.02
N LEU E 33 43.16 -53.79 13.77
CA LEU E 33 44.07 -54.30 14.78
C LEU E 33 45.25 -54.97 14.09
N ALA E 34 46.41 -54.93 14.75
CA ALA E 34 47.62 -55.53 14.23
C ALA E 34 48.34 -56.27 15.35
N TRP E 35 49.18 -57.22 14.96
CA TRP E 35 49.97 -58.02 15.88
C TRP E 35 51.45 -57.83 15.56
N TYR E 36 52.28 -57.86 16.61
CA TYR E 36 53.70 -57.64 16.43
C TYR E 36 54.50 -58.64 17.26
N GLN E 37 55.66 -59.03 16.72
CA GLN E 37 56.60 -59.92 17.38
C GLN E 37 57.85 -59.12 17.76
N GLN E 38 58.19 -59.13 19.04
CA GLN E 38 59.29 -58.33 19.58
C GLN E 38 60.32 -59.26 20.20
N LYS E 39 61.32 -59.62 19.41
CA LYS E 39 62.46 -60.37 19.93
C LYS E 39 63.41 -59.42 20.67
N PRO E 40 63.93 -59.82 21.82
CA PRO E 40 64.80 -58.91 22.59
C PRO E 40 66.02 -58.48 21.79
N GLY E 41 66.37 -57.20 21.91
CA GLY E 41 67.52 -56.65 21.23
C GLY E 41 67.27 -56.17 19.82
N LYS E 42 66.06 -56.34 19.29
CA LYS E 42 65.76 -55.96 17.91
C LYS E 42 64.38 -55.32 17.86
N ALA E 43 64.13 -54.61 16.76
CA ALA E 43 62.85 -53.94 16.56
C ALA E 43 61.75 -54.96 16.30
N PRO E 44 60.50 -54.61 16.61
CA PRO E 44 59.39 -55.55 16.36
C PRO E 44 59.10 -55.70 14.88
N LYS E 45 58.41 -56.79 14.55
CA LYS E 45 58.02 -57.08 13.18
C LYS E 45 56.54 -57.43 13.13
N LEU E 46 55.91 -57.10 12.00
CA LEU E 46 54.49 -57.33 11.81
C LEU E 46 54.26 -58.73 11.26
N LEU E 47 53.28 -59.42 11.80
CA LEU E 47 52.89 -60.73 11.31
C LEU E 47 51.40 -60.82 10.97
N ILE E 48 50.54 -60.15 11.72
CA ILE E 48 49.10 -60.17 11.49
C ILE E 48 48.59 -58.73 11.54
N TYR E 49 47.73 -58.38 10.58
CA TYR E 49 47.10 -57.07 10.53
C TYR E 49 45.63 -57.22 10.15
N ALA E 50 44.86 -56.18 10.45
CA ALA E 50 43.43 -56.13 10.17
C ALA E 50 42.66 -57.25 10.87
N ALA E 51 43.29 -57.88 11.87
CA ALA E 51 42.70 -58.92 12.71
C ALA E 51 42.51 -60.23 11.95
N SER E 52 42.72 -60.21 10.63
CA SER E 52 42.72 -61.44 9.85
C SER E 52 43.48 -61.13 8.54
N SER E 53 44.75 -61.53 8.49
CA SER E 53 45.59 -61.34 7.31
C SER E 53 46.93 -62.00 7.59
N LEU E 54 47.70 -62.20 6.53
CA LEU E 54 49.06 -62.75 6.62
C LEU E 54 50.01 -61.77 5.95
N GLN E 55 51.04 -61.36 6.67
CA GLN E 55 52.06 -60.49 6.10
C GLN E 55 52.89 -61.25 5.07
N SER E 56 53.31 -60.53 4.04
CA SER E 56 54.12 -61.13 2.98
C SER E 56 55.47 -61.52 3.53
N GLY E 57 55.69 -62.81 3.76
CA GLY E 57 56.96 -63.30 4.28
C GLY E 57 56.82 -64.21 5.48
N VAL E 58 55.84 -63.94 6.32
CA VAL E 58 55.64 -64.71 7.55
C VAL E 58 55.17 -66.12 7.19
N PRO E 59 55.46 -67.12 8.01
CA PRO E 59 54.98 -68.48 7.70
C PRO E 59 53.49 -68.61 7.93
N SER E 60 52.92 -69.66 7.34
CA SER E 60 51.48 -69.90 7.40
C SER E 60 51.09 -70.69 8.65
N ARG E 61 51.51 -70.21 9.82
CA ARG E 61 51.12 -70.81 11.08
C ARG E 61 50.53 -69.84 12.08
N PHE E 62 50.73 -68.53 11.91
CA PHE E 62 50.10 -67.52 12.75
C PHE E 62 48.84 -67.03 12.07
N SER E 63 47.70 -67.15 12.76
CA SER E 63 46.42 -66.75 12.21
C SER E 63 45.72 -65.81 13.17
N GLY E 64 45.24 -64.68 12.66
CA GLY E 64 44.42 -63.79 13.46
C GLY E 64 42.94 -64.17 13.38
N SER E 65 42.20 -63.78 14.40
CA SER E 65 40.78 -64.09 14.48
C SER E 65 40.10 -63.10 15.40
N GLY E 66 38.78 -63.10 15.36
CA GLY E 66 38.00 -62.22 16.21
C GLY E 66 37.64 -60.92 15.52
N SER E 67 36.50 -60.37 15.93
CA SER E 67 36.02 -59.10 15.38
C SER E 67 35.13 -58.45 16.42
N GLY E 68 35.16 -57.12 16.45
CA GLY E 68 34.39 -56.37 17.43
C GLY E 68 35.23 -55.83 18.56
N THR E 69 35.15 -56.46 19.73
CA THR E 69 35.90 -56.04 20.91
C THR E 69 37.00 -57.03 21.29
N ASP E 70 36.72 -58.33 21.24
CA ASP E 70 37.72 -59.34 21.57
C ASP E 70 38.45 -59.78 20.31
N PHE E 71 39.73 -60.13 20.48
CA PHE E 71 40.57 -60.53 19.36
C PHE E 71 41.56 -61.58 19.83
N THR E 72 41.67 -62.67 19.08
CA THR E 72 42.52 -63.80 19.44
C THR E 72 43.53 -64.08 18.35
N LEU E 73 44.77 -64.32 18.77
CA LEU E 73 45.85 -64.75 17.87
C LEU E 73 46.27 -66.15 18.28
N THR E 74 46.23 -67.08 17.33
CA THR E 74 46.48 -68.48 17.61
C THR E 74 47.66 -69.01 16.81
N ILE E 75 48.41 -69.92 17.42
CA ILE E 75 49.52 -70.61 16.78
C ILE E 75 49.38 -72.10 17.07
N SER E 76 49.61 -72.92 16.05
CA SER E 76 49.41 -74.36 16.17
C SER E 76 50.70 -75.17 16.11
N SER E 77 51.80 -74.58 15.65
CA SER E 77 53.06 -75.28 15.45
C SER E 77 54.22 -74.47 16.02
N LEU E 78 54.08 -74.07 17.28
CA LEU E 78 55.04 -73.22 17.97
C LEU E 78 56.48 -73.64 17.69
N GLN E 79 57.33 -72.66 17.42
CA GLN E 79 58.71 -72.83 17.01
C GLN E 79 59.59 -71.97 17.90
N PRO E 80 60.80 -72.42 18.24
CA PRO E 80 61.60 -71.70 19.25
C PRO E 80 61.86 -70.24 18.96
N GLU E 81 62.09 -69.87 17.69
CA GLU E 81 62.33 -68.46 17.38
C GLU E 81 61.11 -67.59 17.62
N ASP E 82 59.91 -68.19 17.64
CA ASP E 82 58.69 -67.42 17.89
C ASP E 82 58.56 -66.98 19.34
N PHE E 83 59.43 -67.47 20.24
CA PHE E 83 59.33 -67.13 21.66
C PHE E 83 59.67 -65.67 21.88
N ALA E 84 58.65 -64.86 22.15
CA ALA E 84 58.82 -63.43 22.37
C ALA E 84 57.53 -62.89 23.00
N THR E 85 57.43 -61.57 23.06
CA THR E 85 56.23 -60.90 23.56
C THR E 85 55.41 -60.36 22.39
N TYR E 86 54.10 -60.34 22.56
CA TYR E 86 53.16 -59.96 21.52
C TYR E 86 52.33 -58.77 21.98
N TYR E 87 52.09 -57.84 21.06
CA TYR E 87 51.28 -56.66 21.31
C TYR E 87 50.18 -56.57 20.26
N CYS E 88 49.03 -56.06 20.66
CA CYS E 88 47.89 -55.87 19.76
C CYS E 88 47.65 -54.37 19.60
N GLN E 89 48.33 -53.76 18.64
CA GLN E 89 48.12 -52.34 18.36
C GLN E 89 46.78 -52.12 17.71
N GLN E 90 46.08 -51.07 18.15
CA GLN E 90 44.82 -50.69 17.53
C GLN E 90 45.07 -49.77 16.35
N ALA E 91 44.02 -49.60 15.53
CA ALA E 91 44.09 -48.66 14.42
C ALA E 91 42.80 -47.87 14.21
N ASN E 92 41.78 -48.04 15.06
CA ASN E 92 40.53 -47.34 14.84
C ASN E 92 40.65 -45.87 15.20
N SER E 93 40.85 -45.56 16.48
CA SER E 93 41.06 -44.20 16.89
C SER E 93 42.47 -43.77 16.52
N PHE E 94 42.61 -42.53 16.06
CA PHE E 94 43.90 -42.09 15.55
C PHE E 94 45.02 -42.14 16.60
N PRO E 95 44.81 -41.71 17.86
CA PRO E 95 45.87 -41.92 18.87
C PRO E 95 46.02 -43.40 19.20
N PHE E 96 46.69 -44.14 18.32
CA PHE E 96 46.84 -45.58 18.47
C PHE E 96 47.54 -45.91 19.78
N SER E 97 47.04 -46.93 20.46
CA SER E 97 47.61 -47.40 21.72
C SER E 97 48.03 -48.85 21.58
N PHE E 98 49.28 -49.13 21.94
CA PHE E 98 49.81 -50.48 21.84
C PHE E 98 49.25 -51.35 22.98
N GLY E 99 49.72 -52.58 23.06
CA GLY E 99 49.28 -53.49 24.09
C GLY E 99 50.28 -53.61 25.22
N PRO E 100 49.89 -54.27 26.31
CA PRO E 100 50.81 -54.45 27.44
C PRO E 100 51.97 -55.36 27.09
N GLY E 101 51.65 -56.53 26.53
CA GLY E 101 52.67 -57.53 26.22
C GLY E 101 52.31 -58.88 26.79
N THR E 102 52.83 -59.95 26.17
CA THR E 102 52.53 -61.31 26.64
C THR E 102 53.77 -62.16 26.40
N LYS E 103 54.51 -62.45 27.46
CA LYS E 103 55.73 -63.24 27.34
C LYS E 103 55.40 -64.71 27.22
N VAL E 104 56.13 -65.40 26.34
CA VAL E 104 56.04 -66.85 26.20
C VAL E 104 57.44 -67.42 26.44
N ASP E 105 57.51 -68.48 27.24
CA ASP E 105 58.77 -69.03 27.71
C ASP E 105 58.98 -70.44 27.14
N ILE E 106 60.05 -71.07 27.59
CA ILE E 106 60.41 -72.43 27.18
C ILE E 106 60.02 -73.37 28.32
N LYS E 107 59.05 -74.22 28.08
CA LYS E 107 58.60 -75.19 29.08
C LYS E 107 58.18 -76.50 28.43
N PRO F 1 -45.25 39.75 -13.43
CA PRO F 1 -46.66 39.99 -13.12
C PRO F 1 -46.88 40.58 -11.73
N ALA F 2 -48.13 40.60 -11.26
CA ALA F 2 -48.44 41.15 -9.95
C ALA F 2 -47.80 40.32 -8.85
N TYR F 3 -47.28 41.00 -7.84
CA TYR F 3 -46.62 40.37 -6.72
C TYR F 3 -47.45 40.51 -5.45
N THR F 4 -47.07 39.74 -4.44
CA THR F 4 -47.76 39.74 -3.16
C THR F 4 -46.75 39.38 -2.08
N ASN F 5 -47.01 39.85 -0.86
CA ASN F 5 -46.12 39.63 0.27
C ASN F 5 -46.66 38.47 1.11
N SER F 6 -45.82 37.46 1.32
CA SER F 6 -46.21 36.30 2.13
C SER F 6 -45.94 36.61 3.59
N PHE F 7 -47.00 36.81 4.37
CA PHE F 7 -46.88 37.19 5.77
C PHE F 7 -46.71 35.92 6.61
N THR F 8 -45.47 35.43 6.65
CA THR F 8 -45.10 34.25 7.44
C THR F 8 -45.98 33.05 7.08
N ARG F 9 -45.85 32.61 5.83
CA ARG F 9 -46.61 31.48 5.32
C ARG F 9 -45.65 30.49 4.66
N GLY F 10 -46.08 29.23 4.62
CA GLY F 10 -45.30 28.20 3.96
C GLY F 10 -44.38 27.40 4.87
N VAL F 11 -44.66 27.35 6.16
CA VAL F 11 -43.86 26.59 7.11
C VAL F 11 -44.56 25.28 7.40
N TYR F 12 -43.79 24.19 7.33
CA TYR F 12 -44.33 22.84 7.47
C TYR F 12 -43.61 22.12 8.60
N TYR F 13 -43.92 20.83 8.75
CA TYR F 13 -43.23 19.99 9.73
C TYR F 13 -42.02 19.36 9.05
N PRO F 14 -40.79 19.74 9.40
CA PRO F 14 -39.62 19.18 8.69
C PRO F 14 -39.43 17.69 8.89
N ASP F 15 -40.00 17.10 9.93
CA ASP F 15 -39.80 15.68 10.19
C ASP F 15 -40.99 15.15 11.00
N LYS F 16 -40.95 13.85 11.30
CA LYS F 16 -42.02 13.17 12.02
C LYS F 16 -41.68 12.97 13.49
N VAL F 17 -40.98 13.92 14.10
CA VAL F 17 -40.58 13.84 15.50
C VAL F 17 -41.51 14.72 16.33
N PHE F 18 -42.01 14.17 17.43
CA PHE F 18 -42.94 14.88 18.30
C PHE F 18 -42.16 15.58 19.41
N ARG F 19 -42.33 16.90 19.51
CA ARG F 19 -41.70 17.69 20.56
C ARG F 19 -42.76 18.49 21.30
N SER F 20 -42.65 18.54 22.61
CA SER F 20 -43.62 19.21 23.47
C SER F 20 -42.93 20.34 24.23
N SER F 21 -43.35 21.57 23.96
CA SER F 21 -42.83 22.77 24.63
C SER F 21 -41.31 22.87 24.47
N VAL F 22 -40.83 22.65 23.25
CA VAL F 22 -39.42 22.75 22.91
C VAL F 22 -39.28 23.73 21.75
N LEU F 23 -38.30 24.63 21.86
CA LEU F 23 -38.00 25.59 20.80
C LEU F 23 -36.88 24.99 19.95
N HIS F 24 -37.27 24.23 18.94
CA HIS F 24 -36.30 23.58 18.07
C HIS F 24 -35.84 24.54 16.98
N SER F 25 -34.57 24.43 16.61
CA SER F 25 -33.98 25.22 15.54
C SER F 25 -33.57 24.27 14.42
N THR F 26 -34.24 24.37 13.27
CA THR F 26 -34.02 23.46 12.16
C THR F 26 -33.40 24.20 10.98
N GLN F 27 -32.71 23.44 10.14
CA GLN F 27 -32.09 23.93 8.92
C GLN F 27 -32.63 23.12 7.76
N ASP F 28 -33.52 23.71 6.97
CA ASP F 28 -34.19 22.99 5.89
C ASP F 28 -34.55 23.99 4.80
N LEU F 29 -35.41 23.55 3.87
CA LEU F 29 -35.87 24.39 2.78
C LEU F 29 -37.20 25.02 3.17
N PHE F 30 -37.19 26.32 3.45
CA PHE F 30 -38.37 27.04 3.86
C PHE F 30 -38.59 28.24 2.94
N LEU F 31 -39.83 28.71 2.91
CA LEU F 31 -40.14 29.94 2.18
C LEU F 31 -39.76 31.13 3.03
N PRO F 32 -38.86 32.01 2.56
CA PRO F 32 -38.42 33.13 3.40
C PRO F 32 -39.57 34.04 3.80
N PHE F 33 -39.50 34.55 5.02
CA PHE F 33 -40.55 35.42 5.54
C PHE F 33 -40.57 36.74 4.78
N PHE F 34 -41.78 37.27 4.57
CA PHE F 34 -41.99 38.56 3.93
C PHE F 34 -41.31 38.63 2.57
N SER F 35 -41.44 37.54 1.81
CA SER F 35 -40.90 37.47 0.47
C SER F 35 -42.00 37.78 -0.56
N ASN F 36 -41.62 37.74 -1.83
CA ASN F 36 -42.52 38.08 -2.92
C ASN F 36 -42.99 36.80 -3.62
N VAL F 37 -44.31 36.63 -3.72
CA VAL F 37 -44.91 35.50 -4.40
C VAL F 37 -45.60 36.03 -5.66
N THR F 38 -45.34 35.38 -6.79
CA THR F 38 -45.90 35.81 -8.07
C THR F 38 -47.38 35.48 -8.10
N TRP F 39 -48.21 36.51 -7.93
CA TRP F 39 -49.66 36.32 -7.96
C TRP F 39 -50.12 36.09 -9.40
N PHE F 40 -50.90 35.04 -9.61
CA PHE F 40 -51.36 34.65 -10.94
C PHE F 40 -52.88 34.59 -10.95
N HIS F 41 -53.46 34.99 -12.08
CA HIS F 41 -54.91 34.94 -12.28
C HIS F 41 -55.20 34.46 -13.69
N ALA F 42 -56.35 33.82 -13.85
CA ALA F 42 -56.76 33.29 -15.15
C ALA F 42 -58.27 33.19 -15.26
N ASN F 56 -51.67 30.70 -17.78
CA ASN F 56 -51.28 29.38 -17.31
C ASN F 56 -49.94 28.95 -17.89
N PRO F 57 -48.90 29.74 -17.62
CA PRO F 57 -47.61 29.47 -18.24
C PRO F 57 -46.91 28.28 -17.62
N VAL F 58 -45.77 27.89 -18.18
CA VAL F 58 -44.89 26.94 -17.52
C VAL F 58 -44.07 27.68 -16.49
N LEU F 59 -43.80 27.04 -15.35
CA LEU F 59 -43.09 27.69 -14.27
C LEU F 59 -41.88 26.86 -13.85
N PRO F 60 -40.83 27.49 -13.35
CA PRO F 60 -39.66 26.72 -12.90
C PRO F 60 -39.94 26.02 -11.58
N PHE F 61 -39.00 25.15 -11.20
CA PHE F 61 -39.10 24.35 -9.97
C PHE F 61 -37.71 24.39 -9.33
N ASN F 62 -37.49 25.38 -8.48
CA ASN F 62 -36.20 25.61 -7.84
C ASN F 62 -36.25 25.06 -6.43
N ASP F 63 -35.77 23.82 -6.27
CA ASP F 63 -35.67 23.14 -4.98
C ASP F 63 -37.01 22.99 -4.27
N GLY F 64 -38.11 23.29 -4.95
CA GLY F 64 -39.43 23.22 -4.34
C GLY F 64 -40.22 24.49 -4.54
N VAL F 65 -41.55 24.39 -4.50
CA VAL F 65 -42.42 25.54 -4.65
C VAL F 65 -43.47 25.50 -3.55
N TYR F 66 -44.03 26.68 -3.25
CA TYR F 66 -45.13 26.83 -2.32
C TYR F 66 -46.35 27.27 -3.12
N PHE F 67 -47.31 26.37 -3.28
CA PHE F 67 -48.51 26.63 -4.06
C PHE F 67 -49.66 26.89 -3.10
N ALA F 68 -50.31 28.03 -3.26
CA ALA F 68 -51.45 28.40 -2.43
C ALA F 68 -52.53 29.02 -3.29
N SER F 69 -53.78 28.66 -3.02
CA SER F 69 -54.91 29.16 -3.80
C SER F 69 -56.15 29.22 -2.92
N THR F 70 -57.03 30.17 -3.24
CA THR F 70 -58.29 30.35 -2.53
C THR F 70 -59.43 30.44 -3.55
N GLU F 71 -59.96 29.29 -3.94
CA GLU F 71 -61.05 29.22 -4.91
C GLU F 71 -62.02 28.13 -4.49
N LYS F 72 -63.27 28.52 -4.23
CA LYS F 72 -64.27 27.55 -3.80
C LYS F 72 -64.76 26.67 -4.94
N SER F 73 -64.78 27.20 -6.18
CA SER F 73 -65.30 26.45 -7.31
C SER F 73 -64.37 25.32 -7.75
N ASN F 74 -63.16 25.24 -7.21
CA ASN F 74 -62.20 24.18 -7.53
C ASN F 74 -61.87 24.17 -9.02
N ILE F 75 -61.41 25.32 -9.51
CA ILE F 75 -61.03 25.44 -10.92
C ILE F 75 -59.76 24.63 -11.19
N ILE F 76 -58.77 24.75 -10.32
CA ILE F 76 -57.53 24.01 -10.47
C ILE F 76 -57.72 22.60 -9.91
N ARG F 77 -57.40 21.59 -10.71
CA ARG F 77 -57.59 20.20 -10.33
C ARG F 77 -56.37 19.36 -10.69
N GLY F 78 -55.18 19.86 -10.35
CA GLY F 78 -53.99 19.06 -10.55
C GLY F 78 -52.75 19.82 -10.99
N TRP F 79 -51.63 19.11 -11.08
CA TRP F 79 -50.35 19.68 -11.47
C TRP F 79 -49.58 18.67 -12.30
N ILE F 80 -48.61 19.17 -13.07
CA ILE F 80 -47.70 18.33 -13.83
C ILE F 80 -46.27 18.79 -13.57
N PHE F 81 -45.32 17.88 -13.76
CA PHE F 81 -43.92 18.18 -13.49
C PHE F 81 -43.05 17.52 -14.56
N GLY F 82 -41.87 18.09 -14.76
CA GLY F 82 -40.93 17.54 -15.73
C GLY F 82 -39.70 18.39 -15.83
N THR F 83 -38.71 17.88 -16.54
CA THR F 83 -37.44 18.58 -16.75
C THR F 83 -37.05 18.69 -18.22
N THR F 84 -37.31 17.67 -19.02
CA THR F 84 -36.98 17.63 -20.44
C THR F 84 -38.16 17.08 -21.23
N LEU F 85 -39.33 17.68 -20.99
CA LEU F 85 -40.62 17.15 -21.43
C LEU F 85 -40.61 16.69 -22.89
N ASP F 86 -40.79 15.38 -23.07
CA ASP F 86 -40.80 14.74 -24.38
C ASP F 86 -41.55 13.41 -24.22
N SER F 87 -41.44 12.55 -25.22
CA SER F 87 -41.96 11.19 -25.10
C SER F 87 -40.98 10.25 -24.45
N LYS F 88 -39.77 10.70 -24.12
CA LYS F 88 -38.71 9.85 -23.59
C LYS F 88 -38.56 9.95 -22.08
N THR F 89 -39.11 10.98 -21.45
CA THR F 89 -38.96 11.20 -20.02
C THR F 89 -40.31 11.20 -19.32
N GLN F 90 -40.29 10.81 -18.04
CA GLN F 90 -41.51 10.70 -17.26
C GLN F 90 -42.00 12.08 -16.83
N SER F 91 -43.26 12.13 -16.39
CA SER F 91 -43.88 13.37 -15.95
C SER F 91 -44.97 13.04 -14.94
N LEU F 92 -44.96 13.75 -13.82
CA LEU F 92 -45.96 13.53 -12.78
C LEU F 92 -47.33 14.05 -13.20
N LEU F 93 -48.37 13.41 -12.68
CA LEU F 93 -49.75 13.83 -12.91
C LEU F 93 -50.50 13.64 -11.61
N ILE F 94 -51.00 14.73 -11.03
CA ILE F 94 -51.63 14.68 -9.72
C ILE F 94 -53.06 15.20 -9.84
N VAL F 95 -53.71 14.90 -10.97
CA VAL F 95 -55.07 15.35 -11.18
C VAL F 95 -55.97 14.82 -10.06
N ASN F 96 -56.95 15.63 -9.67
CA ASN F 96 -57.79 15.38 -8.51
C ASN F 96 -59.23 15.19 -8.98
N ASN F 97 -59.67 13.94 -9.06
CA ASN F 97 -61.05 13.66 -9.41
C ASN F 97 -61.97 13.95 -8.22
N ALA F 98 -63.27 13.90 -8.48
CA ALA F 98 -64.25 14.23 -7.45
C ALA F 98 -64.20 13.25 -6.28
N THR F 99 -63.79 12.00 -6.53
CA THR F 99 -63.77 10.98 -5.50
C THR F 99 -62.37 10.61 -5.02
N ASN F 100 -61.37 10.67 -5.90
CA ASN F 100 -60.01 10.28 -5.55
C ASN F 100 -59.03 11.03 -6.44
N VAL F 101 -57.75 10.72 -6.28
CA VAL F 101 -56.69 11.27 -7.12
C VAL F 101 -55.89 10.10 -7.68
N VAL F 102 -55.17 10.38 -8.77
CA VAL F 102 -54.27 9.40 -9.36
C VAL F 102 -52.90 10.04 -9.51
N ILE F 103 -51.86 9.28 -9.14
CA ILE F 103 -50.49 9.74 -9.34
C ILE F 103 -49.87 8.92 -10.46
N LYS F 104 -49.98 9.43 -11.69
CA LYS F 104 -49.50 8.73 -12.87
C LYS F 104 -48.18 9.35 -13.30
N VAL F 105 -47.09 8.63 -13.08
CA VAL F 105 -45.78 9.01 -13.60
C VAL F 105 -45.47 8.06 -14.75
N CYS F 106 -45.58 8.57 -15.98
CA CYS F 106 -45.47 7.76 -17.17
C CYS F 106 -44.65 8.51 -18.20
N GLU F 107 -44.08 7.77 -19.16
CA GLU F 107 -43.32 8.39 -20.25
C GLU F 107 -44.29 8.80 -21.36
N PHE F 108 -45.07 9.84 -21.08
CA PHE F 108 -46.04 10.36 -22.03
C PHE F 108 -45.66 11.77 -22.46
N GLN F 109 -46.45 12.32 -23.37
CA GLN F 109 -46.25 13.68 -23.86
C GLN F 109 -47.61 14.35 -23.99
N PHE F 110 -47.59 15.68 -23.99
CA PHE F 110 -48.78 16.50 -23.99
C PHE F 110 -48.63 17.65 -24.99
N CYS F 111 -49.78 18.14 -25.46
CA CYS F 111 -49.80 19.22 -26.43
C CYS F 111 -49.63 20.57 -25.74
N ASN F 112 -49.74 21.64 -26.51
CA ASN F 112 -49.61 22.98 -25.97
C ASN F 112 -50.82 23.33 -25.10
N ASP F 113 -50.57 24.12 -24.06
CA ASP F 113 -51.58 24.56 -23.10
C ASP F 113 -52.37 23.38 -22.55
N PRO F 114 -51.78 22.53 -21.70
CA PRO F 114 -52.51 21.40 -21.15
C PRO F 114 -53.68 21.85 -20.28
N PHE F 115 -54.72 21.02 -20.25
CA PHE F 115 -55.90 21.25 -19.44
C PHE F 115 -56.68 19.95 -19.37
N LEU F 116 -57.90 20.00 -18.82
CA LEU F 116 -58.77 18.85 -18.77
C LEU F 116 -60.17 19.25 -19.15
N ASP F 117 -60.94 18.28 -19.61
CA ASP F 117 -62.32 18.50 -20.06
C ASP F 117 -63.23 18.94 -18.92
N MET F 130 -60.56 9.99 -18.93
CA MET F 130 -60.42 10.91 -20.04
C MET F 130 -59.86 12.27 -19.58
N GLU F 131 -58.70 12.64 -20.11
CA GLU F 131 -58.06 13.90 -19.79
C GLU F 131 -57.54 14.54 -21.07
N SER F 132 -57.68 15.86 -21.17
CA SER F 132 -57.26 16.55 -22.38
C SER F 132 -55.74 16.61 -22.50
N GLY F 133 -55.02 16.60 -21.38
CA GLY F 133 -53.58 16.66 -21.43
C GLY F 133 -52.91 15.37 -21.84
N VAL F 134 -53.64 14.25 -21.80
CA VAL F 134 -53.07 12.94 -22.08
C VAL F 134 -53.53 12.41 -23.44
N TYR F 135 -53.95 13.31 -24.34
CA TYR F 135 -54.38 12.88 -25.67
C TYR F 135 -53.25 12.22 -26.45
N SER F 136 -52.05 12.78 -26.37
CA SER F 136 -50.95 12.32 -27.22
C SER F 136 -50.61 10.85 -26.96
N SER F 137 -50.35 10.51 -25.70
CA SER F 137 -49.96 9.16 -25.35
C SER F 137 -50.01 8.99 -23.84
N ALA F 138 -50.03 7.73 -23.39
CA ALA F 138 -49.90 7.37 -21.99
C ALA F 138 -49.02 6.14 -21.84
N ASN F 139 -47.95 6.08 -22.64
CA ASN F 139 -47.16 4.86 -22.77
C ASN F 139 -45.98 4.85 -21.81
N ASN F 140 -45.47 3.65 -21.55
CA ASN F 140 -44.28 3.43 -20.73
C ASN F 140 -44.42 4.06 -19.35
N CYS F 141 -45.39 3.53 -18.59
CA CYS F 141 -45.69 4.05 -17.27
C CYS F 141 -45.11 3.13 -16.20
N THR F 142 -44.74 3.74 -15.07
CA THR F 142 -44.00 3.03 -14.02
C THR F 142 -44.78 2.91 -12.72
N PHE F 143 -45.25 4.01 -12.15
CA PHE F 143 -45.75 4.03 -10.78
C PHE F 143 -47.15 4.62 -10.72
N GLU F 144 -48.01 4.00 -9.92
CA GLU F 144 -49.40 4.39 -9.77
C GLU F 144 -49.77 4.44 -8.30
N TYR F 145 -50.66 5.38 -7.94
CA TYR F 145 -51.03 5.58 -6.56
C TYR F 145 -52.37 6.31 -6.51
N VAL F 146 -53.35 5.71 -5.81
CA VAL F 146 -54.68 6.32 -5.68
C VAL F 146 -55.12 6.25 -4.22
N SER F 147 -54.83 7.30 -3.45
CA SER F 147 -55.33 7.39 -2.08
C SER F 147 -56.15 8.65 -1.82
N GLN F 148 -55.60 9.83 -2.12
CA GLN F 148 -56.21 11.07 -1.67
C GLN F 148 -57.52 11.34 -2.40
N PRO F 149 -58.57 11.76 -1.68
CA PRO F 149 -59.85 12.12 -2.30
C PRO F 149 -59.77 13.35 -3.18
N LYS F 162 -65.20 31.34 2.30
CA LYS F 162 -64.40 30.41 1.51
C LYS F 162 -63.29 29.79 2.34
N ASN F 163 -62.39 29.06 1.69
CA ASN F 163 -61.26 28.43 2.35
C ASN F 163 -60.01 28.63 1.50
N LEU F 164 -58.86 28.51 2.15
CA LEU F 164 -57.56 28.69 1.52
C LEU F 164 -56.84 27.35 1.48
N ARG F 165 -56.42 26.94 0.28
CA ARG F 165 -55.66 25.72 0.09
C ARG F 165 -54.21 26.09 -0.22
N GLU F 166 -53.27 25.51 0.51
CA GLU F 166 -51.85 25.76 0.28
C GLU F 166 -51.08 24.46 0.34
N PHE F 167 -50.13 24.31 -0.57
CA PHE F 167 -49.35 23.09 -0.70
C PHE F 167 -47.87 23.42 -0.82
N VAL F 168 -47.04 22.45 -0.44
CA VAL F 168 -45.60 22.53 -0.63
C VAL F 168 -45.13 21.24 -1.29
N PHE F 169 -44.41 21.37 -2.39
CA PHE F 169 -43.87 20.23 -3.12
C PHE F 169 -42.35 20.27 -3.05
N LYS F 170 -41.75 19.16 -2.65
CA LYS F 170 -40.31 19.03 -2.56
C LYS F 170 -39.85 17.79 -3.29
N ASN F 171 -38.68 17.88 -3.91
CA ASN F 171 -38.09 16.78 -4.67
C ASN F 171 -36.63 16.64 -4.24
N ILE F 172 -36.38 15.80 -3.24
CA ILE F 172 -35.04 15.55 -2.73
C ILE F 172 -34.73 14.07 -2.83
N ASP F 173 -33.49 13.76 -3.20
CA ASP F 173 -32.93 12.41 -3.33
C ASP F 173 -33.92 11.38 -3.86
N GLY F 174 -34.65 11.73 -4.91
CA GLY F 174 -35.57 10.82 -5.54
C GLY F 174 -36.89 10.64 -4.85
N TYR F 175 -37.18 11.43 -3.83
CA TYR F 175 -38.43 11.34 -3.07
C TYR F 175 -39.24 12.61 -3.28
N PHE F 176 -40.50 12.44 -3.65
CA PHE F 176 -41.42 13.55 -3.84
C PHE F 176 -42.32 13.65 -2.61
N LYS F 177 -42.32 14.82 -1.97
CA LYS F 177 -43.04 15.04 -0.72
C LYS F 177 -44.03 16.18 -0.89
N ILE F 178 -45.23 15.99 -0.35
CA ILE F 178 -46.32 16.96 -0.46
C ILE F 178 -46.83 17.27 0.94
N TYR F 179 -47.03 18.57 1.21
CA TYR F 179 -47.60 19.05 2.46
C TYR F 179 -48.83 19.88 2.14
N SER F 180 -49.82 19.87 3.04
CA SER F 180 -51.06 20.57 2.76
C SER F 180 -51.72 21.03 4.05
N LYS F 181 -52.59 22.02 3.91
CA LYS F 181 -53.37 22.55 5.02
C LYS F 181 -54.57 23.30 4.45
N HIS F 182 -55.69 23.23 5.14
CA HIS F 182 -56.92 23.91 4.75
C HIS F 182 -57.34 24.86 5.85
N THR F 183 -57.55 26.13 5.50
CA THR F 183 -57.96 27.15 6.45
C THR F 183 -59.11 27.96 5.87
N PRO F 184 -60.23 28.08 6.57
CA PRO F 184 -61.40 28.85 6.07
C PRO F 184 -61.24 30.35 6.26
N ILE F 185 -60.57 30.99 5.31
CA ILE F 185 -60.31 32.41 5.37
C ILE F 185 -61.47 33.16 4.72
N ASN F 186 -61.71 34.39 5.18
CA ASN F 186 -62.85 35.17 4.72
C ASN F 186 -62.50 36.64 4.52
N LEU F 187 -61.25 36.95 4.21
CA LEU F 187 -60.80 38.32 4.01
C LEU F 187 -60.27 38.48 2.58
N VAL F 188 -59.60 39.62 2.35
CA VAL F 188 -59.13 39.98 1.02
C VAL F 188 -58.23 38.87 0.45
N ARG F 189 -58.11 38.86 -0.89
CA ARG F 189 -57.39 37.80 -1.59
C ARG F 189 -55.95 37.66 -1.13
N ASP F 190 -55.35 38.70 -0.58
CA ASP F 190 -53.98 38.62 -0.10
C ASP F 190 -53.85 37.52 0.94
N LEU F 191 -52.67 36.92 0.99
CA LEU F 191 -52.42 35.82 1.91
C LEU F 191 -52.64 36.30 3.35
N PRO F 192 -53.44 35.58 4.14
CA PRO F 192 -53.82 36.11 5.45
C PRO F 192 -52.63 36.22 6.40
N GLN F 193 -52.70 37.22 7.28
CA GLN F 193 -51.73 37.36 8.35
C GLN F 193 -52.03 36.37 9.45
N GLY F 194 -51.01 35.66 9.92
CA GLY F 194 -51.19 34.68 10.96
C GLY F 194 -50.18 33.56 10.80
N PHE F 195 -50.54 32.40 11.33
CA PHE F 195 -49.66 31.24 11.31
C PHE F 195 -50.46 29.97 11.10
N SER F 196 -49.92 29.07 10.28
CA SER F 196 -50.52 27.77 10.05
C SER F 196 -49.45 26.83 9.53
N ALA F 197 -49.28 25.69 10.20
CA ALA F 197 -48.23 24.74 9.87
C ALA F 197 -48.77 23.67 8.93
N LEU F 198 -48.02 23.38 7.88
CA LEU F 198 -48.43 22.43 6.86
C LEU F 198 -48.02 21.02 7.24
N GLU F 199 -48.95 20.08 7.12
CA GLU F 199 -48.72 18.69 7.48
C GLU F 199 -48.53 17.84 6.22
N PRO F 200 -47.70 16.80 6.29
CA PRO F 200 -47.42 16.00 5.09
C PRO F 200 -48.61 15.14 4.70
N LEU F 201 -48.81 15.01 3.38
CA LEU F 201 -49.85 14.14 2.84
C LEU F 201 -49.30 12.76 2.48
N VAL F 202 -48.37 12.73 1.52
CA VAL F 202 -47.86 11.48 0.96
C VAL F 202 -46.37 11.65 0.67
N ASP F 203 -45.70 10.51 0.49
CA ASP F 203 -44.32 10.47 0.03
C ASP F 203 -44.21 9.42 -1.06
N LEU F 204 -43.62 9.79 -2.19
CA LEU F 204 -43.59 8.93 -3.36
C LEU F 204 -42.16 8.72 -3.84
N PRO F 205 -41.75 7.47 -4.07
CA PRO F 205 -40.39 7.19 -4.57
C PRO F 205 -40.32 7.23 -6.10
N ILE F 206 -40.69 8.36 -6.69
CA ILE F 206 -40.67 8.50 -8.13
C ILE F 206 -39.25 8.42 -8.66
N GLY F 207 -38.30 9.04 -7.98
CA GLY F 207 -36.90 9.00 -8.39
C GLY F 207 -36.63 9.60 -9.75
N ILE F 208 -37.23 10.74 -10.05
CA ILE F 208 -37.02 11.39 -11.35
C ILE F 208 -36.45 12.78 -11.14
N ASN F 209 -36.16 13.47 -12.25
CA ASN F 209 -35.67 14.84 -12.23
C ASN F 209 -36.80 15.78 -12.63
N ILE F 210 -36.97 16.86 -11.88
CA ILE F 210 -38.02 17.84 -12.11
C ILE F 210 -37.40 19.23 -12.20
N THR F 211 -37.73 19.95 -13.26
CA THR F 211 -37.27 21.32 -13.43
C THR F 211 -38.40 22.30 -13.71
N ARG F 212 -39.41 21.90 -14.47
CA ARG F 212 -40.53 22.75 -14.80
C ARG F 212 -41.77 22.29 -14.04
N PHE F 213 -42.88 23.01 -14.26
CA PHE F 213 -44.06 22.85 -13.43
C PHE F 213 -45.20 23.61 -14.09
N GLN F 214 -46.41 23.04 -14.05
CA GLN F 214 -47.59 23.68 -14.60
C GLN F 214 -48.84 23.11 -13.94
N THR F 215 -49.81 23.97 -13.67
CA THR F 215 -51.06 23.56 -13.06
C THR F 215 -52.08 23.19 -14.13
N LEU F 216 -53.04 22.35 -13.74
CA LEU F 216 -54.08 21.84 -14.64
C LEU F 216 -55.43 22.35 -14.13
N LEU F 217 -56.02 23.30 -14.84
CA LEU F 217 -57.33 23.83 -14.53
C LEU F 217 -58.43 23.05 -15.24
N ALA F 218 -59.67 23.36 -14.87
CA ALA F 218 -60.84 22.70 -15.45
C ALA F 218 -61.45 23.66 -16.49
N LEU F 219 -60.93 23.59 -17.71
CA LEU F 219 -61.40 24.45 -18.78
C LEU F 219 -62.66 23.86 -19.38
N HIS F 220 -63.81 24.48 -19.11
CA HIS F 220 -65.08 23.99 -19.61
C HIS F 220 -66.02 25.16 -19.94
N ALA F 238 -59.74 31.63 -10.84
CA ALA F 238 -58.47 30.99 -11.16
C ALA F 238 -57.30 31.82 -10.66
N ALA F 239 -57.27 32.07 -9.34
CA ALA F 239 -56.21 32.85 -8.72
C ALA F 239 -55.43 31.96 -7.76
N TYR F 240 -54.12 31.94 -7.91
CA TYR F 240 -53.25 31.14 -7.06
C TYR F 240 -51.91 31.83 -6.91
N TYR F 241 -51.14 31.37 -5.94
CA TYR F 241 -49.86 31.97 -5.59
C TYR F 241 -48.76 30.91 -5.64
N VAL F 242 -47.60 31.29 -6.18
CA VAL F 242 -46.46 30.39 -6.30
C VAL F 242 -45.23 31.07 -5.72
N GLY F 243 -44.57 30.40 -4.79
CA GLY F 243 -43.33 30.91 -4.22
C GLY F 243 -42.32 29.80 -4.09
N TYR F 244 -41.06 30.15 -4.30
CA TYR F 244 -39.97 29.20 -4.34
C TYR F 244 -39.30 29.08 -2.98
N LEU F 245 -38.85 27.87 -2.65
CA LEU F 245 -38.20 27.59 -1.38
C LEU F 245 -36.71 27.82 -1.48
N GLN F 246 -36.12 28.27 -0.38
CA GLN F 246 -34.69 28.52 -0.27
C GLN F 246 -34.16 27.89 1.01
N PRO F 247 -32.88 27.52 1.05
CA PRO F 247 -32.31 26.98 2.29
C PRO F 247 -32.23 28.03 3.37
N ARG F 248 -33.04 27.87 4.42
CA ARG F 248 -33.12 28.84 5.50
C ARG F 248 -33.10 28.11 6.84
N THR F 249 -32.73 28.85 7.88
CA THR F 249 -32.76 28.35 9.25
C THR F 249 -33.95 28.96 9.97
N PHE F 250 -34.74 28.14 10.65
CA PHE F 250 -35.93 28.58 11.34
C PHE F 250 -35.87 28.15 12.80
N LEU F 251 -36.55 28.90 13.66
CA LEU F 251 -36.68 28.55 15.08
C LEU F 251 -38.17 28.28 15.33
N LEU F 252 -38.54 27.01 15.35
CA LEU F 252 -39.93 26.61 15.52
C LEU F 252 -40.28 26.51 16.98
N LYS F 253 -41.55 26.82 17.30
CA LYS F 253 -42.04 26.84 18.68
C LYS F 253 -43.13 25.80 18.82
N TYR F 254 -42.74 24.57 19.17
CA TYR F 254 -43.70 23.52 19.43
C TYR F 254 -44.40 23.77 20.75
N ASN F 255 -45.72 23.58 20.77
CA ASN F 255 -46.49 23.76 21.98
C ASN F 255 -46.60 22.43 22.72
N GLU F 256 -47.47 22.37 23.73
CA GLU F 256 -47.57 21.19 24.58
C GLU F 256 -48.08 19.97 23.80
N ASN F 257 -48.89 20.18 22.77
CA ASN F 257 -49.46 19.09 22.02
C ASN F 257 -48.63 18.69 20.81
N GLY F 258 -47.49 19.33 20.59
CA GLY F 258 -46.64 19.03 19.46
C GLY F 258 -46.91 19.86 18.22
N THR F 259 -47.96 20.68 18.22
CA THR F 259 -48.29 21.50 17.07
C THR F 259 -47.43 22.76 17.06
N ILE F 260 -46.88 23.10 15.90
CA ILE F 260 -46.10 24.33 15.78
C ILE F 260 -47.04 25.52 15.83
N THR F 261 -46.73 26.48 16.72
CA THR F 261 -47.56 27.66 16.88
C THR F 261 -46.91 28.94 16.38
N ASP F 262 -45.59 29.01 16.33
CA ASP F 262 -44.90 30.20 15.85
C ASP F 262 -43.51 29.81 15.36
N ALA F 263 -42.93 30.68 14.54
CA ALA F 263 -41.61 30.44 14.00
C ALA F 263 -40.90 31.78 13.79
N VAL F 264 -39.57 31.73 13.77
CA VAL F 264 -38.75 32.92 13.63
C VAL F 264 -37.72 32.65 12.53
N ASP F 265 -37.63 33.56 11.57
CA ASP F 265 -36.62 33.46 10.51
C ASP F 265 -35.27 33.87 11.05
N CYS F 266 -34.29 32.97 10.96
CA CYS F 266 -32.98 33.21 11.57
C CYS F 266 -32.18 34.30 10.86
N ALA F 267 -32.63 34.77 9.69
CA ALA F 267 -31.87 35.77 8.96
C ALA F 267 -32.74 36.88 8.38
N LEU F 268 -33.91 37.13 8.96
CA LEU F 268 -34.78 38.19 8.44
C LEU F 268 -34.22 39.56 8.76
N ASP F 269 -33.80 39.77 10.01
CA ASP F 269 -33.33 41.06 10.48
C ASP F 269 -32.57 40.85 11.78
N PRO F 270 -31.81 41.86 12.25
CA PRO F 270 -30.97 41.64 13.43
C PRO F 270 -31.72 41.15 14.66
N LEU F 271 -32.94 41.64 14.90
CA LEU F 271 -33.70 41.17 16.06
C LEU F 271 -34.00 39.69 15.96
N SER F 272 -34.40 39.23 14.78
CA SER F 272 -34.66 37.80 14.59
C SER F 272 -33.38 36.99 14.70
N GLU F 273 -32.25 37.54 14.25
CA GLU F 273 -30.98 36.85 14.43
C GLU F 273 -30.65 36.70 15.91
N THR F 274 -30.91 37.74 16.71
CA THR F 274 -30.70 37.65 18.15
C THR F 274 -31.60 36.59 18.77
N LYS F 275 -32.87 36.57 18.37
CA LYS F 275 -33.79 35.56 18.88
C LYS F 275 -33.31 34.15 18.53
N CYS F 276 -32.84 33.98 17.30
CA CYS F 276 -32.33 32.69 16.86
C CYS F 276 -31.09 32.28 17.64
N THR F 277 -30.23 33.25 17.95
CA THR F 277 -29.01 32.95 18.70
C THR F 277 -29.31 32.57 20.14
N LEU F 278 -30.17 33.33 20.81
CA LEU F 278 -30.52 33.03 22.20
C LEU F 278 -31.43 31.82 22.32
N LYS F 279 -31.96 31.30 21.22
CA LYS F 279 -32.91 30.19 21.23
C LYS F 279 -34.11 30.49 22.11
N SER F 280 -34.62 31.73 22.01
CA SER F 280 -35.81 32.12 22.74
C SER F 280 -36.57 33.15 21.92
N PHE F 281 -37.87 33.24 22.16
CA PHE F 281 -38.73 34.17 21.45
C PHE F 281 -38.81 35.53 22.10
N THR F 282 -38.24 35.70 23.28
CA THR F 282 -38.20 36.99 23.97
C THR F 282 -36.78 37.27 24.43
N VAL F 283 -36.33 38.49 24.23
CA VAL F 283 -34.99 38.92 24.63
C VAL F 283 -35.12 40.15 25.50
N GLU F 284 -34.31 40.21 26.55
CA GLU F 284 -34.34 41.32 27.49
C GLU F 284 -33.33 42.39 27.10
N LYS F 285 -33.37 43.50 27.82
CA LYS F 285 -32.49 44.62 27.54
C LYS F 285 -31.03 44.21 27.69
N GLY F 286 -30.21 44.61 26.73
CA GLY F 286 -28.79 44.31 26.78
C GLY F 286 -28.18 44.31 25.40
N ILE F 287 -26.92 43.92 25.36
CA ILE F 287 -26.16 43.82 24.12
C ILE F 287 -25.75 42.37 23.94
N TYR F 288 -26.06 41.80 22.77
CA TYR F 288 -25.75 40.42 22.46
C TYR F 288 -24.96 40.34 21.17
N GLN F 289 -23.93 39.49 21.16
CA GLN F 289 -23.19 39.21 19.95
C GLN F 289 -23.85 38.05 19.22
N THR F 290 -24.15 38.25 17.94
CA THR F 290 -24.89 37.27 17.15
C THR F 290 -24.05 36.58 16.10
N SER F 291 -23.39 37.34 15.22
CA SER F 291 -22.65 36.73 14.13
C SER F 291 -21.21 37.22 14.06
N ASN F 292 -20.51 36.87 13.00
CA ASN F 292 -19.15 37.30 12.76
C ASN F 292 -19.08 37.99 11.40
N PHE F 293 -18.46 39.17 11.37
CA PHE F 293 -18.39 39.98 10.17
C PHE F 293 -16.99 39.89 9.58
N ARG F 294 -16.91 39.60 8.28
CA ARG F 294 -15.64 39.41 7.59
C ARG F 294 -15.73 40.00 6.20
N VAL F 295 -14.68 40.68 5.78
CA VAL F 295 -14.63 41.31 4.46
C VAL F 295 -14.01 40.32 3.48
N GLN F 296 -14.78 39.94 2.46
CA GLN F 296 -14.32 38.98 1.48
C GLN F 296 -13.39 39.65 0.46
N PRO F 297 -12.38 38.94 -0.02
CA PRO F 297 -11.49 39.52 -1.03
C PRO F 297 -12.19 39.62 -2.37
N THR F 298 -11.85 40.68 -3.12
CA THR F 298 -12.50 40.95 -4.40
C THR F 298 -11.72 40.38 -5.58
N GLU F 299 -10.49 40.81 -5.76
CA GLU F 299 -9.68 40.44 -6.91
C GLU F 299 -8.66 39.38 -6.52
N SER F 300 -7.77 39.05 -7.46
CA SER F 300 -6.69 38.11 -7.22
C SER F 300 -5.55 38.49 -8.15
N ILE F 301 -4.51 39.10 -7.60
CA ILE F 301 -3.42 39.64 -8.40
C ILE F 301 -2.16 38.81 -8.18
N VAL F 302 -1.27 38.87 -9.16
CA VAL F 302 0.02 38.21 -9.12
C VAL F 302 1.05 39.13 -9.74
N ARG F 303 2.26 39.16 -9.15
CA ARG F 303 3.32 40.02 -9.65
C ARG F 303 4.63 39.24 -9.65
N PHE F 304 5.34 39.30 -10.76
CA PHE F 304 6.60 38.59 -10.98
C PHE F 304 7.58 39.54 -11.63
N PRO F 305 8.88 39.28 -11.50
CA PRO F 305 9.89 40.17 -12.10
C PRO F 305 9.74 40.25 -13.62
N ASN F 306 10.46 41.21 -14.19
CA ASN F 306 10.41 41.43 -15.63
C ASN F 306 10.94 40.21 -16.38
N ILE F 307 10.34 39.94 -17.53
CA ILE F 307 10.77 38.83 -18.38
C ILE F 307 12.01 39.28 -19.14
N THR F 308 13.16 38.77 -18.74
CA THR F 308 14.44 39.12 -19.34
C THR F 308 15.25 37.85 -19.60
N ASN F 309 16.33 38.01 -20.37
CA ASN F 309 17.24 36.92 -20.72
C ASN F 309 16.48 35.79 -21.42
N LEU F 310 15.89 36.12 -22.56
CA LEU F 310 15.15 35.13 -23.34
C LEU F 310 16.11 34.16 -24.00
N CYS F 311 15.65 32.91 -24.17
CA CYS F 311 16.48 31.86 -24.73
C CYS F 311 16.72 32.09 -26.22
N PRO F 312 17.79 31.54 -26.76
CA PRO F 312 18.16 31.79 -28.16
C PRO F 312 17.41 30.96 -29.20
N PHE F 313 16.24 30.42 -28.88
CA PHE F 313 15.50 29.58 -29.83
C PHE F 313 15.31 30.26 -31.17
N GLY F 314 15.17 31.59 -31.18
CA GLY F 314 14.99 32.29 -32.44
C GLY F 314 16.16 32.11 -33.39
N GLU F 315 17.37 31.99 -32.84
CA GLU F 315 18.55 31.81 -33.69
C GLU F 315 18.58 30.42 -34.31
N VAL F 316 18.33 29.38 -33.52
CA VAL F 316 18.41 28.02 -34.05
C VAL F 316 17.28 27.75 -35.02
N PHE F 317 16.07 28.23 -34.71
CA PHE F 317 14.97 27.99 -35.63
C PHE F 317 15.01 28.89 -36.85
N ASN F 318 15.80 29.97 -36.84
CA ASN F 318 15.96 30.86 -37.98
C ASN F 318 17.45 31.06 -38.23
N ALA F 319 18.04 30.15 -39.01
CA ALA F 319 19.44 30.23 -39.38
C ALA F 319 19.59 29.89 -40.85
N THR F 320 20.63 30.45 -41.46
CA THR F 320 20.86 30.23 -42.88
C THR F 320 21.25 28.78 -43.16
N ARG F 321 22.17 28.23 -42.36
CA ARG F 321 22.79 26.95 -42.63
C ARG F 321 22.50 25.97 -41.51
N PHE F 322 22.02 24.78 -41.86
CA PHE F 322 21.99 23.65 -40.94
C PHE F 322 23.03 22.63 -41.37
N ALA F 323 23.68 22.03 -40.39
CA ALA F 323 24.73 21.06 -40.68
C ALA F 323 24.14 19.77 -41.23
N SER F 324 24.99 19.00 -41.92
CA SER F 324 24.55 17.73 -42.48
C SER F 324 24.12 16.78 -41.38
N VAL F 325 23.29 15.81 -41.73
CA VAL F 325 22.70 14.93 -40.73
C VAL F 325 23.76 14.06 -40.08
N TYR F 326 24.76 13.62 -40.85
CA TYR F 326 25.80 12.76 -40.29
C TYR F 326 26.59 13.49 -39.22
N ALA F 327 26.84 14.78 -39.41
CA ALA F 327 27.52 15.63 -38.44
C ALA F 327 26.57 16.74 -38.01
N TRP F 328 25.71 16.42 -37.05
CA TRP F 328 24.74 17.40 -36.55
C TRP F 328 25.33 18.16 -35.36
N ASN F 329 24.85 19.39 -35.18
CA ASN F 329 25.36 20.28 -34.15
C ASN F 329 24.42 20.33 -32.97
N ARG F 330 24.98 20.18 -31.77
CA ARG F 330 24.21 20.19 -30.53
C ARG F 330 24.48 21.50 -29.80
N LYS F 331 23.42 22.25 -29.54
CA LYS F 331 23.52 23.51 -28.81
C LYS F 331 22.81 23.37 -27.48
N ARG F 332 23.52 23.66 -26.40
CA ARG F 332 22.94 23.61 -25.07
C ARG F 332 22.25 24.93 -24.76
N ILE F 333 21.05 24.85 -24.19
CA ILE F 333 20.28 26.02 -23.80
C ILE F 333 20.16 25.99 -22.27
N SER F 334 20.73 26.99 -21.62
CA SER F 334 20.77 27.00 -20.16
C SER F 334 20.71 28.42 -19.65
N ASN F 335 20.15 28.58 -18.45
CA ASN F 335 20.10 29.86 -17.74
C ASN F 335 19.40 30.93 -18.58
N CYS F 336 18.15 30.65 -18.95
CA CYS F 336 17.34 31.61 -19.68
C CYS F 336 15.87 31.23 -19.51
N VAL F 337 15.01 32.15 -19.90
CA VAL F 337 13.56 31.92 -19.89
C VAL F 337 13.13 31.56 -21.31
N ALA F 338 12.42 30.45 -21.44
CA ALA F 338 12.06 29.88 -22.74
C ALA F 338 10.55 29.94 -22.92
N ASP F 339 10.10 30.63 -23.96
CA ASP F 339 8.69 30.72 -24.30
C ASP F 339 8.40 29.78 -25.47
N TYR F 340 7.79 28.63 -25.17
CA TYR F 340 7.42 27.67 -26.20
C TYR F 340 6.13 28.03 -26.91
N SER F 341 5.43 29.08 -26.47
CA SER F 341 4.21 29.50 -27.14
C SER F 341 4.52 30.00 -28.55
N VAL F 342 5.62 30.74 -28.72
CA VAL F 342 5.99 31.24 -30.04
C VAL F 342 6.30 30.09 -30.99
N LEU F 343 6.71 28.93 -30.45
CA LEU F 343 6.98 27.78 -31.29
C LEU F 343 5.70 27.00 -31.60
N TYR F 344 4.89 26.74 -30.58
CA TYR F 344 3.68 25.96 -30.78
C TYR F 344 2.67 26.70 -31.65
N ASN F 345 2.56 28.02 -31.49
CA ASN F 345 1.57 28.79 -32.24
C ASN F 345 2.03 29.12 -33.65
N SER F 346 3.25 28.79 -34.02
CA SER F 346 3.69 29.00 -35.39
C SER F 346 2.99 28.03 -36.33
N ALA F 347 2.85 28.46 -37.59
CA ALA F 347 2.13 27.67 -38.59
C ALA F 347 3.00 27.05 -39.66
N SER F 348 4.23 27.54 -39.83
CA SER F 348 5.11 26.99 -40.87
C SER F 348 5.57 25.58 -40.55
N PHE F 349 5.53 25.18 -39.29
CA PHE F 349 6.01 23.85 -38.92
C PHE F 349 5.03 22.79 -39.42
N SER F 350 5.55 21.76 -40.08
CA SER F 350 4.70 20.71 -40.61
C SER F 350 4.42 19.64 -39.57
N THR F 351 5.46 19.09 -38.95
CA THR F 351 5.32 18.07 -37.92
C THR F 351 5.79 18.63 -36.59
N PHE F 352 4.95 18.52 -35.57
CA PHE F 352 5.29 18.98 -34.24
C PHE F 352 4.78 17.96 -33.22
N LYS F 353 5.11 16.69 -33.47
CA LYS F 353 4.73 15.63 -32.54
C LYS F 353 5.60 15.69 -31.30
N CYS F 354 4.99 15.52 -30.13
CA CYS F 354 5.75 15.52 -28.89
C CYS F 354 5.49 14.26 -28.09
N TYR F 355 6.53 13.79 -27.40
CA TYR F 355 6.58 12.45 -26.83
C TYR F 355 6.53 12.42 -25.31
N GLY F 356 7.44 13.09 -24.63
CA GLY F 356 7.51 13.00 -23.19
C GLY F 356 6.67 14.04 -22.47
N VAL F 357 6.29 15.09 -23.19
CA VAL F 357 5.52 16.20 -22.62
C VAL F 357 4.42 16.59 -23.58
N SER F 358 3.39 17.21 -23.04
CA SER F 358 2.36 17.73 -23.94
C SER F 358 2.63 19.19 -24.23
N PRO F 359 2.32 19.63 -25.46
CA PRO F 359 2.63 21.02 -25.83
C PRO F 359 1.87 22.06 -25.00
N THR F 360 0.73 21.68 -24.40
CA THR F 360 -0.04 22.65 -23.64
C THR F 360 0.71 23.11 -22.39
N LYS F 361 1.26 22.16 -21.63
CA LYS F 361 1.97 22.47 -20.39
C LYS F 361 3.47 22.64 -20.59
N LEU F 362 3.91 22.99 -21.80
CA LEU F 362 5.34 23.15 -22.05
C LEU F 362 5.91 24.30 -21.23
N ASN F 363 5.16 25.39 -21.10
CA ASN F 363 5.65 26.55 -20.36
C ASN F 363 5.74 26.28 -18.86
N ASP F 364 4.86 25.45 -18.32
CA ASP F 364 4.83 25.16 -16.88
C ASP F 364 5.66 23.92 -16.54
N LEU F 365 6.92 23.91 -16.96
CA LEU F 365 7.84 22.82 -16.66
C LEU F 365 9.26 23.34 -16.70
N CYS F 366 9.94 23.21 -15.56
CA CYS F 366 11.33 23.71 -15.44
C CYS F 366 12.30 22.55 -15.64
N PHE F 367 13.30 22.74 -16.50
CA PHE F 367 14.26 21.70 -16.84
C PHE F 367 15.68 22.22 -16.59
N THR F 368 16.58 21.29 -16.30
CA THR F 368 17.98 21.67 -16.07
C THR F 368 18.63 22.20 -17.35
N ASN F 369 18.50 21.46 -18.45
CA ASN F 369 19.12 21.84 -19.70
C ASN F 369 18.20 21.44 -20.85
N VAL F 370 18.32 22.17 -21.97
CA VAL F 370 17.60 21.86 -23.19
C VAL F 370 18.60 21.84 -24.33
N TYR F 371 18.61 20.76 -25.10
CA TYR F 371 19.51 20.60 -26.24
C TYR F 371 18.72 20.72 -27.53
N ALA F 372 19.20 21.55 -28.44
CA ALA F 372 18.58 21.74 -29.74
C ALA F 372 19.51 21.19 -30.82
N ASP F 373 19.15 20.03 -31.36
CA ASP F 373 19.93 19.38 -32.41
C ASP F 373 19.29 19.69 -33.76
N SER F 374 20.08 20.25 -34.66
CA SER F 374 19.59 20.75 -35.94
C SER F 374 20.30 20.05 -37.09
N PHE F 375 19.53 19.51 -38.02
CA PHE F 375 20.06 18.89 -39.23
C PHE F 375 19.00 18.93 -40.30
N VAL F 376 19.41 18.69 -41.54
CA VAL F 376 18.51 18.72 -42.69
C VAL F 376 18.50 17.34 -43.34
N ILE F 377 17.30 16.80 -43.56
CA ILE F 377 17.09 15.49 -44.15
C ILE F 377 15.99 15.60 -45.19
N ARG F 378 15.89 14.59 -46.05
CA ARG F 378 14.88 14.60 -47.09
C ARG F 378 13.50 14.27 -46.50
N GLY F 379 12.48 14.44 -47.33
CA GLY F 379 11.11 14.37 -46.84
C GLY F 379 10.72 12.99 -46.35
N ASP F 380 11.09 11.94 -47.09
CA ASP F 380 10.64 10.60 -46.74
C ASP F 380 11.26 10.12 -45.43
N GLU F 381 12.40 10.68 -45.04
CA GLU F 381 13.11 10.22 -43.86
C GLU F 381 12.65 10.88 -42.58
N VAL F 382 11.75 11.86 -42.64
CA VAL F 382 11.32 12.57 -41.44
C VAL F 382 10.58 11.65 -40.49
N ARG F 383 10.02 10.54 -40.99
CA ARG F 383 9.30 9.62 -40.13
C ARG F 383 10.22 8.81 -39.24
N GLN F 384 11.51 8.77 -39.55
CA GLN F 384 12.47 7.96 -38.79
C GLN F 384 13.07 8.72 -37.62
N ILE F 385 12.77 10.00 -37.46
CA ILE F 385 13.25 10.75 -36.30
C ILE F 385 12.24 10.58 -35.17
N ALA F 386 12.35 9.48 -34.44
CA ALA F 386 11.41 9.13 -33.38
C ALA F 386 12.03 8.02 -32.56
N PRO F 387 11.65 7.88 -31.30
CA PRO F 387 12.14 6.77 -30.50
C PRO F 387 11.72 5.43 -31.09
N GLY F 388 12.65 4.48 -31.08
CA GLY F 388 12.38 3.15 -31.58
C GLY F 388 11.96 3.11 -33.04
N GLN F 389 12.85 3.49 -33.94
CA GLN F 389 12.56 3.44 -35.37
C GLN F 389 13.79 2.93 -36.10
N THR F 390 13.54 2.30 -37.26
CA THR F 390 14.57 1.63 -38.03
C THR F 390 14.72 2.31 -39.39
N GLY F 391 15.97 2.56 -39.76
CA GLY F 391 16.27 3.17 -41.04
C GLY F 391 17.73 3.56 -41.06
N LYS F 392 18.19 3.94 -42.26
CA LYS F 392 19.58 4.37 -42.36
C LYS F 392 19.82 5.64 -41.57
N ILE F 393 18.87 6.58 -41.61
CA ILE F 393 19.02 7.86 -40.92
C ILE F 393 18.82 7.74 -39.42
N ALA F 394 18.26 6.62 -38.96
CA ALA F 394 18.06 6.39 -37.53
C ALA F 394 18.97 5.29 -37.00
N ASP F 395 19.92 4.82 -37.79
CA ASP F 395 20.85 3.80 -37.33
C ASP F 395 22.29 4.25 -37.54
N TYR F 396 22.55 4.99 -38.63
CA TYR F 396 23.90 5.41 -38.95
C TYR F 396 24.15 6.89 -38.76
N ASN F 397 23.10 7.71 -38.71
CA ASN F 397 23.30 9.15 -38.66
C ASN F 397 22.87 9.77 -37.34
N TYR F 398 21.62 9.55 -36.94
CA TYR F 398 21.06 10.19 -35.75
C TYR F 398 20.04 9.25 -35.12
N LYS F 399 20.32 8.79 -33.91
CA LYS F 399 19.46 7.84 -33.21
C LYS F 399 19.02 8.45 -31.89
N LEU F 400 17.70 8.44 -31.65
CA LEU F 400 17.01 8.91 -30.45
C LEU F 400 16.76 7.75 -29.50
N PRO F 401 17.04 7.94 -28.20
CA PRO F 401 16.78 6.87 -27.24
C PRO F 401 15.29 6.64 -27.05
N ASP F 402 14.96 5.43 -26.61
CA ASP F 402 13.55 5.08 -26.38
C ASP F 402 12.93 5.96 -25.29
N ASP F 403 13.67 6.20 -24.21
CA ASP F 403 13.20 7.07 -23.13
C ASP F 403 13.55 8.50 -23.49
N PHE F 404 12.74 9.09 -24.37
CA PHE F 404 12.99 10.42 -24.91
C PHE F 404 11.99 11.39 -24.30
N THR F 405 12.50 12.42 -23.63
CA THR F 405 11.69 13.47 -23.03
C THR F 405 11.97 14.75 -23.80
N GLY F 406 11.23 14.96 -24.90
CA GLY F 406 11.43 16.16 -25.75
C GLY F 406 10.44 16.26 -26.90
N CYS F 407 10.69 17.15 -27.87
CA CYS F 407 9.79 17.33 -29.04
C CYS F 407 10.60 17.30 -30.34
N VAL F 408 9.93 17.02 -31.47
CA VAL F 408 10.62 17.02 -32.80
C VAL F 408 9.89 18.03 -33.71
N ILE F 409 10.62 18.95 -34.35
CA ILE F 409 9.99 19.98 -35.17
C ILE F 409 10.66 19.97 -36.53
N ALA F 410 9.85 19.86 -37.60
CA ALA F 410 10.38 19.81 -38.96
C ALA F 410 9.49 20.62 -39.89
N TRP F 411 10.12 21.46 -40.71
CA TRP F 411 9.40 22.28 -41.67
C TRP F 411 10.10 22.19 -43.03
N ASN F 412 9.30 22.16 -44.09
CA ASN F 412 9.87 22.07 -45.43
C ASN F 412 10.71 23.29 -45.75
N SER F 413 11.85 23.06 -46.39
CA SER F 413 12.77 24.13 -46.78
C SER F 413 13.27 23.93 -48.18
N ASN F 414 12.36 23.62 -49.12
CA ASN F 414 12.76 23.49 -50.52
C ASN F 414 13.32 24.81 -51.04
N ASN F 415 12.70 25.92 -50.66
CA ASN F 415 13.16 27.23 -51.12
C ASN F 415 14.52 27.58 -50.56
N LEU F 416 14.80 27.19 -49.31
CA LEU F 416 16.06 27.55 -48.68
C LEU F 416 17.22 26.72 -49.21
N ASP F 417 17.02 25.43 -49.44
CA ASP F 417 18.10 24.51 -49.82
C ASP F 417 17.72 23.78 -51.11
N SER F 418 18.06 24.38 -52.25
CA SER F 418 17.82 23.74 -53.54
C SER F 418 18.66 24.45 -54.60
N LYS F 419 19.48 23.69 -55.31
CA LYS F 419 20.32 24.22 -56.37
C LYS F 419 19.86 23.66 -57.70
N VAL F 420 20.01 24.48 -58.75
CA VAL F 420 19.55 24.07 -60.08
C VAL F 420 20.26 22.79 -60.53
N GLY F 421 21.56 22.68 -60.27
CA GLY F 421 22.26 21.46 -60.61
C GLY F 421 22.20 20.42 -59.50
N GLY F 422 21.89 20.87 -58.29
CA GLY F 422 21.89 19.97 -57.14
C GLY F 422 22.75 20.51 -56.02
N ASN F 423 22.29 20.41 -54.78
CA ASN F 423 23.01 20.99 -53.66
C ASN F 423 24.38 20.33 -53.48
N TYR F 424 24.40 19.01 -53.40
CA TYR F 424 25.64 18.24 -53.27
C TYR F 424 26.46 18.66 -52.05
N ASN F 425 25.80 19.25 -51.06
CA ASN F 425 26.48 19.69 -49.85
C ASN F 425 25.90 19.07 -48.58
N TYR F 426 24.70 18.50 -48.63
CA TYR F 426 24.12 17.80 -47.49
C TYR F 426 24.35 16.30 -47.68
N ARG F 427 25.11 15.70 -46.76
CA ARG F 427 25.57 14.34 -46.92
C ARG F 427 25.10 13.49 -45.75
N TYR F 428 24.92 12.20 -46.01
CA TYR F 428 24.51 11.24 -45.01
C TYR F 428 25.45 10.05 -45.04
N ARG F 429 25.55 9.37 -43.91
CA ARG F 429 26.40 8.18 -43.79
C ARG F 429 25.61 6.99 -44.33
N LEU F 430 26.06 6.46 -45.48
CA LEU F 430 25.32 5.38 -46.12
C LEU F 430 25.73 4.02 -45.58
N PHE F 431 27.03 3.79 -45.39
CA PHE F 431 27.54 2.50 -44.95
C PHE F 431 28.16 2.62 -43.57
N ARG F 432 27.80 1.71 -42.68
CA ARG F 432 28.43 1.58 -41.38
C ARG F 432 28.36 0.13 -40.96
N LYS F 433 29.29 -0.28 -40.09
CA LYS F 433 29.40 -1.67 -39.68
C LYS F 433 28.59 -2.00 -38.44
N SER F 434 27.99 -1.01 -37.79
CA SER F 434 27.16 -1.27 -36.62
C SER F 434 26.25 -0.07 -36.39
N ASN F 435 25.17 -0.30 -35.65
CA ASN F 435 24.22 0.76 -35.35
C ASN F 435 24.81 1.74 -34.36
N LEU F 436 24.38 2.99 -34.47
CA LEU F 436 24.85 4.04 -33.57
C LEU F 436 24.24 3.86 -32.19
N LYS F 437 25.00 4.26 -31.18
CA LYS F 437 24.42 4.39 -29.85
C LYS F 437 23.55 5.65 -29.80
N PRO F 438 22.54 5.68 -28.95
CA PRO F 438 21.65 6.85 -28.90
C PRO F 438 22.42 8.12 -28.59
N PHE F 439 22.05 9.21 -29.26
CA PHE F 439 22.68 10.53 -29.07
C PHE F 439 24.18 10.48 -29.31
N GLU F 440 24.60 9.77 -30.34
CA GLU F 440 26.00 9.67 -30.71
C GLU F 440 26.22 10.26 -32.10
N ARG F 441 27.37 10.93 -32.27
CA ARG F 441 27.76 11.50 -33.53
C ARG F 441 29.04 10.81 -34.01
N ASP F 442 28.99 10.27 -35.23
CA ASP F 442 30.12 9.57 -35.82
C ASP F 442 30.56 10.33 -37.06
N ILE F 443 31.73 10.96 -36.99
CA ILE F 443 32.28 11.69 -38.13
C ILE F 443 33.62 11.08 -38.53
N SER F 444 33.57 10.19 -39.52
CA SER F 444 34.75 9.50 -40.02
C SER F 444 34.64 9.30 -41.51
N THR F 445 35.79 9.23 -42.18
CA THR F 445 35.85 9.05 -43.62
C THR F 445 36.55 7.75 -44.00
N GLU F 446 36.72 6.83 -43.05
CA GLU F 446 37.39 5.57 -43.35
C GLU F 446 36.56 4.76 -44.34
N ILE F 447 37.25 4.12 -45.29
CA ILE F 447 36.58 3.44 -46.37
C ILE F 447 35.90 2.18 -45.86
N TYR F 448 34.65 1.98 -46.29
CA TYR F 448 33.86 0.83 -45.87
C TYR F 448 34.32 -0.40 -46.65
N GLN F 449 34.89 -1.37 -45.92
CA GLN F 449 35.40 -2.60 -46.53
C GLN F 449 34.25 -3.58 -46.69
N ALA F 450 33.80 -3.77 -47.93
CA ALA F 450 32.70 -4.67 -48.23
C ALA F 450 33.15 -5.98 -48.85
N GLY F 451 34.46 -6.26 -48.86
CA GLY F 451 34.97 -7.44 -49.51
C GLY F 451 36.10 -8.06 -48.71
N SER F 452 36.59 -9.19 -49.23
CA SER F 452 37.66 -9.92 -48.54
C SER F 452 38.97 -9.13 -48.56
N LYS F 453 39.31 -8.52 -49.70
CA LYS F 453 40.59 -7.84 -49.82
C LYS F 453 40.56 -6.52 -49.06
N PRO F 454 41.44 -6.33 -48.08
CA PRO F 454 41.46 -5.05 -47.36
C PRO F 454 41.96 -3.91 -48.24
N CYS F 455 41.50 -2.70 -47.93
CA CYS F 455 41.98 -1.50 -48.58
C CYS F 455 42.45 -0.52 -47.51
N ASN F 456 43.65 0.01 -47.69
CA ASN F 456 44.26 0.91 -46.70
C ASN F 456 43.91 2.37 -47.01
N GLY F 457 42.61 2.64 -46.99
CA GLY F 457 42.12 3.98 -47.23
C GLY F 457 42.06 4.39 -48.68
N VAL F 458 42.07 3.44 -49.61
CA VAL F 458 41.97 3.72 -51.03
C VAL F 458 40.71 3.06 -51.55
N GLU F 459 39.88 3.83 -52.26
CA GLU F 459 38.65 3.30 -52.82
C GLU F 459 38.95 2.33 -53.95
N GLY F 460 37.98 1.47 -54.23
CA GLY F 460 38.15 0.47 -55.27
C GLY F 460 36.98 -0.49 -55.30
N PHE F 461 37.31 -1.76 -55.54
CA PHE F 461 36.30 -2.82 -55.55
C PHE F 461 35.98 -3.22 -54.12
N ASN F 462 34.69 -3.22 -53.77
CA ASN F 462 34.18 -3.49 -52.43
C ASN F 462 34.73 -2.54 -51.38
N CYS F 463 35.26 -1.39 -51.79
CA CYS F 463 35.73 -0.36 -50.86
C CYS F 463 35.10 0.96 -51.27
N TYR F 464 34.13 1.42 -50.49
CA TYR F 464 33.28 2.53 -50.88
C TYR F 464 33.29 3.59 -49.79
N PHE F 465 33.08 4.83 -50.20
CA PHE F 465 33.06 5.94 -49.25
C PHE F 465 31.76 5.93 -48.47
N PRO F 466 31.82 5.89 -47.13
CA PRO F 466 30.57 5.81 -46.36
C PRO F 466 29.66 7.01 -46.53
N LEU F 467 30.21 8.19 -46.78
CA LEU F 467 29.45 9.43 -46.82
C LEU F 467 28.98 9.70 -48.26
N GLN F 468 27.67 9.80 -48.43
CA GLN F 468 27.07 10.10 -49.72
C GLN F 468 26.21 11.35 -49.62
N SER F 469 26.08 12.07 -50.73
CA SER F 469 25.47 13.38 -50.75
C SER F 469 24.03 13.31 -51.25
N TYR F 470 23.14 14.01 -50.57
CA TYR F 470 21.76 14.17 -51.04
C TYR F 470 21.76 14.94 -52.36
N GLY F 471 20.81 14.62 -53.22
CA GLY F 471 20.59 15.43 -54.41
C GLY F 471 19.35 16.28 -54.28
N PHE F 472 19.53 17.57 -54.00
CA PHE F 472 18.43 18.49 -53.78
C PHE F 472 18.31 19.43 -54.96
N GLN F 473 17.14 19.44 -55.60
CA GLN F 473 16.89 20.23 -56.79
C GLN F 473 15.49 20.84 -56.70
N PRO F 474 15.31 22.06 -57.19
CA PRO F 474 13.97 22.68 -57.09
C PRO F 474 12.88 21.90 -57.80
N THR F 475 13.22 21.18 -58.85
CA THR F 475 12.22 20.42 -59.60
C THR F 475 11.80 19.15 -58.88
N ASN F 476 12.47 18.78 -57.79
CA ASN F 476 12.13 17.56 -57.07
C ASN F 476 10.74 17.66 -56.46
N GLY F 477 9.97 16.59 -56.57
CA GLY F 477 8.65 16.56 -55.98
C GLY F 477 8.70 16.38 -54.48
N VAL F 478 7.53 16.51 -53.86
CA VAL F 478 7.44 16.36 -52.41
C VAL F 478 7.84 14.94 -52.03
N GLY F 479 8.51 14.82 -50.89
CA GLY F 479 9.06 13.56 -50.43
C GLY F 479 10.54 13.39 -50.69
N TYR F 480 11.07 14.07 -51.71
CA TYR F 480 12.50 14.10 -51.97
C TYR F 480 13.06 15.51 -51.81
N GLN F 481 12.30 16.41 -51.19
CA GLN F 481 12.59 17.80 -50.92
C GLN F 481 13.18 17.96 -49.52
N PRO F 482 14.09 18.92 -49.34
CA PRO F 482 14.75 19.06 -48.04
C PRO F 482 13.77 19.40 -46.94
N TYR F 483 14.03 18.86 -45.75
CA TYR F 483 13.30 19.19 -44.56
C TYR F 483 14.30 19.50 -43.46
N ARG F 484 14.11 20.64 -42.79
CA ARG F 484 14.97 21.06 -41.70
C ARG F 484 14.36 20.58 -40.39
N VAL F 485 15.14 19.83 -39.61
CA VAL F 485 14.67 19.18 -38.40
C VAL F 485 15.43 19.76 -37.22
N VAL F 486 14.69 20.20 -36.19
CA VAL F 486 15.28 20.65 -34.93
C VAL F 486 14.65 19.81 -33.83
N VAL F 487 15.47 19.00 -33.15
CA VAL F 487 15.02 18.10 -32.11
C VAL F 487 15.39 18.69 -30.77
N LEU F 488 14.38 19.00 -29.96
CA LEU F 488 14.59 19.57 -28.63
C LEU F 488 14.51 18.45 -27.61
N SER F 489 15.59 18.26 -26.86
CA SER F 489 15.68 17.25 -25.82
C SER F 489 15.71 17.94 -24.46
N PHE F 490 14.73 17.62 -23.62
CA PHE F 490 14.63 18.23 -22.30
C PHE F 490 15.31 17.35 -21.28
N GLU F 491 16.22 17.95 -20.50
CA GLU F 491 17.01 17.24 -19.52
C GLU F 491 16.61 17.68 -18.11
N LEU F 492 16.58 16.70 -17.19
CA LEU F 492 16.16 16.94 -15.81
C LEU F 492 17.16 16.25 -14.87
N LEU F 493 18.18 16.99 -14.46
CA LEU F 493 19.21 16.46 -13.57
C LEU F 493 18.97 16.95 -12.14
N HIS F 494 19.92 16.60 -11.26
CA HIS F 494 19.84 17.04 -9.87
C HIS F 494 20.24 18.50 -9.71
N ALA F 495 20.86 19.10 -10.72
CA ALA F 495 21.21 20.51 -10.64
C ALA F 495 19.95 21.36 -10.63
N PRO F 496 20.00 22.56 -10.04
CA PRO F 496 18.80 23.40 -9.99
C PRO F 496 18.27 23.72 -11.38
N ALA F 497 16.93 23.71 -11.53
CA ALA F 497 16.31 23.94 -12.85
C ALA F 497 16.67 25.33 -13.39
N THR F 498 17.70 25.41 -14.25
CA THR F 498 18.17 26.70 -14.82
C THR F 498 17.08 27.32 -15.71
N VAL F 499 16.36 26.51 -16.49
CA VAL F 499 15.38 27.08 -17.48
C VAL F 499 13.95 26.92 -16.96
N CYS F 500 13.18 28.01 -16.93
CA CYS F 500 11.75 27.95 -16.52
C CYS F 500 10.92 28.76 -17.53
N GLY F 501 9.62 28.45 -17.65
CA GLY F 501 8.73 29.18 -18.58
C GLY F 501 8.41 30.58 -18.07
N PRO F 502 8.02 31.54 -18.96
CA PRO F 502 7.74 32.93 -18.55
C PRO F 502 6.66 33.00 -17.46
N LYS F 503 6.82 33.90 -16.49
CA LYS F 503 5.88 33.97 -15.38
C LYS F 503 5.04 35.22 -15.58
N LYS F 504 3.87 35.06 -16.18
CA LYS F 504 2.99 36.18 -16.46
C LYS F 504 2.39 36.73 -15.17
N ASP F 505 1.99 37.98 -15.23
CA ASP F 505 1.43 38.66 -14.06
C ASP F 505 0.33 39.62 -14.54
N CYS F 506 -0.15 40.45 -13.63
CA CYS F 506 -1.22 41.40 -13.94
C CYS F 506 -0.90 42.72 -13.25
N ASN F 507 -1.87 43.63 -13.26
CA ASN F 507 -1.67 44.96 -12.70
C ASN F 507 -1.73 44.91 -11.18
N LEU F 508 -1.44 46.06 -10.57
CA LEU F 508 -1.37 46.21 -9.12
C LEU F 508 -2.52 47.08 -8.66
N VAL F 509 -3.32 46.56 -7.73
CA VAL F 509 -4.45 47.29 -7.15
C VAL F 509 -4.14 47.54 -5.68
N LYS F 510 -4.30 48.79 -5.25
CA LYS F 510 -4.01 49.19 -3.88
C LYS F 510 -5.29 49.62 -3.18
N ASN F 511 -5.24 49.59 -1.85
CA ASN F 511 -6.37 49.98 -1.00
C ASN F 511 -7.60 49.12 -1.29
N LYS F 512 -7.40 47.81 -1.37
CA LYS F 512 -8.48 46.88 -1.66
C LYS F 512 -8.07 45.49 -1.22
N CYS F 513 -8.97 44.79 -0.53
CA CYS F 513 -8.69 43.46 -0.01
C CYS F 513 -8.64 42.48 -1.18
N VAL F 514 -7.42 42.14 -1.61
CA VAL F 514 -7.20 41.29 -2.77
C VAL F 514 -6.18 40.22 -2.43
N ASN F 515 -6.33 39.05 -3.06
CA ASN F 515 -5.32 38.02 -2.97
C ASN F 515 -4.09 38.41 -3.79
N PHE F 516 -2.91 38.12 -3.27
CA PHE F 516 -1.67 38.49 -3.93
C PHE F 516 -0.72 37.30 -3.98
N ASN F 517 0.12 37.29 -5.02
CA ASN F 517 1.20 36.33 -5.18
C ASN F 517 2.43 37.13 -5.60
N PHE F 518 3.18 37.62 -4.61
CA PHE F 518 4.35 38.46 -4.86
C PHE F 518 5.58 37.58 -4.90
N ASN F 519 5.89 37.07 -6.09
CA ASN F 519 7.09 36.26 -6.32
C ASN F 519 7.15 35.04 -5.40
N GLY F 520 5.99 34.42 -5.19
CA GLY F 520 5.89 33.22 -4.38
C GLY F 520 5.23 33.39 -3.02
N LEU F 521 4.97 34.63 -2.61
CA LEU F 521 4.30 34.88 -1.33
C LEU F 521 2.79 34.89 -1.56
N THR F 522 2.10 33.90 -1.00
CA THR F 522 0.66 33.77 -1.15
C THR F 522 -0.04 34.20 0.12
N GLY F 523 -1.05 35.06 -0.01
CA GLY F 523 -1.78 35.54 1.14
C GLY F 523 -2.87 36.49 0.72
N THR F 524 -3.56 37.04 1.72
CA THR F 524 -4.66 37.97 1.52
C THR F 524 -4.45 39.20 2.39
N GLY F 525 -4.80 40.36 1.87
CA GLY F 525 -4.65 41.59 2.64
C GLY F 525 -4.90 42.80 1.77
N VAL F 526 -4.60 43.96 2.35
CA VAL F 526 -4.75 45.26 1.70
C VAL F 526 -3.37 45.85 1.50
N LEU F 527 -3.05 46.19 0.26
CA LEU F 527 -1.73 46.69 -0.10
C LEU F 527 -1.77 48.21 -0.19
N THR F 528 -0.98 48.87 0.65
CA THR F 528 -0.88 50.32 0.66
C THR F 528 0.58 50.73 0.65
N GLU F 529 0.86 51.85 -0.01
CA GLU F 529 2.23 52.36 -0.06
C GLU F 529 2.69 52.77 1.32
N SER F 530 3.93 52.43 1.65
CA SER F 530 4.49 52.69 2.97
C SER F 530 5.85 53.37 2.82
N ASN F 531 6.36 53.87 3.93
CA ASN F 531 7.64 54.58 3.97
C ASN F 531 8.76 53.73 4.53
N LYS F 532 8.56 52.42 4.66
CA LYS F 532 9.64 51.55 5.10
C LYS F 532 10.78 51.58 4.10
N LYS F 533 12.01 51.55 4.60
CA LYS F 533 13.21 51.63 3.77
C LYS F 533 13.91 50.27 3.81
N PHE F 534 13.55 49.41 2.87
CA PHE F 534 14.20 48.11 2.74
C PHE F 534 15.66 48.29 2.31
N LEU F 535 16.49 47.35 2.72
CA LEU F 535 17.83 47.27 2.17
C LEU F 535 17.75 46.79 0.73
N PRO F 536 18.75 47.12 -0.11
CA PRO F 536 18.64 46.80 -1.54
C PRO F 536 18.43 45.32 -1.84
N PHE F 537 18.96 44.42 -1.01
CA PHE F 537 18.85 42.99 -1.26
C PHE F 537 17.66 42.35 -0.54
N GLN F 538 16.90 43.11 0.23
CA GLN F 538 15.79 42.55 0.99
C GLN F 538 14.50 42.61 0.17
N GLN F 539 13.72 41.54 0.24
CA GLN F 539 12.52 41.40 -0.57
C GLN F 539 11.24 41.68 0.20
N PHE F 540 11.02 41.03 1.34
CA PHE F 540 9.82 41.24 2.13
C PHE F 540 10.17 41.37 3.60
N GLY F 541 9.31 42.06 4.34
CA GLY F 541 9.52 42.31 5.74
C GLY F 541 8.64 41.46 6.64
N ARG F 542 9.05 41.35 7.89
CA ARG F 542 8.33 40.55 8.87
C ARG F 542 8.26 41.31 10.19
N ASP F 543 7.22 41.02 10.97
CA ASP F 543 7.06 41.63 12.29
C ASP F 543 7.69 40.72 13.35
N ILE F 544 7.41 41.00 14.62
CA ILE F 544 7.98 40.21 15.70
C ILE F 544 7.42 38.79 15.68
N ALA F 545 6.15 38.65 15.33
CA ALA F 545 5.48 37.35 15.34
C ALA F 545 5.67 36.57 14.06
N ASP F 546 6.69 36.92 13.26
CA ASP F 546 7.00 36.23 12.00
C ASP F 546 5.81 36.22 11.04
N THR F 547 5.10 37.35 10.98
CA THR F 547 3.99 37.53 10.05
C THR F 547 4.40 38.56 9.01
N THR F 548 4.28 38.19 7.73
CA THR F 548 4.66 39.09 6.66
C THR F 548 3.78 40.33 6.66
N ASP F 549 4.39 41.50 6.77
CA ASP F 549 3.65 42.75 6.80
C ASP F 549 4.15 43.77 5.79
N ALA F 550 5.13 43.45 4.97
CA ALA F 550 5.61 44.35 3.94
C ALA F 550 6.28 43.53 2.84
N VAL F 551 6.01 43.91 1.59
CA VAL F 551 6.60 43.26 0.43
C VAL F 551 7.08 44.32 -0.54
N ARG F 552 8.00 43.92 -1.42
CA ARG F 552 8.54 44.78 -2.46
C ARG F 552 8.02 44.31 -3.80
N ASP F 553 7.46 45.22 -4.58
CA ASP F 553 6.93 44.88 -5.89
C ASP F 553 8.08 44.48 -6.81
N PRO F 554 8.05 43.29 -7.40
CA PRO F 554 9.18 42.86 -8.24
C PRO F 554 9.46 43.77 -9.43
N GLN F 555 8.43 44.33 -10.05
CA GLN F 555 8.64 45.15 -11.24
C GLN F 555 9.18 46.53 -10.89
N THR F 556 8.42 47.29 -10.12
CA THR F 556 8.87 48.59 -9.63
C THR F 556 9.31 48.43 -8.16
N LEU F 557 10.54 48.82 -7.87
CA LEU F 557 11.14 48.57 -6.57
C LEU F 557 10.57 49.56 -5.55
N GLU F 558 9.32 49.30 -5.14
CA GLU F 558 8.65 50.09 -4.13
C GLU F 558 8.13 49.16 -3.04
N ILE F 559 8.03 49.70 -1.83
CA ILE F 559 7.62 48.92 -0.67
C ILE F 559 6.11 49.05 -0.49
N LEU F 560 5.44 47.93 -0.33
CA LEU F 560 4.01 47.89 -0.08
C LEU F 560 3.76 47.36 1.33
N ASP F 561 2.75 47.92 2.00
CA ASP F 561 2.41 47.53 3.36
C ASP F 561 1.18 46.63 3.32
N ILE F 562 1.29 45.47 3.95
CA ILE F 562 0.21 44.49 3.95
C ILE F 562 -0.61 44.68 5.22
N THR F 563 -1.91 44.92 5.05
CA THR F 563 -2.84 45.10 6.15
C THR F 563 -3.94 44.05 6.06
N PRO F 564 -4.26 43.36 7.15
CA PRO F 564 -5.30 42.33 7.09
C PRO F 564 -6.65 42.94 6.73
N CYS F 565 -7.45 42.16 6.01
CA CYS F 565 -8.80 42.59 5.65
C CYS F 565 -9.67 42.69 6.90
N SER F 566 -10.47 43.74 6.96
CA SER F 566 -11.20 44.07 8.18
C SER F 566 -12.16 42.95 8.58
N PHE F 567 -12.25 42.70 9.88
CA PHE F 567 -13.16 41.71 10.42
C PHE F 567 -13.49 42.08 11.86
N GLY F 568 -14.56 41.48 12.37
CA GLY F 568 -14.96 41.72 13.74
C GLY F 568 -16.31 41.07 14.01
N GLY F 569 -16.73 41.20 15.26
CA GLY F 569 -18.01 40.68 15.67
C GLY F 569 -19.14 41.67 15.44
N VAL F 570 -20.36 41.15 15.43
CA VAL F 570 -21.56 41.95 15.27
C VAL F 570 -22.39 41.83 16.54
N SER F 571 -22.72 42.95 17.14
CA SER F 571 -23.46 42.99 18.39
C SER F 571 -24.76 43.76 18.19
N VAL F 572 -25.87 43.18 18.64
CA VAL F 572 -27.18 43.78 18.52
C VAL F 572 -27.56 44.39 19.87
N ILE F 573 -27.92 45.67 19.86
CA ILE F 573 -28.29 46.41 21.06
C ILE F 573 -29.80 46.54 21.07
N THR F 574 -30.46 45.90 22.03
CA THR F 574 -31.91 45.93 22.05
C THR F 574 -32.42 46.35 23.42
N PRO F 575 -33.48 47.15 23.48
CA PRO F 575 -34.09 47.50 24.76
C PRO F 575 -35.07 46.46 25.29
N GLY F 576 -35.13 45.29 24.69
CA GLY F 576 -36.06 44.26 25.13
C GLY F 576 -37.32 44.21 24.29
N THR F 577 -37.78 43.00 23.96
CA THR F 577 -39.01 42.88 23.18
C THR F 577 -40.22 43.37 23.95
N ASN F 578 -40.15 43.35 25.28
CA ASN F 578 -41.24 43.86 26.10
C ASN F 578 -41.42 45.36 25.99
N THR F 579 -40.45 46.07 25.40
CA THR F 579 -40.52 47.51 25.25
C THR F 579 -40.64 47.94 23.79
N SER F 580 -39.80 47.40 22.91
CA SER F 580 -39.84 47.76 21.50
C SER F 580 -39.19 46.66 20.68
N ASN F 581 -39.43 46.71 19.37
CA ASN F 581 -38.80 45.80 18.42
C ASN F 581 -37.74 46.50 17.57
N GLN F 582 -37.23 47.63 18.04
CA GLN F 582 -36.22 48.40 17.32
C GLN F 582 -34.86 48.15 17.95
N VAL F 583 -33.87 47.84 17.12
CA VAL F 583 -32.54 47.47 17.59
C VAL F 583 -31.49 48.27 16.85
N ALA F 584 -30.31 48.35 17.45
CA ALA F 584 -29.13 48.93 16.85
C ALA F 584 -28.05 47.87 16.70
N VAL F 585 -27.14 48.08 15.77
CA VAL F 585 -26.11 47.10 15.43
C VAL F 585 -24.75 47.74 15.60
N LEU F 586 -23.84 47.03 16.25
CA LEU F 586 -22.47 47.48 16.45
C LEU F 586 -21.51 46.51 15.79
N TYR F 587 -20.58 47.05 15.02
CA TYR F 587 -19.52 46.26 14.38
C TYR F 587 -18.23 46.53 15.13
N GLN F 588 -17.76 45.53 15.88
CA GLN F 588 -16.68 45.75 16.83
C GLN F 588 -15.34 45.93 16.12
N GLY F 589 -14.68 47.05 16.40
CA GLY F 589 -13.35 47.30 15.90
C GLY F 589 -13.26 47.39 14.38
N VAL F 590 -14.31 47.92 13.75
CA VAL F 590 -14.36 48.03 12.27
C VAL F 590 -14.82 49.44 11.86
N ASN F 591 -14.16 50.03 10.86
CA ASN F 591 -14.58 51.38 10.35
C ASN F 591 -15.90 51.23 9.58
N CYS F 592 -16.75 52.27 9.58
CA CYS F 592 -18.06 52.22 8.89
C CYS F 592 -17.87 52.21 7.37
N THR F 593 -16.69 52.59 6.88
CA THR F 593 -16.43 52.63 5.42
C THR F 593 -16.54 51.21 4.85
N GLU F 594 -16.03 50.21 5.57
CA GLU F 594 -16.07 48.80 5.08
C GLU F 594 -17.40 48.15 5.47
N VAL F 595 -18.24 48.85 6.22
CA VAL F 595 -19.53 48.25 6.71
C VAL F 595 -20.47 47.90 5.55
N PRO F 596 -20.83 48.76 4.56
CA PRO F 596 -21.81 48.35 3.54
C PRO F 596 -21.27 47.28 2.60
N VAL F 597 -19.95 47.13 2.52
CA VAL F 597 -19.36 46.12 1.65
C VAL F 597 -19.76 44.72 2.12
N ALA F 598 -19.69 44.47 3.42
CA ALA F 598 -20.08 43.18 3.98
C ALA F 598 -20.77 43.34 5.32
N SER F 615 -29.24 53.30 9.00
CA SER F 615 -29.99 54.44 9.48
C SER F 615 -29.06 55.61 9.77
N ASN F 616 -28.78 55.83 11.05
CA ASN F 616 -27.86 56.88 11.50
C ASN F 616 -26.53 56.25 11.84
N VAL F 617 -25.47 56.75 11.24
CA VAL F 617 -24.13 56.17 11.36
C VAL F 617 -23.33 56.98 12.36
N PHE F 618 -22.86 56.32 13.42
CA PHE F 618 -22.03 56.92 14.44
C PHE F 618 -20.83 56.04 14.69
N GLN F 619 -19.64 56.64 14.73
CA GLN F 619 -18.39 55.90 14.87
C GLN F 619 -17.82 56.12 16.27
N THR F 620 -17.67 55.03 17.03
CA THR F 620 -17.12 55.08 18.36
C THR F 620 -15.71 54.48 18.38
N ARG F 621 -15.14 54.39 19.57
CA ARG F 621 -13.84 53.73 19.71
C ARG F 621 -13.98 52.21 19.67
N ALA F 622 -15.08 51.68 20.20
CA ALA F 622 -15.27 50.23 20.19
C ALA F 622 -15.69 49.72 18.82
N GLY F 623 -16.08 50.63 17.92
CA GLY F 623 -16.44 50.24 16.55
C GLY F 623 -17.32 51.28 15.88
N CYS F 624 -18.21 50.86 14.98
CA CYS F 624 -19.16 51.84 14.39
C CYS F 624 -20.59 51.46 14.78
N LEU F 625 -21.34 52.41 15.36
CA LEU F 625 -22.72 52.14 15.81
C LEU F 625 -23.72 52.50 14.70
N ILE F 626 -24.48 51.52 14.23
CA ILE F 626 -25.47 51.72 13.17
C ILE F 626 -26.85 51.67 13.82
N GLY F 627 -27.64 52.72 13.64
CA GLY F 627 -29.00 52.75 14.10
C GLY F 627 -29.25 53.46 15.43
N ALA F 628 -28.29 54.19 15.96
CA ALA F 628 -28.45 54.91 17.21
C ALA F 628 -28.05 56.37 17.03
N GLU F 629 -28.85 57.27 17.58
CA GLU F 629 -28.64 58.70 17.43
C GLU F 629 -27.80 59.22 18.60
N HIS F 630 -26.63 59.77 18.29
CA HIS F 630 -25.70 60.22 19.32
C HIS F 630 -26.17 61.56 19.89
N VAL F 631 -26.59 61.55 21.14
CA VAL F 631 -26.93 62.78 21.85
C VAL F 631 -25.67 63.35 22.49
N ASN F 632 -25.76 64.62 22.90
CA ASN F 632 -24.65 65.31 23.55
C ASN F 632 -24.81 65.39 25.06
N ASN F 633 -25.81 64.73 25.62
CA ASN F 633 -26.03 64.73 27.06
C ASN F 633 -25.19 63.64 27.71
N SER F 634 -25.44 63.36 28.98
CA SER F 634 -24.74 62.31 29.71
C SER F 634 -25.65 61.77 30.79
N TYR F 635 -25.96 60.47 30.71
CA TYR F 635 -26.81 59.80 31.68
C TYR F 635 -26.07 58.59 32.24
N GLU F 636 -26.71 57.94 33.21
CA GLU F 636 -26.15 56.71 33.78
C GLU F 636 -26.17 55.60 32.74
N CYS F 637 -25.21 54.68 32.85
CA CYS F 637 -25.04 53.65 31.83
C CYS F 637 -26.17 52.63 31.92
N ASP F 638 -26.98 52.55 30.86
CA ASP F 638 -28.02 51.53 30.77
C ASP F 638 -27.50 50.27 30.11
N ILE F 639 -27.02 50.40 28.87
CA ILE F 639 -26.43 49.29 28.12
C ILE F 639 -24.99 49.67 27.82
N PRO F 640 -23.99 48.95 28.33
CA PRO F 640 -22.59 49.35 28.11
C PRO F 640 -22.10 48.87 26.74
N ILE F 641 -21.61 49.81 25.95
CA ILE F 641 -21.09 49.51 24.61
C ILE F 641 -19.58 49.35 24.62
N GLY F 642 -18.87 50.30 25.19
CA GLY F 642 -17.42 50.23 25.29
C GLY F 642 -16.80 51.61 25.20
N ALA F 643 -15.65 51.75 25.85
CA ALA F 643 -14.86 52.99 25.82
C ALA F 643 -15.67 54.19 26.29
N GLY F 644 -16.49 53.99 27.32
CA GLY F 644 -17.25 55.07 27.90
C GLY F 644 -18.52 55.44 27.17
N ILE F 645 -19.00 54.58 26.28
CA ILE F 645 -20.21 54.84 25.50
C ILE F 645 -21.31 53.90 25.98
N CYS F 646 -22.48 54.46 26.26
CA CYS F 646 -23.63 53.67 26.69
C CYS F 646 -24.84 54.01 25.83
N ALA F 647 -25.73 53.04 25.67
CA ALA F 647 -26.94 53.21 24.87
C ALA F 647 -28.16 53.00 25.76
N SER F 648 -29.27 53.64 25.37
CA SER F 648 -30.50 53.54 26.14
C SER F 648 -31.68 53.85 25.23
N TYR F 649 -32.87 53.50 25.69
CA TYR F 649 -34.12 53.73 24.96
C TYR F 649 -34.85 54.87 25.64
N GLN F 650 -34.76 56.06 25.06
CA GLN F 650 -35.35 57.27 25.63
C GLN F 650 -36.36 57.87 24.67
N THR F 651 -36.97 58.96 25.08
CA THR F 651 -38.00 59.63 24.29
C THR F 651 -37.57 61.02 23.84
N SER F 664 -39.88 61.16 19.22
CA SER F 664 -40.85 60.21 19.77
C SER F 664 -40.15 59.16 20.63
N GLN F 665 -39.70 58.09 19.99
CA GLN F 665 -38.98 57.02 20.68
C GLN F 665 -37.83 56.55 19.80
N SER F 666 -36.64 56.48 20.38
CA SER F 666 -35.46 56.11 19.63
C SER F 666 -34.40 55.57 20.58
N ILE F 667 -33.39 54.91 20.00
CA ILE F 667 -32.24 54.40 20.73
C ILE F 667 -31.12 55.43 20.60
N ILE F 668 -30.63 55.93 21.73
CA ILE F 668 -29.59 56.94 21.73
C ILE F 668 -28.28 56.29 22.19
N ALA F 669 -27.19 57.05 22.04
CA ALA F 669 -25.87 56.58 22.41
C ALA F 669 -25.08 57.76 22.95
N TYR F 670 -25.07 57.90 24.28
CA TYR F 670 -24.43 59.00 24.96
C TYR F 670 -23.09 58.57 25.54
N THR F 671 -22.49 59.46 26.32
CA THR F 671 -21.27 59.16 27.07
C THR F 671 -21.62 58.91 28.53
N MET F 672 -20.94 57.94 29.14
CA MET F 672 -21.24 57.55 30.50
C MET F 672 -21.11 58.74 31.46
N SER F 673 -22.02 58.81 32.41
CA SER F 673 -21.96 59.79 33.49
C SER F 673 -21.64 59.08 34.79
N LEU F 674 -20.68 59.62 35.55
CA LEU F 674 -20.16 58.98 36.75
C LEU F 674 -20.92 59.40 38.01
N GLY F 675 -22.17 59.80 37.88
CA GLY F 675 -22.98 60.16 39.03
C GLY F 675 -23.12 61.66 39.19
N ALA F 676 -23.88 62.03 40.22
CA ALA F 676 -24.16 63.44 40.47
C ALA F 676 -22.88 64.18 40.83
N GLU F 677 -22.86 65.47 40.49
CA GLU F 677 -21.74 66.33 40.83
C GLU F 677 -21.96 66.93 42.22
N ASN F 678 -20.96 66.80 43.08
CA ASN F 678 -21.06 67.27 44.46
C ASN F 678 -19.81 68.04 44.84
N SER F 679 -19.97 68.93 45.82
CA SER F 679 -18.86 69.73 46.32
C SER F 679 -19.16 70.06 47.77
N VAL F 680 -18.42 69.46 48.69
CA VAL F 680 -18.66 69.66 50.11
C VAL F 680 -18.18 71.03 50.53
N ALA F 681 -18.99 71.74 51.31
CA ALA F 681 -18.63 73.08 51.76
C ALA F 681 -17.57 73.02 52.86
N TYR F 682 -16.30 72.96 52.45
CA TYR F 682 -15.21 72.79 53.39
C TYR F 682 -14.78 74.15 53.95
N SER F 683 -14.61 74.21 55.26
CA SER F 683 -14.06 75.39 55.93
C SER F 683 -13.26 74.90 57.12
N ASN F 684 -12.25 75.68 57.50
CA ASN F 684 -11.34 75.25 58.55
C ASN F 684 -11.91 75.40 59.94
N ASN F 685 -13.17 75.83 60.08
CA ASN F 685 -13.80 75.87 61.39
C ASN F 685 -15.26 75.43 61.37
N SER F 686 -15.73 74.79 60.30
CA SER F 686 -17.12 74.39 60.18
C SER F 686 -17.24 72.87 60.19
N ILE F 687 -18.20 72.36 60.95
CA ILE F 687 -18.48 70.93 61.03
C ILE F 687 -19.97 70.72 60.84
N ALA F 688 -20.33 69.52 60.38
CA ALA F 688 -21.71 69.13 60.17
C ALA F 688 -22.00 67.90 61.01
N ILE F 689 -23.08 67.95 61.79
CA ILE F 689 -23.42 66.87 62.71
C ILE F 689 -24.85 66.42 62.46
N PRO F 690 -25.11 65.13 62.31
CA PRO F 690 -26.48 64.66 62.06
C PRO F 690 -27.38 64.90 63.26
N THR F 691 -28.66 65.13 62.97
CA THR F 691 -29.67 65.34 64.02
C THR F 691 -30.73 64.26 64.01
N ASN F 692 -30.57 63.22 63.20
CA ASN F 692 -31.54 62.14 63.11
C ASN F 692 -30.81 60.92 62.54
N PHE F 693 -31.54 59.85 62.29
CA PHE F 693 -30.94 58.63 61.73
C PHE F 693 -31.99 57.88 60.94
N THR F 694 -31.60 56.70 60.45
CA THR F 694 -32.49 55.85 59.68
C THR F 694 -31.98 54.42 59.75
N ILE F 695 -32.85 53.49 60.13
CA ILE F 695 -32.50 52.08 60.16
C ILE F 695 -32.83 51.50 58.79
N SER F 696 -31.80 51.06 58.07
CA SER F 696 -31.94 50.57 56.70
C SER F 696 -31.53 49.11 56.64
N VAL F 697 -32.38 48.29 56.02
CA VAL F 697 -32.13 46.87 55.86
C VAL F 697 -31.83 46.60 54.39
N THR F 698 -30.76 45.86 54.12
CA THR F 698 -30.36 45.50 52.78
C THR F 698 -30.14 44.00 52.69
N THR F 699 -30.19 43.47 51.48
CA THR F 699 -29.99 42.05 51.24
C THR F 699 -28.63 41.80 50.60
N GLU F 700 -28.23 40.53 50.63
CA GLU F 700 -26.98 40.10 50.00
C GLU F 700 -27.07 38.61 49.73
N ILE F 701 -26.91 38.22 48.48
CA ILE F 701 -27.08 36.84 48.03
C ILE F 701 -25.73 36.28 47.63
N LEU F 702 -25.40 35.12 48.17
CA LEU F 702 -24.12 34.47 47.91
C LEU F 702 -24.36 33.00 47.64
N PRO F 703 -23.93 32.46 46.49
CA PRO F 703 -24.02 31.01 46.29
C PRO F 703 -22.98 30.28 47.13
N VAL F 704 -23.40 29.16 47.71
CA VAL F 704 -22.51 28.37 48.56
C VAL F 704 -22.21 26.99 48.00
N SER F 705 -23.05 26.43 47.14
CA SER F 705 -22.82 25.09 46.63
C SER F 705 -23.56 24.94 45.31
N MET F 706 -23.17 23.92 44.55
CA MET F 706 -23.79 23.60 43.27
C MET F 706 -24.23 22.14 43.26
N THR F 707 -24.84 21.73 42.15
CA THR F 707 -25.38 20.38 42.05
C THR F 707 -24.26 19.36 41.96
N LYS F 708 -24.45 18.23 42.65
CA LYS F 708 -23.46 17.16 42.67
C LYS F 708 -23.77 16.18 41.54
N THR F 709 -22.87 16.09 40.58
CA THR F 709 -22.99 15.15 39.47
C THR F 709 -21.74 14.28 39.40
N SER F 710 -21.93 13.03 38.97
CA SER F 710 -20.83 12.07 38.80
C SER F 710 -21.10 11.32 37.51
N VAL F 711 -20.53 11.81 36.42
CA VAL F 711 -20.75 11.25 35.09
C VAL F 711 -19.76 10.12 34.85
N ASP F 712 -20.28 8.94 34.51
CA ASP F 712 -19.44 7.80 34.21
C ASP F 712 -18.72 8.03 32.88
N CYS F 713 -17.63 7.27 32.69
CA CYS F 713 -16.81 7.40 31.49
C CYS F 713 -17.12 6.31 30.46
N THR F 714 -17.02 5.04 30.86
CA THR F 714 -17.25 3.95 29.92
C THR F 714 -18.68 3.95 29.40
N MET F 715 -19.65 4.19 30.29
CA MET F 715 -21.05 4.22 29.85
C MET F 715 -21.33 5.42 28.96
N TYR F 716 -20.72 6.57 29.28
CA TYR F 716 -20.93 7.76 28.46
C TYR F 716 -20.35 7.59 27.06
N ILE F 717 -19.12 7.08 26.97
CA ILE F 717 -18.47 6.94 25.68
C ILE F 717 -19.20 5.92 24.82
N CYS F 718 -19.49 4.76 25.40
CA CYS F 718 -20.23 3.70 24.69
C CYS F 718 -20.83 2.75 25.72
N GLY F 719 -22.15 2.85 25.91
CA GLY F 719 -22.78 2.10 26.98
C GLY F 719 -22.76 0.60 26.79
N ASP F 720 -23.07 0.14 25.58
CA ASP F 720 -23.30 -1.28 25.35
C ASP F 720 -22.19 -1.98 24.60
N SER F 721 -21.49 -1.30 23.68
CA SER F 721 -20.51 -1.96 22.84
C SER F 721 -19.37 -2.54 23.67
N THR F 722 -19.03 -3.79 23.38
CA THR F 722 -17.93 -4.46 24.08
C THR F 722 -16.59 -4.20 23.40
N GLU F 723 -16.56 -4.22 22.07
CA GLU F 723 -15.34 -3.89 21.35
C GLU F 723 -14.89 -2.47 21.63
N CYS F 724 -15.84 -1.54 21.77
CA CYS F 724 -15.50 -0.17 22.13
C CYS F 724 -14.84 -0.09 23.50
N SER F 725 -15.38 -0.82 24.48
CA SER F 725 -14.77 -0.83 25.80
C SER F 725 -13.37 -1.46 25.75
N ASN F 726 -13.23 -2.54 24.98
CA ASN F 726 -11.92 -3.16 24.84
C ASN F 726 -10.91 -2.21 24.23
N LEU F 727 -11.34 -1.44 23.22
CA LEU F 727 -10.47 -0.43 22.62
C LEU F 727 -10.18 0.71 23.60
N LEU F 728 -11.11 1.00 24.50
CA LEU F 728 -10.89 2.05 25.50
C LEU F 728 -9.88 1.62 26.54
N LEU F 729 -9.83 0.32 26.87
CA LEU F 729 -8.92 -0.15 27.91
C LEU F 729 -7.44 0.05 27.58
N GLN F 730 -7.09 0.31 26.32
CA GLN F 730 -5.71 0.63 26.02
C GLN F 730 -5.36 2.09 26.30
N TYR F 731 -6.32 2.90 26.73
CA TYR F 731 -6.06 4.29 27.09
C TYR F 731 -5.58 4.44 28.52
N GLY F 732 -5.45 3.35 29.28
CA GLY F 732 -4.98 3.43 30.64
C GLY F 732 -6.03 3.92 31.61
N SER F 733 -5.62 4.66 32.63
CA SER F 733 -6.53 5.18 33.64
C SER F 733 -6.91 6.61 33.28
N PHE F 734 -7.76 6.74 32.26
CA PHE F 734 -8.36 8.02 31.91
C PHE F 734 -9.79 8.15 32.40
N CYS F 735 -10.49 7.04 32.63
CA CYS F 735 -11.85 7.09 33.14
C CYS F 735 -11.91 7.04 34.66
N THR F 736 -10.78 6.91 35.33
CA THR F 736 -10.72 6.94 36.79
C THR F 736 -10.42 8.32 37.33
N GLN F 737 -9.55 9.08 36.65
CA GLN F 737 -9.23 10.43 37.10
C GLN F 737 -10.45 11.33 37.06
N LEU F 738 -11.27 11.21 36.02
CA LEU F 738 -12.47 12.03 35.92
C LEU F 738 -13.44 11.73 37.06
N ASN F 739 -13.64 10.45 37.37
CA ASN F 739 -14.50 10.09 38.49
C ASN F 739 -13.94 10.60 39.81
N ARG F 740 -12.63 10.50 39.98
CA ARG F 740 -12.01 11.01 41.20
C ARG F 740 -12.22 12.52 41.33
N ALA F 741 -12.05 13.25 40.24
CA ALA F 741 -12.26 14.70 40.28
C ALA F 741 -13.71 15.04 40.60
N LEU F 742 -14.66 14.33 39.99
CA LEU F 742 -16.06 14.63 40.23
C LEU F 742 -16.48 14.30 41.66
N THR F 743 -15.97 13.19 42.22
CA THR F 743 -16.31 12.89 43.61
C THR F 743 -15.63 13.86 44.56
N GLY F 744 -14.44 14.35 44.23
CA GLY F 744 -13.83 15.40 45.03
C GLY F 744 -14.67 16.66 45.02
N ILE F 745 -15.22 17.02 43.86
CA ILE F 745 -16.09 18.18 43.76
C ILE F 745 -17.34 17.99 44.63
N ALA F 746 -17.93 16.79 44.60
CA ALA F 746 -19.11 16.53 45.40
C ALA F 746 -18.82 16.66 46.90
N VAL F 747 -17.70 16.08 47.34
CA VAL F 747 -17.32 16.21 48.74
C VAL F 747 -17.07 17.67 49.10
N GLU F 748 -16.50 18.43 48.17
CA GLU F 748 -16.29 19.85 48.40
C GLU F 748 -17.61 20.58 48.59
N GLN F 749 -18.62 20.23 47.79
CA GLN F 749 -19.92 20.88 47.93
C GLN F 749 -20.52 20.60 49.31
N ASP F 750 -20.42 19.34 49.76
CA ASP F 750 -20.93 19.01 51.08
C ASP F 750 -20.18 19.80 52.17
N LYS F 751 -18.86 19.90 52.05
CA LYS F 751 -18.07 20.66 53.02
C LYS F 751 -18.45 22.14 53.00
N ASN F 752 -18.69 22.69 51.81
CA ASN F 752 -19.10 24.08 51.70
C ASN F 752 -20.38 24.34 52.48
N THR F 753 -21.41 23.51 52.23
CA THR F 753 -22.67 23.70 52.93
C THR F 753 -22.48 23.56 54.44
N GLN F 754 -21.72 22.55 54.86
CA GLN F 754 -21.53 22.30 56.28
C GLN F 754 -20.85 23.48 56.96
N GLU F 755 -19.79 24.01 56.35
CA GLU F 755 -19.05 25.09 56.98
C GLU F 755 -19.75 26.43 56.89
N VAL F 756 -20.68 26.60 55.94
CA VAL F 756 -21.43 27.85 55.91
C VAL F 756 -22.55 27.85 56.95
N PHE F 757 -23.30 26.74 57.04
CA PHE F 757 -24.49 26.75 57.88
C PHE F 757 -24.27 26.16 59.27
N ALA F 758 -23.58 25.03 59.37
CA ALA F 758 -23.40 24.36 60.66
C ALA F 758 -22.36 25.13 61.48
N GLN F 759 -22.83 26.13 62.22
CA GLN F 759 -21.97 26.92 63.09
C GLN F 759 -22.56 27.10 64.48
N VAL F 760 -23.61 26.36 64.82
CA VAL F 760 -24.22 26.41 66.14
C VAL F 760 -24.10 25.03 66.77
N LYS F 761 -23.62 25.01 68.02
CA LYS F 761 -23.50 23.75 68.74
C LYS F 761 -24.87 23.15 69.05
N GLN F 762 -25.83 23.99 69.42
CA GLN F 762 -27.15 23.56 69.85
C GLN F 762 -28.21 24.22 68.98
N ILE F 763 -29.47 23.92 69.27
CA ILE F 763 -30.61 24.46 68.54
C ILE F 763 -31.42 25.30 69.51
N TYR F 764 -31.58 26.58 69.21
CA TYR F 764 -32.30 27.50 70.08
C TYR F 764 -33.69 27.78 69.52
N LYS F 765 -34.67 27.87 70.42
CA LYS F 765 -36.06 28.11 70.05
C LYS F 765 -36.52 29.44 70.61
N THR F 766 -37.27 30.19 69.81
CA THR F 766 -37.85 31.44 70.27
C THR F 766 -39.00 31.16 71.23
N PRO F 767 -39.07 31.87 72.36
CA PRO F 767 -40.18 31.65 73.28
C PRO F 767 -41.50 32.01 72.62
N PRO F 768 -42.59 31.35 73.01
CA PRO F 768 -43.89 31.63 72.39
C PRO F 768 -44.34 33.08 72.58
N ILE F 769 -44.02 33.68 73.71
CA ILE F 769 -44.32 35.10 73.93
C ILE F 769 -43.27 35.93 73.20
N LYS F 770 -43.73 36.91 72.43
CA LYS F 770 -42.86 37.64 71.50
C LYS F 770 -42.92 39.13 71.77
N ASP F 771 -42.76 39.51 73.04
CA ASP F 771 -42.69 40.92 73.44
C ASP F 771 -41.24 41.38 73.35
N PHE F 772 -40.81 41.70 72.13
CA PHE F 772 -39.45 42.15 71.87
C PHE F 772 -39.30 43.66 71.94
N GLY F 773 -40.17 44.34 72.69
CA GLY F 773 -40.08 45.77 72.82
C GLY F 773 -40.59 46.55 71.64
N GLY F 774 -41.38 45.92 70.77
CA GLY F 774 -41.93 46.57 69.60
C GLY F 774 -41.39 46.04 68.28
N PHE F 775 -40.24 45.37 68.31
CA PHE F 775 -39.69 44.82 67.08
C PHE F 775 -40.49 43.61 66.63
N ASN F 776 -40.65 43.46 65.32
CA ASN F 776 -41.47 42.42 64.73
C ASN F 776 -40.59 41.57 63.81
N PHE F 777 -40.37 40.31 64.20
CA PHE F 777 -39.57 39.38 63.42
C PHE F 777 -40.42 38.31 62.73
N SER F 778 -41.71 38.60 62.50
CA SER F 778 -42.60 37.60 61.91
C SER F 778 -42.16 37.22 60.50
N GLN F 779 -41.60 38.18 59.75
CA GLN F 779 -41.22 37.90 58.37
C GLN F 779 -39.97 37.04 58.26
N ILE F 780 -39.19 36.91 59.33
CA ILE F 780 -37.98 36.10 59.31
C ILE F 780 -38.11 34.85 60.18
N LEU F 781 -38.85 34.90 61.28
CA LEU F 781 -39.03 33.73 62.11
C LEU F 781 -39.86 32.68 61.38
N PRO F 782 -39.65 31.40 61.67
CA PRO F 782 -40.37 30.34 60.94
C PRO F 782 -41.87 30.41 61.17
N ASP F 783 -42.62 29.98 60.16
CA ASP F 783 -44.07 29.95 60.23
C ASP F 783 -44.52 28.55 60.61
N PRO F 784 -45.21 28.37 61.74
CA PRO F 784 -45.63 27.00 62.12
C PRO F 784 -46.76 26.47 61.25
N SER F 785 -47.62 27.34 60.71
CA SER F 785 -48.74 26.86 59.92
C SER F 785 -48.28 26.15 58.65
N LYS F 786 -47.28 26.70 57.99
CA LYS F 786 -46.81 26.13 56.72
C LYS F 786 -46.15 24.78 56.98
N PRO F 787 -46.45 23.75 56.19
CA PRO F 787 -45.80 22.45 56.38
C PRO F 787 -44.29 22.48 56.22
N SER F 788 -43.78 23.33 55.31
CA SER F 788 -42.35 23.39 55.06
C SER F 788 -41.58 24.04 56.21
N LYS F 789 -42.26 24.71 57.12
CA LYS F 789 -41.64 25.35 58.29
C LYS F 789 -40.62 26.41 57.89
N ARG F 790 -40.79 26.99 56.70
CA ARG F 790 -39.96 28.10 56.27
C ARG F 790 -40.66 29.43 56.57
N SER F 791 -39.87 30.48 56.68
CA SER F 791 -40.39 31.80 56.98
C SER F 791 -40.98 32.40 55.69
N PHE F 792 -41.44 33.64 55.78
CA PHE F 792 -42.02 34.29 54.59
C PHE F 792 -40.96 34.52 53.52
N ILE F 793 -39.84 35.13 53.90
CA ILE F 793 -38.81 35.49 52.92
C ILE F 793 -38.15 34.25 52.35
N GLU F 794 -37.96 33.22 53.17
CA GLU F 794 -37.43 31.96 52.66
C GLU F 794 -38.38 31.37 51.62
N ASP F 795 -39.69 31.47 51.86
CA ASP F 795 -40.66 30.98 50.89
C ASP F 795 -40.60 31.77 49.59
N LEU F 796 -40.48 33.09 49.67
CA LEU F 796 -40.34 33.90 48.46
C LEU F 796 -39.09 33.49 47.68
N LEU F 797 -37.97 33.31 48.38
CA LEU F 797 -36.73 32.93 47.72
C LEU F 797 -36.83 31.55 47.09
N PHE F 798 -37.51 30.62 47.75
CA PHE F 798 -37.63 29.26 47.20
C PHE F 798 -38.60 29.20 46.03
N ASN F 799 -39.66 30.01 46.05
CA ASN F 799 -40.59 30.03 44.93
C ASN F 799 -40.00 30.74 43.72
N LYS F 800 -39.22 31.80 43.95
CA LYS F 800 -38.60 32.51 42.83
C LYS F 800 -37.55 31.67 42.12
N VAL F 801 -36.96 30.69 42.81
CA VAL F 801 -35.98 29.80 42.20
C VAL F 801 -36.27 28.36 42.60
N PHE F 830 -29.57 7.88 31.39
CA PHE F 830 -29.42 9.27 30.99
C PHE F 830 -28.03 9.52 30.41
N ASN F 831 -27.61 8.65 29.49
CA ASN F 831 -26.30 8.70 28.84
C ASN F 831 -25.15 8.48 29.81
N GLY F 832 -25.43 7.98 31.01
CA GLY F 832 -24.39 7.69 31.98
C GLY F 832 -24.12 8.78 33.00
N LEU F 833 -24.99 9.78 33.11
CA LEU F 833 -24.81 10.86 34.07
C LEU F 833 -25.87 10.74 35.16
N THR F 834 -25.45 10.95 36.41
CA THR F 834 -26.35 10.87 37.55
C THR F 834 -26.14 12.08 38.45
N VAL F 835 -27.18 12.41 39.21
CA VAL F 835 -27.17 13.56 40.11
C VAL F 835 -27.31 13.03 41.54
N LEU F 836 -26.26 13.20 42.34
CA LEU F 836 -26.33 12.79 43.73
C LEU F 836 -27.16 13.80 44.53
N PRO F 837 -27.77 13.36 45.63
CA PRO F 837 -28.53 14.29 46.46
C PRO F 837 -27.64 14.93 47.51
N PRO F 838 -27.94 16.16 47.91
CA PRO F 838 -27.17 16.79 48.98
C PRO F 838 -27.36 16.06 50.31
N LEU F 839 -26.30 16.05 51.12
CA LEU F 839 -26.37 15.36 52.40
C LEU F 839 -27.34 16.03 53.36
N LEU F 840 -27.38 17.36 53.37
CA LEU F 840 -28.29 18.12 54.21
C LEU F 840 -29.50 18.53 53.39
N THR F 841 -30.67 18.04 53.78
CA THR F 841 -31.90 18.41 53.10
C THR F 841 -32.27 19.84 53.44
N ASP F 842 -33.19 20.41 52.65
CA ASP F 842 -33.58 21.80 52.84
C ASP F 842 -34.19 22.03 54.22
N GLU F 843 -34.85 21.03 54.78
CA GLU F 843 -35.41 21.17 56.12
C GLU F 843 -34.31 21.39 57.16
N MET F 844 -33.19 20.67 57.02
CA MET F 844 -32.10 20.84 57.97
C MET F 844 -31.45 22.22 57.83
N ILE F 845 -31.33 22.72 56.60
CA ILE F 845 -30.82 24.08 56.41
C ILE F 845 -31.75 25.10 57.04
N ALA F 846 -33.07 24.90 56.88
CA ALA F 846 -34.03 25.79 57.52
C ALA F 846 -33.91 25.72 59.03
N GLN F 847 -33.67 24.53 59.58
CA GLN F 847 -33.52 24.39 61.03
C GLN F 847 -32.27 25.08 61.53
N TYR F 848 -31.15 24.96 60.79
CA TYR F 848 -29.95 25.73 61.13
C TYR F 848 -30.22 27.23 61.14
N THR F 849 -30.87 27.75 60.09
CA THR F 849 -31.10 29.19 60.06
C THR F 849 -32.07 29.63 61.15
N SER F 850 -33.07 28.80 61.46
CA SER F 850 -33.97 29.12 62.56
C SER F 850 -33.24 29.14 63.89
N ALA F 851 -32.34 28.18 64.11
CA ALA F 851 -31.55 28.18 65.33
C ALA F 851 -30.67 29.41 65.43
N LEU F 852 -30.05 29.81 64.32
CA LEU F 852 -29.21 31.00 64.32
C LEU F 852 -30.03 32.25 64.63
N LEU F 853 -31.21 32.37 64.01
CA LEU F 853 -32.07 33.53 64.26
C LEU F 853 -32.53 33.58 65.70
N ALA F 854 -33.00 32.46 66.23
CA ALA F 854 -33.48 32.43 67.61
C ALA F 854 -32.36 32.71 68.59
N GLY F 855 -31.19 32.13 68.37
CA GLY F 855 -30.07 32.41 69.24
C GLY F 855 -29.65 33.85 69.20
N THR F 856 -29.59 34.44 68.00
CA THR F 856 -29.24 35.86 67.90
C THR F 856 -30.26 36.72 68.65
N ILE F 857 -31.54 36.54 68.37
CA ILE F 857 -32.57 37.37 68.97
C ILE F 857 -32.56 37.24 70.48
N THR F 858 -32.40 36.02 70.99
CA THR F 858 -32.49 35.81 72.43
C THR F 858 -31.23 36.24 73.16
N SER F 859 -30.05 36.05 72.57
CA SER F 859 -28.79 36.18 73.29
C SER F 859 -27.98 37.41 72.91
N GLY F 860 -27.88 37.74 71.63
CA GLY F 860 -26.93 38.76 71.21
C GLY F 860 -25.76 38.12 70.49
N TRP F 861 -24.55 38.56 70.81
CA TRP F 861 -23.35 37.92 70.29
C TRP F 861 -22.76 36.93 71.27
N THR F 862 -23.44 36.65 72.38
CA THR F 862 -22.90 35.80 73.42
C THR F 862 -23.05 34.32 73.13
N PHE F 863 -23.91 33.94 72.20
CA PHE F 863 -24.11 32.53 71.91
C PHE F 863 -23.10 31.98 70.91
N GLY F 864 -22.32 32.84 70.27
CA GLY F 864 -21.24 32.43 69.39
C GLY F 864 -19.87 32.50 70.02
N ALA F 865 -19.78 32.73 71.32
CA ALA F 865 -18.50 32.85 71.99
C ALA F 865 -18.50 32.14 73.34
N GLY F 866 -19.34 31.13 73.50
CA GLY F 866 -19.42 30.41 74.75
C GLY F 866 -20.84 30.07 75.17
N ALA F 867 -21.11 30.14 76.46
CA ALA F 867 -22.45 29.86 76.96
C ALA F 867 -23.42 30.95 76.52
N ALA F 868 -24.63 30.53 76.13
CA ALA F 868 -25.63 31.47 75.65
C ALA F 868 -26.30 32.18 76.81
N LEU F 869 -26.24 33.52 76.80
CA LEU F 869 -26.76 34.34 77.89
C LEU F 869 -27.90 35.19 77.36
N GLN F 870 -29.03 35.15 78.06
CA GLN F 870 -30.20 35.91 77.64
C GLN F 870 -30.02 37.39 77.94
N ILE F 871 -30.73 38.22 77.19
CA ILE F 871 -30.73 39.67 77.37
C ILE F 871 -31.93 40.25 76.64
N PRO F 872 -32.64 41.23 77.20
CA PRO F 872 -33.76 41.84 76.48
C PRO F 872 -33.30 42.47 75.17
N PHE F 873 -34.14 42.37 74.15
CA PHE F 873 -33.74 42.85 72.83
C PHE F 873 -33.49 44.35 72.81
N ALA F 874 -34.28 45.11 73.58
CA ALA F 874 -34.02 46.54 73.66
C ALA F 874 -32.63 46.82 74.20
N MET F 875 -32.22 46.07 75.22
CA MET F 875 -30.88 46.27 75.76
C MET F 875 -29.79 45.80 74.80
N GLN F 876 -30.06 44.76 74.02
CA GLN F 876 -29.11 44.35 73.00
C GLN F 876 -28.92 45.43 71.94
N MET F 877 -30.03 46.06 71.52
CA MET F 877 -29.93 47.20 70.62
C MET F 877 -29.18 48.36 71.27
N ALA F 878 -29.35 48.55 72.58
CA ALA F 878 -28.59 49.58 73.26
C ALA F 878 -27.10 49.29 73.20
N TYR F 879 -26.72 48.03 73.44
CA TYR F 879 -25.33 47.62 73.30
C TYR F 879 -24.81 47.89 71.89
N ARG F 880 -25.63 47.58 70.89
CA ARG F 880 -25.16 47.70 69.51
C ARG F 880 -25.06 49.15 69.07
N PHE F 881 -25.93 50.03 69.56
CA PHE F 881 -25.69 51.46 69.35
C PHE F 881 -24.43 51.92 70.07
N ASN F 882 -24.23 51.48 71.31
CA ASN F 882 -23.02 51.87 72.04
C ASN F 882 -21.77 51.39 71.32
N GLY F 883 -21.89 50.34 70.53
CA GLY F 883 -20.76 49.82 69.77
C GLY F 883 -20.38 50.60 68.53
N ILE F 884 -21.20 51.57 68.10
CA ILE F 884 -20.88 52.38 66.94
C ILE F 884 -20.72 53.85 67.29
N GLY F 885 -20.65 54.18 68.57
CA GLY F 885 -20.39 55.55 68.99
C GLY F 885 -21.61 56.34 69.43
N VAL F 886 -22.80 55.78 69.31
CA VAL F 886 -24.03 56.45 69.72
C VAL F 886 -24.41 55.96 71.11
N THR F 887 -24.71 56.90 72.00
CA THR F 887 -25.05 56.57 73.37
C THR F 887 -26.37 55.81 73.43
N GLN F 888 -26.51 54.96 74.45
CA GLN F 888 -27.69 54.12 74.58
C GLN F 888 -28.96 54.91 74.89
N ASN F 889 -28.85 56.10 75.48
CA ASN F 889 -30.03 56.91 75.71
C ASN F 889 -30.71 57.30 74.42
N VAL F 890 -29.94 57.37 73.33
CA VAL F 890 -30.53 57.66 72.02
C VAL F 890 -31.52 56.57 71.64
N LEU F 891 -31.16 55.30 71.88
CA LEU F 891 -32.12 54.22 71.67
C LEU F 891 -33.29 54.32 72.66
N TYR F 892 -32.97 54.45 73.95
CA TYR F 892 -34.01 54.31 74.96
C TYR F 892 -35.05 55.42 74.86
N GLU F 893 -34.67 56.58 74.33
CA GLU F 893 -35.62 57.68 74.17
C GLU F 893 -36.33 57.65 72.82
N ASN F 894 -35.93 56.77 71.91
CA ASN F 894 -36.55 56.66 70.58
C ASN F 894 -36.82 55.20 70.25
N GLN F 895 -37.25 54.42 71.24
CA GLN F 895 -37.43 52.99 71.02
C GLN F 895 -38.55 52.71 70.02
N LYS F 896 -39.68 53.40 70.16
CA LYS F 896 -40.81 53.16 69.27
C LYS F 896 -40.50 53.58 67.84
N LEU F 897 -39.83 54.72 67.67
CA LEU F 897 -39.47 55.18 66.33
C LEU F 897 -38.54 54.18 65.64
N ILE F 898 -37.55 53.68 66.37
CA ILE F 898 -36.61 52.73 65.78
C ILE F 898 -37.29 51.41 65.47
N ALA F 899 -38.20 50.96 66.35
CA ALA F 899 -38.95 49.75 66.06
C ALA F 899 -39.78 49.89 64.80
N ASN F 900 -40.47 51.02 64.66
CA ASN F 900 -41.28 51.26 63.46
C ASN F 900 -40.41 51.31 62.21
N GLN F 901 -39.25 51.97 62.29
CA GLN F 901 -38.34 52.03 61.15
C GLN F 901 -37.87 50.64 60.75
N PHE F 902 -37.52 49.81 61.74
CA PHE F 902 -37.05 48.46 61.44
C PHE F 902 -38.16 47.64 60.78
N ASN F 903 -39.37 47.72 61.32
CA ASN F 903 -40.48 46.95 60.75
C ASN F 903 -40.78 47.38 59.32
N SER F 904 -40.81 48.70 59.08
CA SER F 904 -41.08 49.20 57.74
C SER F 904 -39.97 48.77 56.77
N ALA F 905 -38.72 48.79 57.22
CA ALA F 905 -37.62 48.35 56.38
C ALA F 905 -37.75 46.88 56.01
N ILE F 906 -38.11 46.03 56.98
CA ILE F 906 -38.29 44.61 56.68
C ILE F 906 -39.41 44.41 55.68
N GLY F 907 -40.54 45.12 55.87
CA GLY F 907 -41.62 45.01 54.92
C GLY F 907 -41.22 45.44 53.51
N LYS F 908 -40.48 46.54 53.41
CA LYS F 908 -39.99 46.99 52.12
C LYS F 908 -39.06 45.96 51.49
N ILE F 909 -38.22 45.31 52.30
CA ILE F 909 -37.34 44.27 51.78
C ILE F 909 -38.14 43.12 51.20
N GLN F 910 -39.17 42.68 51.92
CA GLN F 910 -40.00 41.59 51.41
C GLN F 910 -40.68 41.99 50.11
N ASP F 911 -41.23 43.20 50.05
CA ASP F 911 -41.89 43.65 48.83
C ASP F 911 -40.91 43.75 47.66
N SER F 912 -39.71 44.27 47.90
CA SER F 912 -38.70 44.39 46.85
C SER F 912 -38.28 43.03 46.33
N LEU F 913 -38.09 42.06 47.23
CA LEU F 913 -37.75 40.72 46.79
C LEU F 913 -38.89 40.10 45.98
N SER F 914 -40.14 40.34 46.39
CA SER F 914 -41.27 39.79 45.67
C SER F 914 -41.39 40.38 44.27
N SER F 915 -41.18 41.69 44.14
CA SER F 915 -41.46 42.36 42.88
C SER F 915 -40.41 42.05 41.82
N THR F 916 -39.16 42.43 42.07
CA THR F 916 -38.12 42.30 41.06
C THR F 916 -37.84 40.83 40.76
N ALA F 917 -37.71 40.52 39.46
CA ALA F 917 -37.48 39.15 39.01
C ALA F 917 -36.01 38.85 38.74
N SER F 918 -35.11 39.78 39.04
CA SER F 918 -33.68 39.59 38.80
C SER F 918 -32.87 39.66 40.09
N ALA F 919 -33.51 39.44 41.25
CA ALA F 919 -32.81 39.53 42.51
C ALA F 919 -31.82 38.39 42.69
N LEU F 920 -32.24 37.15 42.45
CA LEU F 920 -31.42 35.98 42.70
C LEU F 920 -30.56 35.64 41.48
N GLY F 921 -29.86 36.67 40.99
CA GLY F 921 -29.10 36.53 39.77
C GLY F 921 -27.95 35.54 39.90
N LYS F 922 -27.26 35.56 41.04
CA LYS F 922 -26.10 34.69 41.21
C LYS F 922 -26.52 33.22 41.25
N LEU F 923 -27.56 32.91 42.02
CA LEU F 923 -28.03 31.53 42.10
C LEU F 923 -28.55 31.06 40.74
N GLN F 924 -29.34 31.89 40.07
CA GLN F 924 -29.84 31.52 38.75
C GLN F 924 -28.68 31.33 37.78
N ASN F 925 -27.65 32.17 37.86
CA ASN F 925 -26.50 32.04 36.98
C ASN F 925 -25.78 30.71 37.22
N VAL F 926 -25.59 30.33 38.48
CA VAL F 926 -24.92 29.06 38.76
C VAL F 926 -25.71 27.90 38.18
N VAL F 927 -27.03 27.90 38.41
CA VAL F 927 -27.86 26.82 37.90
C VAL F 927 -27.80 26.77 36.37
N ASN F 928 -27.88 27.93 35.73
CA ASN F 928 -27.89 27.99 34.27
C ASN F 928 -26.58 27.50 33.67
N GLN F 929 -25.44 27.89 34.26
CA GLN F 929 -24.17 27.41 33.74
C GLN F 929 -24.03 25.90 33.90
N ASN F 930 -24.45 25.36 35.05
CA ASN F 930 -24.35 23.91 35.23
C ASN F 930 -25.21 23.18 34.21
N ALA F 931 -26.45 23.64 34.02
CA ALA F 931 -27.34 23.02 33.04
C ALA F 931 -26.79 23.14 31.63
N GLN F 932 -26.23 24.29 31.28
CA GLN F 932 -25.68 24.48 29.95
C GLN F 932 -24.50 23.57 29.69
N ALA F 933 -23.62 23.40 30.69
CA ALA F 933 -22.50 22.48 30.52
C ALA F 933 -22.98 21.05 30.32
N LEU F 934 -23.96 20.61 31.12
CA LEU F 934 -24.47 19.24 30.95
C LEU F 934 -25.12 19.06 29.58
N ASN F 935 -25.90 20.05 29.15
CA ASN F 935 -26.56 19.96 27.85
C ASN F 935 -25.55 19.94 26.72
N THR F 936 -24.48 20.73 26.83
CA THR F 936 -23.44 20.72 25.80
C THR F 936 -22.76 19.37 25.74
N LEU F 937 -22.49 18.76 26.90
CA LEU F 937 -21.90 17.42 26.90
C LEU F 937 -22.81 16.41 26.21
N VAL F 938 -24.11 16.46 26.54
CA VAL F 938 -25.05 15.52 25.96
C VAL F 938 -25.15 15.72 24.44
N LYS F 939 -25.20 16.98 23.99
CA LYS F 939 -25.24 17.24 22.56
C LYS F 939 -23.98 16.76 21.87
N GLN F 940 -22.81 17.02 22.46
CA GLN F 940 -21.56 16.61 21.86
C GLN F 940 -21.41 15.09 21.85
N LEU F 941 -22.19 14.38 22.66
CA LEU F 941 -22.18 12.92 22.59
C LEU F 941 -22.46 12.42 21.18
N SER F 942 -23.32 13.11 20.43
CA SER F 942 -23.71 12.70 19.08
C SER F 942 -23.01 13.57 18.05
N SER F 943 -21.79 13.19 17.71
CA SER F 943 -21.01 13.90 16.70
C SER F 943 -20.07 12.93 16.01
N ASN F 944 -19.73 13.23 14.76
CA ASN F 944 -18.94 12.31 13.96
C ASN F 944 -17.49 12.25 14.41
N PHE F 945 -16.88 13.41 14.68
CA PHE F 945 -15.48 13.51 15.06
C PHE F 945 -14.57 12.88 14.01
N GLY F 946 -14.94 13.04 12.74
CA GLY F 946 -14.18 12.48 11.64
C GLY F 946 -14.58 11.09 11.21
N ALA F 947 -15.45 10.42 11.96
CA ALA F 947 -15.95 9.11 11.56
C ALA F 947 -17.03 9.26 10.50
N ILE F 948 -17.48 8.13 9.96
CA ILE F 948 -18.51 8.14 8.94
C ILE F 948 -19.92 8.16 9.53
N SER F 949 -20.07 7.88 10.82
CA SER F 949 -21.37 7.92 11.47
C SER F 949 -21.21 8.37 12.91
N SER F 950 -22.27 8.97 13.45
CA SER F 950 -22.25 9.41 14.84
C SER F 950 -22.44 8.23 15.79
N VAL F 951 -23.55 7.50 15.63
CA VAL F 951 -23.78 6.31 16.44
C VAL F 951 -22.83 5.20 16.01
N LEU F 952 -22.25 4.52 16.99
CA LEU F 952 -21.25 3.49 16.72
C LEU F 952 -21.86 2.16 16.31
N ASN F 953 -23.19 2.02 16.38
CA ASN F 953 -23.83 0.79 15.94
C ASN F 953 -23.59 0.55 14.45
N ASP F 954 -23.73 1.60 13.64
CA ASP F 954 -23.42 1.47 12.22
C ASP F 954 -21.95 1.15 12.00
N ILE F 955 -21.07 1.75 12.80
CA ILE F 955 -19.64 1.50 12.67
C ILE F 955 -19.33 0.03 12.92
N LEU F 956 -19.93 -0.54 13.97
CA LEU F 956 -19.66 -1.93 14.29
C LEU F 956 -20.36 -2.89 13.34
N SER F 957 -21.50 -2.49 12.76
CA SER F 957 -22.24 -3.40 11.87
C SER F 957 -21.68 -3.38 10.45
N ARG F 958 -21.77 -2.23 9.78
CA ARG F 958 -21.53 -2.17 8.34
C ARG F 958 -20.07 -1.84 7.99
N LEU F 959 -19.12 -2.53 8.62
CA LEU F 959 -17.72 -2.27 8.30
C LEU F 959 -16.86 -3.36 8.92
N ASP F 960 -15.71 -3.61 8.28
CA ASP F 960 -14.79 -4.66 8.69
C ASP F 960 -14.05 -4.28 9.97
N PRO F 961 -13.53 -5.26 10.70
CA PRO F 961 -12.95 -5.01 12.03
C PRO F 961 -11.87 -3.94 12.03
N PRO F 962 -10.94 -3.89 11.05
CA PRO F 962 -9.87 -2.86 11.14
C PRO F 962 -10.39 -1.44 10.99
N GLU F 963 -11.17 -1.20 9.94
CA GLU F 963 -11.71 0.14 9.72
C GLU F 963 -12.72 0.51 10.79
N ALA F 964 -13.53 -0.46 11.24
CA ALA F 964 -14.42 -0.20 12.37
C ALA F 964 -13.61 0.18 13.60
N GLU F 965 -12.46 -0.46 13.81
CA GLU F 965 -11.60 -0.13 14.92
C GLU F 965 -11.08 1.31 14.82
N VAL F 966 -10.66 1.73 13.62
CA VAL F 966 -10.12 3.08 13.50
C VAL F 966 -11.24 4.12 13.67
N GLN F 967 -12.43 3.83 13.16
CA GLN F 967 -13.55 4.76 13.37
C GLN F 967 -13.91 4.86 14.85
N ILE F 968 -13.92 3.72 15.54
CA ILE F 968 -14.22 3.71 16.97
C ILE F 968 -13.15 4.46 17.74
N ASP F 969 -11.89 4.35 17.29
CA ASP F 969 -10.81 5.10 17.93
C ASP F 969 -11.02 6.60 17.77
N ARG F 970 -11.42 7.04 16.57
CA ARG F 970 -11.71 8.46 16.36
C ARG F 970 -12.83 8.93 17.28
N LEU F 971 -13.92 8.15 17.34
CA LEU F 971 -15.05 8.52 18.18
C LEU F 971 -14.65 8.57 19.65
N ILE F 972 -13.85 7.60 20.09
CA ILE F 972 -13.41 7.55 21.48
C ILE F 972 -12.54 8.76 21.81
N THR F 973 -11.63 9.12 20.91
CA THR F 973 -10.80 10.31 21.14
C THR F 973 -11.66 11.56 21.28
N GLY F 974 -12.64 11.71 20.37
CA GLY F 974 -13.50 12.88 20.45
C GLY F 974 -14.28 12.95 21.76
N ARG F 975 -14.89 11.82 22.15
CA ARG F 975 -15.69 11.80 23.37
C ARG F 975 -14.83 12.01 24.61
N LEU F 976 -13.61 11.44 24.62
CA LEU F 976 -12.71 11.66 25.75
C LEU F 976 -12.30 13.11 25.85
N GLN F 977 -12.03 13.77 24.71
CA GLN F 977 -11.70 15.18 24.75
C GLN F 977 -12.87 16.00 25.31
N SER F 978 -14.09 15.69 24.88
CA SER F 978 -15.27 16.39 25.38
C SER F 978 -15.40 16.22 26.90
N LEU F 979 -15.26 14.97 27.37
CA LEU F 979 -15.39 14.70 28.79
C LEU F 979 -14.32 15.40 29.60
N GLN F 980 -13.07 15.40 29.10
CA GLN F 980 -11.99 16.06 29.82
C GLN F 980 -12.21 17.57 29.90
N THR F 981 -12.69 18.17 28.81
CA THR F 981 -13.01 19.59 28.84
C THR F 981 -14.11 19.87 29.87
N TYR F 982 -15.14 19.03 29.91
CA TYR F 982 -16.19 19.21 30.90
C TYR F 982 -15.65 19.13 32.32
N VAL F 983 -14.77 18.16 32.57
CA VAL F 983 -14.23 17.99 33.92
C VAL F 983 -13.39 19.20 34.32
N THR F 984 -12.56 19.70 33.40
CA THR F 984 -11.75 20.87 33.73
C THR F 984 -12.61 22.10 34.02
N GLN F 985 -13.64 22.32 33.20
CA GLN F 985 -14.52 23.45 33.46
C GLN F 985 -15.23 23.30 34.80
N GLN F 986 -15.66 22.09 35.13
CA GLN F 986 -16.30 21.85 36.41
C GLN F 986 -15.34 22.11 37.57
N LEU F 987 -14.07 21.74 37.41
CA LEU F 987 -13.09 21.99 38.47
C LEU F 987 -12.91 23.48 38.72
N ILE F 988 -12.78 24.26 37.65
CA ILE F 988 -12.61 25.70 37.83
C ILE F 988 -13.85 26.34 38.44
N ARG F 989 -15.04 25.92 37.98
CA ARG F 989 -16.28 26.44 38.55
C ARG F 989 -16.41 26.07 40.02
N ALA F 990 -15.98 24.86 40.39
CA ALA F 990 -16.03 24.45 41.79
C ALA F 990 -15.09 25.30 42.64
N ALA F 991 -13.92 25.63 42.10
CA ALA F 991 -13.02 26.53 42.84
C ALA F 991 -13.67 27.88 43.08
N GLU F 992 -14.32 28.44 42.06
CA GLU F 992 -15.01 29.72 42.22
C GLU F 992 -16.11 29.63 43.28
N ILE F 993 -16.91 28.56 43.23
CA ILE F 993 -17.98 28.40 44.21
C ILE F 993 -17.42 28.21 45.61
N ARG F 994 -16.28 27.53 45.73
CA ARG F 994 -15.66 27.36 47.05
C ARG F 994 -15.20 28.71 47.61
N ALA F 995 -14.65 29.57 46.76
CA ALA F 995 -14.29 30.90 47.22
C ALA F 995 -15.52 31.66 47.70
N SER F 996 -16.63 31.58 46.95
CA SER F 996 -17.85 32.24 47.37
C SER F 996 -18.37 31.68 48.70
N ALA F 997 -18.28 30.36 48.87
CA ALA F 997 -18.74 29.74 50.11
C ALA F 997 -17.89 30.14 51.30
N ASN F 998 -16.57 30.29 51.09
CA ASN F 998 -15.71 30.79 52.15
C ASN F 998 -16.09 32.21 52.54
N LEU F 999 -16.38 33.06 51.55
CA LEU F 999 -16.84 34.41 51.86
C LEU F 999 -18.14 34.38 52.65
N ALA F 1000 -19.08 33.54 52.25
CA ALA F 1000 -20.36 33.45 52.95
C ALA F 1000 -20.18 32.97 54.38
N ALA F 1001 -19.29 31.99 54.59
CA ALA F 1001 -19.02 31.51 55.94
C ALA F 1001 -18.42 32.61 56.80
N THR F 1002 -17.49 33.40 56.25
CA THR F 1002 -16.92 34.51 57.00
C THR F 1002 -17.98 35.54 57.36
N LYS F 1003 -18.85 35.88 56.40
CA LYS F 1003 -19.91 36.84 56.69
C LYS F 1003 -20.88 36.33 57.74
N MET F 1004 -21.17 35.02 57.73
CA MET F 1004 -22.02 34.47 58.78
C MET F 1004 -21.32 34.53 60.13
N SER F 1005 -20.02 34.26 60.17
CA SER F 1005 -19.30 34.27 61.44
C SER F 1005 -19.23 35.68 62.03
N GLU F 1006 -18.99 36.69 61.19
CA GLU F 1006 -18.74 38.04 61.69
C GLU F 1006 -19.99 38.91 61.76
N CYS F 1007 -20.80 38.94 60.71
CA CYS F 1007 -21.98 39.80 60.71
C CYS F 1007 -23.06 39.26 61.63
N VAL F 1008 -23.31 37.95 61.57
CA VAL F 1008 -24.44 37.38 62.31
C VAL F 1008 -24.07 37.13 63.77
N LEU F 1009 -22.97 36.42 64.01
CA LEU F 1009 -22.59 36.06 65.37
C LEU F 1009 -21.94 37.19 66.14
N GLY F 1010 -21.70 38.34 65.51
CA GLY F 1010 -21.09 39.47 66.18
C GLY F 1010 -21.55 40.78 65.60
N GLN F 1011 -20.66 41.76 65.56
CA GLN F 1011 -20.97 43.07 65.00
C GLN F 1011 -19.67 43.65 64.44
N SER F 1012 -19.53 43.62 63.13
CA SER F 1012 -18.27 43.97 62.49
C SER F 1012 -18.07 45.48 62.43
N LYS F 1013 -16.84 45.92 62.69
CA LYS F 1013 -16.44 47.30 62.48
C LYS F 1013 -15.80 47.50 61.12
N ARG F 1014 -15.70 46.45 60.31
CA ARG F 1014 -15.15 46.58 58.97
C ARG F 1014 -16.12 47.34 58.08
N VAL F 1015 -15.61 48.31 57.33
CA VAL F 1015 -16.44 49.20 56.53
C VAL F 1015 -16.93 48.46 55.29
N ASP F 1016 -18.21 48.61 54.99
CA ASP F 1016 -18.85 48.09 53.80
C ASP F 1016 -18.79 46.56 53.69
N PHE F 1017 -18.46 45.88 54.79
CA PHE F 1017 -18.48 44.42 54.78
C PHE F 1017 -19.89 43.89 55.00
N CYS F 1018 -20.48 44.20 56.15
CA CYS F 1018 -21.83 43.78 56.47
C CYS F 1018 -22.83 44.91 56.17
N GLY F 1019 -22.86 45.33 54.92
CA GLY F 1019 -23.82 46.30 54.46
C GLY F 1019 -23.23 47.70 54.33
N LYS F 1020 -24.07 48.61 53.84
CA LYS F 1020 -23.68 50.00 53.57
C LYS F 1020 -24.19 50.87 54.71
N GLY F 1021 -23.28 51.29 55.56
CA GLY F 1021 -23.60 52.07 56.74
C GLY F 1021 -22.90 51.51 57.95
N TYR F 1022 -23.36 51.90 59.13
CA TYR F 1022 -22.80 51.40 60.38
C TYR F 1022 -23.57 50.15 60.78
N HIS F 1023 -22.86 49.03 60.89
CA HIS F 1023 -23.49 47.74 61.12
C HIS F 1023 -24.12 47.67 62.51
N LEU F 1024 -25.31 47.08 62.58
CA LEU F 1024 -25.95 46.79 63.86
C LEU F 1024 -26.10 45.28 64.07
N MET F 1025 -26.78 44.58 63.16
CA MET F 1025 -26.87 43.12 63.20
C MET F 1025 -27.27 42.63 61.82
N SER F 1026 -27.31 41.32 61.66
CA SER F 1026 -27.70 40.69 60.42
C SER F 1026 -28.53 39.45 60.71
N PHE F 1027 -29.34 39.05 59.73
CA PHE F 1027 -30.23 37.90 59.86
C PHE F 1027 -30.03 36.99 58.66
N PRO F 1028 -29.69 35.72 58.86
CA PRO F 1028 -29.52 34.82 57.70
C PRO F 1028 -30.84 34.23 57.25
N GLN F 1029 -30.95 34.05 55.94
CA GLN F 1029 -32.09 33.35 55.35
C GLN F 1029 -31.57 32.34 54.34
N SER F 1030 -32.26 31.21 54.24
CA SER F 1030 -31.84 30.19 53.29
C SER F 1030 -32.27 30.55 51.88
N ALA F 1031 -31.68 29.85 50.92
CA ALA F 1031 -32.04 29.99 49.52
C ALA F 1031 -31.59 28.73 48.80
N PRO F 1032 -32.16 28.43 47.63
CA PRO F 1032 -31.72 27.25 46.90
C PRO F 1032 -30.27 27.36 46.45
N HIS F 1033 -29.40 26.53 47.03
CA HIS F 1033 -27.97 26.54 46.73
C HIS F 1033 -27.33 27.90 47.02
N GLY F 1034 -27.70 28.49 48.15
CA GLY F 1034 -27.15 29.79 48.52
C GLY F 1034 -27.68 30.24 49.85
N VAL F 1035 -27.27 31.45 50.24
CA VAL F 1035 -27.66 32.05 51.51
C VAL F 1035 -27.90 33.53 51.28
N VAL F 1036 -28.83 34.10 52.05
CA VAL F 1036 -29.21 35.50 51.93
C VAL F 1036 -29.05 36.16 53.30
N PHE F 1037 -28.35 37.28 53.34
CA PHE F 1037 -28.14 38.04 54.56
C PHE F 1037 -28.94 39.33 54.52
N LEU F 1038 -29.61 39.65 55.62
CA LEU F 1038 -30.39 40.89 55.74
C LEU F 1038 -29.64 41.80 56.72
N HIS F 1039 -28.76 42.64 56.17
CA HIS F 1039 -27.89 43.47 56.98
C HIS F 1039 -28.66 44.69 57.47
N VAL F 1040 -28.89 44.75 58.77
CA VAL F 1040 -29.51 45.92 59.40
C VAL F 1040 -28.40 46.90 59.75
N THR F 1041 -28.47 48.10 59.18
CA THR F 1041 -27.42 49.09 59.33
C THR F 1041 -28.00 50.37 59.96
N TYR F 1042 -27.17 51.41 60.02
CA TYR F 1042 -27.53 52.67 60.65
C TYR F 1042 -26.90 53.78 59.83
N VAL F 1043 -27.73 54.61 59.20
CA VAL F 1043 -27.27 55.69 58.34
C VAL F 1043 -27.71 57.02 58.97
N PRO F 1044 -26.80 57.95 59.18
CA PRO F 1044 -27.19 59.26 59.72
C PRO F 1044 -27.97 60.08 58.69
N ALA F 1045 -28.74 61.03 59.20
CA ALA F 1045 -29.58 61.86 58.34
C ALA F 1045 -29.80 63.22 58.99
N GLN F 1046 -30.20 64.19 58.17
CA GLN F 1046 -30.54 65.54 58.61
C GLN F 1046 -29.37 66.20 59.33
N GLU F 1047 -28.30 66.42 58.58
CA GLU F 1047 -27.14 67.11 59.13
C GLU F 1047 -27.43 68.59 59.31
N LYS F 1048 -26.57 69.24 60.10
CA LYS F 1048 -26.72 70.67 60.39
C LYS F 1048 -25.34 71.31 60.45
N ASN F 1049 -25.21 72.47 59.81
CA ASN F 1049 -23.96 73.21 59.87
C ASN F 1049 -23.69 73.72 61.28
N PHE F 1050 -22.41 73.76 61.65
CA PHE F 1050 -22.00 74.25 62.95
C PHE F 1050 -20.59 74.85 62.82
N THR F 1051 -20.20 75.61 63.83
CA THR F 1051 -18.85 76.12 63.96
C THR F 1051 -18.17 75.41 65.11
N THR F 1052 -16.96 74.92 64.88
CA THR F 1052 -16.27 74.06 65.83
C THR F 1052 -14.89 74.62 66.14
N ALA F 1053 -14.37 74.22 67.30
CA ALA F 1053 -13.07 74.65 67.77
C ALA F 1053 -12.29 73.45 68.29
N PRO F 1054 -10.96 73.45 68.12
CA PRO F 1054 -10.16 72.33 68.63
C PRO F 1054 -10.16 72.25 70.14
N ALA F 1055 -9.89 73.36 70.81
CA ALA F 1055 -9.79 73.39 72.26
C ALA F 1055 -10.48 74.63 72.80
N ILE F 1056 -10.64 74.68 74.11
CA ILE F 1056 -11.26 75.80 74.80
C ILE F 1056 -10.27 76.34 75.83
N CYS F 1057 -10.02 77.64 75.79
CA CYS F 1057 -9.11 78.30 76.73
C CYS F 1057 -9.96 78.98 77.79
N HIS F 1058 -10.00 78.39 79.00
CA HIS F 1058 -10.83 78.90 80.08
C HIS F 1058 -10.06 79.81 81.03
N ASP F 1059 -9.01 79.30 81.66
CA ASP F 1059 -8.26 80.02 82.68
C ASP F 1059 -6.76 79.87 82.43
N GLY F 1060 -6.35 80.13 81.19
CA GLY F 1060 -4.96 79.98 80.81
C GLY F 1060 -4.53 78.57 80.50
N LYS F 1061 -5.46 77.61 80.49
CA LYS F 1061 -5.16 76.23 80.18
C LYS F 1061 -6.16 75.71 79.15
N ALA F 1062 -5.66 74.97 78.17
CA ALA F 1062 -6.52 74.42 77.13
C ALA F 1062 -7.37 73.28 77.68
N HIS F 1063 -8.58 73.15 77.14
CA HIS F 1063 -9.51 72.10 77.53
C HIS F 1063 -9.91 71.33 76.28
N PHE F 1064 -9.66 70.04 76.27
CA PHE F 1064 -10.05 69.18 75.15
C PHE F 1064 -11.20 68.27 75.56
N PRO F 1065 -12.09 67.93 74.63
CA PRO F 1065 -13.23 67.08 74.99
C PRO F 1065 -12.78 65.67 75.32
N ARG F 1066 -13.40 65.08 76.34
CA ARG F 1066 -13.15 63.67 76.64
C ARG F 1066 -13.60 62.80 75.47
N GLU F 1067 -14.89 62.81 75.20
CA GLU F 1067 -15.43 62.21 73.98
C GLU F 1067 -16.48 63.17 73.42
N GLY F 1068 -16.38 63.46 72.13
CA GLY F 1068 -17.30 64.38 71.50
C GLY F 1068 -16.56 65.46 70.78
N VAL F 1069 -17.25 66.57 70.54
CA VAL F 1069 -16.73 67.66 69.73
C VAL F 1069 -17.36 68.97 70.20
N PHE F 1070 -16.57 70.03 70.21
CA PHE F 1070 -17.07 71.36 70.53
C PHE F 1070 -17.85 71.92 69.34
N VAL F 1071 -19.08 72.37 69.57
CA VAL F 1071 -19.90 72.98 68.56
C VAL F 1071 -20.43 74.30 69.09
N SER F 1072 -21.24 74.98 68.28
CA SER F 1072 -21.76 76.29 68.66
C SER F 1072 -23.14 76.50 68.05
N ASN F 1073 -24.09 76.91 68.89
CA ASN F 1073 -25.38 77.38 68.40
C ASN F 1073 -25.21 78.50 67.39
N GLY F 1074 -24.15 79.29 67.54
CA GLY F 1074 -23.95 80.52 66.80
C GLY F 1074 -23.44 81.59 67.75
N THR F 1075 -23.83 81.47 69.02
CA THR F 1075 -23.42 82.39 70.08
C THR F 1075 -22.76 81.69 71.26
N HIS F 1076 -23.26 80.51 71.64
CA HIS F 1076 -22.77 79.77 72.79
C HIS F 1076 -21.85 78.64 72.31
N TRP F 1077 -21.46 77.76 73.24
CA TRP F 1077 -20.65 76.61 72.93
C TRP F 1077 -21.15 75.41 73.70
N PHE F 1078 -21.00 74.23 73.11
CA PHE F 1078 -21.51 73.00 73.70
C PHE F 1078 -20.56 71.85 73.39
N VAL F 1079 -20.79 70.73 74.06
CA VAL F 1079 -20.09 69.47 73.79
C VAL F 1079 -21.13 68.45 73.38
N THR F 1080 -20.92 67.83 72.22
CA THR F 1080 -21.90 66.89 71.68
C THR F 1080 -21.18 65.68 71.12
N GLN F 1081 -21.93 64.60 70.96
CA GLN F 1081 -21.40 63.39 70.33
C GLN F 1081 -21.02 63.68 68.88
N ARG F 1082 -20.03 62.95 68.39
CA ARG F 1082 -19.62 63.12 67.00
C ARG F 1082 -20.61 62.49 66.02
N ASN F 1083 -21.51 61.63 66.49
CA ASN F 1083 -22.42 60.90 65.63
C ASN F 1083 -23.87 61.35 65.72
N PHE F 1084 -24.23 62.11 66.74
CA PHE F 1084 -25.61 62.52 66.96
C PHE F 1084 -25.61 63.84 67.73
N TYR F 1085 -26.44 64.78 67.29
CA TYR F 1085 -26.47 66.11 67.90
C TYR F 1085 -27.23 66.04 69.21
N GLU F 1086 -26.50 65.96 70.32
CA GLU F 1086 -27.07 66.01 71.66
C GLU F 1086 -26.23 66.97 72.51
N PRO F 1087 -26.38 68.27 72.26
CA PRO F 1087 -25.49 69.23 72.92
C PRO F 1087 -25.74 69.32 74.41
N GLN F 1088 -24.69 69.66 75.15
CA GLN F 1088 -24.78 69.87 76.58
C GLN F 1088 -23.71 70.87 77.00
N ILE F 1089 -23.90 71.45 78.18
CA ILE F 1089 -23.04 72.50 78.67
C ILE F 1089 -21.63 71.96 78.90
N ILE F 1090 -20.62 72.74 78.49
CA ILE F 1090 -19.23 72.37 78.74
C ILE F 1090 -18.99 72.32 80.23
N THR F 1091 -18.37 71.24 80.70
CA THR F 1091 -18.14 71.03 82.11
C THR F 1091 -16.77 70.40 82.30
N THR F 1092 -16.23 70.52 83.50
CA THR F 1092 -14.93 69.94 83.79
C THR F 1092 -14.97 68.41 83.85
N ASP F 1093 -16.15 67.81 83.90
CA ASP F 1093 -16.23 66.35 83.93
C ASP F 1093 -16.01 65.75 82.55
N ASN F 1094 -16.51 66.39 81.50
CA ASN F 1094 -16.41 65.87 80.14
C ASN F 1094 -15.30 66.52 79.33
N THR F 1095 -14.36 67.19 79.99
CA THR F 1095 -13.19 67.76 79.33
C THR F 1095 -11.96 67.46 80.17
N PHE F 1096 -10.81 67.38 79.51
CA PHE F 1096 -9.54 67.20 80.19
C PHE F 1096 -8.58 68.28 79.75
N VAL F 1097 -7.77 68.76 80.68
CA VAL F 1097 -6.87 69.89 80.43
C VAL F 1097 -5.49 69.36 80.05
N SER F 1098 -4.77 70.17 79.28
CA SER F 1098 -3.40 69.82 78.91
C SER F 1098 -2.69 71.08 78.44
N GLY F 1099 -1.68 71.51 79.20
CA GLY F 1099 -0.87 72.64 78.78
C GLY F 1099 -1.60 73.97 78.84
N ASN F 1100 -1.00 74.96 78.18
CA ASN F 1100 -1.54 76.31 78.10
C ASN F 1100 -2.23 76.52 76.75
N CYS F 1101 -2.62 77.76 76.48
CA CYS F 1101 -3.36 78.11 75.27
C CYS F 1101 -2.48 78.68 74.18
N ASP F 1102 -1.16 78.58 74.33
CA ASP F 1102 -0.23 79.22 73.40
C ASP F 1102 0.27 78.27 72.31
N VAL F 1103 -0.19 77.02 72.29
CA VAL F 1103 0.35 76.05 71.34
C VAL F 1103 -0.72 75.57 70.39
N VAL F 1104 -1.98 75.57 70.82
CA VAL F 1104 -3.08 75.09 70.00
C VAL F 1104 -3.44 76.14 68.97
N ILE F 1105 -3.53 75.74 67.70
CA ILE F 1105 -3.82 76.65 66.60
C ILE F 1105 -5.33 76.59 66.36
N GLY F 1106 -6.05 77.61 66.81
CA GLY F 1106 -7.48 77.67 66.61
C GLY F 1106 -8.27 77.64 67.90
N ILE F 1107 -7.57 77.83 69.03
CA ILE F 1107 -8.24 77.82 70.33
C ILE F 1107 -9.22 78.99 70.41
N VAL F 1108 -10.27 78.81 71.20
CA VAL F 1108 -11.35 79.79 71.31
C VAL F 1108 -11.52 80.16 72.78
N ASN F 1109 -11.57 81.47 73.04
CA ASN F 1109 -11.82 81.95 74.39
C ASN F 1109 -13.25 81.64 74.80
N ASN F 1110 -13.41 80.97 75.94
CA ASN F 1110 -14.72 80.63 76.46
C ASN F 1110 -14.56 80.23 77.93
N THR F 1111 -15.68 79.97 78.58
CA THR F 1111 -15.70 79.58 79.98
C THR F 1111 -16.27 78.17 80.12
N VAL F 1112 -15.79 77.46 81.14
CA VAL F 1112 -16.29 76.14 81.48
C VAL F 1112 -16.85 76.19 82.89
N TYR F 1113 -17.82 75.33 83.14
CA TYR F 1113 -18.49 75.26 84.43
C TYR F 1113 -18.00 74.05 85.20
N ASP F 1114 -17.86 74.20 86.52
CA ASP F 1114 -17.45 73.11 87.37
C ASP F 1114 -18.57 72.78 88.35
N PRO F 1115 -18.97 71.51 88.47
CA PRO F 1115 -20.12 71.18 89.33
C PRO F 1115 -19.90 71.51 90.80
N LEU F 1116 -18.66 71.64 91.25
CA LEU F 1116 -18.37 71.97 92.65
C LEU F 1116 -18.69 73.45 92.86
N GLN F 1117 -19.98 73.74 92.98
CA GLN F 1117 -20.47 75.11 93.18
C GLN F 1117 -21.80 75.05 93.91
N PRO F 1118 -21.76 74.80 95.23
CA PRO F 1118 -22.98 74.68 96.03
C PRO F 1118 -23.50 76.04 96.52
N GLU G 1 37.55 -16.68 -50.23
CA GLU G 1 36.55 -17.30 -51.10
C GLU G 1 35.56 -18.11 -50.27
N VAL G 2 34.44 -17.48 -49.92
CA VAL G 2 33.45 -18.14 -49.07
C VAL G 2 32.54 -19.01 -49.92
N GLN G 3 31.92 -19.99 -49.28
CA GLN G 3 30.90 -20.83 -49.88
C GLN G 3 29.60 -20.58 -49.16
N LEU G 4 28.57 -20.19 -49.90
CA LEU G 4 27.26 -19.88 -49.34
C LEU G 4 26.29 -20.96 -49.76
N GLN G 5 25.97 -21.86 -48.82
CA GLN G 5 25.01 -22.92 -49.03
C GLN G 5 23.77 -22.67 -48.19
N GLN G 6 22.60 -22.83 -48.79
CA GLN G 6 21.35 -22.51 -48.14
C GLN G 6 20.35 -23.64 -48.29
N TRP G 7 19.41 -23.71 -47.35
CA TRP G 7 18.38 -24.73 -47.35
C TRP G 7 17.10 -24.13 -46.78
N GLY G 8 15.98 -24.73 -47.16
CA GLY G 8 14.69 -24.28 -46.65
C GLY G 8 13.58 -25.01 -47.35
N ALA G 9 12.37 -24.79 -46.85
CA ALA G 9 11.19 -25.45 -47.40
C ALA G 9 10.86 -24.86 -48.76
N GLY G 10 10.94 -25.70 -49.79
CA GLY G 10 10.66 -25.26 -51.14
C GLY G 10 9.21 -25.19 -51.51
N LEU G 11 8.31 -25.60 -50.61
CA LEU G 11 6.88 -25.52 -50.85
C LEU G 11 6.19 -24.98 -49.62
N LEU G 12 5.15 -24.19 -49.81
CA LEU G 12 4.46 -23.55 -48.71
C LEU G 12 2.98 -23.43 -49.04
N LYS G 13 2.21 -23.02 -48.04
CA LYS G 13 0.78 -22.78 -48.18
C LYS G 13 0.45 -21.40 -47.62
N PRO G 14 -0.61 -20.76 -48.11
CA PRO G 14 -0.92 -19.40 -47.69
C PRO G 14 -1.14 -19.31 -46.19
N SER G 15 -0.91 -18.10 -45.65
CA SER G 15 -1.04 -17.79 -44.23
C SER G 15 -0.05 -18.55 -43.36
N GLU G 16 1.01 -19.10 -43.97
CA GLU G 16 2.08 -19.75 -43.23
C GLU G 16 3.30 -18.85 -43.19
N THR G 17 4.35 -19.32 -42.51
CA THR G 17 5.60 -18.60 -42.39
C THR G 17 6.69 -19.28 -43.20
N LEU G 18 7.57 -18.48 -43.78
CA LEU G 18 8.65 -18.97 -44.61
C LEU G 18 9.96 -18.89 -43.85
N SER G 19 10.67 -20.01 -43.78
CA SER G 19 11.93 -20.10 -43.05
C SER G 19 13.03 -20.56 -44.00
N LEU G 20 14.10 -19.77 -44.08
CA LEU G 20 15.27 -20.11 -44.87
C LEU G 20 16.52 -19.90 -44.02
N THR G 21 17.56 -20.67 -44.31
CA THR G 21 18.82 -20.55 -43.60
C THR G 21 19.97 -20.65 -44.59
N CYS G 22 20.99 -19.82 -44.40
CA CYS G 22 22.18 -19.82 -45.23
C CYS G 22 23.40 -20.03 -44.35
N ALA G 23 24.31 -20.88 -44.81
CA ALA G 23 25.49 -21.26 -44.04
C ALA G 23 26.73 -20.70 -44.72
N VAL G 24 27.63 -20.12 -43.92
CA VAL G 24 28.83 -19.47 -44.42
C VAL G 24 30.03 -20.36 -44.09
N TYR G 25 30.79 -20.74 -45.12
CA TYR G 25 31.98 -21.56 -44.96
C TYR G 25 33.19 -20.82 -45.53
N GLY G 26 34.34 -21.05 -44.91
CA GLY G 26 35.57 -20.46 -45.39
C GLY G 26 36.07 -19.29 -44.57
N GLU G 27 35.90 -18.08 -45.09
CA GLU G 27 36.43 -16.89 -44.45
C GLU G 27 35.61 -16.53 -43.21
N SER G 28 35.99 -15.43 -42.57
CA SER G 28 35.33 -15.03 -41.33
C SER G 28 33.87 -14.68 -41.57
N PHE G 29 33.04 -14.97 -40.57
CA PHE G 29 31.62 -14.69 -40.62
C PHE G 29 31.23 -13.39 -39.92
N SER G 30 31.99 -12.97 -38.92
CA SER G 30 31.73 -11.71 -38.24
C SER G 30 32.35 -10.55 -39.01
N GLY G 31 31.98 -9.34 -38.62
CA GLY G 31 32.47 -8.15 -39.29
C GLY G 31 31.99 -8.02 -40.72
N TYR G 32 30.74 -8.39 -40.99
CA TYR G 32 30.18 -8.32 -42.33
C TYR G 32 28.67 -8.25 -42.21
N TYR G 33 28.03 -7.84 -43.30
CA TYR G 33 26.58 -7.84 -43.42
C TYR G 33 26.16 -8.89 -44.44
N TRP G 34 25.14 -9.68 -44.11
CA TRP G 34 24.68 -10.75 -44.96
C TRP G 34 23.26 -10.43 -45.43
N SER G 35 23.06 -10.46 -46.75
CA SER G 35 21.81 -10.00 -47.35
C SER G 35 21.01 -11.17 -47.89
N TRP G 36 19.70 -10.94 -48.00
CA TRP G 36 18.79 -11.85 -48.67
C TRP G 36 18.17 -11.12 -49.86
N ILE G 37 18.29 -11.71 -51.05
CA ILE G 37 17.83 -11.09 -52.27
C ILE G 37 16.85 -12.03 -52.97
N ARG G 38 15.69 -11.51 -53.34
CA ARG G 38 14.61 -12.28 -53.93
C ARG G 38 14.45 -11.92 -55.39
N GLN G 39 14.31 -12.93 -56.25
CA GLN G 39 14.13 -12.73 -57.68
C GLN G 39 12.80 -13.32 -58.09
N SER G 40 11.84 -12.45 -58.39
CA SER G 40 10.53 -13.01 -58.74
C SER G 40 10.29 -12.90 -60.24
N PRO G 41 9.60 -13.87 -60.83
CA PRO G 41 9.25 -13.76 -62.25
C PRO G 41 8.36 -12.56 -62.51
N GLY G 42 8.53 -11.96 -63.69
CA GLY G 42 7.80 -10.76 -64.02
C GLY G 42 8.48 -9.52 -63.49
N LYS G 43 8.65 -9.47 -62.16
CA LYS G 43 9.38 -8.37 -61.53
C LYS G 43 10.88 -8.63 -61.65
N GLY G 44 11.67 -7.85 -60.93
CA GLY G 44 13.11 -8.03 -60.95
C GLY G 44 13.68 -8.45 -59.62
N LEU G 45 15.00 -8.40 -59.48
CA LEU G 45 15.62 -8.71 -58.22
C LEU G 45 15.23 -7.69 -57.16
N GLU G 46 14.96 -8.17 -55.95
CA GLU G 46 14.55 -7.31 -54.85
C GLU G 46 15.41 -7.60 -53.63
N TRP G 47 15.81 -6.55 -52.94
CA TRP G 47 16.66 -6.66 -51.76
C TRP G 47 15.78 -6.69 -50.51
N ILE G 48 15.88 -7.76 -49.73
CA ILE G 48 14.97 -7.97 -48.61
C ILE G 48 15.52 -7.36 -47.33
N GLY G 49 16.76 -7.66 -46.96
CA GLY G 49 17.30 -7.14 -45.72
C GLY G 49 18.72 -7.58 -45.50
N GLN G 50 19.27 -7.11 -44.38
CA GLN G 50 20.64 -7.40 -43.98
C GLN G 50 20.67 -7.74 -42.49
N ILE G 51 21.73 -8.43 -42.08
CA ILE G 51 21.97 -8.73 -40.67
C ILE G 51 23.44 -9.02 -40.50
N ASN G 52 23.98 -8.67 -39.34
CA ASN G 52 25.37 -8.95 -38.99
C ASN G 52 25.42 -9.81 -37.73
N HIS G 53 26.64 -10.09 -37.27
CA HIS G 53 26.82 -11.00 -36.15
C HIS G 53 26.21 -10.48 -34.85
N SER G 54 26.01 -9.17 -34.74
CA SER G 54 25.46 -8.58 -33.52
C SER G 54 23.94 -8.43 -33.57
N GLY G 55 23.31 -8.88 -34.64
CA GLY G 55 21.86 -8.79 -34.75
C GLY G 55 21.31 -7.50 -35.29
N ASN G 56 22.18 -6.57 -35.71
CA ASN G 56 21.70 -5.34 -36.30
C ASN G 56 21.13 -5.61 -37.68
N THR G 57 19.91 -5.14 -37.92
CA THR G 57 19.16 -5.48 -39.11
C THR G 57 18.80 -4.24 -39.91
N ASN G 58 18.92 -4.35 -41.23
CA ASN G 58 18.40 -3.37 -42.17
C ASN G 58 17.27 -4.01 -42.96
N TYR G 59 16.23 -3.24 -43.24
CA TYR G 59 15.02 -3.77 -43.84
C TYR G 59 14.66 -2.99 -45.10
N ASN G 60 14.03 -3.68 -46.03
CA ASN G 60 13.40 -3.04 -47.16
C ASN G 60 12.09 -2.39 -46.70
N PRO G 61 11.85 -1.12 -46.99
CA PRO G 61 10.61 -0.47 -46.53
C PRO G 61 9.35 -1.18 -46.99
N SER G 62 9.35 -1.78 -48.18
CA SER G 62 8.17 -2.51 -48.65
C SER G 62 7.92 -3.74 -47.79
N LEU G 63 8.94 -4.57 -47.60
CA LEU G 63 8.85 -5.77 -46.77
C LEU G 63 9.41 -5.50 -45.39
N LYS G 64 8.77 -4.58 -44.68
CA LYS G 64 9.24 -4.14 -43.36
C LYS G 64 8.54 -4.82 -42.21
N SER G 65 7.22 -5.02 -42.31
CA SER G 65 6.44 -5.57 -41.21
C SER G 65 6.33 -7.08 -41.23
N ARG G 66 6.86 -7.75 -42.26
CA ARG G 66 6.75 -9.20 -42.37
C ARG G 66 8.09 -9.91 -42.43
N VAL G 67 9.20 -9.19 -42.43
CA VAL G 67 10.52 -9.78 -42.61
C VAL G 67 11.26 -9.72 -41.28
N THR G 68 11.91 -10.83 -40.92
CA THR G 68 12.68 -10.89 -39.68
C THR G 68 13.84 -11.85 -39.88
N MET G 69 15.07 -11.34 -39.78
CA MET G 69 16.26 -12.19 -39.84
C MET G 69 16.79 -12.47 -38.44
N SER G 70 17.43 -13.62 -38.31
CA SER G 70 18.09 -14.02 -37.08
C SER G 70 19.46 -14.58 -37.42
N VAL G 71 20.38 -14.50 -36.46
CA VAL G 71 21.77 -14.91 -36.69
C VAL G 71 22.17 -15.91 -35.63
N ASP G 72 23.03 -16.84 -36.02
CA ASP G 72 23.58 -17.87 -35.13
C ASP G 72 25.10 -17.85 -35.27
N THR G 73 25.75 -17.02 -34.46
CA THR G 73 27.19 -16.85 -34.56
C THR G 73 27.95 -18.13 -34.22
N SER G 74 27.36 -19.00 -33.39
CA SER G 74 28.06 -20.21 -32.97
C SER G 74 28.36 -21.12 -34.15
N LYS G 75 27.40 -21.32 -35.04
CA LYS G 75 27.57 -22.21 -36.18
C LYS G 75 27.74 -21.47 -37.50
N ASN G 76 27.89 -20.14 -37.46
CA ASN G 76 28.09 -19.33 -38.65
C ASN G 76 26.92 -19.49 -39.62
N GLN G 77 25.74 -19.08 -39.17
CA GLN G 77 24.53 -19.17 -39.98
C GLN G 77 23.64 -17.97 -39.72
N PHE G 78 22.89 -17.58 -40.74
CA PHE G 78 21.86 -16.55 -40.62
C PHE G 78 20.61 -17.04 -41.35
N SER G 79 19.46 -16.52 -40.92
CA SER G 79 18.19 -17.04 -41.37
C SER G 79 17.24 -15.91 -41.74
N LEU G 80 16.23 -16.26 -42.54
CA LEU G 80 15.16 -15.35 -42.93
C LEU G 80 13.82 -15.95 -42.52
N LYS G 81 12.94 -15.09 -41.98
CA LYS G 81 11.61 -15.51 -41.55
C LYS G 81 10.59 -14.56 -42.16
N LEU G 82 9.94 -14.99 -43.24
CA LEU G 82 8.89 -14.22 -43.89
C LEU G 82 7.54 -14.75 -43.43
N SER G 83 6.73 -13.87 -42.84
CA SER G 83 5.48 -14.27 -42.23
C SER G 83 4.30 -14.00 -43.16
N SER G 84 3.30 -14.87 -43.10
CA SER G 84 2.07 -14.73 -43.88
C SER G 84 2.34 -14.64 -45.38
N VAL G 85 2.94 -15.71 -45.91
CA VAL G 85 3.26 -15.76 -47.33
C VAL G 85 1.98 -15.96 -48.14
N THR G 86 1.84 -15.19 -49.21
CA THR G 86 0.73 -15.31 -50.13
C THR G 86 1.24 -15.79 -51.49
N ALA G 87 0.35 -15.82 -52.48
CA ALA G 87 0.70 -16.32 -53.79
C ALA G 87 1.71 -15.43 -54.51
N ALA G 88 1.91 -14.21 -54.05
CA ALA G 88 2.83 -13.28 -54.68
C ALA G 88 4.26 -13.45 -54.20
N ASP G 89 4.51 -14.37 -53.26
CA ASP G 89 5.85 -14.61 -52.75
C ASP G 89 6.58 -15.73 -53.47
N THR G 90 5.98 -16.30 -54.52
CA THR G 90 6.64 -17.34 -55.30
C THR G 90 7.82 -16.75 -56.04
N ALA G 91 9.04 -17.07 -55.60
CA ALA G 91 10.23 -16.50 -56.19
C ALA G 91 11.44 -17.35 -55.80
N VAL G 92 12.62 -16.89 -56.17
CA VAL G 92 13.88 -17.57 -55.86
C VAL G 92 14.68 -16.68 -54.91
N TYR G 93 15.14 -17.26 -53.81
CA TYR G 93 15.79 -16.50 -52.74
C TYR G 93 17.28 -16.78 -52.74
N TYR G 94 18.07 -15.71 -52.65
CA TYR G 94 19.52 -15.81 -52.63
C TYR G 94 20.07 -15.22 -51.33
N CYS G 95 21.16 -15.79 -50.84
CA CYS G 95 21.92 -15.24 -49.73
C CYS G 95 23.29 -14.83 -50.26
N ALA G 96 23.72 -13.62 -49.92
CA ALA G 96 24.97 -13.09 -50.45
C ALA G 96 25.62 -12.21 -49.39
N ARG G 97 26.63 -11.46 -49.80
CA ARG G 97 27.30 -10.51 -48.91
C ARG G 97 26.42 -9.27 -48.76
N GLU G 98 26.98 -8.19 -48.22
CA GLU G 98 26.16 -7.00 -47.96
C GLU G 98 25.55 -6.45 -49.24
N LEU G 99 26.34 -6.31 -50.29
CA LEU G 99 25.86 -5.75 -51.55
C LEU G 99 25.71 -6.80 -52.63
N GLY G 100 26.05 -8.06 -52.36
CA GLY G 100 26.01 -9.07 -53.39
C GLY G 100 27.02 -8.83 -54.49
N HIS G 101 28.23 -8.42 -54.14
CA HIS G 101 29.29 -8.15 -55.11
C HIS G 101 30.27 -9.30 -55.24
N ASP G 102 30.74 -9.85 -54.13
CA ASP G 102 31.75 -10.90 -54.16
C ASP G 102 31.14 -12.28 -54.43
N TYR G 103 30.30 -12.75 -53.51
CA TYR G 103 29.81 -14.13 -53.57
C TYR G 103 28.32 -14.15 -53.27
N TRP G 104 27.60 -15.01 -53.98
CA TRP G 104 26.17 -15.20 -53.84
C TRP G 104 25.88 -16.60 -53.33
N GLY G 105 24.60 -16.92 -53.24
CA GLY G 105 24.13 -18.25 -52.86
C GLY G 105 23.97 -19.16 -54.04
N GLN G 106 23.01 -20.07 -53.94
CA GLN G 106 22.73 -21.03 -55.00
C GLN G 106 21.35 -20.84 -55.62
N GLY G 107 20.36 -20.39 -54.85
CA GLY G 107 19.02 -20.21 -55.38
C GLY G 107 18.04 -21.23 -54.83
N THR G 108 17.16 -20.80 -53.94
CA THR G 108 16.17 -21.67 -53.32
C THR G 108 14.78 -21.25 -53.80
N LEU G 109 14.24 -22.01 -54.75
CA LEU G 109 12.91 -21.71 -55.26
C LEU G 109 11.86 -22.02 -54.19
N VAL G 110 10.98 -21.06 -53.94
CA VAL G 110 9.90 -21.20 -52.97
C VAL G 110 8.59 -20.87 -53.67
N THR G 111 7.64 -21.80 -53.62
CA THR G 111 6.34 -21.63 -54.24
C THR G 111 5.25 -21.69 -53.19
N VAL G 112 4.34 -20.73 -53.22
CA VAL G 112 3.23 -20.67 -52.28
C VAL G 112 1.94 -20.87 -53.06
N SER G 113 1.20 -21.92 -52.72
CA SER G 113 -0.07 -22.22 -53.37
C SER G 113 -0.85 -23.18 -52.48
N SER G 114 -2.17 -23.01 -52.45
CA SER G 114 -3.05 -23.84 -51.62
C SER G 114 -3.67 -24.92 -52.51
N ALA G 115 -2.86 -25.92 -52.83
CA ALA G 115 -3.32 -27.01 -53.68
C ALA G 115 -2.62 -28.30 -53.26
N SER G 116 -3.38 -29.38 -53.17
CA SER G 116 -2.83 -30.67 -52.78
C SER G 116 -2.25 -31.39 -53.99
N THR G 117 -1.32 -32.31 -53.73
CA THR G 117 -0.68 -33.05 -54.79
C THR G 117 -1.69 -33.89 -55.54
N LYS G 118 -1.66 -33.80 -56.87
CA LYS G 118 -2.57 -34.53 -57.74
C LYS G 118 -1.79 -35.18 -58.88
N GLY G 119 -2.24 -36.37 -59.28
CA GLY G 119 -1.62 -37.07 -60.38
C GLY G 119 -1.96 -36.46 -61.72
N PRO G 120 -0.98 -36.40 -62.61
CA PRO G 120 -1.22 -35.84 -63.94
C PRO G 120 -2.16 -36.73 -64.75
N SER G 121 -2.90 -36.09 -65.65
CA SER G 121 -3.79 -36.78 -66.58
C SER G 121 -3.36 -36.46 -68.00
N VAL G 122 -3.13 -37.51 -68.80
CA VAL G 122 -2.66 -37.37 -70.17
C VAL G 122 -3.86 -37.48 -71.11
N PHE G 123 -4.00 -36.51 -72.00
CA PHE G 123 -5.06 -36.50 -72.99
C PHE G 123 -4.48 -36.63 -74.38
N PRO G 124 -4.72 -37.71 -75.09
CA PRO G 124 -4.16 -37.86 -76.44
C PRO G 124 -4.70 -36.81 -77.39
N LEU G 125 -3.86 -36.42 -78.35
CA LEU G 125 -4.20 -35.42 -79.35
C LEU G 125 -3.93 -36.01 -80.73
N ALA G 126 -4.99 -36.39 -81.43
CA ALA G 126 -4.86 -36.98 -82.75
C ALA G 126 -4.39 -35.92 -83.76
N PRO G 127 -3.57 -36.31 -84.73
CA PRO G 127 -3.14 -35.36 -85.76
C PRO G 127 -4.18 -35.27 -86.86
N SER G 128 -4.75 -34.08 -87.02
CA SER G 128 -5.84 -33.88 -87.96
C SER G 128 -5.36 -33.98 -89.39
N SER G 129 -6.30 -34.24 -90.31
CA SER G 129 -5.99 -34.23 -91.73
C SER G 129 -5.51 -32.86 -92.18
N LYS G 130 -6.11 -31.80 -91.62
CA LYS G 130 -5.64 -30.45 -91.92
C LYS G 130 -4.22 -30.23 -91.43
N SER G 131 -3.90 -30.77 -90.25
CA SER G 131 -2.53 -30.67 -89.73
C SER G 131 -1.55 -31.40 -90.63
N THR G 132 -1.92 -32.58 -91.12
CA THR G 132 -1.06 -33.37 -91.99
C THR G 132 -1.00 -32.73 -93.37
N SER G 133 0.00 -31.88 -93.58
CA SER G 133 0.22 -31.25 -94.89
C SER G 133 1.13 -32.12 -95.75
N GLY G 134 0.65 -33.31 -96.06
CA GLY G 134 1.42 -34.26 -96.84
C GLY G 134 2.27 -35.18 -95.99
N GLY G 135 3.30 -34.63 -95.36
CA GLY G 135 4.19 -35.43 -94.54
C GLY G 135 4.59 -34.77 -93.24
N THR G 136 4.14 -33.54 -93.02
CA THR G 136 4.47 -32.78 -91.83
C THR G 136 3.24 -32.63 -90.95
N ALA G 137 3.37 -33.05 -89.69
CA ALA G 137 2.28 -32.96 -88.73
C ALA G 137 2.88 -32.84 -87.34
N ALA G 138 2.03 -32.97 -86.32
CA ALA G 138 2.48 -32.89 -84.93
C ALA G 138 1.63 -33.79 -84.07
N LEU G 139 2.29 -34.58 -83.22
CA LEU G 139 1.63 -35.44 -82.25
C LEU G 139 1.73 -34.79 -80.87
N GLY G 140 1.31 -35.49 -79.84
CA GLY G 140 1.47 -35.02 -78.48
C GLY G 140 0.29 -35.40 -77.61
N CYS G 141 0.53 -35.39 -76.30
CA CYS G 141 -0.50 -35.62 -75.30
C CYS G 141 -0.47 -34.45 -74.32
N LEU G 142 -1.64 -33.88 -74.05
CA LEU G 142 -1.76 -32.68 -73.24
C LEU G 142 -1.98 -33.08 -71.78
N VAL G 143 -0.97 -32.84 -70.95
CA VAL G 143 -1.13 -33.04 -69.51
C VAL G 143 -1.90 -31.86 -68.94
N LYS G 144 -2.98 -32.16 -68.21
CA LYS G 144 -3.94 -31.14 -67.82
C LYS G 144 -3.74 -30.65 -66.39
N ASP G 145 -3.80 -31.55 -65.41
CA ASP G 145 -3.82 -31.17 -64.00
C ASP G 145 -2.72 -31.90 -63.24
N TYR G 146 -1.84 -31.13 -62.60
CA TYR G 146 -0.84 -31.68 -61.69
C TYR G 146 -0.31 -30.53 -60.84
N PHE G 147 -0.29 -30.71 -59.53
CA PHE G 147 0.09 -29.63 -58.62
C PHE G 147 1.59 -29.37 -58.60
N PRO G 148 2.44 -30.35 -58.25
CA PRO G 148 3.87 -30.05 -58.13
C PRO G 148 4.48 -29.70 -59.47
N GLU G 149 5.47 -28.80 -59.45
CA GLU G 149 6.09 -28.35 -60.68
C GLU G 149 6.82 -29.45 -61.46
N PRO G 150 7.63 -30.34 -60.87
CA PRO G 150 8.49 -31.20 -61.69
C PRO G 150 7.66 -32.25 -62.44
N VAL G 151 7.91 -32.35 -63.74
CA VAL G 151 7.28 -33.36 -64.58
C VAL G 151 8.07 -33.45 -65.87
N THR G 152 8.25 -34.66 -66.38
CA THR G 152 9.00 -34.90 -67.59
C THR G 152 8.15 -35.69 -68.58
N VAL G 153 8.18 -35.29 -69.84
CA VAL G 153 7.48 -35.97 -70.92
C VAL G 153 8.51 -36.31 -72.00
N SER G 154 8.66 -37.61 -72.25
CA SER G 154 9.62 -38.10 -73.23
C SER G 154 8.91 -39.00 -74.24
N TRP G 155 9.50 -39.13 -75.42
CA TRP G 155 8.93 -39.92 -76.49
C TRP G 155 9.77 -41.18 -76.73
N ASN G 156 9.10 -42.32 -76.75
CA ASN G 156 9.73 -43.61 -77.05
C ASN G 156 10.85 -43.94 -76.08
N SER G 157 10.70 -43.53 -74.81
CA SER G 157 11.68 -43.80 -73.76
C SER G 157 13.07 -43.30 -74.15
N GLY G 158 13.10 -42.13 -74.79
CA GLY G 158 14.35 -41.52 -75.21
C GLY G 158 14.83 -41.91 -76.60
N ALA G 159 14.16 -42.86 -77.26
CA ALA G 159 14.53 -43.20 -78.62
C ALA G 159 14.26 -42.04 -79.57
N LEU G 160 13.14 -41.35 -79.39
CA LEU G 160 12.78 -40.19 -80.19
C LEU G 160 13.07 -38.93 -79.37
N THR G 161 14.19 -38.27 -79.66
CA THR G 161 14.56 -37.04 -78.98
C THR G 161 14.79 -35.89 -79.94
N SER G 162 14.49 -36.07 -81.23
CA SER G 162 14.70 -35.06 -82.25
C SER G 162 13.37 -34.45 -82.65
N GLY G 163 13.32 -33.12 -82.67
CA GLY G 163 12.10 -32.41 -83.01
C GLY G 163 11.11 -32.26 -81.87
N VAL G 164 11.48 -32.64 -80.66
CA VAL G 164 10.59 -32.57 -79.51
C VAL G 164 10.73 -31.20 -78.86
N HIS G 165 9.63 -30.47 -78.74
CA HIS G 165 9.58 -29.20 -78.05
C HIS G 165 8.75 -29.35 -76.79
N THR G 166 9.36 -29.03 -75.64
CA THR G 166 8.71 -29.12 -74.34
C THR G 166 8.35 -27.72 -73.88
N PHE G 167 7.07 -27.40 -73.92
CA PHE G 167 6.62 -26.07 -73.52
C PHE G 167 6.66 -25.93 -72.00
N PRO G 168 6.91 -24.71 -71.51
CA PRO G 168 6.91 -24.51 -70.05
C PRO G 168 5.53 -24.73 -69.45
N ALA G 169 5.53 -25.13 -68.18
CA ALA G 169 4.28 -25.37 -67.47
C ALA G 169 3.49 -24.08 -67.30
N VAL G 170 2.16 -24.21 -67.32
CA VAL G 170 1.25 -23.09 -67.15
C VAL G 170 0.43 -23.31 -65.90
N LEU G 171 0.41 -22.31 -65.02
CA LEU G 171 -0.31 -22.38 -63.76
C LEU G 171 -1.77 -22.01 -64.02
N GLN G 172 -2.67 -22.98 -63.89
CA GLN G 172 -4.09 -22.73 -64.10
C GLN G 172 -4.70 -22.06 -62.87
N SER G 173 -5.91 -21.54 -63.06
CA SER G 173 -6.59 -20.83 -61.98
C SER G 173 -6.92 -21.75 -60.80
N SER G 174 -7.12 -23.04 -61.08
CA SER G 174 -7.45 -23.99 -60.02
C SER G 174 -6.27 -24.26 -59.08
N GLY G 175 -5.06 -23.82 -59.44
CA GLY G 175 -3.87 -24.14 -58.69
C GLY G 175 -3.08 -25.31 -59.22
N LEU G 176 -3.46 -25.84 -60.39
CA LEU G 176 -2.85 -27.03 -60.96
C LEU G 176 -2.12 -26.64 -62.23
N TYR G 177 -0.87 -27.08 -62.36
CA TYR G 177 -0.10 -26.77 -63.55
C TYR G 177 -0.61 -27.55 -64.76
N SER G 178 -0.23 -27.07 -65.94
CA SER G 178 -0.58 -27.72 -67.20
C SER G 178 0.62 -27.66 -68.13
N LEU G 179 0.91 -28.78 -68.80
CA LEU G 179 2.04 -28.87 -69.71
C LEU G 179 1.60 -29.52 -71.01
N SER G 180 2.21 -29.08 -72.11
CA SER G 180 1.95 -29.64 -73.43
C SER G 180 3.28 -29.85 -74.14
N SER G 181 3.45 -31.04 -74.73
CA SER G 181 4.65 -31.37 -75.49
C SER G 181 4.24 -31.99 -76.81
N VAL G 182 4.90 -31.58 -77.89
CA VAL G 182 4.58 -32.04 -79.24
C VAL G 182 5.85 -32.47 -79.94
N VAL G 183 5.68 -33.29 -80.97
CA VAL G 183 6.80 -33.81 -81.77
C VAL G 183 6.44 -33.69 -83.24
N THR G 184 7.42 -33.33 -84.06
CA THR G 184 7.25 -33.19 -85.50
C THR G 184 7.92 -34.37 -86.18
N VAL G 185 7.11 -35.25 -86.76
CA VAL G 185 7.62 -36.46 -87.40
C VAL G 185 6.97 -36.64 -88.76
N PRO G 186 7.67 -37.29 -89.69
CA PRO G 186 7.07 -37.58 -90.99
C PRO G 186 5.87 -38.51 -90.86
N SER G 187 4.91 -38.35 -91.77
CA SER G 187 3.70 -39.18 -91.73
C SER G 187 4.03 -40.64 -91.97
N SER G 188 4.96 -40.93 -92.88
CA SER G 188 5.36 -42.31 -93.12
C SER G 188 5.98 -42.93 -91.87
N SER G 189 6.85 -42.17 -91.19
CA SER G 189 7.43 -42.66 -89.94
C SER G 189 6.37 -42.80 -88.86
N LEU G 190 5.37 -41.91 -88.85
CA LEU G 190 4.27 -42.03 -87.90
C LEU G 190 3.50 -43.33 -88.13
N GLY G 191 3.22 -43.65 -89.39
CA GLY G 191 2.52 -44.89 -89.68
C GLY G 191 3.34 -46.13 -89.37
N THR G 192 4.62 -46.10 -89.72
CA THR G 192 5.47 -47.28 -89.50
C THR G 192 5.79 -47.47 -88.02
N GLN G 193 6.16 -46.39 -87.33
CA GLN G 193 6.58 -46.46 -85.94
C GLN G 193 5.57 -45.75 -85.04
N THR G 194 5.08 -46.47 -84.03
CA THR G 194 4.22 -45.86 -83.03
C THR G 194 5.04 -45.08 -82.02
N TYR G 195 4.44 -44.02 -81.48
CA TYR G 195 5.12 -43.15 -80.53
C TYR G 195 4.30 -43.05 -79.25
N ILE G 196 5.01 -43.08 -78.13
CA ILE G 196 4.41 -43.00 -76.80
C ILE G 196 5.03 -41.84 -76.04
N CYS G 197 4.20 -41.01 -75.42
CA CYS G 197 4.68 -39.89 -74.62
C CYS G 197 4.74 -40.34 -73.17
N ASN G 198 5.88 -40.93 -72.80
CA ASN G 198 6.07 -41.40 -71.44
C ASN G 198 6.15 -40.23 -70.47
N VAL G 199 5.51 -40.38 -69.32
CA VAL G 199 5.53 -39.36 -68.27
C VAL G 199 5.99 -40.02 -66.98
N ASN G 200 6.60 -39.22 -66.10
CA ASN G 200 7.09 -39.73 -64.82
C ASN G 200 6.97 -38.64 -63.75
N HIS G 201 5.79 -38.55 -63.15
CA HIS G 201 5.52 -37.58 -62.09
C HIS G 201 6.10 -38.13 -60.80
N LYS G 202 7.23 -37.58 -60.38
CA LYS G 202 7.88 -38.06 -59.17
C LYS G 202 7.01 -37.93 -57.92
N PRO G 203 6.36 -36.79 -57.64
CA PRO G 203 5.55 -36.70 -56.41
C PRO G 203 4.38 -37.69 -56.38
N SER G 204 3.79 -38.02 -57.52
CA SER G 204 2.64 -38.90 -57.55
C SER G 204 2.97 -40.33 -57.99
N ASN G 205 4.20 -40.56 -58.47
CA ASN G 205 4.64 -41.89 -58.90
C ASN G 205 3.71 -42.48 -59.96
N THR G 206 3.28 -41.65 -60.89
CA THR G 206 2.41 -42.08 -61.99
C THR G 206 3.23 -42.16 -63.27
N LYS G 207 3.25 -43.33 -63.88
CA LYS G 207 3.95 -43.57 -65.14
C LYS G 207 2.91 -44.03 -66.16
N VAL G 208 2.28 -43.07 -66.83
CA VAL G 208 1.22 -43.35 -67.81
C VAL G 208 1.79 -43.12 -69.20
N ASP G 209 1.73 -44.16 -70.03
CA ASP G 209 2.24 -44.12 -71.40
C ASP G 209 1.04 -44.29 -72.33
N LYS G 210 0.74 -43.23 -73.09
CA LYS G 210 -0.39 -43.23 -74.01
C LYS G 210 0.12 -42.99 -75.43
N LYS G 211 -0.32 -43.83 -76.36
CA LYS G 211 0.02 -43.69 -77.77
C LYS G 211 -1.20 -43.20 -78.53
N VAL G 212 -1.01 -42.18 -79.36
CA VAL G 212 -2.09 -41.59 -80.14
C VAL G 212 -1.68 -41.60 -81.61
N GLU G 213 -2.58 -42.06 -82.46
CA GLU G 213 -2.34 -42.19 -83.89
C GLU G 213 -3.59 -41.73 -84.63
N PRO G 214 -3.45 -41.30 -85.90
CA PRO G 214 -4.60 -40.87 -86.70
C PRO G 214 -5.74 -41.88 -86.75
N GLU H 1 13.53 5.11 -52.40
CA GLU H 1 13.28 4.07 -53.38
C GLU H 1 13.40 4.62 -54.80
N ILE H 2 14.62 4.64 -55.31
CA ILE H 2 14.88 5.11 -56.68
C ILE H 2 14.43 4.03 -57.65
N VAL H 3 13.37 4.29 -58.40
CA VAL H 3 12.87 3.31 -59.35
C VAL H 3 13.83 3.24 -60.53
N MET H 4 14.27 2.03 -60.85
CA MET H 4 15.30 1.83 -61.86
C MET H 4 14.67 1.21 -63.10
N THR H 5 14.96 1.79 -64.26
CA THR H 5 14.30 1.40 -65.51
C THR H 5 15.33 1.15 -66.60
N GLN H 6 15.07 0.12 -67.41
CA GLN H 6 15.89 -0.21 -68.57
C GLN H 6 15.03 -0.12 -69.82
N SER H 7 15.51 0.63 -70.81
CA SER H 7 14.72 0.94 -72.00
C SER H 7 14.60 -0.22 -72.99
N PRO H 8 15.69 -0.93 -73.37
CA PRO H 8 15.54 -1.98 -74.38
C PRO H 8 15.04 -3.27 -73.74
N GLY H 9 13.78 -3.62 -74.03
CA GLY H 9 13.20 -4.80 -73.41
C GLY H 9 13.88 -6.08 -73.82
N THR H 10 14.14 -6.25 -75.13
CA THR H 10 14.75 -7.45 -75.66
C THR H 10 15.65 -7.05 -76.83
N LEU H 11 16.94 -6.89 -76.54
CA LEU H 11 17.91 -6.61 -77.58
C LEU H 11 18.27 -7.88 -78.33
N SER H 12 18.36 -7.79 -79.65
CA SER H 12 18.67 -8.93 -80.51
C SER H 12 19.70 -8.49 -81.53
N LEU H 13 20.94 -8.95 -81.35
CA LEU H 13 22.02 -8.60 -82.26
C LEU H 13 22.81 -9.84 -82.64
N SER H 14 23.41 -9.78 -83.83
CA SER H 14 24.17 -10.90 -84.35
C SER H 14 25.46 -11.08 -83.55
N PRO H 15 25.97 -12.32 -83.49
CA PRO H 15 27.25 -12.54 -82.79
C PRO H 15 28.37 -11.72 -83.40
N GLY H 16 29.29 -11.29 -82.53
CA GLY H 16 30.37 -10.43 -82.96
C GLY H 16 29.94 -9.04 -83.39
N GLU H 17 28.95 -8.47 -82.70
CA GLU H 17 28.48 -7.12 -82.98
C GLU H 17 28.35 -6.35 -81.68
N ARG H 18 28.74 -5.08 -81.71
CA ARG H 18 28.71 -4.25 -80.52
C ARG H 18 27.29 -4.03 -80.03
N ALA H 19 27.11 -4.09 -78.71
CA ALA H 19 25.81 -3.93 -78.07
C ALA H 19 25.89 -2.85 -77.00
N THR H 20 24.85 -2.03 -76.93
CA THR H 20 24.75 -0.95 -75.95
C THR H 20 23.47 -1.08 -75.16
N LEU H 21 23.56 -0.81 -73.86
CA LEU H 21 22.43 -0.94 -72.94
C LEU H 21 22.20 0.37 -72.22
N SER H 22 20.98 0.54 -71.69
CA SER H 22 20.59 1.75 -70.99
C SER H 22 19.95 1.39 -69.65
N CYS H 23 20.24 2.18 -68.63
CA CYS H 23 19.75 1.97 -67.27
C CYS H 23 19.24 3.29 -66.68
N ARG H 24 18.37 3.97 -67.43
CA ARG H 24 17.82 5.25 -66.99
C ARG H 24 17.18 5.13 -65.61
N ALA H 25 17.70 5.88 -64.66
CA ALA H 25 17.20 5.86 -63.29
C ALA H 25 16.14 6.95 -63.09
N SER H 26 15.53 6.95 -61.92
CA SER H 26 14.52 7.95 -61.58
C SER H 26 15.09 9.17 -60.87
N GLN H 27 16.28 9.06 -60.29
CA GLN H 27 16.92 10.19 -59.62
C GLN H 27 18.39 10.28 -60.02
N SER H 28 19.15 11.13 -59.36
CA SER H 28 20.57 11.28 -59.61
C SER H 28 21.33 10.42 -58.62
N ILE H 29 22.16 9.50 -59.14
CA ILE H 29 22.94 8.62 -58.28
C ILE H 29 23.98 9.44 -57.51
N SER H 30 24.30 8.98 -56.31
CA SER H 30 25.13 9.77 -55.39
C SER H 30 26.51 10.05 -55.98
N SER H 31 27.30 9.01 -56.18
CA SER H 31 28.68 9.14 -56.66
C SER H 31 28.92 8.19 -57.83
N SER H 32 27.97 8.17 -58.77
CA SER H 32 27.99 7.23 -59.89
C SER H 32 28.03 5.79 -59.40
N TYR H 33 27.45 5.54 -58.22
CA TYR H 33 27.40 4.21 -57.64
C TYR H 33 26.31 3.40 -58.36
N LEU H 34 26.69 2.86 -59.51
CA LEU H 34 25.82 1.97 -60.27
C LEU H 34 26.65 0.84 -60.85
N ALA H 35 26.13 -0.38 -60.76
CA ALA H 35 26.83 -1.56 -61.20
C ALA H 35 26.00 -2.31 -62.24
N TRP H 36 26.65 -3.24 -62.94
CA TRP H 36 26.01 -4.06 -63.96
C TRP H 36 26.21 -5.53 -63.62
N PHE H 37 25.12 -6.28 -63.57
CA PHE H 37 25.14 -7.70 -63.26
C PHE H 37 24.83 -8.53 -64.49
N GLN H 38 25.36 -9.75 -64.51
CA GLN H 38 25.06 -10.70 -65.57
C GLN H 38 24.58 -11.99 -64.92
N GLN H 39 23.46 -12.52 -65.40
CA GLN H 39 22.85 -13.72 -64.82
C GLN H 39 22.67 -14.75 -65.92
N LYS H 40 23.61 -15.69 -66.03
CA LYS H 40 23.41 -16.83 -66.91
C LYS H 40 22.26 -17.67 -66.40
N PRO H 41 21.44 -18.25 -67.29
CA PRO H 41 20.26 -18.99 -66.83
C PRO H 41 20.63 -20.13 -65.91
N GLY H 42 19.86 -20.27 -64.83
CA GLY H 42 20.10 -21.31 -63.84
C GLY H 42 21.17 -21.00 -62.82
N GLN H 43 21.79 -19.83 -62.88
CA GLN H 43 22.86 -19.45 -61.96
C GLN H 43 22.51 -18.15 -61.25
N ALA H 44 23.43 -17.71 -60.39
CA ALA H 44 23.32 -16.47 -59.63
C ALA H 44 23.92 -15.30 -60.42
N PRO H 45 23.45 -14.08 -60.18
CA PRO H 45 24.03 -12.93 -60.87
C PRO H 45 25.49 -12.70 -60.51
N ARG H 46 26.23 -12.14 -61.46
CA ARG H 46 27.65 -11.89 -61.30
C ARG H 46 27.97 -10.48 -61.78
N LEU H 47 28.86 -9.81 -61.05
CA LEU H 47 29.25 -8.45 -61.42
C LEU H 47 30.06 -8.42 -62.71
N LEU H 48 29.90 -7.33 -63.44
CA LEU H 48 30.77 -7.01 -64.57
C LEU H 48 31.39 -5.63 -64.45
N ILE H 49 30.64 -4.65 -63.99
CA ILE H 49 31.09 -3.26 -63.90
C ILE H 49 30.70 -2.72 -62.54
N TYR H 50 31.64 -2.10 -61.84
CA TYR H 50 31.38 -1.44 -60.57
C TYR H 50 31.79 0.02 -60.66
N GLY H 51 30.99 0.90 -60.08
CA GLY H 51 31.24 2.31 -60.17
C GLY H 51 30.86 2.94 -61.49
N ALA H 52 30.13 2.22 -62.35
CA ALA H 52 29.62 2.65 -63.63
C ALA H 52 30.71 2.87 -64.68
N SER H 53 31.99 2.76 -64.32
CA SER H 53 33.06 2.94 -65.29
C SER H 53 34.17 1.90 -65.19
N SER H 54 34.37 1.24 -64.06
CA SER H 54 35.50 0.35 -63.86
C SER H 54 35.05 -1.11 -63.88
N ARG H 55 35.96 -1.97 -64.35
CA ARG H 55 35.68 -3.40 -64.48
C ARG H 55 36.01 -4.12 -63.18
N ALA H 56 35.19 -5.11 -62.85
CA ALA H 56 35.45 -5.96 -61.70
C ALA H 56 36.66 -6.85 -61.97
N PRO H 57 37.35 -7.30 -60.94
CA PRO H 57 38.48 -8.21 -61.15
C PRO H 57 38.03 -9.49 -61.84
N GLY H 58 38.87 -9.98 -62.76
CA GLY H 58 38.57 -11.18 -63.50
C GLY H 58 37.63 -11.00 -64.66
N ILE H 59 37.16 -9.79 -64.93
CA ILE H 59 36.23 -9.52 -66.02
C ILE H 59 37.04 -9.19 -67.28
N PRO H 60 36.73 -9.81 -68.41
CA PRO H 60 37.46 -9.49 -69.65
C PRO H 60 37.23 -8.04 -70.05
N ASP H 61 38.23 -7.47 -70.73
CA ASP H 61 38.18 -6.08 -71.16
C ASP H 61 37.14 -5.81 -72.24
N ARG H 62 36.38 -6.83 -72.66
CA ARG H 62 35.33 -6.61 -73.65
C ARG H 62 34.15 -5.83 -73.09
N PHE H 63 34.03 -5.73 -71.77
CA PHE H 63 32.94 -5.01 -71.13
C PHE H 63 33.40 -3.61 -70.76
N SER H 64 32.59 -2.61 -71.11
CA SER H 64 32.89 -1.22 -70.81
C SER H 64 31.61 -0.50 -70.42
N GLY H 65 31.72 0.36 -69.41
CA GLY H 65 30.58 1.14 -68.96
C GLY H 65 30.87 2.62 -68.90
N SER H 66 29.83 3.44 -68.93
CA SER H 66 29.99 4.89 -68.90
C SER H 66 28.67 5.51 -68.45
N GLY H 67 28.62 6.82 -68.47
CA GLY H 67 27.44 7.55 -68.08
C GLY H 67 27.51 8.04 -66.63
N SER H 68 26.82 9.15 -66.37
CA SER H 68 26.79 9.72 -65.04
C SER H 68 25.51 10.54 -64.88
N GLY H 69 25.15 10.79 -63.63
CA GLY H 69 23.95 11.54 -63.35
C GLY H 69 22.72 10.66 -63.26
N THR H 70 21.96 10.57 -64.34
CA THR H 70 20.78 9.71 -64.40
C THR H 70 20.75 8.85 -65.65
N ASP H 71 21.84 8.78 -66.41
CA ASP H 71 21.92 7.96 -67.60
C ASP H 71 23.21 7.16 -67.58
N PHE H 72 23.09 5.84 -67.68
CA PHE H 72 24.23 4.94 -67.64
C PHE H 72 24.14 3.95 -68.79
N THR H 73 25.26 3.71 -69.46
CA THR H 73 25.33 2.82 -70.61
C THR H 73 26.37 1.74 -70.37
N LEU H 74 26.03 0.52 -70.77
CA LEU H 74 26.96 -0.61 -70.75
C LEU H 74 27.23 -1.03 -72.19
N THR H 75 28.50 -1.12 -72.55
CA THR H 75 28.92 -1.40 -73.92
C THR H 75 29.70 -2.70 -73.97
N ILE H 76 29.28 -3.61 -74.83
CA ILE H 76 30.00 -4.85 -75.10
C ILE H 76 30.59 -4.73 -76.50
N SER H 77 31.92 -4.74 -76.59
CA SER H 77 32.58 -4.56 -77.88
C SER H 77 32.30 -5.74 -78.80
N ARG H 78 32.52 -6.95 -78.33
CA ARG H 78 32.35 -8.16 -79.12
C ARG H 78 31.39 -9.10 -78.40
N LEU H 79 30.39 -9.60 -79.12
CA LEU H 79 29.39 -10.49 -78.54
C LEU H 79 29.90 -11.93 -78.67
N GLU H 80 30.62 -12.38 -77.65
CA GLU H 80 31.10 -13.75 -77.61
C GLU H 80 29.93 -14.70 -77.35
N PRO H 81 30.08 -15.98 -77.70
CA PRO H 81 28.97 -16.92 -77.44
C PRO H 81 28.56 -17.01 -75.99
N GLU H 82 29.51 -16.86 -75.06
CA GLU H 82 29.19 -16.93 -73.63
C GLU H 82 28.89 -15.53 -73.06
N ASP H 83 28.03 -14.79 -73.77
CA ASP H 83 27.64 -13.45 -73.38
C ASP H 83 26.14 -13.21 -73.46
N PHE H 84 25.37 -14.17 -73.97
CA PHE H 84 23.93 -13.98 -74.20
C PHE H 84 23.19 -14.40 -72.95
N ALA H 85 22.88 -13.41 -72.10
CA ALA H 85 22.15 -13.65 -70.86
C ALA H 85 21.33 -12.40 -70.55
N VAL H 86 20.82 -12.31 -69.33
CA VAL H 86 20.10 -11.14 -68.85
C VAL H 86 21.08 -10.26 -68.08
N TYR H 87 20.93 -8.94 -68.26
CA TYR H 87 21.80 -7.97 -67.63
C TYR H 87 20.99 -7.07 -66.72
N TYR H 88 21.39 -6.99 -65.46
CA TYR H 88 20.74 -6.16 -64.46
C TYR H 88 21.69 -5.04 -64.04
N CYS H 89 21.11 -3.92 -63.63
CA CYS H 89 21.88 -2.81 -63.09
C CYS H 89 21.40 -2.45 -61.70
N GLN H 90 22.34 -2.13 -60.81
CA GLN H 90 22.07 -1.93 -59.40
C GLN H 90 22.70 -0.63 -58.95
N GLN H 91 22.03 0.05 -58.00
CA GLN H 91 22.51 1.30 -57.45
C GLN H 91 22.77 1.16 -55.95
N TYR H 92 23.62 2.02 -55.42
CA TYR H 92 23.93 2.02 -54.00
C TYR H 92 23.57 3.31 -53.29
N GLY H 93 23.56 4.44 -53.98
CA GLY H 93 23.42 5.73 -53.33
C GLY H 93 22.03 6.01 -52.81
N ASP H 94 21.43 5.05 -52.11
CA ASP H 94 20.16 5.23 -51.44
C ASP H 94 20.00 4.07 -50.48
N SER H 95 19.13 4.26 -49.48
CA SER H 95 19.01 3.25 -48.43
C SER H 95 18.57 1.88 -48.93
N PRO H 96 17.54 1.74 -49.78
CA PRO H 96 17.24 0.41 -50.32
C PRO H 96 17.96 0.14 -51.63
N LEU H 97 18.66 -0.99 -51.72
CA LEU H 97 19.26 -1.38 -52.98
C LEU H 97 18.17 -1.68 -54.00
N THR H 98 18.33 -1.16 -55.21
CA THR H 98 17.33 -1.32 -56.24
C THR H 98 17.98 -1.89 -57.49
N PHE H 99 17.37 -2.93 -58.05
CA PHE H 99 17.84 -3.57 -59.27
C PHE H 99 17.00 -3.12 -60.45
N GLY H 100 17.58 -3.23 -61.64
CA GLY H 100 16.86 -2.88 -62.85
C GLY H 100 15.82 -3.92 -63.22
N GLY H 101 15.02 -3.58 -64.23
CA GLY H 101 13.99 -4.50 -64.68
C GLY H 101 14.53 -5.72 -65.40
N GLY H 102 15.78 -5.67 -65.86
CA GLY H 102 16.37 -6.80 -66.54
C GLY H 102 16.11 -6.81 -68.03
N THR H 103 17.17 -6.93 -68.83
CA THR H 103 17.07 -7.03 -70.27
C THR H 103 17.92 -8.20 -70.74
N LYS H 104 17.47 -8.87 -71.80
CA LYS H 104 18.12 -10.07 -72.30
C LYS H 104 18.60 -9.85 -73.72
N VAL H 105 19.67 -10.56 -74.08
CA VAL H 105 20.26 -10.50 -75.40
C VAL H 105 20.33 -11.91 -75.98
N ASP H 106 20.02 -12.04 -77.26
CA ASP H 106 19.97 -13.34 -77.92
C ASP H 106 20.61 -13.24 -79.30
N ILE H 107 20.84 -14.40 -79.90
CA ILE H 107 21.52 -14.49 -81.19
C ILE H 107 20.54 -14.13 -82.31
N LYS H 108 21.03 -13.39 -83.29
CA LYS H 108 20.22 -12.92 -84.41
C LYS H 108 20.46 -13.78 -85.64
N ARG H 109 19.39 -14.04 -86.40
CA ARG H 109 19.47 -14.76 -87.66
C ARG H 109 18.35 -14.29 -88.56
N THR H 110 18.11 -15.03 -89.64
CA THR H 110 17.09 -14.68 -90.61
C THR H 110 15.69 -14.89 -90.03
N VAL H 111 14.73 -14.19 -90.61
CA VAL H 111 13.34 -14.30 -90.19
C VAL H 111 12.74 -15.58 -90.75
N ALA H 112 12.10 -16.37 -89.89
CA ALA H 112 11.47 -17.61 -90.28
C ALA H 112 9.95 -17.43 -90.35
N ALA H 113 9.25 -18.50 -90.72
CA ALA H 113 7.81 -18.47 -90.90
C ALA H 113 7.16 -19.47 -89.95
N PRO H 114 6.12 -19.07 -89.21
CA PRO H 114 5.45 -20.00 -88.27
C PRO H 114 4.64 -21.04 -89.04
N SER H 115 4.84 -22.31 -88.69
CA SER H 115 4.05 -23.40 -89.25
C SER H 115 2.84 -23.62 -88.36
N VAL H 116 1.68 -23.18 -88.82
CA VAL H 116 0.47 -23.22 -88.01
C VAL H 116 -0.09 -24.64 -88.01
N PHE H 117 -0.33 -25.18 -86.82
CA PHE H 117 -0.95 -26.49 -86.65
C PHE H 117 -2.16 -26.35 -85.76
N ILE H 118 -3.27 -26.98 -86.14
CA ILE H 118 -4.53 -26.88 -85.43
C ILE H 118 -4.97 -28.26 -84.99
N PHE H 119 -5.53 -28.35 -83.78
CA PHE H 119 -5.95 -29.63 -83.21
C PHE H 119 -7.34 -29.48 -82.59
N PRO H 120 -8.18 -30.51 -82.69
CA PRO H 120 -9.50 -30.46 -82.07
C PRO H 120 -9.47 -31.07 -80.68
N PRO H 121 -10.46 -30.76 -79.84
CA PRO H 121 -10.54 -31.42 -78.54
C PRO H 121 -10.80 -32.90 -78.67
N SER H 122 -10.25 -33.66 -77.73
CA SER H 122 -10.41 -35.11 -77.73
C SER H 122 -11.71 -35.49 -77.03
N ASP H 123 -12.19 -36.70 -77.36
CA ASP H 123 -13.45 -37.18 -76.80
C ASP H 123 -13.34 -37.42 -75.31
N GLU H 124 -12.19 -37.92 -74.84
CA GLU H 124 -12.02 -38.19 -73.42
C GLU H 124 -12.12 -36.92 -72.59
N GLN H 125 -11.45 -35.86 -73.02
CA GLN H 125 -11.50 -34.62 -72.26
C GLN H 125 -12.86 -33.92 -72.42
N LEU H 126 -13.53 -34.15 -73.55
CA LEU H 126 -14.91 -33.68 -73.68
C LEU H 126 -15.82 -34.37 -72.67
N LYS H 127 -15.61 -35.67 -72.46
CA LYS H 127 -16.33 -36.38 -71.41
C LYS H 127 -15.97 -35.82 -70.04
N SER H 128 -14.69 -35.49 -69.83
CA SER H 128 -14.27 -34.94 -68.54
C SER H 128 -14.91 -33.60 -68.24
N GLY H 129 -15.34 -32.86 -69.27
CA GLY H 129 -16.00 -31.58 -69.08
C GLY H 129 -15.19 -30.37 -69.49
N THR H 130 -14.00 -30.55 -70.07
CA THR H 130 -13.16 -29.45 -70.52
C THR H 130 -12.94 -29.58 -72.01
N ALA H 131 -13.21 -28.50 -72.74
CA ALA H 131 -13.01 -28.43 -74.19
C ALA H 131 -11.83 -27.50 -74.46
N SER H 132 -10.65 -28.08 -74.65
CA SER H 132 -9.44 -27.32 -74.88
C SER H 132 -9.10 -27.31 -76.37
N VAL H 133 -8.91 -26.11 -76.92
CA VAL H 133 -8.54 -25.94 -78.31
C VAL H 133 -7.19 -25.23 -78.36
N VAL H 134 -6.24 -25.82 -79.09
CA VAL H 134 -4.87 -25.34 -79.12
C VAL H 134 -4.42 -25.20 -80.57
N CYS H 135 -3.72 -24.10 -80.87
CA CYS H 135 -3.05 -23.92 -82.15
C CYS H 135 -1.59 -23.56 -81.91
N LEU H 136 -0.70 -24.14 -82.71
CA LEU H 136 0.72 -24.07 -82.47
C LEU H 136 1.45 -23.42 -83.65
N LEU H 137 2.60 -22.85 -83.35
CA LEU H 137 3.54 -22.34 -84.35
C LEU H 137 4.88 -22.99 -84.11
N ASN H 138 5.61 -23.28 -85.20
CA ASN H 138 6.87 -23.99 -85.11
C ASN H 138 7.94 -23.25 -85.91
N ASN H 139 9.08 -23.00 -85.25
CA ASN H 139 10.29 -22.47 -85.90
C ASN H 139 10.02 -21.12 -86.58
N PHE H 140 9.70 -20.12 -85.77
CA PHE H 140 9.62 -18.74 -86.21
C PHE H 140 10.55 -17.88 -85.37
N TYR H 141 11.37 -17.05 -86.02
CA TYR H 141 12.40 -16.32 -85.29
C TYR H 141 11.83 -15.13 -84.50
N PRO H 142 11.09 -14.20 -85.10
CA PRO H 142 10.66 -13.02 -84.33
C PRO H 142 9.82 -13.40 -83.12
N ARG H 143 10.04 -12.68 -82.01
CA ARG H 143 9.33 -12.99 -80.77
C ARG H 143 7.84 -12.71 -80.90
N GLU H 144 7.48 -11.64 -81.60
CA GLU H 144 6.08 -11.25 -81.70
C GLU H 144 5.28 -12.33 -82.41
N ALA H 145 4.16 -12.72 -81.79
CA ALA H 145 3.26 -13.71 -82.37
C ALA H 145 1.92 -13.59 -81.65
N LYS H 146 0.88 -13.21 -82.39
CA LYS H 146 -0.43 -12.96 -81.81
C LYS H 146 -1.40 -14.07 -82.19
N VAL H 147 -2.23 -14.47 -81.24
CA VAL H 147 -3.24 -15.51 -81.42
C VAL H 147 -4.59 -14.86 -81.15
N GLN H 148 -5.40 -14.69 -82.19
CA GLN H 148 -6.73 -14.10 -82.07
C GLN H 148 -7.75 -15.21 -82.33
N TRP H 149 -8.32 -15.75 -81.24
CA TRP H 149 -9.30 -16.82 -81.34
C TRP H 149 -10.64 -16.24 -81.80
N LYS H 150 -11.22 -16.87 -82.82
CA LYS H 150 -12.56 -16.52 -83.28
C LYS H 150 -13.47 -17.73 -83.15
N VAL H 151 -14.65 -17.52 -82.59
CA VAL H 151 -15.62 -18.58 -82.32
C VAL H 151 -16.93 -18.22 -83.03
N ASP H 152 -17.37 -19.09 -83.93
CA ASP H 152 -18.60 -18.89 -84.70
C ASP H 152 -18.60 -17.54 -85.40
N ASN H 153 -17.47 -17.22 -86.03
CA ASN H 153 -17.29 -15.96 -86.76
C ASN H 153 -17.54 -14.75 -85.86
N ALA H 154 -17.08 -14.85 -84.61
CA ALA H 154 -17.16 -13.75 -83.65
C ALA H 154 -15.78 -13.54 -83.03
N LEU H 155 -15.68 -12.54 -82.17
CA LEU H 155 -14.41 -12.19 -81.53
C LEU H 155 -14.49 -12.51 -80.05
N GLN H 156 -13.52 -13.29 -79.56
CA GLN H 156 -13.42 -13.66 -78.16
C GLN H 156 -12.00 -13.45 -77.68
N SER H 157 -11.85 -12.84 -76.50
CA SER H 157 -10.53 -12.57 -75.93
C SER H 157 -10.60 -12.76 -74.42
N GLY H 158 -9.44 -13.04 -73.83
CA GLY H 158 -9.31 -13.24 -72.41
C GLY H 158 -9.58 -14.64 -71.93
N ASN H 159 -9.99 -15.55 -72.81
CA ASN H 159 -10.25 -16.94 -72.45
C ASN H 159 -9.12 -17.87 -72.86
N SER H 160 -7.96 -17.33 -73.23
CA SER H 160 -6.84 -18.14 -73.69
C SER H 160 -5.55 -17.68 -73.03
N GLN H 161 -4.59 -18.60 -72.96
CA GLN H 161 -3.27 -18.32 -72.41
C GLN H 161 -2.21 -18.89 -73.35
N GLU H 162 -1.06 -18.22 -73.40
CA GLU H 162 0.00 -18.55 -74.35
C GLU H 162 1.23 -19.04 -73.61
N SER H 163 1.91 -20.01 -74.21
CA SER H 163 3.16 -20.55 -73.68
C SER H 163 4.22 -20.49 -74.77
N VAL H 164 5.41 -20.00 -74.41
CA VAL H 164 6.51 -19.82 -75.34
C VAL H 164 7.71 -20.61 -74.84
N THR H 165 8.35 -21.35 -75.74
CA THR H 165 9.52 -22.13 -75.38
C THR H 165 10.80 -21.29 -75.54
N GLU H 166 11.83 -21.71 -74.81
CA GLU H 166 13.10 -21.01 -74.86
C GLU H 166 13.82 -21.36 -76.16
N GLN H 167 14.68 -20.44 -76.61
CA GLN H 167 15.26 -20.52 -77.95
C GLN H 167 15.99 -21.85 -78.18
N ASP H 168 15.73 -22.46 -79.32
CA ASP H 168 16.40 -23.70 -79.68
C ASP H 168 17.89 -23.45 -79.90
N SER H 169 18.71 -24.39 -79.45
CA SER H 169 20.16 -24.23 -79.50
C SER H 169 20.76 -24.66 -80.83
N LYS H 170 19.95 -25.12 -81.78
CA LYS H 170 20.43 -25.57 -83.08
C LYS H 170 20.03 -24.61 -84.19
N ASP H 171 18.73 -24.34 -84.35
CA ASP H 171 18.26 -23.45 -85.40
C ASP H 171 17.90 -22.06 -84.89
N SER H 172 17.94 -21.83 -83.58
CA SER H 172 17.70 -20.52 -82.97
C SER H 172 16.35 -19.95 -83.41
N THR H 173 15.29 -20.71 -83.12
CA THR H 173 13.93 -20.31 -83.43
C THR H 173 13.04 -20.56 -82.21
N TYR H 174 11.76 -20.23 -82.35
CA TYR H 174 10.79 -20.35 -81.27
C TYR H 174 9.60 -21.18 -81.70
N SER H 175 8.91 -21.74 -80.70
CA SER H 175 7.66 -22.44 -80.89
C SER H 175 6.66 -21.94 -79.86
N LEU H 176 5.46 -21.59 -80.32
CA LEU H 176 4.43 -21.02 -79.45
C LEU H 176 3.18 -21.89 -79.51
N SER H 177 2.58 -22.12 -78.35
CA SER H 177 1.33 -22.87 -78.24
C SER H 177 0.38 -22.09 -77.36
N SER H 178 -0.85 -21.88 -77.84
CA SER H 178 -1.88 -21.16 -77.12
C SER H 178 -3.05 -22.09 -76.87
N THR H 179 -3.54 -22.09 -75.63
CA THR H 179 -4.63 -22.97 -75.21
C THR H 179 -5.89 -22.15 -75.00
N LEU H 180 -6.99 -22.61 -75.61
CA LEU H 180 -8.30 -21.96 -75.47
C LEU H 180 -9.22 -22.90 -74.70
N THR H 181 -9.69 -22.44 -73.54
CA THR H 181 -10.58 -23.22 -72.70
C THR H 181 -12.04 -22.90 -73.03
N LEU H 182 -12.88 -23.92 -72.94
CA LEU H 182 -14.30 -23.79 -73.26
C LEU H 182 -15.12 -24.60 -72.27
N SER H 183 -16.42 -24.30 -72.23
CA SER H 183 -17.35 -25.01 -71.36
C SER H 183 -17.97 -26.17 -72.13
N LYS H 184 -19.00 -26.79 -71.54
CA LYS H 184 -19.64 -27.94 -72.18
C LYS H 184 -20.63 -27.51 -73.25
N ALA H 185 -21.68 -26.79 -72.85
CA ALA H 185 -22.70 -26.37 -73.81
C ALA H 185 -22.13 -25.40 -74.83
N ASP H 186 -21.20 -24.54 -74.40
CA ASP H 186 -20.61 -23.58 -75.32
C ASP H 186 -19.87 -24.28 -76.45
N TYR H 187 -19.09 -25.31 -76.13
CA TYR H 187 -18.44 -26.09 -77.17
C TYR H 187 -19.46 -26.90 -77.98
N GLU H 188 -20.50 -27.39 -77.31
CA GLU H 188 -21.48 -28.24 -78.01
C GLU H 188 -22.22 -27.47 -79.09
N LYS H 189 -22.59 -26.22 -78.81
CA LYS H 189 -23.41 -25.47 -79.76
C LYS H 189 -22.59 -24.66 -80.75
N HIS H 190 -21.36 -24.28 -80.40
CA HIS H 190 -20.52 -23.54 -81.34
C HIS H 190 -20.05 -24.45 -82.47
N LYS H 191 -19.85 -23.85 -83.65
CA LYS H 191 -19.57 -24.60 -84.86
C LYS H 191 -18.12 -24.46 -85.32
N VAL H 192 -17.64 -23.23 -85.52
CA VAL H 192 -16.37 -22.97 -86.18
C VAL H 192 -15.37 -22.45 -85.16
N TYR H 193 -14.17 -23.04 -85.15
CA TYR H 193 -13.11 -22.66 -84.23
C TYR H 193 -11.84 -22.36 -85.01
N ALA H 194 -11.22 -21.22 -84.72
CA ALA H 194 -9.98 -20.84 -85.38
C ALA H 194 -9.27 -19.80 -84.53
N CYS H 195 -7.95 -19.73 -84.71
CA CYS H 195 -7.13 -18.69 -84.11
C CYS H 195 -6.39 -17.96 -85.22
N GLU H 196 -6.32 -16.63 -85.09
CA GLU H 196 -5.71 -15.79 -86.12
C GLU H 196 -4.29 -15.44 -85.71
N VAL H 197 -3.39 -15.46 -86.70
CA VAL H 197 -1.96 -15.24 -86.47
C VAL H 197 -1.52 -14.03 -87.28
N THR H 198 -0.89 -13.07 -86.61
CA THR H 198 -0.25 -11.93 -87.26
C THR H 198 1.25 -11.99 -87.02
N HIS H 199 2.02 -11.94 -88.11
CA HIS H 199 3.46 -12.05 -88.00
C HIS H 199 4.10 -11.32 -89.17
N GLN H 200 5.39 -10.97 -88.98
CA GLN H 200 6.15 -10.34 -90.05
C GLN H 200 6.78 -11.35 -91.01
N GLY H 201 6.66 -12.65 -90.73
CA GLY H 201 7.18 -13.65 -91.64
C GLY H 201 6.44 -13.66 -92.96
N LEU H 202 5.12 -13.51 -92.92
CA LEU H 202 4.28 -13.43 -94.12
C LEU H 202 3.51 -12.13 -94.10
N SER H 203 3.53 -11.41 -95.23
CA SER H 203 2.78 -10.16 -95.32
C SER H 203 1.28 -10.40 -95.18
N SER H 204 0.77 -11.44 -95.82
CA SER H 204 -0.65 -11.76 -95.75
C SER H 204 -0.88 -12.76 -94.62
N PRO H 205 -1.71 -12.43 -93.61
CA PRO H 205 -1.98 -13.38 -92.55
C PRO H 205 -2.63 -14.65 -93.08
N VAL H 206 -2.30 -15.77 -92.46
CA VAL H 206 -2.80 -17.08 -92.85
C VAL H 206 -3.68 -17.63 -91.75
N THR H 207 -4.82 -18.20 -92.14
CA THR H 207 -5.79 -18.77 -91.20
C THR H 207 -6.13 -20.18 -91.63
N LYS H 208 -6.17 -21.11 -90.67
CA LYS H 208 -6.53 -22.50 -90.93
C LYS H 208 -7.50 -22.94 -89.82
N SER H 209 -8.77 -23.06 -90.16
CA SER H 209 -9.82 -23.41 -89.22
C SER H 209 -10.18 -24.88 -89.34
N PHE H 210 -11.07 -25.34 -88.46
CA PHE H 210 -11.61 -26.68 -88.51
C PHE H 210 -13.07 -26.65 -88.09
N ASN H 211 -13.76 -27.75 -88.33
CA ASN H 211 -15.16 -27.89 -87.93
C ASN H 211 -15.33 -29.19 -87.15
N ARG H 212 -16.19 -29.12 -86.13
CA ARG H 212 -16.45 -30.28 -85.27
C ARG H 212 -17.57 -31.12 -85.88
N GLY H 213 -17.32 -32.42 -86.00
CA GLY H 213 -18.28 -33.33 -86.59
C GLY H 213 -17.71 -34.12 -87.75
N GLU H 214 -16.60 -33.63 -88.31
CA GLU H 214 -15.93 -34.31 -89.42
C GLU H 214 -14.43 -34.08 -89.29
N CYS H 215 -13.66 -35.00 -89.87
CA CYS H 215 -12.21 -34.93 -89.81
C CYS H 215 -11.60 -35.11 -91.20
N GLU I 1 21.93 33.16 -76.08
CA GLU I 1 22.74 33.73 -75.01
C GLU I 1 21.87 34.20 -73.85
N VAL I 2 22.27 33.82 -72.64
CA VAL I 2 21.52 34.21 -71.44
C VAL I 2 21.77 35.69 -71.15
N GLN I 3 20.69 36.44 -70.93
CA GLN I 3 20.78 37.87 -70.67
C GLN I 3 19.76 38.24 -69.61
N LEU I 4 20.03 39.35 -68.91
CA LEU I 4 19.12 39.94 -67.95
C LEU I 4 18.83 41.37 -68.38
N VAL I 5 17.55 41.70 -68.49
CA VAL I 5 17.09 43.02 -68.92
C VAL I 5 16.36 43.68 -67.76
N GLU I 6 16.73 44.91 -67.44
CA GLU I 6 16.16 45.65 -66.32
C GLU I 6 15.73 47.03 -66.78
N SER I 7 14.70 47.55 -66.13
CA SER I 7 14.15 48.87 -66.45
C SER I 7 13.23 49.27 -65.29
N GLY I 8 12.53 50.39 -65.46
CA GLY I 8 11.60 50.87 -64.47
C GLY I 8 12.16 51.86 -63.47
N GLY I 9 13.38 52.35 -63.67
CA GLY I 9 14.00 53.29 -62.76
C GLY I 9 14.20 54.64 -63.41
N GLY I 10 14.18 55.68 -62.59
CA GLY I 10 14.35 57.03 -63.12
C GLY I 10 14.35 58.04 -61.99
N VAL I 11 14.36 59.31 -62.37
CA VAL I 11 14.35 60.39 -61.39
C VAL I 11 12.95 60.52 -60.80
N VAL I 12 12.85 60.41 -59.48
CA VAL I 12 11.57 60.44 -58.78
C VAL I 12 11.68 61.40 -57.61
N GLN I 13 10.64 62.21 -57.41
CA GLN I 13 10.60 63.13 -56.29
C GLN I 13 10.66 62.36 -54.97
N PRO I 14 11.35 62.86 -53.96
CA PRO I 14 11.37 62.17 -52.66
C PRO I 14 9.97 62.07 -52.07
N GLY I 15 9.73 60.95 -51.38
CA GLY I 15 8.46 60.68 -50.77
C GLY I 15 7.51 59.82 -51.58
N ARG I 16 7.78 59.64 -52.88
CA ARG I 16 6.95 58.82 -53.73
C ARG I 16 7.45 57.37 -53.70
N SER I 17 6.92 56.54 -54.59
CA SER I 17 7.29 55.13 -54.68
C SER I 17 7.76 54.80 -56.08
N LEU I 18 8.82 54.00 -56.18
CA LEU I 18 9.38 53.59 -57.46
C LEU I 18 9.41 52.07 -57.54
N ARG I 19 8.92 51.54 -58.65
CA ARG I 19 8.87 50.10 -58.89
C ARG I 19 9.70 49.77 -60.13
N LEU I 20 10.64 48.84 -59.98
CA LEU I 20 11.58 48.50 -61.03
C LEU I 20 11.36 47.06 -61.49
N SER I 21 11.66 46.80 -62.76
CA SER I 21 11.44 45.51 -63.37
C SER I 21 12.74 44.98 -63.96
N CYS I 22 13.04 43.72 -63.67
CA CYS I 22 14.23 43.04 -64.21
C CYS I 22 13.75 41.80 -64.95
N ALA I 23 13.61 41.93 -66.27
CA ALA I 23 13.13 40.82 -67.08
C ALA I 23 14.20 39.75 -67.25
N ALA I 24 13.75 38.52 -67.41
CA ALA I 24 14.63 37.37 -67.53
C ALA I 24 14.49 36.73 -68.90
N SER I 25 15.61 36.24 -69.44
CA SER I 25 15.63 35.59 -70.74
C SER I 25 16.78 34.61 -70.80
N GLY I 26 16.55 33.48 -71.48
CA GLY I 26 17.58 32.49 -71.69
C GLY I 26 17.68 31.41 -70.64
N PHE I 27 16.90 31.49 -69.56
CA PHE I 27 16.96 30.48 -68.51
C PHE I 27 15.56 30.29 -67.95
N THR I 28 15.44 29.39 -66.97
CA THR I 28 14.17 29.11 -66.30
C THR I 28 14.07 30.03 -65.08
N PHE I 29 13.23 31.05 -65.18
CA PHE I 29 13.05 32.00 -64.08
C PHE I 29 12.37 31.39 -62.87
N SER I 30 11.83 30.18 -62.99
CA SER I 30 11.16 29.51 -61.89
C SER I 30 12.06 28.55 -61.14
N SER I 31 13.38 28.62 -61.36
CA SER I 31 14.32 27.72 -60.72
C SER I 31 15.54 28.42 -60.14
N TYR I 32 15.59 29.75 -60.15
CA TYR I 32 16.72 30.50 -59.62
C TYR I 32 16.24 31.54 -58.61
N ALA I 33 17.16 31.95 -57.74
CA ALA I 33 16.90 32.97 -56.75
C ALA I 33 17.60 34.26 -57.16
N MET I 34 16.88 35.38 -57.07
CA MET I 34 17.34 36.64 -57.60
C MET I 34 17.80 37.58 -56.49
N HIS I 35 18.78 38.41 -56.82
CA HIS I 35 19.39 39.34 -55.88
C HIS I 35 19.38 40.74 -56.45
N TRP I 36 19.32 41.73 -55.56
CA TRP I 36 19.39 43.14 -55.93
C TRP I 36 20.62 43.75 -55.28
N VAL I 37 21.45 44.40 -56.10
CA VAL I 37 22.68 45.02 -55.64
C VAL I 37 22.71 46.45 -56.14
N ARG I 38 23.00 47.40 -55.25
CA ARG I 38 23.03 48.81 -55.59
C ARG I 38 24.41 49.39 -55.30
N GLN I 39 24.76 50.44 -56.03
CA GLN I 39 26.06 51.10 -55.90
C GLN I 39 25.87 52.60 -56.08
N ALA I 40 26.05 53.36 -55.01
CA ALA I 40 26.01 54.80 -55.10
C ALA I 40 27.23 55.31 -55.87
N PRO I 41 27.13 56.48 -56.49
CA PRO I 41 28.28 57.02 -57.24
C PRO I 41 29.51 57.16 -56.37
N GLY I 42 30.64 56.68 -56.90
CA GLY I 42 31.88 56.70 -56.16
C GLY I 42 31.86 55.86 -54.89
N LYS I 43 31.08 54.79 -54.88
CA LYS I 43 30.94 53.93 -53.71
C LYS I 43 31.06 52.47 -54.13
N GLY I 44 31.00 51.59 -53.14
CA GLY I 44 31.07 50.17 -53.39
C GLY I 44 29.71 49.53 -53.57
N LEU I 45 29.71 48.21 -53.77
CA LEU I 45 28.48 47.47 -53.97
C LEU I 45 27.81 47.15 -52.64
N GLU I 46 26.53 47.49 -52.54
CA GLU I 46 25.74 47.25 -51.34
C GLU I 46 24.62 46.27 -51.67
N TRP I 47 24.49 45.23 -50.85
CA TRP I 47 23.41 44.27 -51.02
C TRP I 47 22.08 44.89 -50.61
N VAL I 48 21.00 44.46 -51.28
CA VAL I 48 19.68 45.04 -51.04
C VAL I 48 18.68 43.99 -50.57
N ALA I 49 18.41 42.98 -51.39
CA ALA I 49 17.37 42.03 -51.07
C ALA I 49 17.59 40.74 -51.86
N VAL I 50 16.90 39.68 -51.42
CA VAL I 50 16.94 38.37 -52.06
C VAL I 50 15.55 37.75 -51.99
N ILE I 51 15.19 37.02 -53.04
CA ILE I 51 13.92 36.30 -53.09
C ILE I 51 14.19 34.88 -53.57
N SER I 52 13.50 33.92 -52.96
CA SER I 52 13.67 32.51 -53.30
C SER I 52 13.12 32.23 -54.70
N PHE I 53 13.28 30.98 -55.15
CA PHE I 53 12.83 30.63 -56.48
C PHE I 53 11.31 30.58 -56.57
N ASP I 54 10.63 30.17 -55.50
CA ASP I 54 9.18 30.08 -55.49
C ASP I 54 8.51 31.36 -55.02
N GLY I 55 9.28 32.38 -54.68
CA GLY I 55 8.71 33.66 -54.28
C GLY I 55 7.89 33.63 -53.01
N SER I 56 8.35 32.93 -51.97
CA SER I 56 7.65 32.88 -50.70
C SER I 56 8.62 33.00 -49.52
N ASN I 57 9.83 33.48 -49.76
CA ASN I 57 10.84 33.55 -48.70
C ASN I 57 11.85 34.63 -49.10
N LYS I 58 11.73 35.81 -48.49
CA LYS I 58 12.49 36.98 -48.90
C LYS I 58 13.19 37.61 -47.71
N TYR I 59 14.40 38.13 -47.95
CA TYR I 59 15.15 38.87 -46.95
C TYR I 59 15.67 40.17 -47.56
N TYR I 60 15.65 41.22 -46.76
CA TYR I 60 16.16 42.53 -47.17
C TYR I 60 17.42 42.86 -46.38
N ALA I 61 18.10 43.91 -46.81
CA ALA I 61 19.34 44.32 -46.16
C ALA I 61 19.03 44.96 -44.80
N ASP I 62 20.08 45.36 -44.10
CA ASP I 62 19.93 45.98 -42.80
C ASP I 62 19.67 47.49 -42.87
N SER I 63 19.67 48.06 -44.08
CA SER I 63 19.42 49.48 -44.27
C SER I 63 18.02 49.79 -44.79
N VAL I 64 17.55 49.02 -45.78
CA VAL I 64 16.26 49.27 -46.39
C VAL I 64 15.20 48.29 -45.89
N LYS I 65 15.41 47.70 -44.72
CA LYS I 65 14.44 46.78 -44.16
C LYS I 65 13.15 47.51 -43.81
N GLY I 66 12.02 46.86 -44.06
CA GLY I 66 10.72 47.44 -43.77
C GLY I 66 10.23 48.37 -44.86
N ARG I 67 11.12 49.22 -45.38
CA ARG I 67 10.74 50.14 -46.44
C ARG I 67 10.64 49.43 -47.78
N PHE I 68 11.74 48.85 -48.24
CA PHE I 68 11.76 48.18 -49.53
C PHE I 68 10.94 46.89 -49.48
N THR I 69 10.34 46.54 -50.62
CA THR I 69 9.59 45.31 -50.76
C THR I 69 9.93 44.67 -52.10
N ILE I 70 10.20 43.37 -52.08
CA ILE I 70 10.62 42.64 -53.27
C ILE I 70 9.55 41.61 -53.61
N SER I 71 9.41 41.33 -54.90
CA SER I 71 8.46 40.34 -55.38
C SER I 71 8.94 39.86 -56.75
N ARG I 72 8.22 38.88 -57.30
CA ARG I 72 8.61 38.30 -58.57
C ARG I 72 7.38 37.76 -59.28
N ASP I 73 7.51 37.57 -60.59
CA ASP I 73 6.45 37.00 -61.42
C ASP I 73 7.11 36.00 -62.37
N ASN I 74 7.04 34.72 -62.01
CA ASN I 74 7.63 33.68 -62.85
C ASN I 74 6.92 33.59 -64.21
N SER I 75 5.61 33.84 -64.24
CA SER I 75 4.89 33.82 -65.50
C SER I 75 5.40 34.90 -66.45
N LYS I 76 5.64 36.11 -65.94
CA LYS I 76 6.14 37.21 -66.75
C LYS I 76 7.65 37.24 -66.85
N ASN I 77 8.35 36.39 -66.09
CA ASN I 77 9.81 36.29 -66.14
C ASN I 77 10.47 37.63 -65.75
N THR I 78 9.86 38.34 -64.81
CA THR I 78 10.34 39.66 -64.40
C THR I 78 10.37 39.76 -62.88
N LEU I 79 11.10 40.76 -62.41
CA LEU I 79 11.27 41.03 -60.98
C LEU I 79 10.50 42.29 -60.62
N TYR I 80 9.77 42.23 -59.50
CA TYR I 80 8.99 43.37 -59.00
C TYR I 80 9.62 43.83 -57.69
N LEU I 81 10.40 44.92 -57.76
CA LEU I 81 10.99 45.54 -56.58
C LEU I 81 10.30 46.88 -56.35
N GLN I 82 9.52 46.97 -55.28
CA GLN I 82 8.76 48.17 -54.96
C GLN I 82 9.43 48.90 -53.79
N MET I 83 9.68 50.19 -53.97
CA MET I 83 10.32 51.01 -52.95
C MET I 83 9.28 51.86 -52.24
N ASN I 84 9.28 51.81 -50.92
CA ASN I 84 8.40 52.61 -50.09
C ASN I 84 9.22 53.51 -49.17
N SER I 85 8.67 54.68 -48.88
CA SER I 85 9.35 55.70 -48.07
C SER I 85 10.72 56.03 -48.67
N LEU I 86 10.72 56.29 -49.97
CA LEU I 86 11.96 56.57 -50.69
C LEU I 86 12.62 57.81 -50.10
N ARG I 87 13.94 57.74 -49.94
CA ARG I 87 14.72 58.80 -49.32
C ARG I 87 15.85 59.22 -50.25
N ALA I 88 16.37 60.43 -50.00
CA ALA I 88 17.33 61.05 -50.90
C ALA I 88 18.69 60.34 -50.92
N GLU I 89 18.94 59.44 -49.98
CA GLU I 89 20.21 58.72 -49.93
C GLU I 89 20.21 57.44 -50.76
N ASP I 90 19.13 57.16 -51.48
CA ASP I 90 19.03 55.99 -52.34
C ASP I 90 19.48 56.28 -53.77
N THR I 91 20.17 57.39 -54.00
CA THR I 91 20.65 57.75 -55.33
C THR I 91 21.78 56.78 -55.70
N ALA I 92 21.47 55.80 -56.55
CA ALA I 92 22.43 54.76 -56.89
C ALA I 92 21.95 54.04 -58.14
N VAL I 93 22.84 53.25 -58.73
CA VAL I 93 22.51 52.35 -59.81
C VAL I 93 22.21 50.98 -59.21
N TYR I 94 21.11 50.36 -59.66
CA TYR I 94 20.64 49.11 -59.09
C TYR I 94 20.89 47.98 -60.08
N TYR I 95 21.48 46.90 -59.59
CA TYR I 95 21.81 45.72 -60.40
C TYR I 95 20.96 44.55 -59.93
N CYS I 96 20.38 43.82 -60.88
CA CYS I 96 19.71 42.56 -60.59
C CYS I 96 20.57 41.41 -61.10
N ALA I 97 20.85 40.46 -60.21
CA ALA I 97 21.71 39.32 -60.52
C ALA I 97 20.95 38.02 -60.27
N ARG I 98 21.60 36.91 -60.58
CA ARG I 98 21.00 35.59 -60.52
C ARG I 98 21.88 34.66 -59.69
N ALA I 99 21.27 33.92 -58.78
CA ALA I 99 21.97 32.99 -57.92
C ALA I 99 21.23 31.65 -57.89
N SER I 100 21.99 30.57 -57.77
CA SER I 100 21.39 29.24 -57.75
C SER I 100 20.67 28.99 -56.42
N ILE I 101 21.30 29.36 -55.32
CA ILE I 101 20.79 29.16 -53.97
C ILE I 101 20.22 30.48 -53.46
N THR I 102 19.12 30.41 -52.72
CA THR I 102 18.61 31.62 -52.07
C THR I 102 19.60 32.18 -51.07
N THR I 103 20.51 31.36 -50.55
CA THR I 103 21.60 31.82 -49.70
C THR I 103 22.88 32.04 -50.49
N THR I 104 22.85 31.86 -51.81
CA THR I 104 23.99 32.11 -52.69
C THR I 104 25.21 31.30 -52.26
N ASP I 105 25.05 29.98 -52.28
CA ASP I 105 26.19 29.11 -52.03
C ASP I 105 27.23 29.23 -53.14
N ASP I 106 26.76 29.25 -54.40
CA ASP I 106 27.65 29.36 -55.55
C ASP I 106 27.11 30.34 -56.58
N GLY I 107 26.23 31.26 -56.18
CA GLY I 107 25.50 32.09 -57.11
C GLY I 107 26.30 33.26 -57.61
N MET I 108 25.58 34.27 -58.10
CA MET I 108 26.17 35.46 -58.72
C MET I 108 27.02 35.09 -59.93
N ASP I 109 26.45 34.25 -60.80
CA ASP I 109 27.16 33.80 -61.98
C ASP I 109 26.87 34.64 -63.22
N VAL I 110 25.75 35.36 -63.25
CA VAL I 110 25.40 36.22 -64.37
C VAL I 110 24.80 37.51 -63.83
N TRP I 111 25.14 38.62 -64.46
CA TRP I 111 24.62 39.94 -64.10
C TRP I 111 24.07 40.61 -65.36
N GLY I 112 23.21 41.61 -65.14
CA GLY I 112 22.67 42.38 -66.24
C GLY I 112 23.52 43.58 -66.58
N GLN I 113 22.90 44.74 -66.71
CA GLN I 113 23.62 45.99 -66.96
C GLN I 113 23.35 47.07 -65.93
N GLY I 114 22.19 47.07 -65.27
CA GLY I 114 21.88 48.04 -64.25
C GLY I 114 21.10 49.22 -64.78
N THR I 115 20.31 49.83 -63.88
CA THR I 115 19.56 51.04 -64.19
C THR I 115 19.84 52.06 -63.10
N THR I 116 19.96 53.32 -63.50
CA THR I 116 20.33 54.38 -62.56
C THR I 116 19.09 55.08 -62.01
N VAL I 117 19.04 55.21 -60.69
CA VAL I 117 17.98 55.94 -60.01
C VAL I 117 18.62 57.12 -59.29
N THR I 118 18.18 58.33 -59.62
CA THR I 118 18.71 59.56 -59.04
C THR I 118 17.55 60.35 -58.45
N VAL I 119 17.49 60.40 -57.12
CA VAL I 119 16.44 61.14 -56.41
C VAL I 119 17.03 62.46 -55.93
N SER I 120 16.32 63.55 -56.19
CA SER I 120 16.78 64.88 -55.86
C SER I 120 15.59 65.83 -55.86
N SER I 121 15.86 67.13 -55.79
CA SER I 121 14.81 68.14 -55.79
C SER I 121 14.12 68.21 -57.15
N ASP J 1 25.37 40.40 -38.08
CA ASP J 1 25.97 41.30 -39.06
C ASP J 1 27.48 41.13 -39.10
N ILE J 2 28.01 40.80 -40.26
CA ILE J 2 29.44 40.59 -40.48
C ILE J 2 29.88 41.49 -41.60
N GLN J 3 30.85 42.36 -41.33
CA GLN J 3 31.35 43.30 -42.33
C GLN J 3 32.68 42.82 -42.89
N MET J 4 32.92 43.15 -44.16
CA MET J 4 34.12 42.73 -44.87
C MET J 4 35.09 43.90 -44.97
N THR J 5 36.33 43.68 -44.55
CA THR J 5 37.36 44.71 -44.51
C THR J 5 38.57 44.22 -45.30
N GLN J 6 38.68 44.66 -46.55
CA GLN J 6 39.87 44.35 -47.34
C GLN J 6 41.00 45.30 -46.96
N SER J 7 42.11 44.73 -46.46
CA SER J 7 43.21 45.57 -46.01
C SER J 7 43.83 46.38 -47.14
N PRO J 8 44.15 45.82 -48.32
CA PRO J 8 44.69 46.66 -49.39
C PRO J 8 43.63 47.59 -49.95
N SER J 9 43.78 48.88 -49.67
CA SER J 9 42.89 49.87 -50.28
C SER J 9 43.10 49.93 -51.79
N SER J 10 44.35 49.88 -52.22
CA SER J 10 44.68 49.81 -53.64
C SER J 10 46.05 49.19 -53.78
N VAL J 11 46.33 48.67 -54.97
CA VAL J 11 47.59 47.99 -55.26
C VAL J 11 48.19 48.58 -56.53
N SER J 12 49.51 48.72 -56.55
CA SER J 12 50.23 49.23 -57.71
C SER J 12 51.03 48.09 -58.34
N ALA J 13 50.74 47.80 -59.60
CA ALA J 13 51.43 46.73 -60.32
C ALA J 13 51.27 46.95 -61.81
N SER J 14 52.13 46.28 -62.57
CA SER J 14 52.08 46.31 -64.02
C SER J 14 51.66 44.94 -64.54
N VAL J 15 51.63 44.81 -65.87
CA VAL J 15 51.21 43.56 -66.49
C VAL J 15 52.22 42.46 -66.16
N GLY J 16 51.72 41.26 -65.94
CA GLY J 16 52.57 40.13 -65.60
C GLY J 16 53.28 40.25 -64.26
N ASP J 17 52.56 40.68 -63.23
CA ASP J 17 53.12 40.82 -61.89
C ASP J 17 52.29 40.02 -60.90
N ARG J 18 52.87 39.76 -59.73
CA ARG J 18 52.24 38.98 -58.68
C ARG J 18 51.80 39.91 -57.56
N VAL J 19 50.50 39.91 -57.27
CA VAL J 19 49.94 40.68 -56.17
C VAL J 19 48.99 39.80 -55.38
N THR J 20 48.83 40.11 -54.09
CA THR J 20 47.95 39.38 -53.19
C THR J 20 47.00 40.37 -52.54
N ILE J 21 45.70 40.06 -52.58
CA ILE J 21 44.67 40.87 -51.95
C ILE J 21 43.99 40.04 -50.89
N THR J 22 43.84 40.59 -49.69
CA THR J 22 43.28 39.87 -48.57
C THR J 22 41.96 40.49 -48.13
N CYS J 23 41.07 39.65 -47.62
CA CYS J 23 39.78 40.06 -47.09
C CYS J 23 39.61 39.44 -45.71
N ARG J 24 39.12 40.23 -44.75
CA ARG J 24 39.04 39.80 -43.37
C ARG J 24 37.59 39.83 -42.90
N ALA J 25 37.22 38.85 -42.08
CA ALA J 25 35.87 38.70 -41.56
C ALA J 25 35.88 38.93 -40.06
N SER J 26 34.88 39.69 -39.58
CA SER J 26 34.77 39.93 -38.15
C SER J 26 34.48 38.65 -37.39
N GLN J 27 33.59 37.82 -37.90
CA GLN J 27 33.22 36.54 -37.30
C GLN J 27 33.78 35.41 -38.14
N GLY J 28 33.47 34.18 -37.71
CA GLY J 28 33.97 33.00 -38.40
C GLY J 28 33.05 32.52 -39.51
N ILE J 29 33.44 32.77 -40.75
CA ILE J 29 32.76 32.24 -41.93
C ILE J 29 33.61 31.10 -42.48
N SER J 30 33.02 29.92 -42.59
CA SER J 30 33.80 28.73 -42.91
C SER J 30 34.45 28.83 -44.28
N SER J 31 33.65 28.75 -45.34
CA SER J 31 34.18 28.92 -46.68
C SER J 31 33.25 29.70 -47.59
N TRP J 32 32.22 30.36 -47.06
CA TRP J 32 31.18 30.98 -47.88
C TRP J 32 31.56 32.43 -48.19
N LEU J 33 32.60 32.56 -49.02
CA LEU J 33 33.09 33.86 -49.46
C LEU J 33 33.39 33.81 -50.95
N ALA J 34 33.06 34.90 -51.65
CA ALA J 34 33.22 34.95 -53.10
C ALA J 34 33.90 36.26 -53.48
N TRP J 35 34.49 36.28 -54.67
CA TRP J 35 35.16 37.45 -55.18
C TRP J 35 34.51 37.89 -56.48
N TYR J 36 34.64 39.18 -56.80
CA TYR J 36 34.02 39.75 -57.99
C TYR J 36 34.98 40.72 -58.66
N GLN J 37 34.82 40.87 -59.98
CA GLN J 37 35.59 41.81 -60.78
C GLN J 37 34.64 42.91 -61.26
N GLN J 38 34.92 44.15 -60.89
CA GLN J 38 34.07 45.28 -61.23
C GLN J 38 34.89 46.28 -62.06
N LYS J 39 34.80 46.14 -63.38
CA LYS J 39 35.30 47.18 -64.27
C LYS J 39 34.34 48.37 -64.22
N PRO J 40 34.84 49.58 -63.97
CA PRO J 40 33.94 50.74 -63.90
C PRO J 40 33.12 50.90 -65.18
N GLY J 41 31.85 51.23 -65.00
CA GLY J 41 30.93 51.33 -66.11
C GLY J 41 30.34 50.04 -66.58
N LYS J 42 30.59 48.93 -65.88
CA LYS J 42 30.07 47.63 -66.26
C LYS J 42 29.53 46.92 -65.02
N ALA J 43 29.06 45.68 -65.20
CA ALA J 43 28.53 44.88 -64.12
C ALA J 43 29.62 44.00 -63.51
N PRO J 44 29.54 43.71 -62.21
CA PRO J 44 30.56 42.87 -61.58
C PRO J 44 30.44 41.42 -62.03
N LYS J 45 31.59 40.81 -62.33
CA LYS J 45 31.65 39.42 -62.77
C LYS J 45 32.36 38.59 -61.71
N LEU J 46 31.75 37.46 -61.34
CA LEU J 46 32.34 36.57 -60.35
C LEU J 46 33.54 35.84 -60.93
N LEU J 47 34.58 35.68 -60.11
CA LEU J 47 35.77 34.93 -60.49
C LEU J 47 36.27 33.97 -59.42
N ILE J 48 35.88 34.14 -58.16
CA ILE J 48 36.13 33.17 -57.10
C ILE J 48 34.84 32.97 -56.33
N TYR J 49 34.48 31.71 -56.08
CA TYR J 49 33.36 31.41 -55.19
C TYR J 49 33.76 30.26 -54.27
N ALA J 50 33.10 30.21 -53.11
CA ALA J 50 33.42 29.27 -52.04
C ALA J 50 34.85 29.42 -51.54
N ALA J 51 35.47 30.57 -51.84
CA ALA J 51 36.80 30.96 -51.38
C ALA J 51 37.91 30.15 -52.04
N SER J 52 37.54 29.10 -52.80
CA SER J 52 38.53 28.35 -53.56
C SER J 52 37.78 27.61 -54.67
N SER J 53 37.83 28.16 -55.88
CA SER J 53 37.20 27.56 -57.06
C SER J 53 37.54 28.44 -58.25
N LEU J 54 37.22 27.94 -59.44
CA LEU J 54 37.38 28.67 -60.69
C LEU J 54 36.04 28.73 -61.40
N GLN J 55 35.57 29.94 -61.67
CA GLN J 55 34.32 30.11 -62.40
C GLN J 55 34.50 29.67 -63.85
N SER J 56 33.46 29.05 -64.41
CA SER J 56 33.49 28.58 -65.79
C SER J 56 33.46 29.80 -66.72
N GLY J 57 34.61 30.14 -67.28
CA GLY J 57 34.71 31.28 -68.18
C GLY J 57 35.94 32.12 -67.97
N VAL J 58 36.44 32.17 -66.74
CA VAL J 58 37.65 32.92 -66.42
C VAL J 58 38.85 32.00 -66.55
N PRO J 59 40.03 32.51 -66.90
CA PRO J 59 41.22 31.64 -66.98
C PRO J 59 41.64 31.17 -65.60
N SER J 60 42.35 30.04 -65.59
CA SER J 60 42.81 29.41 -64.36
C SER J 60 44.05 30.12 -63.82
N ARG J 61 43.88 31.42 -63.56
CA ARG J 61 44.94 32.26 -63.04
C ARG J 61 44.56 33.04 -61.78
N PHE J 62 43.30 32.96 -61.34
CA PHE J 62 42.88 33.52 -60.07
C PHE J 62 42.80 32.37 -59.06
N SER J 63 43.74 32.35 -58.12
CA SER J 63 43.83 31.28 -57.13
C SER J 63 43.49 31.84 -55.76
N GLY J 64 42.27 31.57 -55.29
CA GLY J 64 41.83 32.00 -53.98
C GLY J 64 42.10 30.94 -52.93
N SER J 65 42.24 31.41 -51.69
CA SER J 65 42.51 30.53 -50.57
C SER J 65 41.93 31.16 -49.30
N GLY J 66 42.26 30.58 -48.16
CA GLY J 66 41.80 31.11 -46.89
C GLY J 66 40.55 30.44 -46.39
N SER J 67 40.43 30.36 -45.06
CA SER J 67 39.27 29.76 -44.42
C SER J 67 39.18 30.29 -43.01
N GLY J 68 37.97 30.67 -42.60
CA GLY J 68 37.78 31.25 -41.28
C GLY J 68 37.56 32.74 -41.31
N THR J 69 38.59 33.50 -40.93
CA THR J 69 38.51 34.95 -40.92
C THR J 69 39.41 35.63 -41.95
N ASP J 70 40.32 34.89 -42.59
CA ASP J 70 41.23 35.43 -43.57
C ASP J 70 41.01 34.75 -44.92
N PHE J 71 41.04 35.53 -45.99
CA PHE J 71 40.86 35.01 -47.33
C PHE J 71 41.74 35.82 -48.28
N THR J 72 42.56 35.12 -49.06
CA THR J 72 43.55 35.77 -49.92
C THR J 72 43.45 35.19 -51.33
N LEU J 73 43.52 36.09 -52.32
CA LEU J 73 43.58 35.71 -53.74
C LEU J 73 44.98 35.96 -54.26
N THR J 74 45.52 34.97 -54.98
CA THR J 74 46.87 35.04 -55.53
C THR J 74 46.80 34.95 -57.04
N ILE J 75 47.42 35.92 -57.72
CA ILE J 75 47.50 35.95 -59.17
C ILE J 75 48.97 36.10 -59.58
N SER J 76 49.39 35.29 -60.55
CA SER J 76 50.78 35.28 -60.99
C SER J 76 50.95 35.58 -62.48
N SER J 77 49.86 35.83 -63.20
CA SER J 77 49.87 36.10 -64.63
C SER J 77 49.01 37.31 -64.95
N LEU J 78 49.24 38.40 -64.21
CA LEU J 78 48.41 39.60 -64.33
C LEU J 78 48.39 40.09 -65.77
N GLN J 79 47.19 40.35 -66.27
CA GLN J 79 46.92 40.77 -67.63
C GLN J 79 46.34 42.19 -67.64
N PRO J 80 46.29 42.84 -68.82
CA PRO J 80 45.70 44.19 -68.89
C PRO J 80 44.24 44.25 -68.47
N GLU J 81 43.61 43.10 -68.25
CA GLU J 81 42.23 43.03 -67.79
C GLU J 81 42.11 42.96 -66.28
N ASP J 82 43.22 43.07 -65.57
CA ASP J 82 43.24 42.95 -64.11
C ASP J 82 43.29 44.29 -63.40
N PHE J 83 42.84 45.36 -64.05
CA PHE J 83 42.84 46.70 -63.48
C PHE J 83 41.39 47.10 -63.24
N ALA J 84 40.88 46.75 -62.06
CA ALA J 84 39.50 47.03 -61.68
C ALA J 84 39.39 46.96 -60.16
N THR J 85 38.17 46.96 -59.65
CA THR J 85 37.91 46.88 -58.22
C THR J 85 37.41 45.48 -57.88
N TYR J 86 37.91 44.94 -56.78
CA TYR J 86 37.57 43.59 -56.32
C TYR J 86 36.84 43.67 -55.00
N TYR J 87 35.80 42.86 -54.84
CA TYR J 87 34.99 42.83 -53.64
C TYR J 87 34.92 41.40 -53.10
N CYS J 88 34.78 41.29 -51.79
CA CYS J 88 34.59 40.01 -51.12
C CYS J 88 33.24 40.03 -50.39
N GLN J 89 32.42 39.02 -50.66
CA GLN J 89 31.09 38.91 -50.07
C GLN J 89 30.99 37.62 -49.28
N GLN J 90 30.49 37.71 -48.05
CA GLN J 90 30.28 36.54 -47.23
C GLN J 90 28.84 36.08 -47.34
N ALA J 91 28.63 34.78 -47.16
CA ALA J 91 27.30 34.18 -47.30
C ALA J 91 26.90 33.36 -46.08
N ASN J 92 27.54 33.59 -44.93
CA ASN J 92 27.17 32.84 -43.73
C ASN J 92 25.80 33.23 -43.23
N SER J 93 25.54 34.53 -43.10
CA SER J 93 24.26 35.03 -42.63
C SER J 93 23.54 35.76 -43.75
N PHE J 94 22.22 35.89 -43.58
CA PHE J 94 21.41 36.47 -44.64
C PHE J 94 21.81 37.89 -45.01
N PRO J 95 22.11 38.81 -44.07
CA PRO J 95 22.68 40.09 -44.48
C PRO J 95 24.05 39.90 -45.12
N PHE J 96 24.14 40.11 -46.42
CA PHE J 96 25.38 39.90 -47.17
C PHE J 96 26.11 41.23 -47.29
N SER J 97 27.34 41.28 -46.82
CA SER J 97 28.14 42.50 -46.81
C SER J 97 29.31 42.34 -47.76
N PHE J 98 29.43 43.26 -48.71
CA PHE J 98 30.55 43.25 -49.65
C PHE J 98 31.76 43.91 -49.02
N GLY J 99 32.86 43.99 -49.77
CA GLY J 99 34.07 44.62 -49.31
C GLY J 99 34.16 46.05 -49.79
N PRO J 100 35.10 46.81 -49.21
CA PRO J 100 35.28 48.21 -49.66
C PRO J 100 35.73 48.30 -51.11
N GLY J 101 36.58 47.38 -51.53
CA GLY J 101 37.13 47.39 -52.87
C GLY J 101 38.65 47.50 -52.86
N THR J 102 39.21 47.38 -54.06
CA THR J 102 40.66 47.50 -54.23
C THR J 102 40.93 47.91 -55.67
N LYS J 103 41.39 49.13 -55.86
CA LYS J 103 41.73 49.63 -57.19
C LYS J 103 43.11 49.15 -57.61
N VAL J 104 43.23 48.77 -58.87
CA VAL J 104 44.50 48.33 -59.46
C VAL J 104 44.90 49.36 -60.51
N ASP J 105 46.03 50.02 -60.28
CA ASP J 105 46.51 51.07 -61.18
C ASP J 105 47.59 50.53 -62.11
N ILE J 106 47.97 51.37 -63.07
CA ILE J 106 48.99 51.03 -64.07
C ILE J 106 50.26 51.79 -63.73
N LYS J 107 51.35 51.06 -63.55
CA LYS J 107 52.64 51.66 -63.22
C LYS J 107 53.78 50.92 -63.91
N PRO K 1 -18.10 -36.63 44.09
CA PRO K 1 -18.01 -37.28 45.40
C PRO K 1 -18.05 -36.28 46.55
N ALA K 2 -17.21 -36.50 47.56
CA ALA K 2 -17.20 -35.63 48.72
C ALA K 2 -16.71 -34.23 48.35
N TYR K 3 -17.33 -33.23 48.97
CA TYR K 3 -16.99 -31.83 48.74
C TYR K 3 -16.34 -31.24 49.99
N THR K 4 -15.18 -30.62 49.79
CA THR K 4 -14.50 -29.90 50.86
C THR K 4 -14.16 -28.50 50.37
N ASN K 5 -14.00 -27.58 51.32
CA ASN K 5 -13.80 -26.18 51.03
C ASN K 5 -12.33 -25.81 51.23
N SER K 6 -11.76 -25.12 50.23
CA SER K 6 -10.39 -24.64 50.30
C SER K 6 -10.39 -23.25 50.91
N PHE K 7 -9.77 -23.12 52.08
CA PHE K 7 -9.77 -21.86 52.83
C PHE K 7 -8.47 -21.12 52.55
N THR K 8 -8.51 -20.22 51.58
CA THR K 8 -7.38 -19.38 51.19
C THR K 8 -6.15 -20.23 50.88
N ARG K 9 -6.33 -21.14 49.93
CA ARG K 9 -5.26 -22.02 49.47
C ARG K 9 -5.17 -21.98 47.96
N GLY K 10 -3.97 -22.20 47.44
CA GLY K 10 -3.74 -22.22 46.02
C GLY K 10 -3.18 -20.93 45.44
N VAL K 11 -2.46 -20.14 46.22
CA VAL K 11 -1.85 -18.90 45.75
C VAL K 11 -0.41 -19.20 45.39
N TYR K 12 -0.03 -18.87 44.16
CA TYR K 12 1.32 -19.08 43.66
C TYR K 12 1.90 -17.73 43.25
N TYR K 13 3.16 -17.76 42.79
CA TYR K 13 3.80 -16.55 42.30
C TYR K 13 3.47 -16.41 40.82
N PRO K 14 2.69 -15.39 40.43
CA PRO K 14 2.32 -15.27 39.01
C PRO K 14 3.47 -14.89 38.10
N ASP K 15 4.59 -14.42 38.64
CA ASP K 15 5.71 -14.00 37.83
C ASP K 15 6.99 -14.13 38.64
N LYS K 16 8.12 -13.95 37.95
CA LYS K 16 9.44 -14.05 38.55
C LYS K 16 9.99 -12.69 38.96
N VAL K 17 9.12 -11.78 39.37
CA VAL K 17 9.50 -10.41 39.72
C VAL K 17 9.64 -10.31 41.23
N PHE K 18 10.73 -9.69 41.68
CA PHE K 18 10.98 -9.49 43.10
C PHE K 18 10.39 -8.15 43.54
N ARG K 19 9.43 -8.20 44.45
CA ARG K 19 8.79 -7.00 44.98
C ARG K 19 8.91 -7.02 46.50
N SER K 20 9.34 -5.90 47.07
CA SER K 20 9.55 -5.78 48.50
C SER K 20 8.57 -4.77 49.07
N SER K 21 7.73 -5.22 50.03
CA SER K 21 6.77 -4.36 50.73
C SER K 21 5.85 -3.63 49.75
N VAL K 22 5.35 -4.37 48.76
CA VAL K 22 4.46 -3.84 47.74
C VAL K 22 3.18 -4.65 47.76
N LEU K 23 2.04 -3.96 47.74
CA LEU K 23 0.73 -4.62 47.70
C LEU K 23 0.26 -4.73 46.25
N HIS K 24 0.93 -5.63 45.53
CA HIS K 24 0.66 -5.79 44.10
C HIS K 24 -0.72 -6.39 43.86
N SER K 25 -1.33 -5.97 42.76
CA SER K 25 -2.61 -6.50 42.30
C SER K 25 -2.44 -7.08 40.91
N THR K 26 -2.88 -8.32 40.71
CA THR K 26 -2.66 -9.03 39.45
C THR K 26 -3.94 -9.71 39.00
N GLN K 27 -4.01 -9.93 37.69
CA GLN K 27 -5.15 -10.60 37.04
C GLN K 27 -4.64 -11.85 36.36
N ASP K 28 -4.94 -13.01 36.92
CA ASP K 28 -4.49 -14.29 36.37
C ASP K 28 -5.42 -15.38 36.90
N LEU K 29 -5.03 -16.63 36.68
CA LEU K 29 -5.83 -17.78 37.09
C LEU K 29 -5.47 -18.17 38.51
N PHE K 30 -6.45 -18.12 39.41
CA PHE K 30 -6.26 -18.48 40.80
C PHE K 30 -7.46 -19.28 41.28
N LEU K 31 -7.23 -20.14 42.27
CA LEU K 31 -8.33 -20.85 42.89
C LEU K 31 -9.09 -19.89 43.81
N PRO K 32 -10.39 -19.67 43.57
CA PRO K 32 -11.13 -18.71 44.40
C PRO K 32 -11.12 -19.10 45.87
N PHE K 33 -11.04 -18.09 46.73
CA PHE K 33 -11.05 -18.32 48.16
C PHE K 33 -12.41 -18.84 48.60
N PHE K 34 -12.40 -19.76 49.57
CA PHE K 34 -13.61 -20.34 50.12
C PHE K 34 -14.49 -20.94 49.02
N SER K 35 -13.85 -21.71 48.13
CA SER K 35 -14.54 -22.40 47.05
C SER K 35 -14.47 -23.91 47.29
N ASN K 36 -15.56 -24.60 46.98
CA ASN K 36 -15.62 -26.03 47.20
C ASN K 36 -14.76 -26.77 46.18
N VAL K 37 -13.95 -27.71 46.67
CA VAL K 37 -13.11 -28.54 45.82
C VAL K 37 -13.46 -30.00 46.08
N THR K 38 -13.57 -30.78 45.00
CA THR K 38 -14.02 -32.16 45.12
C THR K 38 -12.97 -33.01 45.81
N TRP K 39 -13.44 -33.89 46.70
CA TRP K 39 -12.58 -34.83 47.41
C TRP K 39 -12.65 -36.20 46.75
N PHE K 40 -11.49 -36.80 46.51
CA PHE K 40 -11.41 -38.14 45.94
C PHE K 40 -10.76 -39.09 46.95
N HIS K 41 -11.27 -40.32 46.99
CA HIS K 41 -10.74 -41.35 47.88
C HIS K 41 -11.03 -42.70 47.26
N ALA K 42 -10.00 -43.38 46.77
CA ALA K 42 -10.15 -44.68 46.15
C ALA K 42 -9.08 -45.65 46.63
N ASN K 56 -10.69 -42.91 41.42
CA ASN K 56 -9.73 -42.06 40.71
C ASN K 56 -9.91 -42.11 39.18
N PRO K 57 -11.01 -41.56 38.70
CA PRO K 57 -11.29 -41.58 37.25
C PRO K 57 -10.54 -40.47 36.53
N VAL K 58 -10.81 -40.35 35.23
CA VAL K 58 -10.23 -39.28 34.44
C VAL K 58 -10.95 -37.97 34.76
N LEU K 59 -10.21 -36.87 34.66
CA LEU K 59 -10.75 -35.56 34.98
C LEU K 59 -10.46 -34.57 33.87
N PRO K 60 -11.34 -33.59 33.66
CA PRO K 60 -11.08 -32.56 32.64
C PRO K 60 -10.03 -31.57 33.12
N PHE K 61 -9.51 -30.81 32.16
CA PHE K 61 -8.46 -29.81 32.38
C PHE K 61 -9.01 -28.46 31.93
N ASN K 62 -9.71 -27.78 32.84
CA ASN K 62 -10.38 -26.53 32.52
C ASN K 62 -9.50 -25.37 32.95
N ASP K 63 -8.54 -25.03 32.09
CA ASP K 63 -7.63 -23.89 32.21
C ASP K 63 -6.66 -24.02 33.38
N GLY K 64 -6.75 -25.08 34.16
CA GLY K 64 -5.88 -25.26 35.31
C GLY K 64 -6.55 -26.13 36.36
N VAL K 65 -5.71 -26.85 37.11
CA VAL K 65 -6.19 -27.78 38.13
C VAL K 65 -5.33 -27.62 39.38
N TYR K 66 -5.97 -27.66 40.54
CA TYR K 66 -5.28 -27.57 41.82
C TYR K 66 -5.21 -28.97 42.42
N PHE K 67 -3.99 -29.51 42.52
CA PHE K 67 -3.77 -30.85 43.03
C PHE K 67 -3.20 -30.78 44.44
N ALA K 68 -3.90 -31.41 45.38
CA ALA K 68 -3.46 -31.49 46.77
C ALA K 68 -3.61 -32.91 47.27
N SER K 69 -2.53 -33.47 47.82
CA SER K 69 -2.55 -34.83 48.34
C SER K 69 -1.88 -34.84 49.71
N THR K 70 -2.57 -35.39 50.70
CA THR K 70 -2.06 -35.49 52.06
C THR K 70 -1.47 -36.86 52.37
N GLU K 71 -1.35 -37.73 51.36
CA GLU K 71 -0.84 -39.07 51.59
C GLU K 71 0.62 -39.02 52.03
N LYS K 72 0.93 -39.73 53.11
CA LYS K 72 2.29 -39.78 53.63
C LYS K 72 3.19 -40.74 52.86
N SER K 73 2.60 -41.72 52.17
CA SER K 73 3.38 -42.64 51.36
C SER K 73 3.56 -42.09 49.96
N ASN K 74 4.26 -42.85 49.12
CA ASN K 74 4.56 -42.46 47.75
C ASN K 74 3.64 -43.15 46.74
N ILE K 75 2.37 -43.35 47.11
CA ILE K 75 1.43 -44.02 46.20
C ILE K 75 1.14 -43.14 44.99
N ILE K 76 1.00 -41.83 45.20
CA ILE K 76 0.79 -40.90 44.10
C ILE K 76 2.15 -40.65 43.44
N ARG K 77 2.28 -41.06 42.17
CA ARG K 77 3.60 -41.07 41.55
C ARG K 77 3.56 -40.62 40.10
N GLY K 78 2.67 -39.72 39.74
CA GLY K 78 2.67 -39.16 38.40
C GLY K 78 1.27 -38.78 37.94
N TRP K 79 1.23 -38.21 36.74
CA TRP K 79 -0.02 -37.75 36.13
C TRP K 79 0.08 -37.89 34.63
N ILE K 80 -1.09 -37.89 33.97
CA ILE K 80 -1.17 -37.97 32.52
C ILE K 80 -2.11 -36.89 32.02
N PHE K 81 -1.86 -36.42 30.79
CA PHE K 81 -2.62 -35.32 30.21
C PHE K 81 -2.89 -35.63 28.74
N GLY K 82 -3.96 -35.03 28.23
CA GLY K 82 -4.32 -35.18 26.83
C GLY K 82 -5.74 -34.77 26.58
N THR K 83 -6.11 -34.78 25.29
CA THR K 83 -7.45 -34.41 24.87
C THR K 83 -8.18 -35.53 24.14
N THR K 84 -7.52 -36.17 23.16
CA THR K 84 -8.06 -37.28 22.39
C THR K 84 -7.01 -38.37 22.28
N LEU K 85 -6.46 -38.75 23.44
CA LEU K 85 -5.25 -39.55 23.53
C LEU K 85 -5.26 -40.78 22.64
N ASP K 86 -4.37 -40.80 21.65
CA ASP K 86 -4.21 -41.91 20.72
C ASP K 86 -2.74 -42.02 20.37
N SER K 87 -2.41 -42.94 19.47
CA SER K 87 -1.04 -43.07 19.00
C SER K 87 -0.62 -41.90 18.11
N LYS K 88 -1.56 -41.05 17.71
CA LYS K 88 -1.25 -39.92 16.85
C LYS K 88 -0.95 -38.64 17.61
N THR K 89 -1.44 -38.51 18.85
CA THR K 89 -1.27 -37.31 19.64
C THR K 89 -0.41 -37.59 20.87
N GLN K 90 0.28 -36.55 21.34
CA GLN K 90 1.21 -36.69 22.44
C GLN K 90 0.47 -36.84 23.77
N SER K 91 1.25 -37.12 24.82
CA SER K 91 0.72 -37.25 26.17
C SER K 91 1.80 -36.86 27.15
N LEU K 92 1.38 -36.36 28.31
CA LEU K 92 2.30 -35.89 29.35
C LEU K 92 2.52 -37.02 30.36
N LEU K 93 3.73 -37.58 30.37
CA LEU K 93 4.10 -38.59 31.34
C LEU K 93 5.03 -37.95 32.36
N ILE K 94 4.54 -37.76 33.58
CA ILE K 94 5.24 -36.98 34.60
C ILE K 94 5.42 -37.91 35.80
N VAL K 95 5.64 -39.20 35.53
CA VAL K 95 5.73 -40.18 36.60
C VAL K 95 6.89 -39.84 37.53
N ASN K 96 6.75 -40.22 38.79
CA ASN K 96 7.74 -39.94 39.83
C ASN K 96 8.38 -41.26 40.26
N ASN K 97 9.64 -41.44 39.89
CA ASN K 97 10.38 -42.62 40.35
C ASN K 97 10.91 -42.38 41.76
N ALA K 98 11.45 -43.45 42.36
CA ALA K 98 11.97 -43.36 43.71
C ALA K 98 13.17 -42.44 43.82
N THR K 99 13.89 -42.22 42.72
CA THR K 99 15.08 -41.39 42.72
C THR K 99 15.05 -40.23 41.75
N ASN K 100 14.19 -40.26 40.74
CA ASN K 100 14.15 -39.21 39.73
C ASN K 100 12.73 -39.09 39.19
N VAL K 101 12.54 -38.19 38.24
CA VAL K 101 11.32 -38.10 37.45
C VAL K 101 11.72 -38.06 35.98
N VAL K 102 10.78 -38.42 35.12
CA VAL K 102 10.98 -38.37 33.68
C VAL K 102 9.81 -37.60 33.06
N ILE K 103 10.13 -36.69 32.15
CA ILE K 103 9.13 -35.91 31.43
C ILE K 103 9.07 -36.51 30.03
N LYS K 104 8.16 -37.46 29.84
CA LYS K 104 8.04 -38.19 28.59
C LYS K 104 6.79 -37.69 27.86
N VAL K 105 6.99 -36.80 26.89
CA VAL K 105 5.93 -36.39 26.00
C VAL K 105 6.06 -37.25 24.74
N CYS K 106 5.14 -38.21 24.59
CA CYS K 106 5.23 -39.22 23.55
C CYS K 106 3.85 -39.39 22.93
N GLU K 107 3.83 -39.74 21.64
CA GLU K 107 2.58 -39.91 20.91
C GLU K 107 2.06 -41.33 21.13
N PHE K 108 1.45 -41.54 22.28
CA PHE K 108 1.01 -42.87 22.67
C PHE K 108 -0.43 -42.84 23.19
N GLN K 109 -1.06 -44.00 23.14
CA GLN K 109 -2.33 -44.28 23.78
C GLN K 109 -2.12 -45.31 24.88
N PHE K 110 -3.21 -45.69 25.54
CA PHE K 110 -3.11 -46.65 26.63
C PHE K 110 -4.45 -47.36 26.80
N CYS K 111 -4.40 -48.52 27.45
CA CYS K 111 -5.60 -49.27 27.78
C CYS K 111 -6.25 -48.69 29.04
N ASN K 112 -7.44 -49.18 29.34
CA ASN K 112 -8.16 -48.72 30.52
C ASN K 112 -7.44 -49.15 31.80
N ASP K 113 -7.62 -48.34 32.84
CA ASP K 113 -6.98 -48.53 34.15
C ASP K 113 -5.46 -48.57 34.04
N PRO K 114 -4.81 -47.48 33.65
CA PRO K 114 -3.34 -47.45 33.64
C PRO K 114 -2.78 -46.93 34.95
N PHE K 115 -1.62 -47.46 35.31
CA PHE K 115 -1.00 -47.14 36.60
C PHE K 115 0.46 -47.60 36.55
N LEU K 116 1.12 -47.56 37.70
CA LEU K 116 2.48 -48.05 37.87
C LEU K 116 2.48 -49.10 38.98
N ASP K 117 3.25 -50.17 38.78
CA ASP K 117 3.34 -51.23 39.76
C ASP K 117 4.24 -50.84 40.93
N MET K 130 9.29 -49.87 35.13
CA MET K 130 8.23 -50.39 34.31
C MET K 130 6.87 -49.86 34.76
N GLU K 131 5.93 -49.77 33.83
CA GLU K 131 4.61 -49.22 34.10
C GLU K 131 3.55 -50.11 33.47
N SER K 132 2.33 -50.03 34.02
CA SER K 132 1.22 -50.77 33.43
C SER K 132 0.72 -50.10 32.15
N GLY K 133 0.91 -48.78 32.03
CA GLY K 133 0.48 -48.09 30.83
C GLY K 133 1.46 -48.13 29.68
N VAL K 134 2.74 -48.39 29.96
CA VAL K 134 3.75 -48.43 28.89
C VAL K 134 3.72 -49.73 28.11
N TYR K 135 2.77 -50.62 28.39
CA TYR K 135 2.63 -51.82 27.58
C TYR K 135 2.38 -51.48 26.12
N SER K 136 1.51 -50.50 25.87
CA SER K 136 1.24 -50.00 24.52
C SER K 136 1.73 -48.56 24.34
N SER K 137 2.39 -47.98 25.32
CA SER K 137 2.84 -46.59 25.25
C SER K 137 4.30 -46.51 24.82
N ALA K 138 4.56 -46.96 23.60
CA ALA K 138 5.91 -46.98 23.04
C ALA K 138 5.88 -46.52 21.58
N ASN K 139 5.17 -45.44 21.30
CA ASN K 139 4.96 -44.98 19.93
C ASN K 139 5.38 -43.52 19.79
N ASN K 140 6.30 -43.25 18.88
CA ASN K 140 6.59 -41.91 18.35
C ASN K 140 6.72 -40.87 19.47
N CYS K 141 7.78 -41.03 20.26
CA CYS K 141 8.01 -40.12 21.37
C CYS K 141 8.96 -39.00 20.94
N THR K 142 8.78 -37.83 21.54
CA THR K 142 9.41 -36.61 21.03
C THR K 142 10.47 -36.04 21.98
N PHE K 143 10.12 -35.74 23.22
CA PHE K 143 11.02 -35.00 24.12
C PHE K 143 11.07 -35.66 25.48
N GLU K 144 12.25 -35.63 26.10
CA GLU K 144 12.50 -36.28 27.37
C GLU K 144 13.27 -35.34 28.29
N TYR K 145 13.06 -35.48 29.60
CA TYR K 145 13.73 -34.64 30.57
C TYR K 145 13.68 -35.31 31.94
N VAL K 146 14.71 -35.06 32.74
CA VAL K 146 14.81 -35.57 34.11
C VAL K 146 15.29 -34.43 35.00
N SER K 147 14.40 -33.92 35.85
CA SER K 147 14.73 -32.80 36.73
C SER K 147 14.60 -33.12 38.21
N GLN K 148 13.44 -33.61 38.64
CA GLN K 148 13.10 -33.74 40.05
C GLN K 148 13.39 -35.15 40.56
N PRO K 149 13.89 -35.29 41.79
CA PRO K 149 14.07 -36.62 42.41
C PRO K 149 12.74 -37.32 42.66
N LYS K 162 2.92 -36.68 56.81
CA LYS K 162 3.64 -35.75 57.68
C LYS K 162 3.58 -34.33 57.11
N ASN K 163 3.38 -34.24 55.80
CA ASN K 163 3.33 -32.95 55.12
C ASN K 163 2.39 -33.04 53.92
N LEU K 164 1.95 -31.88 53.46
CA LEU K 164 0.98 -31.77 52.38
C LEU K 164 1.67 -31.37 51.09
N ARG K 165 1.33 -32.08 50.01
CA ARG K 165 1.83 -31.76 48.68
C ARG K 165 0.75 -31.01 47.90
N GLU K 166 1.08 -29.82 47.43
CA GLU K 166 0.16 -28.99 46.65
C GLU K 166 0.78 -28.73 45.29
N PHE K 167 -0.02 -28.90 44.23
CA PHE K 167 0.45 -28.73 42.87
C PHE K 167 -0.58 -27.97 42.06
N VAL K 168 -0.10 -27.08 41.19
CA VAL K 168 -0.95 -26.33 40.27
C VAL K 168 -0.43 -26.56 38.86
N PHE K 169 -1.32 -26.97 37.96
CA PHE K 169 -0.97 -27.29 36.59
C PHE K 169 -1.75 -26.39 35.64
N LYS K 170 -1.04 -25.70 34.75
CA LYS K 170 -1.65 -24.94 33.68
C LYS K 170 -0.81 -25.06 32.42
N ASN K 171 -1.46 -24.87 31.27
CA ASN K 171 -0.79 -24.95 29.97
C ASN K 171 -1.26 -23.75 29.14
N ILE K 172 -0.37 -22.77 28.99
CA ILE K 172 -0.68 -21.53 28.28
C ILE K 172 0.41 -21.27 27.26
N ASP K 173 0.00 -20.79 26.08
CA ASP K 173 0.90 -20.39 24.99
C ASP K 173 1.98 -21.43 24.73
N GLY K 174 1.59 -22.71 24.78
CA GLY K 174 2.53 -23.78 24.53
C GLY K 174 3.53 -24.01 25.62
N TYR K 175 3.26 -23.51 26.83
CA TYR K 175 4.16 -23.67 27.97
C TYR K 175 3.39 -24.35 29.10
N PHE K 176 4.00 -25.38 29.70
CA PHE K 176 3.42 -26.10 30.81
C PHE K 176 4.15 -25.70 32.09
N LYS K 177 3.43 -25.15 33.05
CA LYS K 177 4.01 -24.63 34.28
C LYS K 177 3.51 -25.45 35.47
N ILE K 178 4.41 -25.73 36.40
CA ILE K 178 4.11 -26.53 37.59
C ILE K 178 4.57 -25.75 38.82
N TYR K 179 3.70 -25.66 39.81
CA TYR K 179 4.01 -25.03 41.09
C TYR K 179 3.84 -26.05 42.20
N SER K 180 4.80 -26.07 43.13
CA SER K 180 4.79 -27.05 44.21
C SER K 180 5.18 -26.38 45.52
N LYS K 181 4.68 -26.96 46.61
CA LYS K 181 5.04 -26.51 47.95
C LYS K 181 4.89 -27.68 48.91
N HIS K 182 5.82 -27.79 49.86
CA HIS K 182 5.83 -28.87 50.84
C HIS K 182 5.66 -28.24 52.21
N THR K 183 4.43 -28.31 52.74
CA THR K 183 4.11 -27.70 54.02
C THR K 183 3.83 -28.78 55.05
N PRO K 184 4.47 -28.75 56.22
CA PRO K 184 4.22 -29.77 57.24
C PRO K 184 2.88 -29.56 57.92
N ILE K 185 1.99 -30.53 57.77
CA ILE K 185 0.66 -30.50 58.39
C ILE K 185 0.51 -31.77 59.23
N ASN K 186 0.04 -31.61 60.46
CA ASN K 186 -0.04 -32.73 61.39
C ASN K 186 -1.39 -32.72 62.10
N LEU K 187 -2.04 -33.89 62.13
CA LEU K 187 -3.23 -34.12 62.94
C LEU K 187 -4.34 -33.13 62.63
N VAL K 188 -4.60 -32.92 61.34
CA VAL K 188 -5.70 -32.06 60.89
C VAL K 188 -6.43 -32.78 59.76
N ARG K 189 -7.76 -32.80 59.83
CA ARG K 189 -8.55 -33.49 58.82
C ARG K 189 -8.61 -32.69 57.53
N ASP K 190 -9.18 -31.48 57.59
CA ASP K 190 -9.36 -30.67 56.39
C ASP K 190 -8.05 -30.00 56.01
N LEU K 191 -8.11 -29.16 54.97
CA LEU K 191 -6.94 -28.39 54.58
C LEU K 191 -6.57 -27.42 55.71
N PRO K 192 -5.29 -27.24 55.98
CA PRO K 192 -4.89 -26.39 57.11
C PRO K 192 -5.33 -24.95 56.92
N GLN K 193 -5.68 -24.31 58.03
CA GLN K 193 -6.05 -22.90 58.01
C GLN K 193 -4.77 -22.07 58.06
N GLY K 194 -4.43 -21.43 56.94
CA GLY K 194 -3.22 -20.65 56.86
C GLY K 194 -2.94 -20.23 55.44
N PHE K 195 -1.78 -19.62 55.25
CA PHE K 195 -1.35 -19.14 53.95
C PHE K 195 0.00 -19.75 53.57
N SER K 196 0.10 -20.17 52.31
CA SER K 196 1.34 -20.73 51.78
C SER K 196 1.40 -20.43 50.29
N ALA K 197 2.52 -19.84 49.86
CA ALA K 197 2.70 -19.47 48.46
C ALA K 197 3.44 -20.56 47.72
N LEU K 198 2.89 -20.99 46.59
CA LEU K 198 3.46 -22.07 45.80
C LEU K 198 4.52 -21.52 44.85
N GLU K 199 5.71 -22.12 44.88
CA GLU K 199 6.77 -21.65 44.01
C GLU K 199 6.85 -22.50 42.74
N PRO K 200 7.17 -21.89 41.61
CA PRO K 200 7.30 -22.66 40.37
C PRO K 200 8.48 -23.61 40.40
N LEU K 201 8.32 -24.75 39.73
CA LEU K 201 9.39 -25.72 39.58
C LEU K 201 10.15 -25.53 38.27
N VAL K 202 9.46 -25.68 37.14
CA VAL K 202 10.07 -25.53 35.82
C VAL K 202 8.97 -25.38 34.77
N ASP K 203 9.26 -24.60 33.73
CA ASP K 203 8.35 -24.42 32.61
C ASP K 203 8.88 -25.21 31.41
N LEU K 204 7.99 -25.98 30.77
CA LEU K 204 8.38 -26.86 29.69
C LEU K 204 7.63 -26.47 28.42
N PRO K 205 8.32 -26.32 27.29
CA PRO K 205 7.68 -25.98 26.01
C PRO K 205 7.20 -27.21 25.22
N ILE K 206 6.05 -27.74 25.63
CA ILE K 206 5.48 -28.90 24.94
C ILE K 206 4.66 -28.45 23.73
N GLY K 207 3.83 -27.44 23.91
CA GLY K 207 3.04 -26.90 22.80
C GLY K 207 2.01 -27.86 22.23
N ILE K 208 1.30 -28.60 23.08
CA ILE K 208 0.27 -29.52 22.64
C ILE K 208 -1.03 -29.21 23.38
N ASN K 209 -2.10 -29.86 22.94
CA ASN K 209 -3.42 -29.67 23.53
C ASN K 209 -3.64 -30.65 24.67
N ILE K 210 -4.29 -30.19 25.73
CA ILE K 210 -4.58 -31.00 26.90
C ILE K 210 -6.01 -30.72 27.35
N THR K 211 -6.80 -31.78 27.51
CA THR K 211 -8.16 -31.64 28.03
C THR K 211 -8.44 -32.58 29.19
N ARG K 212 -7.90 -33.79 29.16
CA ARG K 212 -8.15 -34.79 30.20
C ARG K 212 -6.94 -34.89 31.11
N PHE K 213 -7.21 -35.15 32.39
CA PHE K 213 -6.17 -35.24 33.41
C PHE K 213 -6.46 -36.41 34.33
N GLN K 214 -5.42 -37.17 34.66
CA GLN K 214 -5.55 -38.32 35.56
C GLN K 214 -4.20 -38.59 36.20
N THR K 215 -4.23 -39.03 37.45
CA THR K 215 -3.02 -39.41 38.16
C THR K 215 -2.73 -40.89 37.96
N LEU K 216 -1.46 -41.25 38.11
CA LEU K 216 -1.01 -42.64 37.99
C LEU K 216 -0.69 -43.16 39.38
N LEU K 217 -1.71 -43.70 40.04
CA LEU K 217 -1.53 -44.24 41.39
C LEU K 217 -0.67 -45.50 41.35
N ALA K 218 0.19 -45.64 42.35
CA ALA K 218 1.07 -46.81 42.45
C ALA K 218 0.26 -47.99 42.92
N LEU K 219 -0.32 -48.72 41.97
CA LEU K 219 -1.14 -49.89 42.27
C LEU K 219 -0.24 -51.12 42.28
N HIS K 220 0.09 -51.60 43.47
CA HIS K 220 0.93 -52.78 43.61
C HIS K 220 0.38 -53.73 44.66
N ALA K 238 -5.42 -43.07 49.93
CA ALA K 238 -5.61 -42.65 48.55
C ALA K 238 -6.53 -41.44 48.47
N ALA K 239 -6.24 -40.42 49.25
CA ALA K 239 -7.04 -39.20 49.31
C ALA K 239 -6.28 -38.06 48.66
N TYR K 240 -6.94 -37.38 47.72
CA TYR K 240 -6.35 -36.23 47.05
C TYR K 240 -7.47 -35.31 46.57
N TYR K 241 -7.20 -34.01 46.63
CA TYR K 241 -8.20 -32.99 46.32
C TYR K 241 -7.98 -32.43 44.93
N VAL K 242 -9.06 -31.99 44.30
CA VAL K 242 -9.01 -31.40 42.97
C VAL K 242 -9.79 -30.09 42.97
N GLY K 243 -9.19 -29.06 42.39
CA GLY K 243 -9.84 -27.77 42.27
C GLY K 243 -9.45 -27.11 40.97
N TYR K 244 -10.37 -26.31 40.43
CA TYR K 244 -10.21 -25.72 39.11
C TYR K 244 -9.99 -24.22 39.22
N LEU K 245 -9.18 -23.70 38.29
CA LEU K 245 -8.78 -22.30 38.29
C LEU K 245 -9.53 -21.55 37.20
N GLN K 246 -10.11 -20.41 37.56
CA GLN K 246 -10.75 -19.49 36.64
C GLN K 246 -10.23 -18.09 36.91
N PRO K 247 -10.31 -17.20 35.92
CA PRO K 247 -9.72 -15.86 36.09
C PRO K 247 -10.31 -15.13 37.29
N ARG K 248 -9.43 -14.61 38.13
CA ARG K 248 -9.83 -13.85 39.31
C ARG K 248 -8.78 -12.77 39.58
N THR K 249 -9.20 -11.73 40.28
CA THR K 249 -8.31 -10.62 40.62
C THR K 249 -7.85 -10.76 42.06
N PHE K 250 -6.54 -10.77 42.27
CA PHE K 250 -5.95 -10.99 43.58
C PHE K 250 -5.05 -9.82 43.95
N LEU K 251 -4.97 -9.54 45.25
CA LEU K 251 -4.15 -8.48 45.81
C LEU K 251 -3.04 -9.12 46.64
N LEU K 252 -1.93 -9.46 45.99
CA LEU K 252 -0.83 -10.10 46.68
C LEU K 252 -0.11 -9.10 47.57
N LYS K 253 0.38 -9.57 48.72
CA LYS K 253 1.12 -8.75 49.67
C LYS K 253 2.51 -9.36 49.85
N TYR K 254 3.52 -8.70 49.31
CA TYR K 254 4.90 -9.13 49.46
C TYR K 254 5.51 -8.48 50.70
N ASN K 255 6.29 -9.25 51.44
CA ASN K 255 6.99 -8.72 52.60
C ASN K 255 8.36 -8.22 52.18
N GLU K 256 9.22 -7.90 53.15
CA GLU K 256 10.51 -7.30 52.85
C GLU K 256 11.46 -8.28 52.15
N ASN K 257 11.22 -9.58 52.27
CA ASN K 257 12.07 -10.58 51.65
C ASN K 257 11.56 -11.04 50.28
N GLY K 258 10.47 -10.46 49.79
CA GLY K 258 9.91 -10.87 48.52
C GLY K 258 8.99 -12.06 48.58
N THR K 259 8.66 -12.55 49.76
CA THR K 259 7.81 -13.72 49.91
C THR K 259 6.38 -13.27 50.19
N ILE K 260 5.43 -13.85 49.45
CA ILE K 260 4.03 -13.50 49.63
C ILE K 260 3.56 -13.99 51.00
N THR K 261 2.91 -13.11 51.74
CA THR K 261 2.43 -13.43 53.09
C THR K 261 0.92 -13.55 53.20
N ASP K 262 0.17 -12.74 52.45
CA ASP K 262 -1.28 -12.79 52.53
C ASP K 262 -1.82 -12.19 51.23
N ALA K 263 -3.03 -12.62 50.87
CA ALA K 263 -3.67 -12.15 49.64
C ALA K 263 -5.18 -12.00 49.87
N VAL K 264 -5.80 -11.18 49.05
CA VAL K 264 -7.23 -10.87 49.16
C VAL K 264 -7.89 -11.19 47.84
N ASP K 265 -9.00 -11.92 47.90
CA ASP K 265 -9.81 -12.25 46.72
C ASP K 265 -10.74 -11.09 46.43
N CYS K 266 -10.51 -10.38 45.32
CA CYS K 266 -11.24 -9.16 45.00
C CYS K 266 -12.68 -9.40 44.60
N ALA K 267 -13.23 -10.62 44.64
CA ALA K 267 -14.60 -10.86 44.20
C ALA K 267 -15.40 -11.70 45.20
N LEU K 268 -14.87 -11.94 46.39
CA LEU K 268 -15.56 -12.79 47.36
C LEU K 268 -16.73 -12.05 47.99
N ASP K 269 -16.46 -10.95 48.69
CA ASP K 269 -17.49 -10.19 49.37
C ASP K 269 -17.21 -8.69 49.22
N PRO K 270 -18.19 -7.82 49.50
CA PRO K 270 -17.95 -6.37 49.31
C PRO K 270 -16.77 -5.83 50.10
N LEU K 271 -16.50 -6.36 51.29
CA LEU K 271 -15.36 -5.87 52.07
C LEU K 271 -14.06 -6.11 51.34
N SER K 272 -13.91 -7.27 50.71
CA SER K 272 -12.70 -7.57 49.95
C SER K 272 -12.57 -6.65 48.74
N GLU K 273 -13.69 -6.33 48.08
CA GLU K 273 -13.64 -5.39 46.97
C GLU K 273 -13.24 -4.00 47.43
N THR K 274 -13.73 -3.58 48.60
CA THR K 274 -13.30 -2.31 49.16
C THR K 274 -11.81 -2.32 49.45
N LYS K 275 -11.30 -3.42 50.01
CA LYS K 275 -9.87 -3.54 50.26
C LYS K 275 -9.07 -3.44 48.96
N CYS K 276 -9.55 -4.11 47.91
CA CYS K 276 -8.85 -4.08 46.63
C CYS K 276 -8.86 -2.68 46.02
N THR K 277 -9.97 -1.96 46.14
CA THR K 277 -10.06 -0.62 45.57
C THR K 277 -9.07 0.33 46.25
N LEU K 278 -8.96 0.27 47.57
CA LEU K 278 -8.04 1.13 48.30
C LEU K 278 -6.60 0.65 48.23
N LYS K 279 -6.36 -0.54 47.66
CA LYS K 279 -5.02 -1.13 47.58
C LYS K 279 -4.39 -1.25 48.96
N SER K 280 -5.18 -1.64 49.94
CA SER K 280 -4.69 -1.83 51.29
C SER K 280 -5.46 -2.98 51.94
N PHE K 281 -4.83 -3.62 52.91
CA PHE K 281 -5.44 -4.74 53.61
C PHE K 281 -6.27 -4.30 54.81
N THR K 282 -6.27 -3.01 55.12
CA THR K 282 -7.10 -2.48 56.19
C THR K 282 -7.76 -1.20 55.71
N VAL K 283 -9.01 -0.99 56.15
CA VAL K 283 -9.79 0.19 55.78
C VAL K 283 -10.29 0.84 57.05
N GLU K 284 -10.61 2.13 56.95
CA GLU K 284 -11.06 2.93 58.07
C GLU K 284 -12.53 3.24 57.93
N LYS K 285 -13.10 3.81 59.00
CA LYS K 285 -14.52 4.14 59.02
C LYS K 285 -14.86 5.12 57.90
N GLY K 286 -15.95 4.84 57.20
CA GLY K 286 -16.40 5.70 56.13
C GLY K 286 -17.15 4.91 55.09
N ILE K 287 -17.52 5.61 54.01
CA ILE K 287 -18.21 5.02 52.88
C ILE K 287 -17.30 5.12 51.66
N TYR K 288 -17.14 4.01 50.95
CA TYR K 288 -16.23 3.92 49.81
C TYR K 288 -17.00 3.39 48.61
N GLN K 289 -16.84 4.07 47.47
CA GLN K 289 -17.43 3.61 46.21
C GLN K 289 -16.44 2.66 45.54
N THR K 290 -16.92 1.46 45.21
CA THR K 290 -16.06 0.39 44.72
C THR K 290 -16.33 0.02 43.27
N SER K 291 -17.56 -0.32 42.92
CA SER K 291 -17.89 -0.82 41.59
C SER K 291 -19.08 -0.07 41.04
N ASN K 292 -19.54 -0.51 39.86
CA ASN K 292 -20.68 0.07 39.18
C ASN K 292 -21.75 -0.99 38.97
N PHE K 293 -23.00 -0.59 39.12
CA PHE K 293 -24.15 -1.48 38.99
C PHE K 293 -24.89 -1.15 37.70
N ARG K 294 -25.22 -2.19 36.92
CA ARG K 294 -25.86 -2.00 35.63
C ARG K 294 -26.84 -3.14 35.39
N VAL K 295 -28.03 -2.80 34.90
CA VAL K 295 -29.05 -3.79 34.58
C VAL K 295 -28.92 -4.15 33.10
N GLN K 296 -28.55 -5.39 32.84
CA GLN K 296 -28.31 -5.84 31.47
C GLN K 296 -29.63 -6.08 30.74
N PRO K 297 -29.65 -5.91 29.42
CA PRO K 297 -30.86 -6.20 28.65
C PRO K 297 -31.10 -7.69 28.56
N THR K 298 -32.31 -8.12 28.91
CA THR K 298 -32.63 -9.54 28.95
C THR K 298 -32.96 -10.07 27.56
N GLU K 299 -33.99 -9.53 26.93
CA GLU K 299 -34.46 -10.01 25.64
C GLU K 299 -33.98 -9.08 24.53
N SER K 300 -34.48 -9.31 23.32
CA SER K 300 -34.16 -8.45 22.17
C SER K 300 -35.34 -8.54 21.20
N ILE K 301 -36.05 -7.43 21.04
CA ILE K 301 -37.28 -7.41 20.26
C ILE K 301 -37.09 -6.53 19.03
N VAL K 302 -38.03 -6.66 18.10
CA VAL K 302 -38.06 -5.86 16.88
C VAL K 302 -39.52 -5.69 16.49
N ARG K 303 -39.87 -4.50 16.00
CA ARG K 303 -41.24 -4.18 15.63
C ARG K 303 -41.26 -3.47 14.29
N PHE K 304 -42.08 -3.96 13.37
CA PHE K 304 -42.19 -3.43 12.03
C PHE K 304 -43.65 -3.44 11.61
N PRO K 305 -44.03 -2.61 10.64
CA PRO K 305 -45.45 -2.50 10.27
C PRO K 305 -46.00 -3.80 9.72
N ASN K 306 -47.32 -3.81 9.51
CA ASN K 306 -48.00 -4.98 9.00
C ASN K 306 -47.54 -5.31 7.59
N ILE K 307 -47.51 -6.59 7.27
CA ILE K 307 -47.16 -7.05 5.92
C ILE K 307 -48.38 -6.91 5.03
N THR K 308 -48.25 -6.11 3.98
CA THR K 308 -49.36 -5.82 3.08
C THR K 308 -48.81 -5.59 1.69
N ASN K 309 -49.66 -5.80 0.68
CA ASN K 309 -49.31 -5.63 -0.73
C ASN K 309 -48.23 -6.62 -1.15
N LEU K 310 -48.53 -7.90 -0.93
CA LEU K 310 -47.63 -8.96 -1.33
C LEU K 310 -47.52 -9.03 -2.85
N CYS K 311 -46.34 -9.43 -3.32
CA CYS K 311 -46.08 -9.46 -4.75
C CYS K 311 -46.87 -10.58 -5.42
N PRO K 312 -47.30 -10.38 -6.66
CA PRO K 312 -48.06 -11.43 -7.38
C PRO K 312 -47.14 -12.47 -8.02
N PHE K 313 -46.40 -13.18 -7.17
CA PHE K 313 -45.60 -14.30 -7.66
C PHE K 313 -46.46 -15.49 -8.04
N GLY K 314 -47.68 -15.52 -7.50
CA GLY K 314 -48.62 -16.60 -7.87
C GLY K 314 -48.80 -16.68 -9.37
N GLU K 315 -49.10 -15.54 -10.02
CA GLU K 315 -49.37 -15.55 -11.48
C GLU K 315 -48.12 -15.98 -12.27
N VAL K 316 -46.93 -15.52 -11.87
CA VAL K 316 -45.71 -15.82 -12.68
C VAL K 316 -45.14 -17.20 -12.32
N PHE K 317 -45.69 -17.85 -11.28
CA PHE K 317 -45.21 -19.18 -10.93
C PHE K 317 -46.32 -20.23 -10.96
N ASN K 318 -47.56 -19.83 -11.24
CA ASN K 318 -48.65 -20.79 -11.29
C ASN K 318 -49.60 -20.52 -12.46
N ALA K 319 -49.16 -19.77 -13.47
CA ALA K 319 -49.96 -19.57 -14.66
C ALA K 319 -50.13 -20.91 -15.40
N THR K 320 -51.32 -21.11 -15.96
CA THR K 320 -51.60 -22.38 -16.62
C THR K 320 -50.76 -22.56 -17.87
N ARG K 321 -50.56 -21.50 -18.65
CA ARG K 321 -49.87 -21.59 -19.93
C ARG K 321 -48.67 -20.65 -19.90
N PHE K 322 -47.48 -21.21 -20.15
CA PHE K 322 -46.28 -20.41 -20.33
C PHE K 322 -46.15 -20.03 -21.80
N ALA K 323 -45.08 -19.31 -22.13
CA ALA K 323 -44.87 -18.83 -23.48
C ALA K 323 -43.75 -19.60 -24.14
N SER K 324 -43.76 -19.59 -25.47
CA SER K 324 -42.69 -20.22 -26.23
C SER K 324 -41.38 -19.47 -26.01
N VAL K 325 -40.26 -20.15 -26.27
CA VAL K 325 -38.96 -19.60 -25.90
C VAL K 325 -38.66 -18.33 -26.69
N TYR K 326 -38.92 -18.34 -27.99
CA TYR K 326 -38.65 -17.15 -28.79
C TYR K 326 -39.55 -15.99 -28.37
N ALA K 327 -40.83 -16.26 -28.12
CA ALA K 327 -41.77 -15.24 -27.66
C ALA K 327 -41.93 -15.28 -26.14
N TRP K 328 -40.81 -15.13 -25.45
CA TRP K 328 -40.85 -15.09 -23.99
C TRP K 328 -41.38 -13.74 -23.54
N ASN K 329 -42.21 -13.75 -22.50
CA ASN K 329 -42.85 -12.53 -22.01
C ASN K 329 -42.16 -12.03 -20.76
N ARG K 330 -42.31 -10.73 -20.51
CA ARG K 330 -41.75 -10.06 -19.35
C ARG K 330 -42.84 -9.43 -18.51
N LYS K 331 -42.70 -9.53 -17.19
CA LYS K 331 -43.57 -8.85 -16.26
C LYS K 331 -42.72 -8.03 -15.30
N ARG K 332 -42.96 -6.73 -15.25
CA ARG K 332 -42.24 -5.83 -14.36
C ARG K 332 -43.07 -5.63 -13.09
N ILE K 333 -42.45 -5.91 -11.95
CA ILE K 333 -43.13 -5.82 -10.65
C ILE K 333 -42.46 -4.73 -9.83
N SER K 334 -43.28 -3.83 -9.29
CA SER K 334 -42.78 -2.70 -8.52
C SER K 334 -43.84 -2.31 -7.49
N ASN K 335 -43.45 -1.42 -6.57
CA ASN K 335 -44.33 -0.92 -5.52
C ASN K 335 -44.92 -2.08 -4.72
N CYS K 336 -44.05 -2.93 -4.20
CA CYS K 336 -44.49 -4.20 -3.66
C CYS K 336 -43.49 -4.71 -2.62
N VAL K 337 -43.94 -5.69 -1.84
CA VAL K 337 -43.09 -6.45 -0.94
C VAL K 337 -43.00 -7.87 -1.46
N ALA K 338 -41.77 -8.34 -1.69
CA ALA K 338 -41.53 -9.64 -2.30
C ALA K 338 -40.89 -10.57 -1.29
N ASP K 339 -41.52 -11.72 -1.06
CA ASP K 339 -41.00 -12.74 -0.15
C ASP K 339 -40.50 -13.90 -0.98
N TYR K 340 -39.18 -14.11 -0.95
CA TYR K 340 -38.56 -15.24 -1.65
C TYR K 340 -38.39 -16.45 -0.77
N SER K 341 -38.79 -16.37 0.50
CA SER K 341 -38.69 -17.53 1.39
C SER K 341 -39.56 -18.67 0.90
N VAL K 342 -40.78 -18.37 0.45
CA VAL K 342 -41.65 -19.41 -0.07
C VAL K 342 -41.06 -20.04 -1.33
N LEU K 343 -40.37 -19.23 -2.14
CA LEU K 343 -39.75 -19.76 -3.34
C LEU K 343 -38.59 -20.68 -3.01
N TYR K 344 -37.69 -20.24 -2.13
CA TYR K 344 -36.52 -21.05 -1.80
C TYR K 344 -36.90 -22.32 -1.04
N ASN K 345 -37.82 -22.20 -0.09
CA ASN K 345 -38.20 -23.35 0.74
C ASN K 345 -39.15 -24.30 0.04
N SER K 346 -39.67 -23.94 -1.13
CA SER K 346 -40.51 -24.86 -1.87
C SER K 346 -39.67 -26.03 -2.40
N ALA K 347 -40.30 -27.20 -2.46
CA ALA K 347 -39.62 -28.43 -2.84
C ALA K 347 -39.87 -28.86 -4.27
N SER K 348 -40.84 -28.26 -4.96
CA SER K 348 -41.15 -28.69 -6.32
C SER K 348 -40.09 -28.28 -7.32
N PHE K 349 -39.25 -27.30 -6.99
CA PHE K 349 -38.25 -26.79 -7.92
C PHE K 349 -37.06 -27.73 -7.98
N SER K 350 -36.43 -27.81 -9.16
CA SER K 350 -35.24 -28.62 -9.35
C SER K 350 -33.95 -27.80 -9.32
N THR K 351 -33.93 -26.66 -9.98
CA THR K 351 -32.77 -25.77 -9.98
C THR K 351 -33.19 -24.40 -9.47
N PHE K 352 -32.34 -23.81 -8.62
CA PHE K 352 -32.62 -22.47 -8.10
C PHE K 352 -31.35 -21.63 -8.04
N LYS K 353 -30.28 -22.07 -8.70
CA LYS K 353 -28.97 -21.45 -8.53
C LYS K 353 -29.02 -19.95 -8.80
N CYS K 354 -28.44 -19.17 -7.89
CA CYS K 354 -28.44 -17.72 -8.01
C CYS K 354 -27.02 -17.21 -8.08
N TYR K 355 -26.76 -16.31 -9.04
CA TYR K 355 -25.42 -15.88 -9.39
C TYR K 355 -25.01 -14.56 -8.78
N GLY K 356 -25.95 -13.63 -8.59
CA GLY K 356 -25.60 -12.32 -8.08
C GLY K 356 -25.72 -12.21 -6.57
N VAL K 357 -26.73 -12.85 -5.99
CA VAL K 357 -27.01 -12.78 -4.57
C VAL K 357 -27.21 -14.18 -4.02
N SER K 358 -26.80 -14.39 -2.77
CA SER K 358 -26.98 -15.69 -2.15
C SER K 358 -28.46 -15.97 -1.95
N PRO K 359 -28.91 -17.22 -2.20
CA PRO K 359 -30.34 -17.53 -2.05
C PRO K 359 -30.85 -17.42 -0.63
N THR K 360 -29.98 -17.55 0.38
CA THR K 360 -30.45 -17.57 1.77
C THR K 360 -30.58 -16.17 2.38
N LYS K 361 -30.07 -15.13 1.71
CA LYS K 361 -30.24 -13.74 2.14
C LYS K 361 -31.04 -12.94 1.13
N LEU K 362 -32.03 -13.57 0.49
CA LEU K 362 -32.86 -12.84 -0.45
C LEU K 362 -33.81 -11.88 0.26
N ASN K 363 -34.20 -12.18 1.49
CA ASN K 363 -35.17 -11.35 2.19
C ASN K 363 -34.59 -10.00 2.57
N ASP K 364 -33.38 -10.00 3.14
CA ASP K 364 -32.75 -8.75 3.59
C ASP K 364 -31.89 -8.13 2.47
N LEU K 365 -32.51 -8.04 1.29
CA LEU K 365 -31.95 -7.36 0.14
C LEU K 365 -33.11 -6.86 -0.71
N CYS K 366 -32.98 -5.66 -1.28
CA CYS K 366 -34.04 -5.16 -2.15
C CYS K 366 -33.51 -4.20 -3.20
N PHE K 367 -34.26 -4.07 -4.29
CA PHE K 367 -33.78 -3.50 -5.54
C PHE K 367 -34.81 -2.52 -6.09
N THR K 368 -34.36 -1.66 -7.01
CA THR K 368 -35.26 -0.67 -7.60
C THR K 368 -36.39 -1.33 -8.37
N ASN K 369 -36.07 -2.32 -9.20
CA ASN K 369 -37.05 -2.89 -10.11
C ASN K 369 -36.69 -4.35 -10.38
N VAL K 370 -37.71 -5.20 -10.52
CA VAL K 370 -37.54 -6.63 -10.70
C VAL K 370 -38.33 -7.06 -11.93
N TYR K 371 -37.70 -7.85 -12.80
CA TYR K 371 -38.34 -8.41 -13.98
C TYR K 371 -38.37 -9.93 -13.88
N ALA K 372 -39.43 -10.53 -14.41
CA ALA K 372 -39.59 -11.98 -14.41
C ALA K 372 -39.85 -12.43 -15.84
N ASP K 373 -39.08 -13.41 -16.30
CA ASP K 373 -39.19 -13.96 -17.64
C ASP K 373 -39.77 -15.37 -17.57
N SER K 374 -40.75 -15.65 -18.41
CA SER K 374 -41.47 -16.91 -18.36
C SER K 374 -41.43 -17.58 -19.74
N PHE K 375 -40.91 -18.81 -19.77
CA PHE K 375 -40.91 -19.61 -20.99
C PHE K 375 -40.68 -21.06 -20.61
N VAL K 376 -40.99 -21.96 -21.54
CA VAL K 376 -40.89 -23.39 -21.31
C VAL K 376 -39.95 -24.00 -22.35
N ILE K 377 -38.99 -24.79 -21.88
CA ILE K 377 -38.00 -25.46 -22.70
C ILE K 377 -37.96 -26.94 -22.29
N ARG K 378 -37.07 -27.70 -22.93
CA ARG K 378 -36.92 -29.11 -22.61
C ARG K 378 -35.79 -29.32 -21.60
N GLY K 379 -35.77 -30.52 -21.02
CA GLY K 379 -34.90 -30.77 -19.88
C GLY K 379 -33.43 -30.66 -20.21
N ASP K 380 -33.02 -31.23 -21.35
CA ASP K 380 -31.61 -31.18 -21.74
C ASP K 380 -31.13 -29.77 -22.06
N GLU K 381 -32.04 -28.83 -22.23
CA GLU K 381 -31.73 -27.47 -22.63
C GLU K 381 -31.70 -26.49 -21.47
N VAL K 382 -31.89 -26.97 -20.24
CA VAL K 382 -32.04 -26.06 -19.10
C VAL K 382 -30.70 -25.55 -18.58
N ARG K 383 -29.60 -26.22 -18.90
CA ARG K 383 -28.30 -25.78 -18.41
C ARG K 383 -27.74 -24.60 -19.20
N GLN K 384 -28.36 -24.23 -20.32
CA GLN K 384 -27.91 -23.09 -21.10
C GLN K 384 -28.53 -21.78 -20.64
N ILE K 385 -29.44 -21.82 -19.68
CA ILE K 385 -30.00 -20.59 -19.10
C ILE K 385 -29.09 -20.22 -17.93
N ALA K 386 -28.00 -19.53 -18.27
CA ALA K 386 -27.00 -19.10 -17.30
C ALA K 386 -26.18 -18.00 -17.93
N PRO K 387 -25.55 -17.13 -17.12
CA PRO K 387 -24.75 -16.05 -17.72
C PRO K 387 -23.48 -16.57 -18.37
N GLY K 388 -23.51 -16.62 -19.70
CA GLY K 388 -22.38 -17.11 -20.47
C GLY K 388 -22.59 -18.53 -20.93
N GLN K 389 -23.05 -18.70 -22.16
CA GLN K 389 -23.31 -20.02 -22.73
C GLN K 389 -23.23 -19.91 -24.24
N THR K 390 -23.11 -21.06 -24.90
CA THR K 390 -22.93 -21.10 -26.35
C THR K 390 -23.79 -22.18 -26.97
N GLY K 391 -25.03 -22.30 -26.53
CA GLY K 391 -25.99 -23.20 -27.15
C GLY K 391 -26.82 -22.51 -28.21
N LYS K 392 -27.86 -23.21 -28.66
CA LYS K 392 -28.81 -22.58 -29.56
C LYS K 392 -29.74 -21.64 -28.82
N ILE K 393 -30.12 -21.97 -27.58
CA ILE K 393 -31.10 -21.18 -26.85
C ILE K 393 -30.46 -19.97 -26.19
N ALA K 394 -29.15 -20.01 -25.94
CA ALA K 394 -28.42 -18.86 -25.41
C ALA K 394 -27.75 -18.07 -26.52
N ASP K 395 -28.10 -18.31 -27.76
CA ASP K 395 -27.59 -17.57 -28.89
C ASP K 395 -28.68 -17.02 -29.80
N TYR K 396 -29.78 -17.76 -29.97
CA TYR K 396 -30.84 -17.35 -30.87
C TYR K 396 -32.18 -17.10 -30.19
N ASN K 397 -32.36 -17.52 -28.94
CA ASN K 397 -33.66 -17.41 -28.29
C ASN K 397 -33.62 -16.47 -27.08
N TYR K 398 -32.75 -16.72 -26.10
CA TYR K 398 -32.76 -15.94 -24.87
C TYR K 398 -31.34 -15.85 -24.33
N LYS K 399 -30.80 -14.64 -24.26
CA LYS K 399 -29.42 -14.40 -23.87
C LYS K 399 -29.38 -13.67 -22.53
N LEU K 400 -28.59 -14.17 -21.61
CA LEU K 400 -28.35 -13.51 -20.33
C LEU K 400 -27.01 -12.80 -20.35
N PRO K 401 -26.94 -11.55 -19.93
CA PRO K 401 -25.65 -10.84 -19.94
C PRO K 401 -24.68 -11.43 -18.93
N ASP K 402 -23.40 -11.17 -19.17
CA ASP K 402 -22.37 -11.67 -18.26
C ASP K 402 -22.52 -11.09 -16.86
N ASP K 403 -22.83 -9.81 -16.77
CA ASP K 403 -23.05 -9.15 -15.48
C ASP K 403 -24.51 -9.32 -15.06
N PHE K 404 -24.88 -10.58 -14.81
CA PHE K 404 -26.24 -10.95 -14.44
C PHE K 404 -26.32 -11.08 -12.93
N THR K 405 -27.26 -10.35 -12.32
CA THR K 405 -27.40 -10.33 -10.87
C THR K 405 -28.73 -10.89 -10.38
N GLY K 406 -29.62 -11.29 -11.26
CA GLY K 406 -30.81 -12.04 -10.89
C GLY K 406 -30.48 -13.51 -10.76
N CYS K 407 -31.50 -14.36 -10.91
CA CYS K 407 -31.23 -15.79 -10.95
C CYS K 407 -32.43 -16.54 -11.52
N VAL K 408 -32.23 -17.85 -11.71
CA VAL K 408 -33.04 -18.69 -12.57
C VAL K 408 -33.73 -19.76 -11.73
N ILE K 409 -35.00 -20.03 -12.05
CA ILE K 409 -35.79 -21.05 -11.38
C ILE K 409 -36.41 -21.94 -12.44
N ALA K 410 -36.25 -23.25 -12.29
CA ALA K 410 -36.78 -24.20 -13.26
C ALA K 410 -37.35 -25.41 -12.54
N TRP K 411 -38.49 -25.90 -13.03
CA TRP K 411 -39.11 -27.09 -12.48
C TRP K 411 -39.78 -27.88 -13.60
N ASN K 412 -39.76 -29.20 -13.47
CA ASN K 412 -40.35 -30.06 -14.49
C ASN K 412 -41.86 -29.84 -14.55
N SER K 413 -42.39 -29.82 -15.77
CA SER K 413 -43.82 -29.67 -15.99
C SER K 413 -44.28 -30.64 -17.07
N ASN K 414 -43.83 -31.88 -16.97
CA ASN K 414 -44.19 -32.87 -17.98
C ASN K 414 -45.69 -33.11 -18.01
N ASN K 415 -46.33 -33.15 -16.84
CA ASN K 415 -47.77 -33.42 -16.79
C ASN K 415 -48.57 -32.29 -17.42
N LEU K 416 -48.16 -31.05 -17.22
CA LEU K 416 -48.93 -29.92 -17.74
C LEU K 416 -48.85 -29.82 -19.25
N ASP K 417 -47.65 -29.95 -19.82
CA ASP K 417 -47.42 -29.73 -21.24
C ASP K 417 -47.02 -31.06 -21.89
N SER K 418 -48.01 -31.86 -22.27
CA SER K 418 -47.71 -33.13 -22.93
C SER K 418 -48.95 -33.58 -23.70
N LYS K 419 -48.89 -33.50 -25.03
CA LYS K 419 -49.91 -34.09 -25.88
C LYS K 419 -49.38 -35.39 -26.45
N VAL K 420 -50.24 -36.41 -26.50
CA VAL K 420 -49.81 -37.72 -27.00
C VAL K 420 -49.39 -37.62 -28.46
N GLY K 421 -50.15 -36.85 -29.25
CA GLY K 421 -49.70 -36.54 -30.60
C GLY K 421 -48.45 -35.70 -30.62
N GLY K 422 -48.33 -34.79 -29.65
CA GLY K 422 -47.17 -33.91 -29.58
C GLY K 422 -47.57 -32.46 -29.43
N ASN K 423 -47.00 -31.76 -28.46
CA ASN K 423 -47.32 -30.35 -28.23
C ASN K 423 -46.58 -29.51 -29.25
N TYR K 424 -47.28 -29.11 -30.31
CA TYR K 424 -46.70 -28.28 -31.35
C TYR K 424 -46.87 -26.79 -31.09
N ASN K 425 -47.45 -26.42 -29.95
CA ASN K 425 -47.63 -25.01 -29.63
C ASN K 425 -46.37 -24.36 -29.07
N TYR K 426 -45.38 -25.16 -28.66
CA TYR K 426 -44.12 -24.63 -28.14
C TYR K 426 -43.05 -24.74 -29.21
N ARG K 427 -42.40 -23.62 -29.51
CA ARG K 427 -41.47 -23.55 -30.62
C ARG K 427 -40.21 -22.81 -30.20
N TYR K 428 -39.14 -23.03 -30.97
CA TYR K 428 -37.86 -22.38 -30.73
C TYR K 428 -37.31 -21.86 -32.04
N ARG K 429 -36.50 -20.81 -31.96
CA ARG K 429 -35.85 -20.26 -33.14
C ARG K 429 -34.59 -21.08 -33.41
N LEU K 430 -34.58 -21.80 -34.53
CA LEU K 430 -33.50 -22.71 -34.85
C LEU K 430 -32.42 -22.09 -35.72
N PHE K 431 -32.83 -21.32 -36.74
CA PHE K 431 -31.91 -20.73 -37.69
C PHE K 431 -31.93 -19.21 -37.55
N ARG K 432 -30.74 -18.62 -37.43
CA ARG K 432 -30.62 -17.17 -37.37
C ARG K 432 -29.26 -16.78 -37.93
N LYS K 433 -29.20 -15.61 -38.57
CA LYS K 433 -27.96 -15.17 -39.21
C LYS K 433 -26.94 -14.63 -38.22
N SER K 434 -27.33 -14.34 -36.99
CA SER K 434 -26.39 -13.81 -36.01
C SER K 434 -26.92 -14.06 -34.61
N ASN K 435 -26.04 -13.93 -33.63
CA ASN K 435 -26.42 -14.09 -32.23
C ASN K 435 -27.27 -12.90 -31.77
N LEU K 436 -28.05 -13.15 -30.73
CA LEU K 436 -28.86 -12.11 -30.13
C LEU K 436 -28.03 -11.25 -29.19
N LYS K 437 -28.61 -10.15 -28.77
CA LYS K 437 -28.07 -9.32 -27.70
C LYS K 437 -28.77 -9.69 -26.40
N PRO K 438 -28.14 -9.41 -25.25
CA PRO K 438 -28.77 -9.78 -23.97
C PRO K 438 -30.14 -9.16 -23.81
N PHE K 439 -31.09 -9.98 -23.34
CA PHE K 439 -32.47 -9.56 -23.12
C PHE K 439 -33.10 -8.98 -24.38
N GLU K 440 -32.87 -9.64 -25.51
CA GLU K 440 -33.47 -9.25 -26.77
C GLU K 440 -34.46 -10.32 -27.24
N ARG K 441 -35.61 -9.88 -27.69
CA ARG K 441 -36.65 -10.76 -28.22
C ARG K 441 -36.78 -10.56 -29.72
N ASP K 442 -36.87 -11.67 -30.45
CA ASP K 442 -37.02 -11.64 -31.90
C ASP K 442 -38.27 -12.41 -32.28
N ILE K 443 -39.23 -11.73 -32.90
CA ILE K 443 -40.46 -12.33 -33.37
C ILE K 443 -40.51 -12.09 -34.87
N SER K 444 -39.99 -13.04 -35.65
CA SER K 444 -39.94 -12.88 -37.09
C SER K 444 -39.93 -14.27 -37.73
N THR K 445 -40.82 -14.47 -38.70
CA THR K 445 -40.91 -15.73 -39.43
C THR K 445 -40.24 -15.64 -40.79
N GLU K 446 -39.28 -14.73 -40.95
CA GLU K 446 -38.56 -14.60 -42.21
C GLU K 446 -37.82 -15.89 -42.52
N ILE K 447 -37.99 -16.38 -43.75
CA ILE K 447 -37.42 -17.67 -44.12
C ILE K 447 -35.91 -17.58 -44.20
N TYR K 448 -35.23 -18.53 -43.58
CA TYR K 448 -33.77 -18.59 -43.55
C TYR K 448 -33.24 -18.78 -44.96
N GLN K 449 -32.57 -17.77 -45.50
CA GLN K 449 -31.97 -17.85 -46.83
C GLN K 449 -30.65 -18.61 -46.69
N ALA K 450 -30.67 -19.88 -47.09
CA ALA K 450 -29.55 -20.79 -46.85
C ALA K 450 -28.83 -21.20 -48.12
N GLY K 451 -29.15 -20.60 -49.26
CA GLY K 451 -28.55 -20.98 -50.52
C GLY K 451 -28.21 -19.77 -51.37
N SER K 452 -27.58 -20.05 -52.51
CA SER K 452 -27.24 -18.98 -53.45
C SER K 452 -28.50 -18.33 -54.01
N LYS K 453 -29.50 -19.13 -54.33
CA LYS K 453 -30.77 -18.59 -54.81
C LYS K 453 -31.50 -17.91 -53.66
N PRO K 454 -31.87 -16.63 -53.79
CA PRO K 454 -32.60 -15.97 -52.71
C PRO K 454 -33.99 -16.57 -52.53
N CYS K 455 -34.47 -16.51 -51.29
CA CYS K 455 -35.78 -17.04 -50.94
C CYS K 455 -36.78 -15.89 -50.91
N ASN K 456 -37.76 -15.93 -51.80
CA ASN K 456 -38.75 -14.86 -51.92
C ASN K 456 -39.97 -15.13 -51.06
N GLY K 457 -39.75 -15.39 -49.77
CA GLY K 457 -40.84 -15.63 -48.85
C GLY K 457 -41.53 -16.97 -49.00
N VAL K 458 -40.98 -17.88 -49.79
CA VAL K 458 -41.57 -19.18 -50.03
C VAL K 458 -40.58 -20.26 -49.61
N GLU K 459 -41.05 -21.22 -48.82
CA GLU K 459 -40.20 -22.32 -48.38
C GLU K 459 -39.81 -23.21 -49.55
N GLY K 460 -38.58 -23.69 -49.54
CA GLY K 460 -38.10 -24.53 -50.62
C GLY K 460 -36.70 -25.02 -50.33
N PHE K 461 -36.00 -25.39 -51.41
CA PHE K 461 -34.62 -25.85 -51.27
C PHE K 461 -33.74 -24.74 -50.72
N ASN K 462 -32.99 -25.05 -49.67
CA ASN K 462 -32.13 -24.08 -48.99
C ASN K 462 -32.91 -22.87 -48.50
N CYS K 463 -34.21 -23.06 -48.22
CA CYS K 463 -35.05 -22.02 -47.65
C CYS K 463 -35.89 -22.70 -46.57
N TYR K 464 -35.54 -22.47 -45.31
CA TYR K 464 -36.13 -23.20 -44.19
C TYR K 464 -36.81 -22.25 -43.23
N PHE K 465 -37.90 -22.72 -42.63
CA PHE K 465 -38.59 -21.95 -41.61
C PHE K 465 -37.75 -21.90 -40.34
N PRO K 466 -37.44 -20.71 -39.81
CA PRO K 466 -36.55 -20.63 -38.65
C PRO K 466 -37.16 -21.17 -37.35
N LEU K 467 -38.47 -21.37 -37.29
CA LEU K 467 -39.14 -21.80 -36.06
C LEU K 467 -39.51 -23.27 -36.16
N GLN K 468 -39.13 -24.05 -35.14
CA GLN K 468 -39.40 -25.47 -35.11
C GLN K 468 -40.00 -25.85 -33.76
N SER K 469 -40.70 -26.99 -33.74
CA SER K 469 -41.52 -27.37 -32.61
C SER K 469 -40.77 -28.32 -31.66
N TYR K 470 -41.47 -28.70 -30.60
CA TYR K 470 -41.01 -29.68 -29.61
C TYR K 470 -41.85 -30.96 -29.66
N GLY K 471 -41.17 -32.08 -29.48
CA GLY K 471 -41.79 -33.38 -29.30
C GLY K 471 -42.11 -33.71 -27.86
N PHE K 472 -43.18 -33.13 -27.31
CA PHE K 472 -43.58 -33.33 -25.92
C PHE K 472 -44.62 -34.42 -25.74
N GLN K 473 -44.48 -35.53 -26.45
CA GLN K 473 -45.28 -36.70 -26.13
C GLN K 473 -45.00 -37.14 -24.69
N PRO K 474 -46.02 -37.59 -23.96
CA PRO K 474 -45.79 -37.96 -22.54
C PRO K 474 -44.83 -39.11 -22.34
N THR K 475 -44.62 -39.94 -23.36
CA THR K 475 -43.76 -41.11 -23.23
C THR K 475 -42.27 -40.78 -23.30
N ASN K 476 -41.91 -39.52 -23.57
CA ASN K 476 -40.51 -39.15 -23.68
C ASN K 476 -39.80 -39.36 -22.35
N GLY K 477 -38.53 -39.75 -22.43
CA GLY K 477 -37.74 -40.02 -21.24
C GLY K 477 -37.26 -38.75 -20.58
N VAL K 478 -36.54 -38.94 -19.48
CA VAL K 478 -35.96 -37.81 -18.75
C VAL K 478 -34.94 -37.12 -19.63
N GLY K 479 -34.97 -35.79 -19.64
CA GLY K 479 -34.08 -35.00 -20.47
C GLY K 479 -34.74 -34.43 -21.70
N TYR K 480 -35.93 -34.90 -22.06
CA TYR K 480 -36.70 -34.32 -23.16
C TYR K 480 -38.07 -33.81 -22.71
N GLN K 481 -38.39 -33.93 -21.43
CA GLN K 481 -39.66 -33.44 -20.91
C GLN K 481 -39.62 -31.93 -20.74
N PRO K 482 -40.78 -31.27 -20.77
CA PRO K 482 -40.81 -29.81 -20.65
C PRO K 482 -40.27 -29.35 -19.30
N TYR K 483 -39.61 -28.20 -19.32
CA TYR K 483 -39.06 -27.58 -18.11
C TYR K 483 -39.43 -26.10 -18.14
N ARG K 484 -40.46 -25.71 -17.39
CA ARG K 484 -40.82 -24.31 -17.29
C ARG K 484 -39.73 -23.56 -16.53
N VAL K 485 -39.32 -22.41 -17.07
CA VAL K 485 -38.22 -21.63 -16.52
C VAL K 485 -38.73 -20.23 -16.21
N VAL K 486 -38.43 -19.75 -15.01
CA VAL K 486 -38.76 -18.39 -14.61
C VAL K 486 -37.49 -17.72 -14.13
N VAL K 487 -37.06 -16.68 -14.84
CA VAL K 487 -35.81 -15.98 -14.54
C VAL K 487 -36.16 -14.66 -13.88
N LEU K 488 -35.74 -14.49 -12.63
CA LEU K 488 -36.03 -13.30 -11.85
C LEU K 488 -34.81 -12.38 -11.90
N SER K 489 -34.86 -11.39 -12.78
CA SER K 489 -33.73 -10.47 -12.97
C SER K 489 -33.95 -9.24 -12.08
N PHE K 490 -33.08 -9.08 -11.08
CA PHE K 490 -33.13 -7.92 -10.20
C PHE K 490 -32.35 -6.77 -10.82
N GLU K 491 -32.95 -5.59 -10.82
CA GLU K 491 -32.35 -4.42 -11.46
C GLU K 491 -32.34 -3.27 -10.47
N LEU K 492 -31.20 -2.58 -10.38
CA LEU K 492 -30.99 -1.47 -9.46
C LEU K 492 -30.58 -0.24 -10.24
N LEU K 493 -31.26 0.88 -9.98
CA LEU K 493 -30.98 2.15 -10.63
C LEU K 493 -30.73 3.22 -9.57
N HIS K 494 -30.65 4.48 -10.02
CA HIS K 494 -30.50 5.59 -9.10
C HIS K 494 -31.77 5.87 -8.30
N ALA K 495 -32.92 5.37 -8.77
CA ALA K 495 -34.16 5.55 -8.05
C ALA K 495 -34.11 4.80 -6.72
N PRO K 496 -34.83 5.28 -5.71
CA PRO K 496 -34.81 4.59 -4.41
C PRO K 496 -35.37 3.18 -4.51
N ALA K 497 -34.81 2.29 -3.70
CA ALA K 497 -35.27 0.90 -3.67
C ALA K 497 -36.73 0.84 -3.26
N THR K 498 -37.53 0.10 -4.03
CA THR K 498 -38.97 0.06 -3.83
C THR K 498 -39.49 -1.32 -3.48
N VAL K 499 -39.06 -2.35 -4.22
CA VAL K 499 -39.52 -3.72 -3.98
C VAL K 499 -38.62 -4.31 -2.90
N CYS K 500 -39.04 -4.20 -1.64
CA CYS K 500 -38.23 -4.66 -0.54
C CYS K 500 -38.91 -5.81 0.19
N GLY K 501 -38.11 -6.70 0.75
CA GLY K 501 -38.58 -7.95 1.28
C GLY K 501 -39.32 -7.78 2.58
N PRO K 502 -40.00 -8.85 3.00
CA PRO K 502 -40.82 -8.77 4.22
C PRO K 502 -39.95 -8.61 5.46
N LYS K 503 -40.39 -7.72 6.35
CA LYS K 503 -39.70 -7.44 7.60
C LYS K 503 -40.52 -8.06 8.73
N LYS K 504 -40.04 -9.20 9.23
CA LYS K 504 -40.74 -9.87 10.31
C LYS K 504 -40.44 -9.18 11.65
N ASP K 505 -41.30 -9.45 12.63
CA ASP K 505 -41.17 -8.87 13.95
C ASP K 505 -41.59 -9.91 14.98
N CYS K 506 -41.50 -9.53 16.25
CA CYS K 506 -41.88 -10.43 17.34
C CYS K 506 -42.88 -9.74 18.26
N ASN K 507 -43.18 -10.37 19.40
CA ASN K 507 -44.14 -9.81 20.34
C ASN K 507 -43.56 -8.58 21.03
N LEU K 508 -44.43 -7.84 21.69
CA LEU K 508 -44.05 -6.63 22.43
C LEU K 508 -44.01 -6.94 23.91
N VAL K 509 -42.90 -6.63 24.56
CA VAL K 509 -42.70 -6.85 25.99
C VAL K 509 -42.51 -5.50 26.66
N LYS K 510 -43.18 -5.31 27.79
CA LYS K 510 -43.15 -4.06 28.52
C LYS K 510 -42.64 -4.29 29.94
N ASN K 511 -42.18 -3.21 30.56
CA ASN K 511 -41.68 -3.23 31.93
C ASN K 511 -40.52 -4.21 32.08
N LYS K 512 -39.53 -4.09 31.20
CA LYS K 512 -38.37 -4.97 31.21
C LYS K 512 -37.28 -4.35 30.37
N CYS K 513 -36.05 -4.37 30.86
CA CYS K 513 -34.91 -3.83 30.13
C CYS K 513 -34.64 -4.72 28.93
N VAL K 514 -34.98 -4.24 27.74
CA VAL K 514 -34.92 -5.04 26.52
C VAL K 514 -34.49 -4.15 25.36
N ASN K 515 -33.63 -4.69 24.50
CA ASN K 515 -33.29 -4.01 23.26
C ASN K 515 -34.50 -3.99 22.33
N PHE K 516 -34.67 -2.89 21.60
CA PHE K 516 -35.81 -2.76 20.71
C PHE K 516 -35.36 -2.17 19.38
N ASN K 517 -36.15 -2.46 18.35
CA ASN K 517 -35.92 -1.94 16.99
C ASN K 517 -37.29 -1.55 16.44
N PHE K 518 -37.67 -0.29 16.64
CA PHE K 518 -38.98 0.21 16.25
C PHE K 518 -38.87 0.89 14.90
N ASN K 519 -39.20 0.16 13.83
CA ASN K 519 -39.24 0.71 12.48
C ASN K 519 -37.92 1.36 12.08
N GLY K 520 -36.81 0.75 12.48
CA GLY K 520 -35.49 1.24 12.12
C GLY K 520 -34.79 2.07 13.18
N LEU K 521 -35.39 2.23 14.36
CA LEU K 521 -34.77 2.97 15.45
C LEU K 521 -34.36 1.99 16.54
N THR K 522 -33.08 1.98 16.88
CA THR K 522 -32.51 1.03 17.81
C THR K 522 -32.16 1.72 19.13
N GLY K 523 -32.43 1.04 20.23
CA GLY K 523 -32.12 1.57 21.54
C GLY K 523 -32.39 0.55 22.61
N THR K 524 -31.91 0.85 23.81
CA THR K 524 -32.08 -0.01 24.97
C THR K 524 -32.83 0.75 26.06
N GLY K 525 -33.88 0.16 26.59
CA GLY K 525 -34.65 0.84 27.61
C GLY K 525 -35.82 -0.02 28.05
N VAL K 526 -36.65 0.56 28.91
CA VAL K 526 -37.84 -0.09 29.44
C VAL K 526 -39.05 0.59 28.82
N LEU K 527 -39.88 -0.18 28.13
CA LEU K 527 -41.05 0.34 27.46
C LEU K 527 -42.27 0.24 28.36
N THR K 528 -42.95 1.36 28.55
CA THR K 528 -44.17 1.43 29.35
C THR K 528 -45.24 2.18 28.58
N GLU K 529 -46.49 1.92 28.93
CA GLU K 529 -47.60 2.66 28.33
C GLU K 529 -47.51 4.12 28.73
N SER K 530 -47.77 5.01 27.77
CA SER K 530 -47.62 6.44 27.97
C SER K 530 -48.95 7.16 27.72
N ASN K 531 -49.10 8.32 28.36
CA ASN K 531 -50.28 9.15 28.21
C ASN K 531 -50.06 10.30 27.22
N LYS K 532 -48.90 10.34 26.55
CA LYS K 532 -48.65 11.37 25.55
C LYS K 532 -49.60 11.21 24.37
N LYS K 533 -49.84 12.32 23.68
CA LYS K 533 -50.73 12.35 22.52
C LYS K 533 -49.93 12.83 21.31
N PHE K 534 -49.48 11.89 20.50
CA PHE K 534 -48.79 12.22 19.26
C PHE K 534 -49.78 12.71 18.22
N LEU K 535 -49.27 13.47 17.25
CA LEU K 535 -50.06 13.80 16.08
C LEU K 535 -50.18 12.56 15.19
N PRO K 536 -51.18 12.53 14.30
CA PRO K 536 -51.38 11.32 13.49
C PRO K 536 -50.18 10.92 12.65
N PHE K 537 -49.38 11.87 12.18
CA PHE K 537 -48.25 11.55 11.32
C PHE K 537 -46.95 11.35 12.08
N GLN K 538 -46.80 11.94 13.27
CA GLN K 538 -45.57 11.80 14.03
C GLN K 538 -45.38 10.37 14.50
N GLN K 539 -44.14 9.90 14.46
CA GLN K 539 -43.81 8.51 14.78
C GLN K 539 -43.12 8.32 16.12
N PHE K 540 -42.14 9.16 16.44
CA PHE K 540 -41.45 9.06 17.73
C PHE K 540 -41.21 10.45 18.27
N GLY K 541 -40.96 10.54 19.58
CA GLY K 541 -40.80 11.80 20.26
C GLY K 541 -39.40 11.95 20.83
N ARG K 542 -38.96 13.19 20.95
CA ARG K 542 -37.65 13.52 21.49
C ARG K 542 -37.79 14.55 22.61
N ASP K 543 -36.84 14.55 23.52
CA ASP K 543 -36.83 15.47 24.64
C ASP K 543 -36.02 16.72 24.27
N ILE K 544 -35.71 17.55 25.26
CA ILE K 544 -34.95 18.77 25.00
C ILE K 544 -33.52 18.44 24.59
N ALA K 545 -32.96 17.38 25.17
CA ALA K 545 -31.58 16.99 24.85
C ALA K 545 -31.48 16.17 23.56
N ASP K 546 -32.53 16.15 22.75
CA ASP K 546 -32.54 15.42 21.48
C ASP K 546 -32.23 13.94 21.67
N THR K 547 -32.81 13.34 22.72
CA THR K 547 -32.73 11.91 22.96
C THR K 547 -34.14 11.34 22.95
N THR K 548 -34.32 10.22 22.25
CA THR K 548 -35.65 9.65 22.09
C THR K 548 -36.21 9.21 23.45
N ASP K 549 -37.47 9.55 23.69
CA ASP K 549 -38.15 9.17 24.92
C ASP K 549 -39.55 8.61 24.70
N ALA K 550 -40.02 8.54 23.46
CA ALA K 550 -41.32 7.97 23.17
C ALA K 550 -41.34 7.48 21.74
N VAL K 551 -41.95 6.31 21.51
CA VAL K 551 -42.07 5.71 20.19
C VAL K 551 -43.49 5.18 20.03
N ARG K 552 -44.04 5.33 18.83
CA ARG K 552 -45.34 4.77 18.50
C ARG K 552 -45.16 3.41 17.85
N ASP K 553 -45.87 2.42 18.36
CA ASP K 553 -45.75 1.06 17.83
C ASP K 553 -46.28 1.00 16.41
N PRO K 554 -45.56 0.39 15.46
CA PRO K 554 -46.04 0.40 14.08
C PRO K 554 -47.28 -0.43 13.85
N GLN K 555 -47.39 -1.60 14.49
CA GLN K 555 -48.54 -2.47 14.26
C GLN K 555 -49.80 -1.88 14.86
N THR K 556 -49.81 -1.67 16.18
CA THR K 556 -50.92 -1.01 16.86
C THR K 556 -50.52 0.42 17.19
N LEU K 557 -51.38 1.36 16.84
CA LEU K 557 -51.07 2.79 16.98
C LEU K 557 -51.22 3.19 18.45
N GLU K 558 -50.20 2.86 19.24
CA GLU K 558 -50.15 3.18 20.64
C GLU K 558 -48.81 3.82 20.98
N ILE K 559 -48.84 4.74 21.94
CA ILE K 559 -47.64 5.46 22.35
C ILE K 559 -46.97 4.68 23.48
N LEU K 560 -45.64 4.65 23.45
CA LEU K 560 -44.83 4.00 24.46
C LEU K 560 -43.77 4.96 24.95
N ASP K 561 -43.28 4.71 26.17
CA ASP K 561 -42.26 5.54 26.79
C ASP K 561 -41.00 4.72 27.03
N ILE K 562 -39.86 5.28 26.65
CA ILE K 562 -38.57 4.60 26.75
C ILE K 562 -37.89 5.11 28.01
N THR K 563 -37.92 4.29 29.07
CA THR K 563 -37.23 4.62 30.31
C THR K 563 -35.89 3.89 30.32
N PRO K 564 -34.77 4.59 30.49
CA PRO K 564 -33.46 3.92 30.44
C PRO K 564 -33.32 2.89 31.55
N CYS K 565 -32.58 1.83 31.24
CA CYS K 565 -32.36 0.77 32.22
C CYS K 565 -31.55 1.31 33.39
N SER K 566 -31.97 0.96 34.60
CA SER K 566 -31.41 1.55 35.80
C SER K 566 -29.93 1.18 35.97
N PHE K 567 -29.17 2.11 36.52
CA PHE K 567 -27.76 1.93 36.78
C PHE K 567 -27.39 2.75 38.01
N GLY K 568 -26.11 2.87 38.28
CA GLY K 568 -25.63 3.64 39.41
C GLY K 568 -24.28 3.15 39.86
N GLY K 569 -23.95 3.49 41.10
CA GLY K 569 -22.71 3.08 41.71
C GLY K 569 -22.97 2.30 42.98
N VAL K 570 -22.01 1.45 43.34
CA VAL K 570 -22.11 0.62 44.53
C VAL K 570 -21.09 1.14 45.54
N SER K 571 -21.57 1.55 46.71
CA SER K 571 -20.72 2.07 47.78
C SER K 571 -20.87 1.19 49.01
N VAL K 572 -19.74 0.82 49.61
CA VAL K 572 -19.71 -0.07 50.76
C VAL K 572 -19.50 0.77 52.02
N ILE K 573 -20.41 0.61 52.98
CA ILE K 573 -20.36 1.35 54.24
C ILE K 573 -19.71 0.45 55.28
N THR K 574 -18.49 0.80 55.69
CA THR K 574 -17.80 -0.05 56.65
C THR K 574 -17.42 0.73 57.90
N PRO K 575 -17.50 0.11 59.07
CA PRO K 575 -17.02 0.75 60.31
C PRO K 575 -15.53 0.58 60.57
N GLY K 576 -14.75 0.16 59.58
CA GLY K 576 -13.33 -0.04 59.76
C GLY K 576 -12.99 -1.46 60.16
N THR K 577 -12.02 -2.06 59.48
CA THR K 577 -11.62 -3.43 59.81
C THR K 577 -10.94 -3.52 61.17
N ASN K 578 -10.58 -2.39 61.77
CA ASN K 578 -9.98 -2.40 63.11
C ASN K 578 -10.96 -2.96 64.14
N THR K 579 -12.23 -2.59 64.03
CA THR K 579 -13.24 -2.96 65.02
C THR K 579 -14.13 -4.10 64.60
N SER K 580 -14.61 -4.11 63.35
CA SER K 580 -15.55 -5.11 62.89
C SER K 580 -15.22 -5.48 61.44
N ASN K 581 -15.95 -6.47 60.92
CA ASN K 581 -15.79 -6.92 59.55
C ASN K 581 -17.10 -7.02 58.80
N GLN K 582 -18.20 -6.55 59.38
CA GLN K 582 -19.48 -6.53 58.69
C GLN K 582 -19.66 -5.19 57.98
N VAL K 583 -20.23 -5.23 56.78
CA VAL K 583 -20.37 -4.05 55.94
C VAL K 583 -21.81 -3.92 55.47
N ALA K 584 -22.18 -2.70 55.12
CA ALA K 584 -23.45 -2.40 54.49
C ALA K 584 -23.17 -1.86 53.08
N VAL K 585 -24.09 -2.13 52.17
CA VAL K 585 -23.90 -1.79 50.76
C VAL K 585 -25.02 -0.85 50.33
N LEU K 586 -24.66 0.23 49.67
CA LEU K 586 -25.60 1.23 49.18
C LEU K 586 -25.61 1.21 47.66
N TYR K 587 -26.81 1.15 47.08
CA TYR K 587 -26.99 1.24 45.64
C TYR K 587 -27.55 2.62 45.33
N GLN K 588 -26.72 3.48 44.74
CA GLN K 588 -27.06 4.88 44.61
C GLN K 588 -28.13 5.08 43.55
N GLY K 589 -29.27 5.62 43.98
CA GLY K 589 -30.35 5.95 43.04
C GLY K 589 -30.93 4.76 42.31
N VAL K 590 -31.09 3.64 43.01
CA VAL K 590 -31.66 2.42 42.44
C VAL K 590 -32.76 1.93 43.35
N ASN K 591 -33.94 1.70 42.79
CA ASN K 591 -35.02 1.08 43.54
C ASN K 591 -34.65 -0.36 43.87
N CYS K 592 -35.11 -0.83 45.03
CA CYS K 592 -34.68 -2.15 45.51
C CYS K 592 -35.16 -3.28 44.63
N THR K 593 -36.15 -3.05 43.77
CA THR K 593 -36.64 -4.10 42.89
C THR K 593 -35.55 -4.57 41.93
N GLU K 594 -34.74 -3.64 41.43
CA GLU K 594 -33.71 -3.96 40.46
C GLU K 594 -32.37 -4.34 41.10
N VAL K 595 -32.28 -4.31 42.44
CA VAL K 595 -31.03 -4.71 43.11
C VAL K 595 -30.68 -6.17 42.83
N PRO K 596 -31.58 -7.15 43.00
CA PRO K 596 -31.19 -8.54 42.75
C PRO K 596 -30.82 -8.84 41.31
N VAL K 597 -31.21 -7.98 40.36
CA VAL K 597 -30.88 -8.22 38.96
C VAL K 597 -29.37 -8.23 38.76
N ALA K 598 -28.68 -7.27 39.36
CA ALA K 598 -27.22 -7.22 39.27
C ALA K 598 -26.62 -6.53 40.50
N SER K 615 -29.15 -8.86 53.59
CA SER K 615 -29.84 -8.82 54.87
C SER K 615 -31.09 -7.96 54.79
N ASN K 616 -31.18 -6.97 55.67
CA ASN K 616 -32.32 -6.05 55.66
C ASN K 616 -32.24 -5.12 54.46
N VAL K 617 -33.40 -4.71 53.96
CA VAL K 617 -33.51 -3.76 52.87
C VAL K 617 -34.34 -2.59 53.36
N PHE K 618 -33.73 -1.42 53.44
CA PHE K 618 -34.38 -0.20 53.89
C PHE K 618 -34.23 0.86 52.80
N GLN K 619 -35.35 1.40 52.35
CA GLN K 619 -35.36 2.32 51.21
C GLN K 619 -35.16 3.75 51.67
N THR K 620 -34.16 4.41 51.11
CA THR K 620 -33.84 5.80 51.37
C THR K 620 -34.11 6.63 50.11
N ARG K 621 -33.78 7.92 50.18
CA ARG K 621 -33.90 8.79 49.02
C ARG K 621 -32.68 8.73 48.12
N ALA K 622 -31.59 8.10 48.58
CA ALA K 622 -30.37 7.94 47.80
C ALA K 622 -30.17 6.48 47.42
N GLY K 623 -31.24 5.80 47.03
CA GLY K 623 -31.23 4.37 46.86
C GLY K 623 -31.72 3.68 48.12
N CYS K 624 -31.41 2.38 48.21
CA CYS K 624 -31.72 1.65 49.44
C CYS K 624 -30.50 0.87 49.91
N LEU K 625 -30.41 0.76 51.23
CA LEU K 625 -29.24 0.24 51.91
C LEU K 625 -29.45 -1.24 52.22
N ILE K 626 -28.46 -2.06 51.88
CA ILE K 626 -28.53 -3.49 52.09
C ILE K 626 -27.67 -3.84 53.29
N GLY K 627 -28.30 -4.42 54.32
CA GLY K 627 -27.58 -4.89 55.48
C GLY K 627 -27.51 -3.94 56.66
N ALA K 628 -28.31 -2.89 56.67
CA ALA K 628 -28.31 -1.93 57.77
C ALA K 628 -29.72 -1.80 58.34
N GLU K 629 -29.82 -1.86 59.67
CA GLU K 629 -31.10 -1.80 60.35
C GLU K 629 -31.50 -0.34 60.56
N HIS K 630 -32.75 -0.04 60.25
CA HIS K 630 -33.26 1.33 60.35
C HIS K 630 -33.86 1.55 61.74
N VAL K 631 -33.16 2.30 62.58
CA VAL K 631 -33.67 2.68 63.88
C VAL K 631 -34.58 3.89 63.73
N ASN K 632 -35.33 4.21 64.79
CA ASN K 632 -36.21 5.37 64.80
C ASN K 632 -35.66 6.52 65.64
N ASN K 633 -34.42 6.42 66.11
CA ASN K 633 -33.81 7.46 66.92
C ASN K 633 -33.06 8.44 66.03
N SER K 634 -32.36 9.39 66.66
CA SER K 634 -31.56 10.39 65.95
C SER K 634 -30.31 10.66 66.75
N TYR K 635 -29.15 10.50 66.11
CA TYR K 635 -27.86 10.75 66.73
C TYR K 635 -27.01 11.62 65.81
N GLU K 636 -25.83 11.98 66.28
CA GLU K 636 -24.90 12.75 65.46
C GLU K 636 -24.45 11.90 64.27
N CYS K 637 -24.30 12.55 63.12
CA CYS K 637 -23.94 11.83 61.91
C CYS K 637 -22.54 11.23 62.03
N ASP K 638 -22.46 9.91 61.91
CA ASP K 638 -21.19 9.20 61.97
C ASP K 638 -20.60 9.01 60.57
N ILE K 639 -21.34 8.33 59.70
CA ILE K 639 -20.95 8.11 58.31
C ILE K 639 -22.05 8.69 57.44
N PRO K 640 -21.78 9.72 56.63
CA PRO K 640 -22.86 10.36 55.86
C PRO K 640 -23.16 9.58 54.59
N ILE K 641 -24.42 9.20 54.42
CA ILE K 641 -24.87 8.48 53.24
C ILE K 641 -25.44 9.42 52.19
N GLY K 642 -26.36 10.28 52.60
CA GLY K 642 -27.00 11.22 51.69
C GLY K 642 -28.46 11.40 52.05
N ALA K 643 -29.01 12.54 51.66
CA ALA K 643 -30.42 12.88 51.89
C ALA K 643 -30.77 12.87 53.37
N GLY K 644 -29.81 13.21 54.23
CA GLY K 644 -30.07 13.28 55.65
C GLY K 644 -30.01 11.97 56.39
N ILE K 645 -29.49 10.92 55.78
CA ILE K 645 -29.38 9.60 56.40
C ILE K 645 -27.92 9.32 56.69
N CYS K 646 -27.61 8.95 57.92
CA CYS K 646 -26.25 8.61 58.32
C CYS K 646 -26.23 7.27 59.03
N ALA K 647 -25.23 6.46 58.72
CA ALA K 647 -25.07 5.13 59.29
C ALA K 647 -23.97 5.15 60.34
N SER K 648 -24.04 4.22 61.28
CA SER K 648 -23.07 4.13 62.36
C SER K 648 -22.88 2.67 62.74
N TYR K 649 -22.22 2.44 63.87
CA TYR K 649 -21.97 1.09 64.38
C TYR K 649 -22.21 1.14 65.90
N GLN K 650 -23.44 0.86 66.31
CA GLN K 650 -23.84 0.97 67.69
C GLN K 650 -24.33 -0.38 68.21
N THR K 651 -24.05 -0.65 69.48
CA THR K 651 -24.43 -1.91 70.11
C THR K 651 -25.65 -1.72 71.00
N SER K 664 -26.78 -7.24 69.11
CA SER K 664 -25.47 -7.28 69.75
C SER K 664 -24.52 -6.29 69.10
N GLN K 665 -24.22 -6.52 67.82
CA GLN K 665 -23.34 -5.65 67.05
C GLN K 665 -23.84 -5.60 65.62
N SER K 666 -24.39 -4.44 65.23
CA SER K 666 -24.94 -4.26 63.89
C SER K 666 -24.66 -2.84 63.44
N ILE K 667 -25.08 -2.54 62.21
CA ILE K 667 -24.93 -1.21 61.61
C ILE K 667 -26.33 -0.61 61.48
N ILE K 668 -26.53 0.55 62.09
CA ILE K 668 -27.81 1.23 62.08
C ILE K 668 -27.79 2.33 61.04
N ALA K 669 -28.98 2.80 60.65
CA ALA K 669 -29.12 3.85 59.64
C ALA K 669 -30.26 4.77 60.09
N TYR K 670 -29.90 5.83 60.80
CA TYR K 670 -30.84 6.79 61.35
C TYR K 670 -30.86 8.05 60.50
N THR K 671 -31.56 9.07 60.99
CA THR K 671 -31.51 10.40 60.40
C THR K 671 -30.64 11.31 61.27
N MET K 672 -30.09 12.34 60.65
CA MET K 672 -29.16 13.22 61.34
C MET K 672 -29.86 13.97 62.47
N SER K 673 -29.10 14.23 63.53
CA SER K 673 -29.52 15.11 64.61
C SER K 673 -28.66 16.37 64.54
N LEU K 674 -29.32 17.53 64.51
CA LEU K 674 -28.64 18.80 64.32
C LEU K 674 -28.15 19.42 65.61
N GLY K 675 -27.96 18.62 66.66
CA GLY K 675 -27.45 19.09 67.93
C GLY K 675 -28.49 18.99 69.03
N ALA K 676 -28.02 19.23 70.25
CA ALA K 676 -28.89 19.17 71.41
C ALA K 676 -29.88 20.32 71.39
N GLU K 677 -31.13 20.02 71.75
CA GLU K 677 -32.16 21.05 71.79
C GLU K 677 -31.89 22.02 72.93
N ASN K 678 -32.16 23.30 72.69
CA ASN K 678 -31.95 24.33 73.71
C ASN K 678 -33.08 25.34 73.62
N SER K 679 -33.32 26.03 74.72
CA SER K 679 -34.35 27.06 74.79
C SER K 679 -33.95 28.04 75.89
N VAL K 680 -33.41 29.18 75.49
CA VAL K 680 -32.95 30.17 76.47
C VAL K 680 -34.16 30.91 77.02
N ALA K 681 -34.23 31.01 78.34
CA ALA K 681 -35.38 31.61 79.02
C ALA K 681 -35.35 33.12 78.83
N TYR K 682 -35.94 33.56 77.72
CA TYR K 682 -35.98 34.98 77.39
C TYR K 682 -37.17 35.64 78.06
N SER K 683 -36.90 36.76 78.73
CA SER K 683 -37.95 37.62 79.27
C SER K 683 -37.45 39.05 79.25
N ASN K 684 -38.39 39.99 79.24
CA ASN K 684 -38.05 41.39 78.99
C ASN K 684 -37.39 42.07 80.18
N ASN K 685 -37.06 41.35 81.25
CA ASN K 685 -36.38 41.98 82.37
C ASN K 685 -35.29 41.11 82.99
N SER K 686 -34.96 39.96 82.40
CA SER K 686 -33.98 39.06 82.97
C SER K 686 -32.73 39.01 82.10
N ILE K 687 -31.57 39.07 82.75
CA ILE K 687 -30.28 39.02 82.09
C ILE K 687 -29.40 38.01 82.82
N ALA K 688 -28.59 37.30 82.05
CA ALA K 688 -27.64 36.34 82.60
C ALA K 688 -26.22 36.88 82.46
N ILE K 689 -25.45 36.77 83.53
CA ILE K 689 -24.10 37.33 83.54
C ILE K 689 -23.13 36.28 84.09
N PRO K 690 -22.00 36.05 83.43
CA PRO K 690 -21.04 35.05 83.91
C PRO K 690 -20.43 35.45 85.23
N THR K 691 -20.07 34.45 86.02
CA THR K 691 -19.40 34.65 87.30
C THR K 691 -17.99 34.08 87.35
N ASN K 692 -17.56 33.41 86.29
CA ASN K 692 -16.23 32.82 86.20
C ASN K 692 -15.80 32.87 84.75
N PHE K 693 -14.74 32.12 84.42
CA PHE K 693 -14.28 32.07 83.03
C PHE K 693 -13.46 30.80 82.84
N THR K 694 -12.94 30.64 81.63
CA THR K 694 -12.11 29.51 81.28
C THR K 694 -11.16 29.92 80.16
N ILE K 695 -9.89 29.59 80.32
CA ILE K 695 -8.88 29.88 79.31
C ILE K 695 -8.68 28.62 78.48
N SER K 696 -9.19 28.62 77.25
CA SER K 696 -9.15 27.45 76.39
C SER K 696 -8.23 27.71 75.20
N VAL K 697 -7.43 26.71 74.87
CA VAL K 697 -6.47 26.79 73.76
C VAL K 697 -6.90 25.78 72.71
N THR K 698 -7.01 26.24 71.46
CA THR K 698 -7.38 25.38 70.34
C THR K 698 -6.36 25.50 69.23
N THR K 699 -6.18 24.43 68.49
CA THR K 699 -5.22 24.37 67.40
C THR K 699 -5.91 24.64 66.07
N GLU K 700 -5.09 24.87 65.04
CA GLU K 700 -5.60 25.11 63.69
C GLU K 700 -4.48 24.90 62.70
N ILE K 701 -4.71 24.05 61.71
CA ILE K 701 -3.67 23.60 60.79
C ILE K 701 -4.00 24.10 59.39
N LEU K 702 -3.02 24.71 58.73
CA LEU K 702 -3.19 25.26 57.39
C LEU K 702 -1.98 24.89 56.55
N PRO K 703 -2.18 24.28 55.38
CA PRO K 703 -1.04 24.00 54.50
C PRO K 703 -0.63 25.25 53.73
N VAL K 704 0.66 25.56 53.76
CA VAL K 704 1.17 26.78 53.15
C VAL K 704 1.94 26.51 51.85
N SER K 705 2.44 25.30 51.63
CA SER K 705 3.22 25.03 50.42
C SER K 705 3.13 23.55 50.09
N MET K 706 3.49 23.24 48.85
CA MET K 706 3.52 21.87 48.35
C MET K 706 4.89 21.56 47.78
N THR K 707 5.12 20.29 47.47
CA THR K 707 6.42 19.85 46.98
C THR K 707 6.68 20.42 45.59
N LYS K 708 7.91 20.89 45.39
CA LYS K 708 8.33 21.51 44.13
C LYS K 708 8.84 20.42 43.20
N THR K 709 8.05 20.09 42.19
CA THR K 709 8.44 19.11 41.19
C THR K 709 8.69 19.80 39.85
N SER K 710 9.39 19.09 38.97
CA SER K 710 9.64 19.59 37.62
C SER K 710 9.87 18.38 36.73
N VAL K 711 8.99 18.20 35.73
CA VAL K 711 9.03 17.05 34.85
C VAL K 711 9.47 17.52 33.48
N ASP K 712 10.58 16.95 32.99
CA ASP K 712 11.01 17.23 31.62
C ASP K 712 10.01 16.63 30.64
N CYS K 713 9.85 17.31 29.50
CA CYS K 713 8.89 16.87 28.50
C CYS K 713 9.49 15.83 27.56
N THR K 714 10.61 16.18 26.92
CA THR K 714 11.23 15.26 25.96
C THR K 714 11.68 13.97 26.64
N MET K 715 12.29 14.09 27.83
CA MET K 715 12.74 12.89 28.53
C MET K 715 11.57 12.01 28.96
N TYR K 716 10.50 12.62 29.45
CA TYR K 716 9.35 11.82 29.88
C TYR K 716 8.71 11.12 28.70
N ILE K 717 8.46 11.84 27.61
CA ILE K 717 7.78 11.24 26.47
C ILE K 717 8.62 10.14 25.86
N CYS K 718 9.88 10.44 25.53
CA CYS K 718 10.81 9.45 25.00
C CYS K 718 12.23 9.96 25.23
N GLY K 719 12.90 9.41 26.25
CA GLY K 719 14.15 9.98 26.73
C GLY K 719 15.37 9.65 25.91
N ASP K 720 15.32 8.62 25.08
CA ASP K 720 16.50 8.17 24.36
C ASP K 720 16.31 7.99 22.85
N SER K 721 15.07 7.98 22.36
CA SER K 721 14.83 7.71 20.95
C SER K 721 15.00 9.00 20.15
N THR K 722 16.03 9.03 19.29
CA THR K 722 16.28 10.21 18.47
C THR K 722 15.16 10.44 17.47
N GLU K 723 14.64 9.36 16.88
CA GLU K 723 13.53 9.49 15.94
C GLU K 723 12.30 10.07 16.62
N CYS K 724 12.01 9.61 17.85
CA CYS K 724 10.90 10.15 18.60
C CYS K 724 11.09 11.62 18.93
N SER K 725 12.30 12.02 19.31
CA SER K 725 12.55 13.44 19.60
C SER K 725 12.38 14.28 18.34
N ASN K 726 12.85 13.77 17.20
CA ASN K 726 12.68 14.50 15.95
C ASN K 726 11.20 14.64 15.59
N LEU K 727 10.41 13.59 15.80
CA LEU K 727 8.98 13.68 15.55
C LEU K 727 8.33 14.68 16.51
N LEU K 728 8.72 14.67 17.78
CA LEU K 728 8.15 15.59 18.76
C LEU K 728 8.49 17.04 18.45
N LEU K 729 9.67 17.29 17.88
CA LEU K 729 10.09 18.66 17.58
C LEU K 729 9.14 19.33 16.60
N GLN K 730 8.40 18.57 15.79
CA GLN K 730 7.49 19.15 14.81
C GLN K 730 6.15 19.57 15.44
N TYR K 731 5.93 19.29 16.71
CA TYR K 731 4.67 19.64 17.36
C TYR K 731 4.65 21.08 17.86
N GLY K 732 5.74 21.82 17.70
CA GLY K 732 5.79 23.19 18.14
C GLY K 732 6.38 23.36 19.53
N SER K 733 6.02 24.45 20.20
CA SER K 733 6.52 24.72 21.55
C SER K 733 5.51 24.18 22.56
N PHE K 734 5.53 22.86 22.72
CA PHE K 734 4.69 22.19 23.70
C PHE K 734 5.45 21.77 24.95
N CYS K 735 6.76 21.56 24.84
CA CYS K 735 7.58 21.21 25.99
C CYS K 735 8.16 22.44 26.68
N THR K 736 7.83 23.64 26.21
CA THR K 736 8.25 24.87 26.88
C THR K 736 7.16 25.41 27.80
N GLN K 737 5.90 25.33 27.38
CA GLN K 737 4.81 25.82 28.20
C GLN K 737 4.70 25.04 29.51
N LEU K 738 4.85 23.71 29.43
CA LEU K 738 4.75 22.89 30.64
C LEU K 738 5.89 23.22 31.61
N ASN K 739 7.10 23.37 31.10
CA ASN K 739 8.23 23.72 31.96
C ASN K 739 8.03 25.09 32.60
N ARG K 740 7.51 26.05 31.82
CA ARG K 740 7.25 27.37 32.36
C ARG K 740 6.20 27.31 33.46
N ALA K 741 5.14 26.53 33.25
CA ALA K 741 4.11 26.40 34.28
C ALA K 741 4.66 25.78 35.55
N LEU K 742 5.45 24.73 35.42
CA LEU K 742 6.01 24.08 36.60
C LEU K 742 6.97 25.00 37.35
N THR K 743 7.78 25.77 36.61
CA THR K 743 8.67 26.72 37.26
C THR K 743 7.88 27.80 37.99
N GLY K 744 6.78 28.27 37.38
CA GLY K 744 5.92 29.21 38.06
C GLY K 744 5.35 28.65 39.34
N ILE K 745 4.93 27.38 39.31
CA ILE K 745 4.40 26.76 40.52
C ILE K 745 5.46 26.69 41.61
N ALA K 746 6.69 26.33 41.23
CA ALA K 746 7.76 26.22 42.22
C ALA K 746 8.07 27.58 42.86
N VAL K 747 8.21 28.62 42.05
CA VAL K 747 8.49 29.92 42.63
C VAL K 747 7.31 30.41 43.45
N GLU K 748 6.08 30.04 43.08
CA GLU K 748 4.93 30.37 43.90
C GLU K 748 5.01 29.71 45.26
N GLN K 749 5.44 28.45 45.31
CA GLN K 749 5.58 27.76 46.60
C GLN K 749 6.61 28.47 47.48
N ASP K 750 7.74 28.86 46.88
CA ASP K 750 8.76 29.58 47.64
C ASP K 750 8.20 30.90 48.19
N LYS K 751 7.46 31.63 47.35
CA LYS K 751 6.88 32.89 47.80
C LYS K 751 5.84 32.66 48.89
N ASN K 752 5.07 31.58 48.79
CA ASN K 752 4.07 31.28 49.82
C ASN K 752 4.74 31.10 51.17
N THR K 753 5.78 30.27 51.23
CA THR K 753 6.47 30.07 52.51
C THR K 753 7.08 31.37 53.01
N GLN K 754 7.72 32.13 52.11
CA GLN K 754 8.37 33.37 52.52
C GLN K 754 7.37 34.38 53.07
N GLU K 755 6.20 34.51 52.44
CA GLU K 755 5.23 35.49 52.88
C GLU K 755 4.51 35.05 54.15
N VAL K 756 4.34 33.74 54.35
CA VAL K 756 3.68 33.28 55.58
C VAL K 756 4.60 33.46 56.77
N PHE K 757 5.86 33.07 56.66
CA PHE K 757 6.72 33.00 57.84
C PHE K 757 7.60 34.22 58.04
N ALA K 758 8.27 34.70 56.98
CA ALA K 758 9.22 35.80 57.11
C ALA K 758 8.44 37.11 57.30
N GLN K 759 8.05 37.37 58.54
CA GLN K 759 7.32 38.58 58.89
C GLN K 759 7.98 39.35 60.03
N VAL K 760 9.20 39.00 60.41
CA VAL K 760 9.95 39.72 61.43
C VAL K 760 11.26 40.20 60.81
N LYS K 761 11.54 41.49 60.99
CA LYS K 761 12.81 42.04 60.49
C LYS K 761 13.99 41.49 61.28
N GLN K 762 13.84 41.34 62.58
CA GLN K 762 14.92 40.91 63.47
C GLN K 762 14.55 39.60 64.13
N ILE K 763 15.54 38.96 64.74
CA ILE K 763 15.38 37.69 65.41
C ILE K 763 15.44 37.95 66.91
N TYR K 764 14.28 37.90 67.56
CA TYR K 764 14.22 38.14 68.99
C TYR K 764 14.50 36.85 69.75
N LYS K 765 15.04 36.99 70.95
CA LYS K 765 15.38 35.86 71.80
C LYS K 765 14.80 36.06 73.19
N THR K 766 14.25 34.99 73.75
CA THR K 766 13.72 35.04 75.10
C THR K 766 14.86 35.15 76.11
N PRO K 767 14.62 35.78 77.26
CA PRO K 767 15.68 35.90 78.25
C PRO K 767 16.07 34.54 78.80
N PRO K 768 17.33 34.38 79.23
CA PRO K 768 17.75 33.07 79.76
C PRO K 768 16.96 32.65 80.99
N ILE K 769 16.56 33.58 81.84
CA ILE K 769 15.75 33.28 83.01
C ILE K 769 14.29 33.50 82.65
N LYS K 770 13.48 32.46 82.75
CA LYS K 770 12.10 32.47 82.28
C LYS K 770 11.16 32.44 83.48
N ASP K 771 10.83 33.63 83.99
CA ASP K 771 9.83 33.80 85.05
C ASP K 771 8.81 34.80 84.53
N PHE K 772 7.72 34.29 83.97
CA PHE K 772 6.68 35.11 83.35
C PHE K 772 5.45 35.21 84.23
N GLY K 773 5.65 35.29 85.55
CA GLY K 773 4.53 35.46 86.45
C GLY K 773 3.67 34.24 86.67
N GLY K 774 4.19 33.05 86.40
CA GLY K 774 3.44 31.82 86.54
C GLY K 774 3.05 31.17 85.24
N PHE K 775 3.17 31.86 84.11
CA PHE K 775 2.88 31.28 82.82
C PHE K 775 4.08 30.46 82.36
N ASN K 776 3.82 29.24 81.88
CA ASN K 776 4.86 28.29 81.52
C ASN K 776 4.80 28.04 80.02
N PHE K 777 5.77 28.58 79.29
CA PHE K 777 5.84 28.43 77.84
C PHE K 777 6.86 27.40 77.40
N SER K 778 7.27 26.50 78.30
CA SER K 778 8.32 25.54 77.96
C SER K 778 7.87 24.56 76.87
N GLN K 779 6.57 24.40 76.67
CA GLN K 779 6.09 23.46 75.67
C GLN K 779 6.28 23.98 74.26
N ILE K 780 6.06 25.28 74.04
CA ILE K 780 6.17 25.84 72.71
C ILE K 780 7.55 26.44 72.44
N LEU K 781 8.26 26.86 73.49
CA LEU K 781 9.58 27.44 73.30
C LEU K 781 10.57 26.36 72.86
N PRO K 782 11.59 26.74 72.10
CA PRO K 782 12.54 25.73 71.60
C PRO K 782 13.31 25.07 72.74
N ASP K 783 13.66 23.81 72.51
CA ASP K 783 14.45 23.05 73.48
C ASP K 783 15.90 23.02 73.03
N PRO K 784 16.82 23.64 73.77
CA PRO K 784 18.23 23.66 73.32
C PRO K 784 18.89 22.30 73.35
N SER K 785 18.36 21.33 74.09
CA SER K 785 19.00 20.03 74.21
C SER K 785 19.03 19.31 72.87
N LYS K 786 17.90 19.31 72.16
CA LYS K 786 17.83 18.60 70.89
C LYS K 786 18.61 19.36 69.81
N PRO K 787 19.25 18.64 68.90
CA PRO K 787 20.03 19.32 67.85
C PRO K 787 19.18 20.06 66.83
N SER K 788 17.89 19.74 66.72
CA SER K 788 17.03 20.36 65.72
C SER K 788 16.45 21.70 66.16
N LYS K 789 16.63 22.08 67.42
CA LYS K 789 16.10 23.34 67.95
C LYS K 789 14.60 23.45 67.75
N ARG K 790 13.89 22.35 67.97
CA ARG K 790 12.44 22.31 67.86
C ARG K 790 11.82 22.09 69.24
N SER K 791 10.62 22.62 69.42
CA SER K 791 9.91 22.47 70.67
C SER K 791 9.29 21.08 70.76
N PHE K 792 8.55 20.83 71.85
CA PHE K 792 7.87 19.56 72.00
C PHE K 792 6.78 19.39 70.94
N ILE K 793 5.94 20.41 70.77
CA ILE K 793 4.81 20.30 69.85
C ILE K 793 5.29 20.24 68.41
N GLU K 794 6.34 21.00 68.08
CA GLU K 794 6.88 20.94 66.73
C GLU K 794 7.43 19.55 66.44
N ASP K 795 8.11 18.93 67.41
CA ASP K 795 8.62 17.58 67.22
C ASP K 795 7.49 16.58 67.05
N LEU K 796 6.42 16.72 67.84
CA LEU K 796 5.26 15.83 67.66
C LEU K 796 4.67 15.99 66.28
N LEU K 797 4.53 17.23 65.79
CA LEU K 797 3.99 17.45 64.47
C LEU K 797 4.87 16.86 63.39
N PHE K 798 6.20 16.99 63.55
CA PHE K 798 7.11 16.44 62.54
C PHE K 798 7.09 14.92 62.55
N ASN K 799 6.97 14.31 63.73
CA ASN K 799 6.94 12.86 63.80
C ASN K 799 5.62 12.30 63.26
N LYS K 800 4.52 13.02 63.47
CA LYS K 800 3.22 12.52 63.02
C LYS K 800 3.11 12.47 61.51
N VAL K 801 3.94 13.22 60.79
CA VAL K 801 3.89 13.22 59.34
C VAL K 801 5.03 12.39 58.76
N PHE K 830 14.51 8.50 36.60
CA PHE K 830 13.15 8.60 37.13
C PHE K 830 12.19 9.10 36.06
N ASN K 831 12.44 8.71 34.81
CA ASN K 831 11.60 9.10 33.68
C ASN K 831 11.59 10.61 33.45
N GLY K 832 12.64 11.30 33.91
CA GLY K 832 12.77 12.70 33.64
C GLY K 832 12.04 13.64 34.59
N LEU K 833 11.71 13.18 35.78
CA LEU K 833 11.04 14.02 36.78
C LEU K 833 11.97 14.19 37.98
N THR K 834 12.11 15.43 38.45
CA THR K 834 13.00 15.75 39.55
C THR K 834 12.25 16.59 40.57
N VAL K 835 12.72 16.53 41.82
CA VAL K 835 12.10 17.25 42.93
C VAL K 835 13.12 18.25 43.46
N LEU K 836 12.83 19.54 43.30
CA LEU K 836 13.71 20.58 43.76
C LEU K 836 13.58 20.75 45.28
N PRO K 837 14.62 21.22 45.95
CA PRO K 837 14.55 21.42 47.39
C PRO K 837 14.01 22.80 47.72
N PRO K 838 13.27 22.93 48.82
CA PRO K 838 12.75 24.24 49.21
C PRO K 838 13.88 25.20 49.59
N LEU K 839 13.67 26.48 49.30
CA LEU K 839 14.69 27.48 49.57
C LEU K 839 14.95 27.63 51.06
N LEU K 840 13.90 27.65 51.88
CA LEU K 840 14.03 27.80 53.32
C LEU K 840 14.03 26.43 53.97
N THR K 841 15.13 26.08 54.63
CA THR K 841 15.21 24.79 55.31
C THR K 841 14.33 24.80 56.56
N ASP K 842 14.12 23.61 57.11
CA ASP K 842 13.23 23.49 58.27
C ASP K 842 13.79 24.21 59.49
N GLU K 843 15.11 24.22 59.65
CA GLU K 843 15.69 24.95 60.76
C GLU K 843 15.44 26.46 60.64
N MET K 844 15.42 26.98 59.40
CA MET K 844 15.12 28.40 59.23
C MET K 844 13.66 28.71 59.56
N ILE K 845 12.75 27.82 59.19
CA ILE K 845 11.35 28.02 59.55
C ILE K 845 11.18 27.96 61.07
N ALA K 846 11.88 27.04 61.71
CA ALA K 846 11.84 26.97 63.17
C ALA K 846 12.42 28.24 63.79
N GLN K 847 13.45 28.80 63.18
CA GLN K 847 14.03 30.05 63.69
C GLN K 847 13.03 31.20 63.57
N TYR K 848 12.34 31.31 62.44
CA TYR K 848 11.27 32.30 62.32
C TYR K 848 10.19 32.11 63.37
N THR K 849 9.73 30.87 63.56
CA THR K 849 8.69 30.62 64.55
C THR K 849 9.14 30.98 65.96
N SER K 850 10.38 30.64 66.30
CA SER K 850 10.91 30.97 67.62
C SER K 850 11.04 32.48 67.79
N ALA K 851 11.46 33.19 66.74
CA ALA K 851 11.54 34.64 66.82
C ALA K 851 10.17 35.26 67.04
N LEU K 852 9.15 34.75 66.34
CA LEU K 852 7.79 35.26 66.53
C LEU K 852 7.31 34.99 67.96
N LEU K 853 7.55 33.79 68.47
CA LEU K 853 7.13 33.47 69.84
C LEU K 853 7.83 34.36 70.85
N ALA K 854 9.14 34.55 70.70
CA ALA K 854 9.88 35.38 71.65
C ALA K 854 9.42 36.83 71.59
N GLY K 855 9.17 37.35 70.39
CA GLY K 855 8.65 38.70 70.28
C GLY K 855 7.28 38.85 70.90
N THR K 856 6.40 37.86 70.71
CA THR K 856 5.07 37.92 71.31
C THR K 856 5.15 37.88 72.82
N ILE K 857 6.01 37.02 73.37
CA ILE K 857 6.10 36.88 74.82
C ILE K 857 6.71 38.12 75.45
N THR K 858 7.76 38.67 74.84
CA THR K 858 8.51 39.76 75.45
C THR K 858 7.92 41.13 75.14
N SER K 859 7.49 41.36 73.89
CA SER K 859 7.07 42.69 73.45
C SER K 859 5.57 42.88 73.40
N GLY K 860 4.80 41.84 73.09
CA GLY K 860 3.37 41.99 72.89
C GLY K 860 3.05 42.18 71.42
N TRP K 861 2.15 43.10 71.10
CA TRP K 861 1.89 43.46 69.72
C TRP K 861 2.72 44.62 69.24
N THR K 862 3.59 45.17 70.10
CA THR K 862 4.36 46.36 69.74
C THR K 862 5.42 46.05 68.70
N PHE K 863 5.99 44.85 68.72
CA PHE K 863 7.07 44.52 67.81
C PHE K 863 6.59 44.36 66.37
N GLY K 864 5.30 44.21 66.15
CA GLY K 864 4.75 44.10 64.82
C GLY K 864 4.32 45.41 64.19
N ALA K 865 4.53 46.54 64.87
CA ALA K 865 4.10 47.83 64.37
C ALA K 865 5.15 48.90 64.62
N GLY K 866 6.42 48.53 64.64
CA GLY K 866 7.48 49.47 64.88
C GLY K 866 8.55 48.94 65.81
N ALA K 867 9.11 49.82 66.65
CA ALA K 867 10.15 49.40 67.58
C ALA K 867 9.56 48.49 68.65
N ALA K 868 10.32 47.45 69.00
CA ALA K 868 9.86 46.49 69.99
C ALA K 868 10.05 47.05 71.40
N LEU K 869 8.96 47.10 72.16
CA LEU K 869 8.96 47.64 73.51
C LEU K 869 8.65 46.52 74.48
N GLN K 870 9.51 46.36 75.50
CA GLN K 870 9.32 45.31 76.48
C GLN K 870 8.16 45.63 77.41
N ILE K 871 7.60 44.58 77.99
CA ILE K 871 6.48 44.70 78.93
C ILE K 871 6.33 43.39 79.69
N PRO K 872 6.10 43.41 80.99
CA PRO K 872 5.88 42.16 81.73
C PRO K 872 4.68 41.40 81.20
N PHE K 873 4.79 40.07 81.17
CA PHE K 873 3.73 39.28 80.57
C PHE K 873 2.41 39.39 81.34
N ALA K 874 2.49 39.56 82.66
CA ALA K 874 1.27 39.79 83.42
C ALA K 874 0.57 41.06 82.96
N MET K 875 1.33 42.13 82.74
CA MET K 875 0.73 43.39 82.30
C MET K 875 0.23 43.30 80.87
N GLN K 876 0.95 42.58 80.00
CA GLN K 876 0.48 42.39 78.64
C GLN K 876 -0.83 41.61 78.62
N MET K 877 -0.93 40.57 79.43
CA MET K 877 -2.18 39.84 79.53
C MET K 877 -3.28 40.69 80.14
N ALA K 878 -2.93 41.63 81.03
CA ALA K 878 -3.92 42.57 81.52
C ALA K 878 -4.44 43.46 80.41
N TYR K 879 -3.55 43.93 79.54
CA TYR K 879 -3.97 44.70 78.37
C TYR K 879 -4.90 43.88 77.48
N ARG K 880 -4.55 42.62 77.26
CA ARG K 880 -5.36 41.77 76.38
C ARG K 880 -6.71 41.44 77.00
N PHE K 881 -6.78 41.31 78.33
CA PHE K 881 -8.07 41.20 79.00
C PHE K 881 -8.88 42.47 78.85
N ASN K 882 -8.23 43.62 79.01
CA ASN K 882 -8.91 44.90 78.87
C ASN K 882 -9.41 45.11 77.44
N GLY K 883 -8.80 44.43 76.46
CA GLY K 883 -9.23 44.55 75.09
C GLY K 883 -10.53 43.87 74.77
N ILE K 884 -10.95 42.89 75.58
CA ILE K 884 -12.19 42.17 75.33
C ILE K 884 -13.29 42.57 76.31
N GLY K 885 -13.14 43.71 76.97
CA GLY K 885 -14.19 44.24 77.82
C GLY K 885 -14.17 43.78 79.25
N VAL K 886 -13.05 43.25 79.74
CA VAL K 886 -12.92 42.81 81.13
C VAL K 886 -11.81 43.63 81.77
N THR K 887 -12.08 44.19 82.94
CA THR K 887 -11.14 45.10 83.57
C THR K 887 -9.87 44.37 84.00
N GLN K 888 -8.85 45.16 84.34
CA GLN K 888 -7.55 44.59 84.69
C GLN K 888 -7.58 43.87 86.03
N ASN K 889 -8.39 44.35 86.97
CA ASN K 889 -8.43 43.73 88.28
C ASN K 889 -8.87 42.27 88.21
N VAL K 890 -9.61 41.90 87.17
CA VAL K 890 -10.02 40.52 87.00
C VAL K 890 -8.79 39.63 86.80
N LEU K 891 -7.84 40.06 85.97
CA LEU K 891 -6.59 39.32 85.84
C LEU K 891 -5.77 39.41 87.12
N TYR K 892 -5.59 40.62 87.65
CA TYR K 892 -4.63 40.80 88.73
C TYR K 892 -5.07 40.08 90.00
N GLU K 893 -6.37 39.88 90.19
CA GLU K 893 -6.87 39.17 91.35
C GLU K 893 -7.08 37.68 91.10
N ASN K 894 -6.81 37.20 89.88
CA ASN K 894 -6.93 35.79 89.56
C ASN K 894 -5.74 35.31 88.73
N GLN K 895 -4.55 35.88 89.00
CA GLN K 895 -3.39 35.57 88.18
C GLN K 895 -3.00 34.10 88.28
N LYS K 896 -3.03 33.54 89.49
CA LYS K 896 -2.59 32.16 89.67
C LYS K 896 -3.56 31.18 89.00
N LEU K 897 -4.86 31.42 89.16
CA LEU K 897 -5.85 30.54 88.54
C LEU K 897 -5.74 30.58 87.01
N ILE K 898 -5.56 31.77 86.45
CA ILE K 898 -5.45 31.89 85.00
C ILE K 898 -4.17 31.24 84.51
N ALA K 899 -3.07 31.39 85.24
CA ALA K 899 -1.83 30.74 84.85
C ALA K 899 -1.97 29.22 84.86
N ASN K 900 -2.62 28.69 85.91
CA ASN K 900 -2.84 27.24 85.97
C ASN K 900 -3.72 26.77 84.83
N GLN K 901 -4.77 27.54 84.50
CA GLN K 901 -5.62 27.17 83.38
C GLN K 901 -4.85 27.15 82.07
N PHE K 902 -3.98 28.14 81.85
CA PHE K 902 -3.17 28.18 80.64
C PHE K 902 -2.25 26.97 80.55
N ASN K 903 -1.59 26.64 81.66
CA ASN K 903 -0.67 25.50 81.67
C ASN K 903 -1.42 24.20 81.39
N SER K 904 -2.58 24.01 82.04
CA SER K 904 -3.37 22.81 81.81
C SER K 904 -3.83 22.72 80.36
N ALA K 905 -4.22 23.86 79.78
CA ALA K 905 -4.66 23.85 78.38
C ALA K 905 -3.52 23.45 77.46
N ILE K 906 -2.31 23.96 77.70
CA ILE K 906 -1.19 23.59 76.85
C ILE K 906 -0.86 22.10 76.98
N GLY K 907 -0.90 21.58 78.21
CA GLY K 907 -0.69 20.15 78.39
C GLY K 907 -1.73 19.31 77.67
N LYS K 908 -2.99 19.75 77.71
CA LYS K 908 -4.04 19.04 76.99
C LYS K 908 -3.82 19.12 75.48
N ILE K 909 -3.29 20.24 74.98
CA ILE K 909 -2.96 20.31 73.56
C ILE K 909 -1.91 19.27 73.21
N GLN K 910 -0.88 19.15 74.03
CA GLN K 910 0.13 18.11 73.79
C GLN K 910 -0.51 16.73 73.75
N ASP K 911 -1.34 16.42 74.74
CA ASP K 911 -1.94 15.09 74.82
C ASP K 911 -2.86 14.83 73.63
N SER K 912 -3.66 15.82 73.24
CA SER K 912 -4.58 15.64 72.12
C SER K 912 -3.84 15.43 70.82
N LEU K 913 -2.76 16.19 70.59
CA LEU K 913 -2.00 16.00 69.37
C LEU K 913 -1.29 14.64 69.38
N SER K 914 -0.78 14.22 70.54
CA SER K 914 -0.05 12.95 70.61
C SER K 914 -0.99 11.76 70.39
N SER K 915 -2.16 11.78 71.00
CA SER K 915 -3.06 10.63 70.91
C SER K 915 -3.70 10.54 69.53
N THR K 916 -4.45 11.56 69.13
CA THR K 916 -5.14 11.53 67.85
C THR K 916 -4.14 11.75 66.72
N ALA K 917 -3.98 10.75 65.86
CA ALA K 917 -3.06 10.82 64.75
C ALA K 917 -3.70 11.35 63.46
N SER K 918 -5.00 11.59 63.46
CA SER K 918 -5.71 12.08 62.29
C SER K 918 -5.96 13.59 62.34
N ALA K 919 -5.36 14.29 63.31
CA ALA K 919 -5.55 15.73 63.40
C ALA K 919 -4.93 16.45 62.21
N LEU K 920 -3.78 15.99 61.74
CA LEU K 920 -3.07 16.62 60.63
C LEU K 920 -3.63 16.13 59.29
N GLY K 921 -4.95 16.32 59.13
CA GLY K 921 -5.60 15.83 57.93
C GLY K 921 -5.21 16.56 56.67
N LYS K 922 -5.07 17.88 56.75
CA LYS K 922 -4.90 18.68 55.54
C LYS K 922 -3.52 18.47 54.92
N LEU K 923 -2.47 18.49 55.73
CA LEU K 923 -1.12 18.28 55.22
C LEU K 923 -0.98 16.89 54.61
N GLN K 924 -1.52 15.87 55.29
CA GLN K 924 -1.50 14.52 54.74
C GLN K 924 -2.27 14.45 53.44
N ASN K 925 -3.41 15.14 53.35
CA ASN K 925 -4.19 15.14 52.12
C ASN K 925 -3.39 15.74 50.97
N VAL K 926 -2.69 16.85 51.22
CA VAL K 926 -1.89 17.47 50.17
C VAL K 926 -0.80 16.53 49.70
N VAL K 927 -0.07 15.93 50.66
CA VAL K 927 1.02 15.04 50.29
C VAL K 927 0.50 13.84 49.49
N ASN K 928 -0.60 13.25 49.97
CA ASN K 928 -1.18 12.10 49.27
C ASN K 928 -1.63 12.46 47.87
N GLN K 929 -2.28 13.61 47.70
CA GLN K 929 -2.76 14.00 46.38
C GLN K 929 -1.60 14.17 45.41
N ASN K 930 -0.52 14.83 45.85
CA ASN K 930 0.64 14.96 44.97
C ASN K 930 1.23 13.60 44.63
N ALA K 931 1.33 12.71 45.61
CA ALA K 931 1.91 11.40 45.37
C ALA K 931 1.10 10.60 44.37
N GLN K 932 -0.23 10.58 44.52
CA GLN K 932 -1.06 9.83 43.57
C GLN K 932 -1.06 10.47 42.20
N ALA K 933 -0.96 11.80 42.11
CA ALA K 933 -0.85 12.42 40.79
C ALA K 933 0.42 11.95 40.08
N LEU K 934 1.55 11.96 40.79
CA LEU K 934 2.80 11.50 40.18
C LEU K 934 2.71 10.03 39.81
N ASN K 935 2.12 9.21 40.67
CA ASN K 935 2.01 7.79 40.38
C ASN K 935 1.14 7.53 39.16
N THR K 936 0.03 8.26 39.04
CA THR K 936 -0.81 8.11 37.86
C THR K 936 -0.06 8.52 36.60
N LEU K 937 0.73 9.59 36.68
CA LEU K 937 1.54 10.00 35.53
C LEU K 937 2.51 8.89 35.11
N VAL K 938 3.27 8.36 36.07
CA VAL K 938 4.27 7.35 35.71
C VAL K 938 3.63 6.06 35.26
N LYS K 939 2.42 5.75 35.74
CA LYS K 939 1.71 4.57 35.26
C LYS K 939 1.19 4.78 33.84
N GLN K 940 0.60 5.95 33.56
CA GLN K 940 0.13 6.25 32.22
C GLN K 940 1.27 6.32 31.22
N LEU K 941 2.51 6.49 31.70
CA LEU K 941 3.65 6.43 30.79
C LEU K 941 3.66 5.14 29.97
N SER K 942 3.30 4.02 30.60
CA SER K 942 3.33 2.71 29.94
C SER K 942 1.90 2.32 29.57
N SER K 943 1.51 2.66 28.34
CA SER K 943 0.19 2.31 27.82
C SER K 943 0.27 2.25 26.30
N ASN K 944 -0.73 1.61 25.70
CA ASN K 944 -0.73 1.42 24.26
C ASN K 944 -1.21 2.67 23.52
N PHE K 945 -2.36 3.20 23.92
CA PHE K 945 -3.02 4.31 23.23
C PHE K 945 -3.30 3.99 21.77
N GLY K 946 -3.42 2.71 21.42
CA GLY K 946 -3.62 2.28 20.06
C GLY K 946 -2.38 1.72 19.39
N ALA K 947 -1.19 1.97 19.94
CA ALA K 947 0.03 1.42 19.39
C ALA K 947 0.14 -0.07 19.72
N ILE K 948 1.03 -0.74 19.00
CA ILE K 948 1.20 -2.18 19.18
C ILE K 948 1.74 -2.49 20.57
N SER K 949 2.74 -1.73 21.03
CA SER K 949 3.37 -1.98 22.31
C SER K 949 3.54 -0.66 23.06
N SER K 950 3.58 -0.76 24.38
CA SER K 950 3.79 0.42 25.22
C SER K 950 5.19 0.99 25.03
N VAL K 951 6.21 0.14 25.10
CA VAL K 951 7.57 0.59 24.90
C VAL K 951 7.82 0.83 23.42
N LEU K 952 8.50 1.94 23.11
CA LEU K 952 8.72 2.32 21.72
C LEU K 952 9.99 1.72 21.13
N ASN K 953 10.83 1.08 21.94
CA ASN K 953 12.01 0.41 21.40
C ASN K 953 11.62 -0.73 20.46
N ASP K 954 10.65 -1.53 20.87
CA ASP K 954 10.17 -2.61 20.00
C ASP K 954 9.49 -2.04 18.76
N ILE K 955 8.80 -0.91 18.91
CA ILE K 955 8.15 -0.27 17.76
C ILE K 955 9.20 0.18 16.74
N LEU K 956 10.27 0.81 17.22
CA LEU K 956 11.29 1.31 16.31
C LEU K 956 12.20 0.22 15.77
N SER K 957 12.30 -0.92 16.46
CA SER K 957 13.22 -1.96 16.00
C SER K 957 12.60 -2.82 14.90
N ARG K 958 11.55 -3.57 15.23
CA ARG K 958 10.97 -4.54 14.30
C ARG K 958 9.79 -3.97 13.52
N LEU K 959 9.98 -2.81 12.89
CA LEU K 959 8.96 -2.22 12.02
C LEU K 959 9.63 -1.34 10.97
N ASP K 960 8.88 -1.09 9.90
CA ASP K 960 9.34 -0.21 8.83
C ASP K 960 9.19 1.25 9.25
N PRO K 961 9.96 2.15 8.63
CA PRO K 961 9.96 3.56 9.04
C PRO K 961 8.57 4.20 9.03
N PRO K 962 7.71 3.93 8.01
CA PRO K 962 6.40 4.61 8.03
C PRO K 962 5.49 4.17 9.17
N GLU K 963 5.30 2.86 9.34
CA GLU K 963 4.45 2.39 10.42
C GLU K 963 5.06 2.69 11.78
N ALA K 964 6.39 2.59 11.90
CA ALA K 964 7.04 2.97 13.14
C ALA K 964 6.78 4.44 13.44
N GLU K 965 6.86 5.29 12.42
CA GLU K 965 6.61 6.72 12.61
C GLU K 965 5.18 6.98 13.07
N VAL K 966 4.20 6.31 12.46
CA VAL K 966 2.81 6.58 12.85
C VAL K 966 2.53 6.06 14.25
N GLN K 967 3.11 4.90 14.62
CA GLN K 967 2.90 4.39 15.97
C GLN K 967 3.58 5.29 17.01
N ILE K 968 4.77 5.80 16.69
CA ILE K 968 5.45 6.72 17.59
C ILE K 968 4.65 8.01 17.72
N ASP K 969 4.02 8.45 16.64
CA ASP K 969 3.15 9.63 16.73
C ASP K 969 1.96 9.37 17.64
N ARG K 970 1.36 8.18 17.55
CA ARG K 970 0.25 7.85 18.44
C ARG K 970 0.71 7.88 19.90
N LEU K 971 1.87 7.27 20.18
CA LEU K 971 2.40 7.29 21.54
C LEU K 971 2.69 8.71 22.00
N ILE K 972 3.21 9.54 21.11
CA ILE K 972 3.52 10.93 21.44
C ILE K 972 2.24 11.67 21.80
N THR K 973 1.18 11.48 21.03
CA THR K 973 -0.09 12.14 21.34
C THR K 973 -0.60 11.70 22.70
N GLY K 974 -0.56 10.40 22.98
CA GLY K 974 -1.05 9.91 24.26
C GLY K 974 -0.26 10.49 25.43
N ARG K 975 1.06 10.46 25.34
CA ARG K 975 1.89 10.95 26.44
C ARG K 975 1.78 12.46 26.60
N LEU K 976 1.64 13.20 25.49
CA LEU K 976 1.44 14.64 25.58
C LEU K 976 0.12 14.96 26.26
N GLN K 977 -0.94 14.22 25.93
CA GLN K 977 -2.21 14.43 26.62
C GLN K 977 -2.10 14.16 28.10
N SER K 978 -1.40 13.07 28.48
CA SER K 978 -1.22 12.77 29.89
C SER K 978 -0.46 13.88 30.61
N LEU K 979 0.61 14.38 29.99
CA LEU K 979 1.40 15.43 30.60
C LEU K 979 0.60 16.71 30.77
N GLN K 980 -0.19 17.08 29.76
CA GLN K 980 -0.96 18.32 29.87
C GLN K 980 -2.05 18.19 30.93
N THR K 981 -2.67 17.01 31.04
CA THR K 981 -3.66 16.81 32.11
C THR K 981 -3.00 16.95 33.48
N TYR K 982 -1.83 16.35 33.66
CA TYR K 982 -1.13 16.48 34.93
C TYR K 982 -0.80 17.93 35.24
N VAL K 983 -0.33 18.67 34.25
CA VAL K 983 0.05 20.07 34.46
C VAL K 983 -1.18 20.90 34.85
N THR K 984 -2.30 20.69 34.17
CA THR K 984 -3.50 21.45 34.50
C THR K 984 -3.98 21.16 35.92
N GLN K 985 -4.00 19.87 36.31
CA GLN K 985 -4.40 19.55 37.67
C GLN K 985 -3.46 20.16 38.69
N GLN K 986 -2.16 20.15 38.40
CA GLN K 986 -1.19 20.77 39.31
C GLN K 986 -1.42 22.26 39.42
N LEU K 987 -1.78 22.92 38.31
CA LEU K 987 -2.04 24.36 38.38
C LEU K 987 -3.24 24.67 39.26
N ILE K 988 -4.32 23.89 39.12
CA ILE K 988 -5.49 24.13 39.97
C ILE K 988 -5.17 23.88 41.44
N ARG K 989 -4.43 22.80 41.71
CA ARG K 989 -4.04 22.50 43.09
C ARG K 989 -3.15 23.61 43.65
N ALA K 990 -2.26 24.15 42.84
CA ALA K 990 -1.39 25.23 43.30
C ALA K 990 -2.20 26.49 43.59
N ALA K 991 -3.24 26.77 42.80
CA ALA K 991 -4.11 27.90 43.11
C ALA K 991 -4.78 27.72 44.46
N GLU K 992 -5.30 26.52 44.73
CA GLU K 992 -5.94 26.26 46.02
C GLU K 992 -4.93 26.42 47.17
N ILE K 993 -3.72 25.89 46.99
CA ILE K 993 -2.71 26.00 48.03
C ILE K 993 -2.30 27.45 48.25
N ARG K 994 -2.26 28.25 47.18
CA ARG K 994 -1.93 29.66 47.34
C ARG K 994 -3.01 30.39 48.11
N ALA K 995 -4.28 30.06 47.87
CA ALA K 995 -5.35 30.65 48.68
C ALA K 995 -5.19 30.29 50.15
N SER K 996 -4.86 29.02 50.43
CA SER K 996 -4.65 28.61 51.82
C SER K 996 -3.46 29.34 52.44
N ALA K 997 -2.39 29.54 51.67
CA ALA K 997 -1.22 30.25 52.18
C ALA K 997 -1.53 31.71 52.45
N ASN K 998 -2.34 32.34 51.60
CA ASN K 998 -2.76 33.72 51.87
C ASN K 998 -3.57 33.80 53.15
N LEU K 999 -4.47 32.83 53.37
CA LEU K 999 -5.21 32.80 54.63
C LEU K 999 -4.28 32.64 55.81
N ALA K 1000 -3.29 31.77 55.70
CA ALA K 1000 -2.34 31.56 56.79
C ALA K 1000 -1.55 32.82 57.08
N ALA K 1001 -1.12 33.53 56.03
CA ALA K 1001 -0.39 34.78 56.22
C ALA K 1001 -1.25 35.82 56.91
N THR K 1002 -2.53 35.92 56.52
CA THR K 1002 -3.43 36.87 57.18
C THR K 1002 -3.61 36.52 58.65
N LYS K 1003 -3.79 35.23 58.95
CA LYS K 1003 -3.98 34.83 60.35
C LYS K 1003 -2.74 35.08 61.17
N MET K 1004 -1.56 34.88 60.59
CA MET K 1004 -0.32 35.22 61.30
C MET K 1004 -0.22 36.71 61.54
N SER K 1005 -0.61 37.53 60.57
CA SER K 1005 -0.51 38.97 60.74
C SER K 1005 -1.48 39.48 61.80
N GLU K 1006 -2.68 38.93 61.85
CA GLU K 1006 -3.74 39.48 62.71
C GLU K 1006 -3.86 38.78 64.06
N CYS K 1007 -3.75 37.45 64.10
CA CYS K 1007 -3.85 36.76 65.39
C CYS K 1007 -2.56 36.86 66.19
N VAL K 1008 -1.42 36.60 65.56
CA VAL K 1008 -0.16 36.49 66.29
C VAL K 1008 0.40 37.87 66.62
N LEU K 1009 0.47 38.76 65.63
CA LEU K 1009 1.09 40.06 65.84
C LEU K 1009 0.12 41.08 66.43
N GLY K 1010 -1.12 40.72 66.68
CA GLY K 1010 -2.10 41.64 67.23
C GLY K 1010 -3.11 40.92 68.08
N GLN K 1011 -4.35 41.38 68.03
CA GLN K 1011 -5.44 40.76 68.78
C GLN K 1011 -6.73 41.08 68.04
N SER K 1012 -7.24 40.10 67.29
CA SER K 1012 -8.35 40.36 66.37
C SER K 1012 -9.68 40.41 67.10
N LYS K 1013 -10.52 41.36 66.68
CA LYS K 1013 -11.90 41.45 67.13
C LYS K 1013 -12.87 40.72 66.20
N ARG K 1014 -12.37 40.13 65.12
CA ARG K 1014 -13.22 39.39 64.20
C ARG K 1014 -13.68 38.09 64.83
N VAL K 1015 -14.98 37.83 64.78
CA VAL K 1015 -15.56 36.67 65.47
C VAL K 1015 -15.17 35.39 64.75
N ASP K 1016 -14.73 34.40 65.51
CA ASP K 1016 -14.41 33.06 65.03
C ASP K 1016 -13.29 33.05 64.01
N PHE K 1017 -12.53 34.14 63.90
CA PHE K 1017 -11.35 34.14 63.05
C PHE K 1017 -10.17 33.52 63.79
N CYS K 1018 -9.78 34.11 64.91
CA CYS K 1018 -8.64 33.64 65.68
C CYS K 1018 -9.17 32.78 66.83
N GLY K 1019 -9.73 31.63 66.47
CA GLY K 1019 -10.25 30.70 67.45
C GLY K 1019 -11.69 30.96 67.84
N LYS K 1020 -12.22 30.05 68.66
CA LYS K 1020 -13.61 30.09 69.09
C LYS K 1020 -13.69 30.68 70.49
N GLY K 1021 -14.31 31.85 70.60
CA GLY K 1021 -14.39 32.56 71.86
C GLY K 1021 -13.92 34.00 71.72
N TYR K 1022 -13.46 34.60 72.81
CA TYR K 1022 -12.87 35.94 72.78
C TYR K 1022 -11.37 35.79 72.69
N HIS K 1023 -10.78 36.30 71.61
CA HIS K 1023 -9.36 36.10 71.36
C HIS K 1023 -8.51 36.83 72.40
N LEU K 1024 -7.46 36.15 72.86
CA LEU K 1024 -6.45 36.76 73.70
C LEU K 1024 -5.11 36.86 72.99
N MET K 1025 -4.61 35.75 72.46
CA MET K 1025 -3.30 35.71 71.82
C MET K 1025 -3.08 34.33 71.19
N SER K 1026 -2.24 34.29 70.15
CA SER K 1026 -1.98 33.08 69.41
C SER K 1026 -0.48 32.81 69.35
N PHE K 1027 -0.13 31.55 69.13
CA PHE K 1027 1.26 31.11 69.08
C PHE K 1027 1.49 30.33 67.80
N PRO K 1028 2.34 30.81 66.89
CA PRO K 1028 2.64 30.02 65.70
C PRO K 1028 3.46 28.78 66.04
N GLN K 1029 3.25 27.73 65.25
CA GLN K 1029 4.05 26.53 65.35
C GLN K 1029 4.30 26.01 63.94
N SER K 1030 5.52 25.57 63.68
CA SER K 1030 5.85 25.07 62.36
C SER K 1030 5.35 23.64 62.19
N ALA K 1031 5.29 23.19 60.95
CA ALA K 1031 4.85 21.85 60.60
C ALA K 1031 5.36 21.53 59.20
N PRO K 1032 5.38 20.26 58.81
CA PRO K 1032 5.82 19.93 57.46
C PRO K 1032 4.87 20.47 56.40
N HIS K 1033 5.34 21.45 55.63
CA HIS K 1033 4.54 22.07 54.56
C HIS K 1033 3.26 22.68 55.11
N GLY K 1034 3.38 23.42 56.20
CA GLY K 1034 2.22 24.05 56.80
C GLY K 1034 2.58 24.78 58.07
N VAL K 1035 1.56 25.34 58.70
CA VAL K 1035 1.71 26.06 59.95
C VAL K 1035 0.58 25.65 60.89
N VAL K 1036 0.84 25.81 62.20
CA VAL K 1036 -0.12 25.46 63.23
C VAL K 1036 -0.19 26.63 64.22
N PHE K 1037 -1.40 27.07 64.52
CA PHE K 1037 -1.64 28.13 65.50
C PHE K 1037 -2.32 27.54 66.73
N LEU K 1038 -1.98 28.06 67.90
CA LEU K 1038 -2.64 27.70 69.15
C LEU K 1038 -3.37 28.93 69.67
N HIS K 1039 -4.65 29.03 69.39
CA HIS K 1039 -5.42 30.22 69.74
C HIS K 1039 -5.83 30.16 71.20
N VAL K 1040 -5.33 31.09 72.01
CA VAL K 1040 -5.72 31.20 73.40
C VAL K 1040 -6.94 32.10 73.49
N THR K 1041 -8.05 31.56 73.96
CA THR K 1041 -9.33 32.27 73.95
C THR K 1041 -9.94 32.27 75.34
N TYR K 1042 -10.71 33.32 75.61
CA TYR K 1042 -11.40 33.50 76.88
C TYR K 1042 -12.88 33.18 76.65
N VAL K 1043 -13.39 32.17 77.34
CA VAL K 1043 -14.77 31.74 77.21
C VAL K 1043 -15.44 31.89 78.57
N PRO K 1044 -16.59 32.56 78.66
CA PRO K 1044 -17.25 32.70 79.97
C PRO K 1044 -17.85 31.39 80.44
N ALA K 1045 -18.10 31.33 81.74
CA ALA K 1045 -18.66 30.13 82.34
C ALA K 1045 -19.37 30.49 83.64
N GLN K 1046 -20.25 29.59 84.08
CA GLN K 1046 -20.96 29.71 85.36
C GLN K 1046 -21.79 30.99 85.42
N GLU K 1047 -22.78 31.07 84.54
CA GLU K 1047 -23.67 32.22 84.50
C GLU K 1047 -24.66 32.17 85.66
N LYS K 1048 -25.39 33.27 85.83
CA LYS K 1048 -26.38 33.38 86.90
C LYS K 1048 -27.48 34.36 86.48
N ASN K 1049 -28.72 33.97 86.71
CA ASN K 1049 -29.86 34.82 86.34
C ASN K 1049 -29.86 36.11 87.16
N PHE K 1050 -30.37 37.17 86.54
CA PHE K 1050 -30.49 38.46 87.22
C PHE K 1050 -31.66 39.21 86.62
N THR K 1051 -32.13 40.21 87.37
CA THR K 1051 -33.17 41.12 86.91
C THR K 1051 -32.52 42.46 86.57
N THR K 1052 -32.85 42.99 85.40
CA THR K 1052 -32.18 44.17 84.87
C THR K 1052 -33.17 45.24 84.49
N ALA K 1053 -32.71 46.48 84.49
CA ALA K 1053 -33.52 47.64 84.12
C ALA K 1053 -32.72 48.53 83.19
N PRO K 1054 -33.40 49.23 82.27
CA PRO K 1054 -32.69 50.13 81.35
C PRO K 1054 -32.02 51.28 82.05
N ALA K 1055 -32.74 51.95 82.96
CA ALA K 1055 -32.23 53.12 83.64
C ALA K 1055 -32.71 53.13 85.08
N ILE K 1056 -32.29 54.15 85.83
CA ILE K 1056 -32.65 54.32 87.23
C ILE K 1056 -33.15 55.74 87.42
N CYS K 1057 -34.32 55.89 88.03
CA CYS K 1057 -34.93 57.18 88.28
C CYS K 1057 -34.65 57.59 89.72
N HIS K 1058 -33.86 58.66 89.90
CA HIS K 1058 -33.43 59.09 91.22
C HIS K 1058 -34.24 60.29 91.72
N ASP K 1059 -34.21 61.39 90.99
CA ASP K 1059 -34.86 62.64 91.39
C ASP K 1059 -35.63 63.23 90.23
N GLY K 1060 -36.40 62.40 89.53
CA GLY K 1060 -37.10 62.83 88.35
C GLY K 1060 -36.26 62.85 87.08
N LYS K 1061 -35.02 62.38 87.16
CA LYS K 1061 -34.15 62.31 85.99
C LYS K 1061 -33.60 60.89 85.87
N ALA K 1062 -33.41 60.45 84.63
CA ALA K 1062 -32.97 59.09 84.36
C ALA K 1062 -31.46 58.97 84.49
N HIS K 1063 -31.01 57.82 84.98
CA HIS K 1063 -29.59 57.51 85.13
C HIS K 1063 -29.27 56.27 84.31
N PHE K 1064 -28.33 56.40 83.38
CA PHE K 1064 -27.89 55.29 82.56
C PHE K 1064 -26.47 54.87 82.94
N PRO K 1065 -26.15 53.58 82.83
CA PRO K 1065 -24.79 53.14 83.20
C PRO K 1065 -23.76 53.69 82.21
N ARG K 1066 -22.67 54.21 82.75
CA ARG K 1066 -21.58 54.68 81.90
C ARG K 1066 -20.99 53.54 81.09
N GLU K 1067 -20.42 52.56 81.79
CA GLU K 1067 -19.96 51.31 81.17
C GLU K 1067 -20.37 50.18 82.11
N GLY K 1068 -21.45 49.49 81.77
CA GLY K 1068 -21.95 48.42 82.60
C GLY K 1068 -23.42 48.18 82.34
N VAL K 1069 -24.05 47.51 83.30
CA VAL K 1069 -25.45 47.12 83.19
C VAL K 1069 -26.03 47.00 84.59
N PHE K 1070 -27.27 47.46 84.76
CA PHE K 1070 -27.94 47.35 86.04
C PHE K 1070 -28.40 45.91 86.26
N VAL K 1071 -28.09 45.36 87.44
CA VAL K 1071 -28.55 44.04 87.82
C VAL K 1071 -29.10 44.11 89.24
N SER K 1072 -29.88 43.09 89.60
CA SER K 1072 -30.55 43.05 90.88
C SER K 1072 -30.30 41.72 91.58
N ASN K 1073 -29.84 41.80 92.83
CA ASN K 1073 -29.80 40.62 93.69
C ASN K 1073 -31.17 39.96 93.80
N GLY K 1074 -32.22 40.77 93.75
CA GLY K 1074 -33.57 40.36 94.05
C GLY K 1074 -34.26 41.45 94.84
N THR K 1075 -33.48 42.22 95.59
CA THR K 1075 -33.97 43.36 96.36
C THR K 1075 -33.20 44.65 96.09
N HIS K 1076 -31.89 44.56 95.88
CA HIS K 1076 -31.03 45.73 95.68
C HIS K 1076 -30.71 45.90 94.20
N TRP K 1077 -29.92 46.92 93.90
CA TRP K 1077 -29.49 47.19 92.53
C TRP K 1077 -28.02 47.58 92.52
N PHE K 1078 -27.29 47.11 91.52
CA PHE K 1078 -25.87 47.38 91.39
C PHE K 1078 -25.55 47.66 89.93
N VAL K 1079 -24.30 48.03 89.68
CA VAL K 1079 -23.75 48.20 88.34
C VAL K 1079 -22.59 47.23 88.17
N THR K 1080 -22.62 46.43 87.11
CA THR K 1080 -21.60 45.43 86.90
C THR K 1080 -21.19 45.42 85.44
N GLN K 1081 -20.00 44.88 85.18
CA GLN K 1081 -19.54 44.72 83.81
C GLN K 1081 -20.41 43.72 83.07
N ARG K 1082 -20.48 43.88 81.75
CA ARG K 1082 -21.32 43.02 80.95
C ARG K 1082 -20.73 41.62 80.76
N ASN K 1083 -19.44 41.44 81.03
CA ASN K 1083 -18.77 40.16 80.82
C ASN K 1083 -18.41 39.42 82.09
N PHE K 1084 -18.24 40.13 83.20
CA PHE K 1084 -17.89 39.53 84.47
C PHE K 1084 -18.80 40.10 85.55
N TYR K 1085 -19.15 39.26 86.53
CA TYR K 1085 -20.04 39.68 87.62
C TYR K 1085 -19.19 40.31 88.70
N GLU K 1086 -19.09 41.64 88.70
CA GLU K 1086 -18.43 42.40 89.75
C GLU K 1086 -19.37 43.52 90.16
N PRO K 1087 -20.35 43.22 91.01
CA PRO K 1087 -21.35 44.23 91.36
C PRO K 1087 -20.76 45.31 92.26
N GLN K 1088 -21.33 46.50 92.16
CA GLN K 1088 -20.95 47.61 93.02
C GLN K 1088 -22.11 48.60 93.08
N ILE K 1089 -22.18 49.33 94.19
CA ILE K 1089 -23.30 50.23 94.42
C ILE K 1089 -23.33 51.32 93.36
N ILE K 1090 -24.54 51.71 92.97
CA ILE K 1090 -24.72 52.74 91.95
C ILE K 1090 -24.28 54.09 92.52
N THR K 1091 -23.45 54.80 91.76
CA THR K 1091 -22.90 56.07 92.19
C THR K 1091 -22.99 57.06 91.04
N THR K 1092 -23.00 58.35 91.36
CA THR K 1092 -23.11 59.35 90.32
C THR K 1092 -21.87 59.41 89.43
N ASP K 1093 -20.76 58.78 89.83
CA ASP K 1093 -19.57 58.81 89.01
C ASP K 1093 -19.66 57.84 87.84
N ASN K 1094 -20.29 56.69 88.04
CA ASN K 1094 -20.38 55.67 86.99
C ASN K 1094 -21.71 55.68 86.26
N THR K 1095 -22.52 56.72 86.44
CA THR K 1095 -23.75 56.91 85.68
C THR K 1095 -23.80 58.34 85.16
N PHE K 1096 -24.50 58.52 84.05
CA PHE K 1096 -24.70 59.83 83.46
C PHE K 1096 -26.19 60.08 83.29
N VAL K 1097 -26.60 61.32 83.52
CA VAL K 1097 -28.02 61.68 83.49
C VAL K 1097 -28.37 62.22 82.11
N SER K 1098 -29.62 62.00 81.70
CA SER K 1098 -30.11 62.52 80.43
C SER K 1098 -31.63 62.52 80.47
N GLY K 1099 -32.23 63.70 80.45
CA GLY K 1099 -33.68 63.78 80.41
C GLY K 1099 -34.34 63.40 81.73
N ASN K 1100 -35.63 63.12 81.63
CA ASN K 1100 -36.47 62.76 82.77
C ASN K 1100 -37.06 61.36 82.57
N CYS K 1101 -37.96 60.98 83.47
CA CYS K 1101 -38.38 59.59 83.64
C CYS K 1101 -39.74 59.29 83.02
N ASP K 1102 -40.08 59.89 81.88
CA ASP K 1102 -41.38 59.64 81.27
C ASP K 1102 -41.29 58.96 79.91
N VAL K 1103 -40.12 58.93 79.28
CA VAL K 1103 -39.99 58.42 77.91
C VAL K 1103 -39.35 57.04 77.92
N VAL K 1104 -38.45 56.80 78.88
CA VAL K 1104 -37.77 55.51 78.94
C VAL K 1104 -38.76 54.43 79.36
N ILE K 1105 -38.91 53.41 78.52
CA ILE K 1105 -39.82 52.31 78.79
C ILE K 1105 -39.11 51.31 79.69
N GLY K 1106 -39.66 51.08 80.87
CA GLY K 1106 -39.09 50.14 81.81
C GLY K 1106 -38.20 50.73 82.88
N ILE K 1107 -38.18 52.06 83.04
CA ILE K 1107 -37.35 52.67 84.06
C ILE K 1107 -37.83 52.21 85.44
N VAL K 1108 -36.88 52.05 86.35
CA VAL K 1108 -37.13 51.48 87.68
C VAL K 1108 -36.76 52.51 88.74
N ASN K 1109 -37.67 52.74 89.67
CA ASN K 1109 -37.40 53.66 90.78
C ASN K 1109 -36.33 53.07 91.68
N ASN K 1110 -35.34 53.89 92.02
CA ASN K 1110 -34.27 53.50 92.94
C ASN K 1110 -33.55 54.78 93.35
N THR K 1111 -32.43 54.63 94.06
CA THR K 1111 -31.65 55.76 94.53
C THR K 1111 -30.19 55.58 94.16
N VAL K 1112 -29.52 56.71 93.94
CA VAL K 1112 -28.09 56.73 93.61
C VAL K 1112 -27.38 57.51 94.70
N TYR K 1113 -26.08 57.27 94.81
CA TYR K 1113 -25.24 57.91 95.80
C TYR K 1113 -24.21 58.79 95.11
N ASP K 1114 -23.75 59.82 95.83
CA ASP K 1114 -22.71 60.69 95.30
C ASP K 1114 -21.57 60.83 96.31
N PRO K 1115 -20.32 60.81 95.85
CA PRO K 1115 -19.20 60.93 96.78
C PRO K 1115 -19.15 62.25 97.52
N LEU K 1116 -19.79 63.30 96.99
CA LEU K 1116 -19.76 64.62 97.62
C LEU K 1116 -20.81 64.66 98.74
N GLN K 1117 -20.47 63.97 99.83
CA GLN K 1117 -21.32 63.93 101.01
C GLN K 1117 -20.47 63.60 102.24
N PRO K 1118 -19.64 64.54 102.72
CA PRO K 1118 -18.76 64.27 103.86
C PRO K 1118 -19.47 64.45 105.20
N GLU L 1 -21.64 -20.42 -56.98
CA GLU L 1 -20.85 -21.63 -57.15
C GLU L 1 -19.46 -21.46 -56.52
N VAL L 2 -19.41 -21.58 -55.19
CA VAL L 2 -18.15 -21.42 -54.47
C VAL L 2 -17.27 -22.64 -54.76
N GLN L 3 -15.96 -22.45 -54.65
CA GLN L 3 -14.98 -23.52 -54.83
C GLN L 3 -14.13 -23.56 -53.57
N LEU L 4 -14.60 -24.28 -52.56
CA LEU L 4 -13.88 -24.38 -51.30
C LEU L 4 -12.61 -25.20 -51.48
N GLN L 5 -11.51 -24.71 -50.92
CA GLN L 5 -10.24 -25.43 -50.95
C GLN L 5 -9.69 -25.53 -49.54
N GLN L 6 -9.07 -26.67 -49.24
CA GLN L 6 -8.61 -26.97 -47.89
C GLN L 6 -7.12 -27.22 -47.88
N TRP L 7 -6.51 -26.95 -46.73
CA TRP L 7 -5.12 -27.29 -46.49
C TRP L 7 -4.88 -27.37 -45.00
N GLY L 8 -3.80 -28.04 -44.63
CA GLY L 8 -3.46 -28.20 -43.23
C GLY L 8 -2.46 -29.32 -43.05
N ALA L 9 -2.04 -29.50 -41.81
CA ALA L 9 -1.04 -30.50 -41.48
C ALA L 9 -1.69 -31.88 -41.42
N GLY L 10 -1.21 -32.80 -42.24
CA GLY L 10 -1.74 -34.14 -42.26
C GLY L 10 -1.32 -34.96 -41.07
N LEU L 11 -0.04 -35.26 -40.96
CA LEU L 11 0.47 -36.01 -39.80
C LEU L 11 0.47 -35.13 -38.57
N LEU L 12 0.15 -35.74 -37.43
CA LEU L 12 0.14 -35.04 -36.16
C LEU L 12 0.56 -35.98 -35.05
N LYS L 13 1.02 -35.41 -33.95
CA LYS L 13 1.39 -36.20 -32.79
C LYS L 13 0.37 -35.99 -31.67
N PRO L 14 0.21 -36.97 -30.79
CA PRO L 14 -0.75 -36.82 -29.69
C PRO L 14 -0.40 -35.62 -28.82
N SER L 15 -1.45 -35.01 -28.25
CA SER L 15 -1.39 -33.86 -27.36
C SER L 15 -1.01 -32.57 -28.10
N GLU L 16 -1.01 -32.57 -29.42
CA GLU L 16 -0.80 -31.35 -30.18
C GLU L 16 -2.15 -30.69 -30.49
N THR L 17 -2.15 -29.71 -31.38
CA THR L 17 -3.35 -28.97 -31.75
C THR L 17 -3.54 -29.04 -33.25
N LEU L 18 -4.61 -29.68 -33.69
CA LEU L 18 -4.93 -29.73 -35.11
C LEU L 18 -5.31 -28.34 -35.61
N SER L 19 -4.90 -28.03 -36.84
CA SER L 19 -5.21 -26.73 -37.43
C SER L 19 -5.48 -26.91 -38.91
N LEU L 20 -6.68 -26.56 -39.34
CA LEU L 20 -7.09 -26.65 -40.73
C LEU L 20 -7.63 -25.30 -41.18
N THR L 21 -7.51 -25.05 -42.48
CA THR L 21 -8.02 -23.80 -43.06
C THR L 21 -8.75 -24.12 -44.37
N CYS L 22 -9.86 -23.42 -44.60
CA CYS L 22 -10.67 -23.60 -45.79
C CYS L 22 -10.87 -22.25 -46.44
N ALA L 23 -10.46 -22.14 -47.71
CA ALA L 23 -10.54 -20.89 -48.45
C ALA L 23 -11.76 -20.89 -49.35
N VAL L 24 -12.44 -19.74 -49.42
CA VAL L 24 -13.69 -19.60 -50.14
C VAL L 24 -13.45 -18.71 -51.35
N TYR L 25 -13.88 -19.19 -52.52
CA TYR L 25 -13.86 -18.42 -53.76
C TYR L 25 -15.28 -18.29 -54.28
N GLY L 26 -15.43 -17.74 -55.48
CA GLY L 26 -16.73 -17.68 -56.11
C GLY L 26 -17.61 -16.54 -55.67
N GLU L 27 -18.78 -16.85 -55.13
CA GLU L 27 -19.76 -15.83 -54.79
C GLU L 27 -19.48 -15.26 -53.40
N SER L 28 -20.45 -14.53 -52.86
CA SER L 28 -20.25 -13.76 -51.63
C SER L 28 -19.90 -14.67 -50.46
N PHE L 29 -19.04 -14.16 -49.58
CA PHE L 29 -18.58 -14.87 -48.38
C PHE L 29 -19.30 -14.43 -47.12
N SER L 30 -19.65 -13.15 -47.00
CA SER L 30 -20.32 -12.66 -45.82
C SER L 30 -21.78 -13.08 -45.81
N GLY L 31 -22.40 -12.96 -44.64
CA GLY L 31 -23.80 -13.34 -44.50
C GLY L 31 -24.04 -14.83 -44.69
N TYR L 32 -23.13 -15.66 -44.18
CA TYR L 32 -23.26 -17.11 -44.29
C TYR L 32 -22.56 -17.75 -43.10
N TYR L 33 -22.91 -19.00 -42.85
CA TYR L 33 -22.30 -19.82 -41.81
C TYR L 33 -21.51 -20.93 -42.47
N TRP L 34 -20.28 -21.14 -42.01
CA TRP L 34 -19.38 -22.12 -42.60
C TRP L 34 -19.11 -23.23 -41.59
N SER L 35 -19.34 -24.47 -42.00
CA SER L 35 -19.33 -25.62 -41.11
C SER L 35 -18.10 -26.47 -41.32
N TRP L 36 -17.75 -27.23 -40.28
CA TRP L 36 -16.70 -28.24 -40.33
C TRP L 36 -17.32 -29.58 -40.00
N ILE L 37 -17.13 -30.55 -40.90
CA ILE L 37 -17.74 -31.88 -40.76
C ILE L 37 -16.63 -32.92 -40.79
N ARG L 38 -16.65 -33.81 -39.81
CA ARG L 38 -15.60 -34.81 -39.63
C ARG L 38 -16.18 -36.20 -39.89
N GLN L 39 -15.53 -36.95 -40.78
CA GLN L 39 -15.94 -38.31 -41.11
C GLN L 39 -14.82 -39.27 -40.75
N SER L 40 -15.14 -40.27 -39.93
CA SER L 40 -14.14 -41.20 -39.45
C SER L 40 -14.55 -42.64 -39.75
N PRO L 41 -13.60 -43.52 -40.03
CA PRO L 41 -13.95 -44.94 -40.19
C PRO L 41 -14.46 -45.53 -38.89
N GLY L 42 -15.35 -46.50 -39.00
CA GLY L 42 -16.02 -47.05 -37.82
C GLY L 42 -17.19 -46.23 -37.36
N LYS L 43 -17.00 -44.93 -37.17
CA LYS L 43 -18.09 -44.01 -36.87
C LYS L 43 -18.66 -43.49 -38.19
N GLY L 44 -19.51 -42.47 -38.10
CA GLY L 44 -20.08 -41.87 -39.30
C GLY L 44 -19.72 -40.42 -39.44
N LEU L 45 -20.48 -39.68 -40.24
CA LEU L 45 -20.26 -38.26 -40.38
C LEU L 45 -20.63 -37.54 -39.08
N GLU L 46 -19.79 -36.59 -38.68
CA GLU L 46 -19.98 -35.84 -37.46
C GLU L 46 -19.87 -34.35 -37.74
N TRP L 47 -20.73 -33.56 -37.12
CA TRP L 47 -20.75 -32.12 -37.28
C TRP L 47 -19.98 -31.48 -36.13
N ILE L 48 -19.03 -30.62 -36.46
CA ILE L 48 -18.13 -30.03 -35.46
C ILE L 48 -18.59 -28.65 -35.02
N GLY L 49 -18.89 -27.76 -35.96
CA GLY L 49 -19.35 -26.45 -35.58
C GLY L 49 -19.55 -25.54 -36.77
N GLN L 50 -19.87 -24.29 -36.47
CA GLN L 50 -20.14 -23.27 -37.48
C GLN L 50 -19.46 -21.97 -37.07
N ILE L 51 -19.29 -21.09 -38.05
CA ILE L 51 -18.79 -19.75 -37.81
C ILE L 51 -19.23 -18.86 -38.97
N ASN L 52 -19.48 -17.60 -38.66
CA ASN L 52 -19.86 -16.60 -39.65
C ASN L 52 -18.83 -15.48 -39.69
N HIS L 53 -19.06 -14.50 -40.55
CA HIS L 53 -18.11 -13.40 -40.72
C HIS L 53 -17.99 -12.53 -39.48
N SER L 54 -18.98 -12.55 -38.60
CA SER L 54 -18.98 -11.72 -37.41
C SER L 54 -18.28 -12.37 -36.22
N GLY L 55 -17.83 -13.62 -36.36
CA GLY L 55 -17.19 -14.32 -35.27
C GLY L 55 -18.12 -15.13 -34.39
N ASN L 56 -19.42 -15.10 -34.64
CA ASN L 56 -20.35 -15.93 -33.89
C ASN L 56 -20.15 -17.39 -34.24
N THR L 57 -20.08 -18.25 -33.23
CA THR L 57 -19.76 -19.65 -33.42
C THR L 57 -20.80 -20.53 -32.76
N ASN L 58 -21.14 -21.63 -33.43
CA ASN L 58 -21.92 -22.72 -32.86
C ASN L 58 -21.04 -23.95 -32.74
N TYR L 59 -21.13 -24.65 -31.62
CA TYR L 59 -20.28 -25.79 -31.35
C TYR L 59 -21.12 -27.03 -31.08
N ASN L 60 -20.62 -28.18 -31.51
CA ASN L 60 -21.23 -29.44 -31.12
C ASN L 60 -21.01 -29.64 -29.63
N PRO L 61 -22.05 -29.95 -28.86
CA PRO L 61 -21.88 -30.08 -27.40
C PRO L 61 -20.85 -31.14 -27.00
N SER L 62 -20.71 -32.22 -27.77
CA SER L 62 -19.72 -33.24 -27.43
C SER L 62 -18.30 -32.69 -27.57
N LEU L 63 -17.99 -32.09 -28.72
CA LEU L 63 -16.68 -31.49 -28.97
C LEU L 63 -16.74 -29.98 -28.75
N LYS L 64 -17.01 -29.60 -27.50
CA LYS L 64 -17.17 -28.20 -27.14
C LYS L 64 -15.97 -27.61 -26.41
N SER L 65 -15.29 -28.41 -25.59
CA SER L 65 -14.16 -27.92 -24.80
C SER L 65 -12.84 -27.95 -25.56
N ARG L 66 -12.82 -28.52 -26.77
CA ARG L 66 -11.59 -28.63 -27.54
C ARG L 66 -11.64 -27.93 -28.90
N VAL L 67 -12.78 -27.36 -29.27
CA VAL L 67 -12.96 -26.76 -30.59
C VAL L 67 -12.88 -25.25 -30.47
N THR L 68 -12.02 -24.64 -31.29
CA THR L 68 -11.91 -23.19 -31.40
C THR L 68 -11.80 -22.82 -32.87
N MET L 69 -12.54 -21.81 -33.29
CA MET L 69 -12.60 -21.43 -34.70
C MET L 69 -12.40 -19.93 -34.84
N SER L 70 -11.85 -19.54 -35.99
CA SER L 70 -11.61 -18.14 -36.31
C SER L 70 -11.91 -17.92 -37.79
N VAL L 71 -12.37 -16.70 -38.10
CA VAL L 71 -12.71 -16.31 -39.47
C VAL L 71 -11.85 -15.12 -39.84
N ASP L 72 -11.34 -15.12 -41.06
CA ASP L 72 -10.50 -14.05 -41.59
C ASP L 72 -11.24 -13.42 -42.77
N THR L 73 -12.04 -12.39 -42.48
CA THR L 73 -12.82 -11.73 -43.53
C THR L 73 -11.92 -11.07 -44.56
N SER L 74 -10.70 -10.68 -44.18
CA SER L 74 -9.80 -9.99 -45.10
C SER L 74 -9.45 -10.86 -46.30
N LYS L 75 -9.19 -12.15 -46.07
CA LYS L 75 -8.77 -13.06 -47.13
C LYS L 75 -9.80 -14.14 -47.43
N ASN L 76 -11.02 -14.01 -46.91
CA ASN L 76 -12.09 -15.00 -47.14
C ASN L 76 -11.66 -16.40 -46.68
N GLN L 77 -11.24 -16.49 -45.42
CA GLN L 77 -10.77 -17.74 -44.87
C GLN L 77 -11.32 -17.94 -43.47
N PHE L 78 -11.66 -19.18 -43.15
CA PHE L 78 -12.03 -19.59 -41.80
C PHE L 78 -11.25 -20.84 -41.44
N SER L 79 -10.93 -20.99 -40.17
CA SER L 79 -10.04 -22.04 -39.71
C SER L 79 -10.62 -22.76 -38.50
N LEU L 80 -10.15 -23.99 -38.32
CA LEU L 80 -10.54 -24.84 -37.19
C LEU L 80 -9.30 -25.22 -36.41
N LYS L 81 -9.40 -25.20 -35.07
CA LYS L 81 -8.29 -25.54 -34.19
C LYS L 81 -8.78 -26.52 -33.13
N LEU L 82 -8.64 -27.82 -33.42
CA LEU L 82 -8.99 -28.86 -32.47
C LEU L 82 -7.82 -29.07 -31.51
N SER L 83 -8.07 -28.91 -30.22
CA SER L 83 -7.02 -28.90 -29.21
C SER L 83 -6.91 -30.26 -28.53
N SER L 84 -5.67 -30.63 -28.19
CA SER L 84 -5.37 -31.87 -27.47
C SER L 84 -5.89 -33.08 -28.23
N VAL L 85 -5.42 -33.24 -29.47
CA VAL L 85 -5.87 -34.34 -30.30
C VAL L 85 -5.33 -35.65 -29.76
N THR L 86 -6.21 -36.65 -29.67
CA THR L 86 -5.83 -37.99 -29.27
C THR L 86 -5.77 -38.88 -30.53
N ALA L 87 -5.57 -40.17 -30.31
CA ALA L 87 -5.52 -41.11 -31.43
C ALA L 87 -6.88 -41.35 -32.07
N ALA L 88 -7.96 -40.94 -31.43
CA ALA L 88 -9.31 -41.15 -31.94
C ALA L 88 -9.78 -40.05 -32.88
N ASP L 89 -8.94 -39.03 -33.12
CA ASP L 89 -9.30 -37.93 -34.01
C ASP L 89 -8.81 -38.15 -35.43
N THR L 90 -8.27 -39.32 -35.75
CA THR L 90 -7.85 -39.64 -37.10
C THR L 90 -9.09 -39.79 -37.98
N ALA L 91 -9.28 -38.87 -38.92
CA ALA L 91 -10.50 -38.84 -39.71
C ALA L 91 -10.26 -37.97 -40.94
N VAL L 92 -11.33 -37.72 -41.68
CA VAL L 92 -11.31 -36.83 -42.85
C VAL L 92 -12.17 -35.62 -42.52
N TYR L 93 -11.61 -34.43 -42.68
CA TYR L 93 -12.27 -33.20 -42.29
C TYR L 93 -12.73 -32.44 -43.54
N TYR L 94 -13.98 -32.02 -43.54
CA TYR L 94 -14.58 -31.28 -44.64
C TYR L 94 -14.98 -29.89 -44.19
N CYS L 95 -15.01 -28.96 -45.13
CA CYS L 95 -15.60 -27.65 -44.92
C CYS L 95 -16.72 -27.46 -45.92
N ALA L 96 -17.86 -26.98 -45.44
CA ALA L 96 -19.04 -26.83 -46.29
C ALA L 96 -19.78 -25.57 -45.87
N ARG L 97 -20.99 -25.42 -46.38
CA ARG L 97 -21.85 -24.31 -45.99
C ARG L 97 -22.44 -24.63 -44.61
N GLU L 98 -23.44 -23.84 -44.19
CA GLU L 98 -23.98 -24.00 -42.85
C GLU L 98 -24.57 -25.37 -42.61
N LEU L 99 -25.29 -25.93 -43.59
CA LEU L 99 -25.90 -27.24 -43.44
C LEU L 99 -25.25 -28.31 -44.32
N GLY L 100 -24.28 -27.93 -45.15
CA GLY L 100 -23.71 -28.89 -46.08
C GLY L 100 -24.72 -29.39 -47.09
N HIS L 101 -25.67 -28.54 -47.47
CA HIS L 101 -26.70 -28.91 -48.43
C HIS L 101 -26.35 -28.50 -49.86
N ASP L 102 -25.55 -27.45 -50.02
CA ASP L 102 -25.28 -26.89 -51.34
C ASP L 102 -23.89 -27.24 -51.83
N TYR L 103 -22.84 -26.86 -51.11
CA TYR L 103 -21.47 -26.98 -51.58
C TYR L 103 -20.57 -27.47 -50.45
N TRP L 104 -19.72 -28.43 -50.76
CA TRP L 104 -18.79 -29.03 -49.81
C TRP L 104 -17.35 -28.72 -50.19
N GLY L 105 -16.43 -29.18 -49.36
CA GLY L 105 -15.01 -29.07 -49.62
C GLY L 105 -14.48 -30.29 -50.34
N GLN L 106 -13.18 -30.51 -50.21
CA GLN L 106 -12.52 -31.64 -50.85
C GLN L 106 -12.07 -32.73 -49.88
N GLY L 107 -11.94 -32.41 -48.59
CA GLY L 107 -11.51 -33.39 -47.62
C GLY L 107 -10.02 -33.31 -47.34
N THR L 108 -9.64 -33.42 -46.07
CA THR L 108 -8.24 -33.32 -45.66
C THR L 108 -7.98 -34.42 -44.63
N LEU L 109 -7.48 -35.55 -45.09
CA LEU L 109 -7.19 -36.67 -44.19
C LEU L 109 -6.17 -36.25 -43.14
N VAL L 110 -6.51 -36.42 -41.87
CA VAL L 110 -5.64 -36.07 -40.76
C VAL L 110 -5.47 -37.32 -39.90
N THR L 111 -4.23 -37.74 -39.72
CA THR L 111 -3.91 -38.93 -38.93
C THR L 111 -3.06 -38.52 -37.74
N VAL L 112 -3.45 -38.98 -36.55
CA VAL L 112 -2.75 -38.67 -35.31
C VAL L 112 -2.04 -39.94 -34.85
N SER L 113 -0.72 -39.89 -34.83
CA SER L 113 0.07 -41.04 -34.40
C SER L 113 1.43 -40.55 -33.93
N SER L 114 2.02 -41.30 -33.00
CA SER L 114 3.34 -41.00 -32.44
C SER L 114 4.32 -42.03 -32.97
N ALA L 115 4.88 -41.75 -34.15
CA ALA L 115 5.85 -42.65 -34.75
C ALA L 115 6.68 -41.87 -35.77
N SER L 116 7.95 -42.22 -35.88
CA SER L 116 8.84 -41.60 -36.84
C SER L 116 8.76 -42.32 -38.18
N THR L 117 9.15 -41.62 -39.24
CA THR L 117 9.11 -42.19 -40.58
C THR L 117 10.00 -43.43 -40.66
N LYS L 118 9.45 -44.51 -41.21
CA LYS L 118 10.16 -45.77 -41.33
C LYS L 118 9.98 -46.32 -42.74
N GLY L 119 11.00 -47.00 -43.23
CA GLY L 119 10.95 -47.62 -44.53
C GLY L 119 10.44 -49.04 -44.46
N PRO L 120 9.66 -49.44 -45.46
CA PRO L 120 9.11 -50.81 -45.46
C PRO L 120 10.20 -51.85 -45.61
N SER L 121 9.94 -53.02 -45.04
CA SER L 121 10.83 -54.18 -45.12
C SER L 121 10.07 -55.29 -45.81
N VAL L 122 10.21 -55.36 -47.15
CA VAL L 122 9.44 -56.33 -47.92
C VAL L 122 10.00 -57.73 -47.69
N PHE L 123 9.10 -58.72 -47.62
CA PHE L 123 9.47 -60.10 -47.43
C PHE L 123 8.86 -60.96 -48.53
N PRO L 124 9.56 -62.01 -48.96
CA PRO L 124 9.01 -62.88 -50.01
C PRO L 124 7.87 -63.73 -49.47
N LEU L 125 7.07 -64.25 -50.40
CA LEU L 125 5.93 -65.10 -50.09
C LEU L 125 6.01 -66.30 -51.02
N ALA L 126 6.64 -67.37 -50.54
CA ALA L 126 6.94 -68.51 -51.40
C ALA L 126 5.67 -69.28 -51.74
N PRO L 127 5.45 -69.62 -53.01
CA PRO L 127 4.32 -70.48 -53.38
C PRO L 127 4.61 -71.95 -53.06
N SER L 128 3.94 -72.47 -52.04
CA SER L 128 4.18 -73.83 -51.60
C SER L 128 3.52 -74.84 -52.55
N SER L 129 3.62 -76.12 -52.19
CA SER L 129 2.98 -77.16 -53.00
C SER L 129 1.47 -77.00 -53.01
N LYS L 130 0.89 -76.65 -51.86
CA LYS L 130 -0.55 -76.41 -51.80
C LYS L 130 -0.96 -75.20 -52.64
N SER L 131 -0.08 -74.21 -52.75
CA SER L 131 -0.38 -73.05 -53.59
C SER L 131 -0.48 -73.44 -55.05
N THR L 132 0.31 -74.42 -55.49
CA THR L 132 0.29 -74.89 -56.87
C THR L 132 -0.86 -75.87 -57.05
N SER L 133 -2.05 -75.31 -57.22
CA SER L 133 -3.27 -76.11 -57.39
C SER L 133 -3.52 -76.44 -58.86
N GLY L 134 -2.51 -77.01 -59.51
CA GLY L 134 -2.63 -77.42 -60.90
C GLY L 134 -2.43 -76.29 -61.89
N GLY L 135 -3.42 -75.43 -62.03
CA GLY L 135 -3.36 -74.36 -63.01
C GLY L 135 -3.34 -72.97 -62.40
N THR L 136 -3.33 -72.90 -61.06
CA THR L 136 -3.32 -71.63 -60.36
C THR L 136 -2.30 -71.67 -59.23
N ALA L 137 -1.70 -70.52 -58.96
CA ALA L 137 -0.75 -70.34 -57.87
C ALA L 137 -1.13 -69.11 -57.07
N ALA L 138 -0.30 -68.76 -56.10
CA ALA L 138 -0.55 -67.59 -55.26
C ALA L 138 0.80 -67.04 -54.81
N LEU L 139 1.25 -65.97 -55.46
CA LEU L 139 2.51 -65.34 -55.11
C LEU L 139 2.25 -64.15 -54.20
N GLY L 140 3.27 -63.35 -53.96
CA GLY L 140 3.11 -62.14 -53.17
C GLY L 140 4.41 -61.71 -52.55
N CYS L 141 4.34 -60.55 -51.89
CA CYS L 141 5.48 -60.06 -51.12
C CYS L 141 4.91 -59.19 -49.99
N LEU L 142 4.87 -59.75 -48.78
CA LEU L 142 4.37 -59.02 -47.63
C LEU L 142 5.23 -57.78 -47.37
N VAL L 143 4.57 -56.65 -47.18
CA VAL L 143 5.23 -55.39 -46.89
C VAL L 143 4.85 -55.00 -45.46
N LYS L 144 5.86 -54.88 -44.60
CA LYS L 144 5.62 -54.73 -43.17
C LYS L 144 6.44 -53.58 -42.60
N ASP L 145 5.89 -52.96 -41.55
CA ASP L 145 6.60 -52.00 -40.71
C ASP L 145 7.08 -50.78 -41.51
N TYR L 146 6.11 -50.02 -41.98
CA TYR L 146 6.34 -48.68 -42.52
C TYR L 146 5.34 -47.74 -41.88
N PHE L 147 5.81 -46.56 -41.45
CA PHE L 147 4.87 -45.69 -40.76
C PHE L 147 3.95 -44.90 -41.68
N PRO L 148 4.46 -44.12 -42.65
CA PRO L 148 3.55 -43.31 -43.46
C PRO L 148 2.62 -44.20 -44.29
N GLU L 149 1.37 -43.77 -44.41
CA GLU L 149 0.35 -44.61 -45.03
C GLU L 149 0.60 -44.92 -46.50
N PRO L 150 0.90 -43.94 -47.39
CA PRO L 150 0.91 -44.26 -48.83
C PRO L 150 2.10 -45.11 -49.27
N VAL L 151 1.85 -46.36 -49.61
CA VAL L 151 2.83 -47.25 -50.20
C VAL L 151 2.21 -47.91 -51.42
N THR L 152 2.88 -47.80 -52.56
CA THR L 152 2.40 -48.35 -53.82
C THR L 152 3.23 -49.59 -54.18
N VAL L 153 2.54 -50.66 -54.55
CA VAL L 153 3.19 -51.92 -54.91
C VAL L 153 2.79 -52.27 -56.33
N SER L 154 3.78 -52.58 -57.16
CA SER L 154 3.58 -53.01 -58.54
C SER L 154 4.11 -54.43 -58.71
N TRP L 155 4.11 -54.91 -59.95
CA TRP L 155 4.61 -56.24 -60.25
C TRP L 155 5.25 -56.24 -61.63
N ASN L 156 6.48 -56.73 -61.71
CA ASN L 156 7.23 -56.79 -62.97
C ASN L 156 7.29 -55.43 -63.65
N SER L 157 7.50 -54.39 -62.83
CA SER L 157 7.54 -53.00 -63.31
C SER L 157 6.29 -52.65 -64.10
N GLY L 158 5.14 -53.08 -63.59
CA GLY L 158 3.86 -52.78 -64.21
C GLY L 158 3.47 -53.70 -65.34
N ALA L 159 4.29 -54.68 -65.69
CA ALA L 159 3.94 -55.61 -66.76
C ALA L 159 2.73 -56.46 -66.38
N LEU L 160 2.66 -56.90 -65.13
CA LEU L 160 1.60 -57.75 -64.64
C LEU L 160 0.54 -56.90 -63.94
N THR L 161 -0.70 -56.98 -64.42
CA THR L 161 -1.81 -56.26 -63.82
C THR L 161 -3.03 -57.13 -63.53
N SER L 162 -3.19 -58.26 -64.20
CA SER L 162 -4.35 -59.12 -63.97
C SER L 162 -4.13 -60.00 -62.76
N GLY L 163 -5.12 -60.03 -61.86
CA GLY L 163 -5.05 -60.84 -60.66
C GLY L 163 -4.39 -60.17 -59.48
N VAL L 164 -3.83 -58.97 -59.65
CA VAL L 164 -3.17 -58.28 -58.56
C VAL L 164 -4.19 -57.76 -57.57
N HIS L 165 -4.00 -58.08 -56.28
CA HIS L 165 -4.91 -57.69 -55.21
C HIS L 165 -4.08 -57.05 -54.10
N THR L 166 -4.00 -55.72 -54.10
CA THR L 166 -3.28 -54.99 -53.07
C THR L 166 -4.25 -54.72 -51.92
N PHE L 167 -4.12 -55.48 -50.84
CA PHE L 167 -5.02 -55.34 -49.70
C PHE L 167 -4.73 -54.04 -48.96
N PRO L 168 -5.74 -53.48 -48.28
CA PRO L 168 -5.53 -52.21 -47.56
C PRO L 168 -4.53 -52.37 -46.42
N ALA L 169 -3.85 -51.28 -46.11
CA ALA L 169 -2.89 -51.26 -45.02
C ALA L 169 -3.59 -51.44 -43.68
N VAL L 170 -2.92 -52.13 -42.77
CA VAL L 170 -3.46 -52.44 -41.45
C VAL L 170 -2.52 -51.90 -40.39
N LEU L 171 -3.05 -51.14 -39.45
CA LEU L 171 -2.26 -50.57 -38.36
C LEU L 171 -2.19 -51.58 -37.22
N GLN L 172 -1.01 -52.16 -37.02
CA GLN L 172 -0.82 -53.10 -35.93
C GLN L 172 -0.48 -52.35 -34.65
N SER L 173 -0.33 -53.10 -33.55
CA SER L 173 -0.07 -52.48 -32.26
C SER L 173 1.40 -52.15 -32.07
N SER L 174 1.99 -51.48 -33.06
CA SER L 174 3.35 -50.97 -32.93
C SER L 174 3.50 -49.59 -33.58
N GLY L 175 2.40 -49.00 -34.05
CA GLY L 175 2.43 -47.71 -34.71
C GLY L 175 2.78 -47.74 -36.18
N LEU L 176 3.04 -48.91 -36.74
CA LEU L 176 3.47 -49.04 -38.13
C LEU L 176 2.48 -49.88 -38.91
N TYR L 177 2.30 -49.55 -40.18
CA TYR L 177 1.31 -50.24 -41.00
C TYR L 177 1.89 -51.54 -41.56
N SER L 178 1.01 -52.31 -42.20
CA SER L 178 1.37 -53.55 -42.86
C SER L 178 0.48 -53.75 -44.06
N LEU L 179 1.07 -54.16 -45.18
CA LEU L 179 0.35 -54.29 -46.43
C LEU L 179 0.74 -55.59 -47.11
N SER L 180 -0.18 -56.12 -47.92
CA SER L 180 0.08 -57.34 -48.68
C SER L 180 -0.36 -57.13 -50.12
N SER L 181 0.37 -57.76 -51.04
CA SER L 181 0.05 -57.72 -52.45
C SER L 181 0.31 -59.09 -53.04
N VAL L 182 -0.68 -59.63 -53.75
CA VAL L 182 -0.61 -60.99 -54.27
C VAL L 182 -1.03 -61.01 -55.73
N VAL L 183 -0.67 -62.09 -56.41
CA VAL L 183 -1.04 -62.31 -57.80
C VAL L 183 -1.10 -63.82 -58.04
N THR L 184 -2.01 -64.23 -58.91
CA THR L 184 -2.19 -65.63 -59.26
C THR L 184 -1.70 -65.88 -60.68
N VAL L 185 -0.89 -66.92 -60.86
CA VAL L 185 -0.31 -67.24 -62.16
C VAL L 185 -0.29 -68.74 -62.34
N PRO L 186 -0.31 -69.19 -63.60
CA PRO L 186 -0.16 -70.62 -63.87
C PRO L 186 1.23 -71.12 -63.51
N SER L 187 1.31 -72.43 -63.24
CA SER L 187 2.58 -73.03 -62.82
C SER L 187 3.61 -72.94 -63.95
N SER L 188 3.20 -73.14 -65.19
CA SER L 188 4.13 -73.01 -66.31
C SER L 188 4.69 -71.60 -66.39
N SER L 189 3.88 -70.60 -66.09
CA SER L 189 4.37 -69.23 -66.04
C SER L 189 5.42 -69.06 -64.94
N LEU L 190 5.22 -69.74 -63.80
CA LEU L 190 6.24 -69.74 -62.76
C LEU L 190 7.54 -70.35 -63.26
N GLY L 191 7.44 -71.47 -63.96
CA GLY L 191 8.63 -72.14 -64.46
C GLY L 191 9.27 -71.49 -65.67
N THR L 192 8.60 -70.51 -66.29
CA THR L 192 9.12 -69.89 -67.50
C THR L 192 9.23 -68.37 -67.41
N GLN L 193 9.03 -67.77 -66.24
CA GLN L 193 9.10 -66.32 -66.14
C GLN L 193 9.44 -65.92 -64.71
N THR L 194 10.11 -64.77 -64.58
CA THR L 194 10.54 -64.23 -63.30
C THR L 194 9.64 -63.07 -62.91
N TYR L 195 9.27 -63.00 -61.63
CA TYR L 195 8.37 -61.99 -61.11
C TYR L 195 9.02 -61.23 -59.97
N ILE L 196 8.99 -59.91 -60.06
CA ILE L 196 9.50 -59.03 -59.01
C ILE L 196 8.43 -57.98 -58.71
N CYS L 197 8.28 -57.64 -57.44
CA CYS L 197 7.35 -56.61 -57.01
C CYS L 197 8.11 -55.36 -56.60
N ASN L 198 7.76 -54.23 -57.20
CA ASN L 198 8.51 -52.99 -57.02
C ASN L 198 7.83 -52.12 -55.97
N VAL L 199 8.01 -52.51 -54.71
CA VAL L 199 7.50 -51.72 -53.60
C VAL L 199 8.31 -50.44 -53.48
N ASN L 200 7.62 -49.32 -53.33
CA ASN L 200 8.27 -48.02 -53.16
C ASN L 200 7.52 -47.22 -52.11
N HIS L 201 8.24 -46.32 -51.44
CA HIS L 201 7.69 -45.55 -50.33
C HIS L 201 8.33 -44.18 -50.35
N LYS L 202 7.57 -43.16 -50.76
CA LYS L 202 8.14 -41.83 -50.96
C LYS L 202 8.71 -41.21 -49.69
N PRO L 203 8.03 -41.21 -48.54
CA PRO L 203 8.56 -40.50 -47.37
C PRO L 203 9.91 -41.03 -46.87
N SER L 204 10.31 -42.24 -47.27
CA SER L 204 11.64 -42.74 -46.95
C SER L 204 12.52 -42.92 -48.18
N ASN L 205 11.98 -42.73 -49.39
CA ASN L 205 12.75 -42.85 -50.63
C ASN L 205 13.41 -44.21 -50.75
N THR L 206 12.72 -45.25 -50.30
CA THR L 206 13.22 -46.62 -50.34
C THR L 206 12.32 -47.44 -51.28
N LYS L 207 12.88 -47.83 -52.42
CA LYS L 207 12.19 -48.70 -53.36
C LYS L 207 12.98 -50.00 -53.47
N VAL L 208 12.28 -51.13 -53.37
CA VAL L 208 12.90 -52.44 -53.34
C VAL L 208 12.35 -53.26 -54.50
N ASP L 209 13.17 -54.19 -55.00
CA ASP L 209 12.79 -55.00 -56.14
C ASP L 209 12.90 -56.49 -55.79
N LYS L 210 12.33 -56.87 -54.65
CA LYS L 210 12.42 -58.25 -54.19
C LYS L 210 11.82 -59.22 -55.22
N LYS L 211 12.51 -60.33 -55.44
CA LYS L 211 12.07 -61.37 -56.36
C LYS L 211 11.60 -62.57 -55.57
N VAL L 212 10.42 -63.09 -55.91
CA VAL L 212 9.85 -64.22 -55.20
C VAL L 212 10.47 -65.50 -55.72
N GLU L 213 11.07 -66.29 -54.82
CA GLU L 213 11.74 -67.53 -55.19
C GLU L 213 10.89 -68.71 -54.74
N PRO L 214 10.39 -69.54 -55.68
CA PRO L 214 9.59 -70.72 -55.36
C PRO L 214 10.35 -71.73 -54.50
N GLU M 1 -29.75 -34.43 -29.26
CA GLU M 1 -28.97 -35.47 -29.91
C GLU M 1 -29.87 -36.60 -30.40
N ILE M 2 -30.46 -36.42 -31.57
CA ILE M 2 -31.34 -37.42 -32.16
C ILE M 2 -30.46 -38.47 -32.85
N VAL M 3 -30.39 -39.66 -32.27
CA VAL M 3 -29.54 -40.73 -32.80
C VAL M 3 -30.27 -41.39 -33.96
N MET M 4 -29.73 -41.23 -35.17
CA MET M 4 -30.33 -41.84 -36.35
C MET M 4 -29.73 -43.22 -36.58
N THR M 5 -30.59 -44.20 -36.85
CA THR M 5 -30.17 -45.57 -37.12
C THR M 5 -30.73 -45.99 -38.47
N GLN M 6 -29.95 -46.77 -39.22
CA GLN M 6 -30.32 -47.19 -40.56
C GLN M 6 -30.39 -48.72 -40.63
N SER M 7 -30.79 -49.21 -41.80
CA SER M 7 -30.86 -50.63 -42.08
C SER M 7 -29.45 -51.22 -42.07
N PRO M 8 -29.31 -52.54 -42.18
CA PRO M 8 -27.96 -53.12 -42.25
C PRO M 8 -27.17 -52.54 -43.41
N GLY M 9 -25.88 -52.32 -43.17
CA GLY M 9 -25.02 -51.64 -44.12
C GLY M 9 -24.55 -52.47 -45.28
N THR M 10 -24.87 -53.76 -45.31
CA THR M 10 -24.41 -54.67 -46.36
C THR M 10 -25.57 -55.07 -47.28
N LEU M 11 -26.46 -54.14 -47.57
CA LEU M 11 -27.56 -54.41 -48.48
C LEU M 11 -27.01 -54.66 -49.89
N SER M 12 -27.45 -55.76 -50.51
CA SER M 12 -26.92 -56.18 -51.80
C SER M 12 -28.08 -56.35 -52.78
N LEU M 13 -28.00 -55.69 -53.92
CA LEU M 13 -29.02 -55.79 -54.96
C LEU M 13 -28.36 -55.71 -56.33
N SER M 14 -28.72 -56.64 -57.21
CA SER M 14 -28.24 -56.60 -58.58
C SER M 14 -28.81 -55.38 -59.31
N PRO M 15 -28.09 -54.85 -60.29
CA PRO M 15 -28.63 -53.71 -61.05
C PRO M 15 -29.95 -54.05 -61.70
N GLY M 16 -30.87 -53.09 -61.67
CA GLY M 16 -32.19 -53.26 -62.22
C GLY M 16 -33.28 -53.63 -61.23
N GLU M 17 -33.08 -53.40 -59.94
CA GLU M 17 -34.13 -53.67 -58.96
C GLU M 17 -34.44 -52.43 -58.13
N ARG M 18 -35.27 -52.60 -57.12
CA ARG M 18 -35.72 -51.51 -56.26
C ARG M 18 -35.00 -51.59 -54.92
N ALA M 19 -34.45 -50.47 -54.47
CA ALA M 19 -33.70 -50.40 -53.22
C ALA M 19 -34.49 -49.62 -52.19
N THR M 20 -34.64 -50.20 -51.00
CA THR M 20 -35.35 -49.57 -49.90
C THR M 20 -34.38 -49.31 -48.76
N LEU M 21 -34.32 -48.07 -48.31
CA LEU M 21 -33.43 -47.64 -47.24
C LEU M 21 -34.27 -47.02 -46.13
N SER M 22 -33.91 -47.33 -44.88
CA SER M 22 -34.65 -46.85 -43.72
C SER M 22 -33.72 -46.06 -42.81
N CYS M 23 -34.26 -45.01 -42.19
CA CYS M 23 -33.51 -44.13 -41.29
C CYS M 23 -34.31 -43.85 -40.03
N ARG M 24 -34.78 -44.92 -39.38
CA ARG M 24 -35.52 -44.80 -38.12
C ARG M 24 -34.77 -43.91 -37.14
N ALA M 25 -35.39 -42.78 -36.78
CA ALA M 25 -34.77 -41.78 -35.94
C ALA M 25 -35.10 -42.04 -34.47
N SER M 26 -34.41 -41.33 -33.58
CA SER M 26 -34.63 -41.46 -32.15
C SER M 26 -35.92 -40.80 -31.69
N GLN M 27 -36.23 -39.61 -32.20
CA GLN M 27 -37.42 -38.89 -31.81
C GLN M 27 -38.06 -38.26 -33.05
N SER M 28 -39.26 -37.72 -32.87
CA SER M 28 -40.01 -37.11 -33.95
C SER M 28 -39.23 -35.93 -34.53
N ILE M 29 -38.83 -36.04 -35.79
CA ILE M 29 -38.06 -34.98 -36.43
C ILE M 29 -38.99 -33.83 -36.78
N SER M 30 -38.60 -32.62 -36.40
CA SER M 30 -39.45 -31.45 -36.59
C SER M 30 -39.64 -31.16 -38.07
N SER M 31 -40.89 -30.95 -38.47
CA SER M 31 -41.26 -30.54 -39.83
C SER M 31 -40.72 -31.46 -40.91
N SER M 32 -40.42 -32.71 -40.54
CA SER M 32 -39.88 -33.70 -41.48
C SER M 32 -38.61 -33.19 -42.15
N TYR M 33 -37.74 -32.56 -41.37
CA TYR M 33 -36.43 -32.13 -41.87
C TYR M 33 -35.47 -33.30 -41.83
N LEU M 34 -35.48 -34.11 -42.89
CA LEU M 34 -34.54 -35.19 -43.06
C LEU M 34 -34.03 -35.17 -44.50
N ALA M 35 -32.71 -35.26 -44.65
CA ALA M 35 -32.07 -35.21 -45.96
C ALA M 35 -31.32 -36.51 -46.21
N TRP M 36 -31.25 -36.89 -47.49
CA TRP M 36 -30.61 -38.14 -47.90
C TRP M 36 -29.38 -37.81 -48.74
N PHE M 37 -28.20 -38.09 -48.20
CA PHE M 37 -26.94 -37.85 -48.89
C PHE M 37 -26.46 -39.11 -49.60
N GLN M 38 -25.57 -38.91 -50.56
CA GLN M 38 -24.89 -40.00 -51.24
C GLN M 38 -23.41 -39.67 -51.34
N GLN M 39 -22.56 -40.63 -51.01
CA GLN M 39 -21.11 -40.42 -51.00
C GLN M 39 -20.45 -41.50 -51.86
N LYS M 40 -20.07 -41.14 -53.07
CA LYS M 40 -19.27 -42.03 -53.90
C LYS M 40 -17.84 -42.11 -53.33
N PRO M 41 -17.15 -43.22 -53.57
CA PRO M 41 -15.81 -43.38 -52.97
C PRO M 41 -14.86 -42.28 -53.42
N GLY M 42 -14.15 -41.71 -52.45
CA GLY M 42 -13.17 -40.68 -52.72
C GLY M 42 -13.72 -39.29 -52.93
N GLN M 43 -15.02 -39.07 -52.72
CA GLN M 43 -15.65 -37.78 -52.95
C GLN M 43 -16.38 -37.34 -51.69
N ALA M 44 -16.99 -36.16 -51.77
CA ALA M 44 -17.80 -35.59 -50.71
C ALA M 44 -19.27 -35.96 -50.89
N PRO M 45 -20.04 -35.97 -49.82
CA PRO M 45 -21.46 -36.31 -49.93
C PRO M 45 -22.23 -35.31 -50.77
N ARG M 46 -23.31 -35.78 -51.38
CA ARG M 46 -24.17 -34.97 -52.24
C ARG M 46 -25.63 -35.21 -51.88
N LEU M 47 -26.41 -34.15 -51.89
CA LEU M 47 -27.84 -34.26 -51.59
C LEU M 47 -28.58 -35.02 -52.69
N LEU M 48 -29.58 -35.78 -52.27
CA LEU M 48 -30.54 -36.37 -53.20
C LEU M 48 -31.97 -36.01 -52.84
N ILE M 49 -32.31 -36.00 -51.56
CA ILE M 49 -33.66 -35.72 -51.08
C ILE M 49 -33.56 -34.71 -49.94
N TYR M 50 -34.36 -33.65 -50.01
CA TYR M 50 -34.46 -32.69 -48.92
C TYR M 50 -35.92 -32.56 -48.53
N GLY M 51 -36.17 -32.48 -47.22
CA GLY M 51 -37.52 -32.50 -46.72
C GLY M 51 -38.17 -33.86 -46.69
N ALA M 52 -37.39 -34.93 -46.91
CA ALA M 52 -37.83 -36.32 -46.84
C ALA M 52 -38.78 -36.70 -47.97
N SER M 53 -39.17 -35.74 -48.80
CA SER M 53 -40.02 -36.04 -49.95
C SER M 53 -39.61 -35.37 -51.25
N SER M 54 -38.86 -34.26 -51.21
CA SER M 54 -38.55 -33.50 -52.41
C SER M 54 -37.10 -33.71 -52.80
N ARG M 55 -36.87 -33.88 -54.11
CA ARG M 55 -35.53 -34.10 -54.62
C ARG M 55 -34.83 -32.78 -54.88
N ALA M 56 -33.51 -32.78 -54.69
CA ALA M 56 -32.71 -31.59 -54.93
C ALA M 56 -32.63 -31.30 -56.43
N PRO M 57 -32.40 -30.05 -56.81
CA PRO M 57 -32.26 -29.73 -58.23
C PRO M 57 -31.04 -30.45 -58.82
N GLY M 58 -31.19 -30.89 -60.06
CA GLY M 58 -30.14 -31.62 -60.73
C GLY M 58 -30.04 -33.08 -60.38
N ILE M 59 -31.01 -33.62 -59.66
CA ILE M 59 -31.01 -35.02 -59.24
C ILE M 59 -32.02 -35.78 -60.09
N PRO M 60 -31.67 -36.95 -60.64
CA PRO M 60 -32.62 -37.70 -61.47
C PRO M 60 -33.83 -38.15 -60.69
N ASP M 61 -34.81 -38.66 -61.42
CA ASP M 61 -36.10 -39.04 -60.85
C ASP M 61 -36.13 -40.44 -60.26
N ARG M 62 -35.01 -41.19 -60.34
CA ARG M 62 -34.99 -42.52 -59.76
C ARG M 62 -35.04 -42.49 -58.24
N PHE M 63 -34.65 -41.39 -57.62
CA PHE M 63 -34.63 -41.27 -56.16
C PHE M 63 -35.97 -40.71 -55.69
N SER M 64 -36.70 -41.48 -54.89
CA SER M 64 -37.98 -41.05 -54.35
C SER M 64 -37.96 -41.22 -52.84
N GLY M 65 -38.21 -40.12 -52.12
CA GLY M 65 -38.25 -40.15 -50.68
C GLY M 65 -39.66 -40.19 -50.14
N SER M 66 -39.79 -40.68 -48.91
CA SER M 66 -41.10 -40.80 -48.27
C SER M 66 -40.87 -40.93 -46.77
N GLY M 67 -41.97 -41.07 -46.03
CA GLY M 67 -41.93 -41.25 -44.60
C GLY M 67 -42.18 -39.98 -43.84
N SER M 68 -42.56 -40.13 -42.57
CA SER M 68 -42.79 -39.01 -41.68
C SER M 68 -42.69 -39.50 -40.24
N GLY M 69 -42.47 -38.57 -39.34
CA GLY M 69 -42.35 -38.90 -37.91
C GLY M 69 -40.95 -39.39 -37.56
N THR M 70 -40.85 -40.66 -37.15
CA THR M 70 -39.59 -41.28 -36.79
C THR M 70 -39.22 -42.44 -37.71
N ASP M 71 -39.86 -42.51 -38.89
CA ASP M 71 -39.61 -43.61 -39.82
C ASP M 71 -39.63 -43.03 -41.24
N PHE M 72 -38.49 -43.08 -41.91
CA PHE M 72 -38.34 -42.51 -43.24
C PHE M 72 -37.76 -43.57 -44.18
N THR M 73 -38.02 -43.37 -45.47
CA THR M 73 -37.61 -44.34 -46.48
C THR M 73 -37.17 -43.62 -47.74
N LEU M 74 -36.04 -44.04 -48.30
CA LEU M 74 -35.57 -43.58 -49.60
C LEU M 74 -35.63 -44.74 -50.58
N THR M 75 -36.26 -44.52 -51.72
CA THR M 75 -36.50 -45.58 -52.69
C THR M 75 -35.81 -45.25 -54.01
N ILE M 76 -35.07 -46.22 -54.55
CA ILE M 76 -34.46 -46.11 -55.86
C ILE M 76 -35.18 -47.11 -56.77
N SER M 77 -35.89 -46.59 -57.77
CA SER M 77 -36.71 -47.46 -58.61
C SER M 77 -35.85 -48.40 -59.45
N ARG M 78 -34.84 -47.86 -60.12
CA ARG M 78 -33.97 -48.64 -61.01
C ARG M 78 -32.53 -48.36 -60.63
N LEU M 79 -31.84 -49.37 -60.11
CA LEU M 79 -30.46 -49.21 -59.65
C LEU M 79 -29.54 -49.13 -60.86
N GLU M 80 -29.16 -47.91 -61.24
CA GLU M 80 -28.23 -47.72 -62.33
C GLU M 80 -26.81 -48.08 -61.88
N PRO M 81 -25.91 -48.38 -62.81
CA PRO M 81 -24.55 -48.79 -62.40
C PRO M 81 -23.83 -47.78 -61.54
N GLU M 82 -23.99 -46.48 -61.81
CA GLU M 82 -23.32 -45.45 -61.03
C GLU M 82 -24.18 -44.97 -59.87
N ASP M 83 -24.70 -45.93 -59.10
CA ASP M 83 -25.53 -45.61 -57.94
C ASP M 83 -25.22 -46.51 -56.76
N PHE M 84 -24.14 -47.30 -56.81
CA PHE M 84 -23.77 -48.18 -55.72
C PHE M 84 -22.75 -47.46 -54.85
N ALA M 85 -23.26 -46.69 -53.89
CA ALA M 85 -22.42 -45.90 -52.99
C ALA M 85 -23.00 -46.00 -51.58
N VAL M 86 -22.52 -45.14 -50.70
CA VAL M 86 -22.98 -45.10 -49.31
C VAL M 86 -23.94 -43.93 -49.17
N TYR M 87 -25.10 -44.19 -48.57
CA TYR M 87 -26.15 -43.20 -48.41
C TYR M 87 -26.32 -42.85 -46.93
N TYR M 88 -26.24 -41.56 -46.62
CA TYR M 88 -26.40 -41.07 -45.27
C TYR M 88 -27.68 -40.25 -45.16
N CYS M 89 -28.32 -40.32 -44.00
CA CYS M 89 -29.52 -39.53 -43.72
C CYS M 89 -29.20 -38.50 -42.65
N GLN M 90 -29.49 -37.24 -42.94
CA GLN M 90 -29.17 -36.12 -42.07
C GLN M 90 -30.45 -35.44 -41.63
N GLN M 91 -30.57 -35.16 -40.34
CA GLN M 91 -31.69 -34.41 -39.81
C GLN M 91 -31.22 -33.03 -39.40
N TYR M 92 -31.92 -32.01 -39.88
CA TYR M 92 -31.57 -30.62 -39.63
C TYR M 92 -32.70 -29.85 -38.95
N GLY M 93 -33.63 -30.57 -38.32
CA GLY M 93 -34.64 -29.90 -37.51
C GLY M 93 -34.18 -29.59 -36.10
N ASP M 94 -33.08 -30.19 -35.66
CA ASP M 94 -32.51 -29.95 -34.35
C ASP M 94 -31.19 -29.20 -34.47
N SER M 95 -30.75 -28.62 -33.36
CA SER M 95 -29.55 -27.77 -33.41
C SER M 95 -28.28 -28.52 -33.83
N PRO M 96 -27.93 -29.68 -33.25
CA PRO M 96 -26.72 -30.36 -33.74
C PRO M 96 -27.05 -31.23 -34.95
N LEU M 97 -26.45 -30.91 -36.09
CA LEU M 97 -26.65 -31.68 -37.30
C LEU M 97 -26.18 -33.11 -37.10
N THR M 98 -27.10 -34.06 -37.14
CA THR M 98 -26.78 -35.46 -36.87
C THR M 98 -26.94 -36.27 -38.14
N PHE M 99 -25.90 -36.99 -38.52
CA PHE M 99 -25.92 -37.87 -39.68
C PHE M 99 -26.14 -39.31 -39.23
N GLY M 100 -26.72 -40.11 -40.11
CA GLY M 100 -26.97 -41.49 -39.83
C GLY M 100 -25.71 -42.33 -39.92
N GLY M 101 -25.87 -43.62 -39.61
CA GLY M 101 -24.75 -44.54 -39.71
C GLY M 101 -24.32 -44.80 -41.14
N GLY M 102 -25.24 -44.68 -42.08
CA GLY M 102 -24.93 -44.88 -43.47
C GLY M 102 -24.95 -46.34 -43.89
N THR M 103 -25.63 -46.63 -45.00
CA THR M 103 -25.66 -47.97 -45.55
C THR M 103 -25.25 -47.92 -47.01
N LYS M 104 -24.55 -48.96 -47.46
CA LYS M 104 -24.01 -49.03 -48.81
C LYS M 104 -24.63 -50.19 -49.58
N VAL M 105 -24.78 -49.99 -50.88
CA VAL M 105 -25.35 -50.99 -51.78
C VAL M 105 -24.27 -51.47 -52.72
N ASP M 106 -24.21 -52.78 -52.94
CA ASP M 106 -23.21 -53.39 -53.79
C ASP M 106 -23.88 -54.37 -54.75
N ILE M 107 -23.16 -54.71 -55.81
CA ILE M 107 -23.69 -55.55 -56.88
C ILE M 107 -23.85 -56.97 -56.37
N LYS M 108 -24.96 -57.61 -56.76
CA LYS M 108 -25.25 -58.99 -56.40
C LYS M 108 -24.94 -59.90 -57.58
N ARG M 109 -24.26 -61.01 -57.30
CA ARG M 109 -23.90 -61.98 -58.33
C ARG M 109 -24.03 -63.38 -57.74
N THR M 110 -23.80 -64.37 -58.61
CA THR M 110 -23.89 -65.76 -58.19
C THR M 110 -22.80 -66.09 -57.16
N VAL M 111 -23.12 -66.99 -56.24
CA VAL M 111 -22.17 -67.37 -55.21
C VAL M 111 -20.96 -68.07 -55.83
N ALA M 112 -19.78 -67.72 -55.34
CA ALA M 112 -18.53 -68.30 -55.81
C ALA M 112 -17.85 -69.04 -54.66
N ALA M 113 -16.64 -69.53 -54.91
CA ALA M 113 -15.88 -70.28 -53.93
C ALA M 113 -14.49 -69.69 -53.78
N PRO M 114 -14.04 -69.44 -52.54
CA PRO M 114 -12.69 -68.90 -52.35
C PRO M 114 -11.63 -69.89 -52.76
N SER M 115 -10.52 -69.36 -53.29
CA SER M 115 -9.34 -70.16 -53.60
C SER M 115 -8.37 -70.02 -52.45
N VAL M 116 -8.36 -71.00 -51.55
CA VAL M 116 -7.60 -70.91 -50.31
C VAL M 116 -6.14 -71.24 -50.58
N PHE M 117 -5.24 -70.39 -50.09
CA PHE M 117 -3.81 -70.61 -50.18
C PHE M 117 -3.17 -70.16 -48.87
N ILE M 118 -2.20 -70.94 -48.38
CA ILE M 118 -1.48 -70.62 -47.15
C ILE M 118 0.01 -70.54 -47.45
N PHE M 119 0.73 -69.78 -46.63
CA PHE M 119 2.15 -69.54 -46.84
C PHE M 119 2.89 -69.64 -45.53
N PRO M 120 4.13 -70.11 -45.56
CA PRO M 120 4.97 -70.11 -44.35
C PRO M 120 5.81 -68.85 -44.28
N PRO M 121 6.26 -68.46 -43.09
CA PRO M 121 7.11 -67.28 -42.98
C PRO M 121 8.46 -67.48 -43.67
N SER M 122 9.00 -66.39 -44.19
CA SER M 122 10.29 -66.44 -44.86
C SER M 122 11.43 -66.46 -43.84
N ASP M 123 12.61 -66.88 -44.30
CA ASP M 123 13.76 -66.97 -43.42
C ASP M 123 14.22 -65.60 -42.94
N GLU M 124 14.26 -64.62 -43.84
CA GLU M 124 14.65 -63.27 -43.43
C GLU M 124 13.66 -62.69 -42.43
N GLN M 125 12.36 -62.88 -42.68
CA GLN M 125 11.36 -62.43 -41.74
C GLN M 125 11.51 -63.15 -40.40
N LEU M 126 11.80 -64.45 -40.45
CA LEU M 126 11.96 -65.22 -39.22
C LEU M 126 13.13 -64.71 -38.40
N LYS M 127 14.26 -64.40 -39.05
CA LYS M 127 15.40 -63.86 -38.34
C LYS M 127 15.23 -62.39 -37.96
N SER M 128 14.24 -61.71 -38.54
CA SER M 128 13.98 -60.32 -38.15
C SER M 128 13.46 -60.21 -36.72
N GLY M 129 12.83 -61.26 -36.19
CA GLY M 129 12.37 -61.22 -34.82
C GLY M 129 10.95 -61.69 -34.63
N THR M 130 10.16 -61.74 -35.71
CA THR M 130 8.78 -62.17 -35.64
C THR M 130 8.48 -63.06 -36.85
N ALA M 131 7.43 -63.88 -36.71
CA ALA M 131 6.99 -64.76 -37.78
C ALA M 131 5.56 -64.44 -38.14
N SER M 132 5.31 -64.21 -39.42
CA SER M 132 3.98 -63.90 -39.92
C SER M 132 3.51 -65.01 -40.83
N VAL M 133 2.36 -65.61 -40.50
CA VAL M 133 1.74 -66.67 -41.29
C VAL M 133 0.44 -66.13 -41.85
N VAL M 134 0.28 -66.22 -43.17
CA VAL M 134 -0.87 -65.65 -43.86
C VAL M 134 -1.50 -66.71 -44.75
N CYS M 135 -2.82 -66.82 -44.69
CA CYS M 135 -3.58 -67.65 -45.61
C CYS M 135 -4.64 -66.78 -46.29
N LEU M 136 -4.89 -67.04 -47.57
CA LEU M 136 -5.61 -66.11 -48.43
C LEU M 136 -6.86 -66.76 -49.01
N LEU M 137 -7.89 -65.94 -49.20
CA LEU M 137 -9.13 -66.33 -49.87
C LEU M 137 -9.32 -65.42 -51.08
N ASN M 138 -9.55 -66.03 -52.24
CA ASN M 138 -9.55 -65.32 -53.51
C ASN M 138 -10.87 -65.52 -54.24
N ASN M 139 -11.45 -64.43 -54.71
CA ASN M 139 -12.59 -64.42 -55.64
C ASN M 139 -13.79 -65.18 -55.07
N PHE M 140 -14.34 -64.61 -54.00
CA PHE M 140 -15.59 -65.07 -53.42
C PHE M 140 -16.55 -63.89 -53.34
N TYR M 141 -17.79 -64.09 -53.80
CA TYR M 141 -18.74 -62.98 -53.81
C TYR M 141 -19.29 -62.67 -52.42
N PRO M 142 -19.92 -63.64 -51.71
CA PRO M 142 -20.53 -63.29 -50.41
C PRO M 142 -19.48 -62.79 -49.43
N ARG M 143 -19.58 -61.52 -49.04
CA ARG M 143 -18.52 -60.89 -48.27
C ARG M 143 -18.34 -61.56 -46.91
N GLU M 144 -19.37 -62.24 -46.40
CA GLU M 144 -19.27 -62.88 -45.10
C GLU M 144 -18.37 -64.11 -45.18
N ALA M 145 -17.35 -64.14 -44.33
CA ALA M 145 -16.42 -65.26 -44.29
C ALA M 145 -15.70 -65.23 -42.95
N LYS M 146 -15.39 -66.42 -42.44
CA LYS M 146 -14.73 -66.58 -41.15
C LYS M 146 -13.47 -67.41 -41.33
N VAL M 147 -12.35 -66.91 -40.80
CA VAL M 147 -11.08 -67.62 -40.84
C VAL M 147 -10.67 -67.91 -39.40
N GLN M 148 -10.51 -69.20 -39.08
CA GLN M 148 -10.14 -69.65 -37.74
C GLN M 148 -8.79 -70.34 -37.82
N TRP M 149 -7.78 -69.79 -37.15
CA TRP M 149 -6.44 -70.33 -37.19
C TRP M 149 -6.29 -71.48 -36.20
N LYS M 150 -5.52 -72.50 -36.60
CA LYS M 150 -5.23 -73.64 -35.75
C LYS M 150 -3.71 -73.77 -35.62
N VAL M 151 -3.21 -73.60 -34.40
CA VAL M 151 -1.79 -73.77 -34.11
C VAL M 151 -1.66 -74.95 -33.15
N ASP M 152 -0.93 -75.98 -33.59
CA ASP M 152 -0.78 -77.21 -32.83
C ASP M 152 -2.15 -77.80 -32.47
N ASN M 153 -3.07 -77.76 -33.43
CA ASN M 153 -4.45 -78.24 -33.25
C ASN M 153 -5.13 -77.54 -32.08
N ALA M 154 -4.92 -76.23 -31.96
CA ALA M 154 -5.56 -75.42 -30.93
C ALA M 154 -6.12 -74.15 -31.56
N LEU M 155 -7.21 -73.67 -30.99
CA LEU M 155 -7.87 -72.47 -31.49
C LEU M 155 -7.11 -71.23 -31.03
N GLN M 156 -6.87 -70.30 -31.95
CA GLN M 156 -6.18 -69.05 -31.66
C GLN M 156 -7.16 -67.90 -31.90
N SER M 157 -7.38 -67.08 -30.88
CA SER M 157 -8.30 -65.96 -30.95
C SER M 157 -7.57 -64.69 -30.53
N GLY M 158 -7.84 -63.59 -31.25
CA GLY M 158 -7.23 -62.31 -30.98
C GLY M 158 -5.80 -62.16 -31.44
N ASN M 159 -5.09 -63.27 -31.66
CA ASN M 159 -3.70 -63.22 -32.14
C ASN M 159 -3.65 -63.30 -33.66
N SER M 160 -4.43 -62.45 -34.32
CA SER M 160 -4.52 -62.41 -35.78
C SER M 160 -5.39 -61.23 -36.18
N GLN M 161 -5.26 -60.84 -37.45
CA GLN M 161 -6.06 -59.76 -38.00
C GLN M 161 -6.10 -59.90 -39.51
N GLU M 162 -7.18 -59.43 -40.11
CA GLU M 162 -7.45 -59.65 -41.52
C GLU M 162 -7.93 -58.35 -42.18
N SER M 163 -7.75 -58.29 -43.50
CA SER M 163 -8.19 -57.17 -44.31
C SER M 163 -8.86 -57.69 -45.57
N VAL M 164 -9.76 -56.89 -46.12
CA VAL M 164 -10.50 -57.27 -47.32
C VAL M 164 -10.36 -56.18 -48.37
N THR M 165 -10.48 -56.58 -49.63
CA THR M 165 -10.45 -55.64 -50.74
C THR M 165 -11.86 -55.21 -51.12
N GLU M 166 -11.95 -54.12 -51.86
CA GLU M 166 -13.24 -53.60 -52.28
C GLU M 166 -13.80 -54.46 -53.41
N GLN M 167 -15.07 -54.20 -53.74
CA GLN M 167 -15.75 -54.96 -54.78
C GLN M 167 -15.01 -54.81 -56.10
N ASP M 168 -14.77 -55.94 -56.78
CA ASP M 168 -14.03 -55.93 -58.02
C ASP M 168 -14.82 -55.21 -59.12
N SER M 169 -14.10 -54.49 -59.97
CA SER M 169 -14.73 -53.73 -61.05
C SER M 169 -14.94 -54.58 -62.30
N LYS M 170 -14.52 -55.84 -62.30
CA LYS M 170 -14.66 -56.72 -63.45
C LYS M 170 -15.67 -57.83 -63.23
N ASP M 171 -15.51 -58.61 -62.17
CA ASP M 171 -16.43 -59.69 -61.85
C ASP M 171 -17.19 -59.49 -60.55
N SER M 172 -16.97 -58.38 -59.85
CA SER M 172 -17.69 -58.04 -58.63
C SER M 172 -17.53 -59.12 -57.56
N THR M 173 -16.28 -59.37 -57.18
CA THR M 173 -15.95 -60.36 -56.17
C THR M 173 -14.92 -59.78 -55.21
N TYR M 174 -14.86 -60.37 -54.02
CA TYR M 174 -13.98 -59.88 -52.96
C TYR M 174 -12.76 -60.79 -52.81
N SER M 175 -11.89 -60.42 -51.87
CA SER M 175 -10.72 -61.21 -51.53
C SER M 175 -10.32 -60.89 -50.09
N LEU M 176 -9.95 -61.93 -49.35
CA LEU M 176 -9.60 -61.78 -47.94
C LEU M 176 -8.25 -62.40 -47.67
N SER M 177 -7.45 -61.72 -46.84
CA SER M 177 -6.16 -62.22 -46.39
C SER M 177 -6.06 -62.03 -44.88
N SER M 178 -5.75 -63.11 -44.18
CA SER M 178 -5.64 -63.09 -42.72
C SER M 178 -4.21 -63.47 -42.32
N THR M 179 -3.59 -62.65 -41.49
CA THR M 179 -2.22 -62.85 -41.07
C THR M 179 -2.16 -63.31 -39.61
N LEU M 180 -1.25 -64.23 -39.33
CA LEU M 180 -1.02 -64.77 -37.99
C LEU M 180 0.34 -64.28 -37.53
N THR M 181 0.36 -63.13 -36.85
CA THR M 181 1.60 -62.54 -36.37
C THR M 181 2.02 -63.26 -35.10
N LEU M 182 3.13 -63.99 -35.17
CA LEU M 182 3.59 -64.83 -34.06
C LEU M 182 5.06 -64.56 -33.80
N SER M 183 5.46 -64.70 -32.53
CA SER M 183 6.85 -64.49 -32.15
C SER M 183 7.70 -65.64 -32.68
N LYS M 184 9.02 -65.40 -32.71
CA LYS M 184 9.95 -66.39 -33.23
C LYS M 184 9.93 -67.66 -32.37
N ALA M 185 9.99 -67.50 -31.05
CA ALA M 185 9.99 -68.66 -30.16
C ALA M 185 8.67 -69.41 -30.25
N ASP M 186 7.55 -68.69 -30.24
CA ASP M 186 6.25 -69.34 -30.32
C ASP M 186 6.07 -70.04 -31.66
N TYR M 187 6.56 -69.43 -32.74
CA TYR M 187 6.47 -70.06 -34.05
C TYR M 187 7.32 -71.32 -34.12
N GLU M 188 8.52 -71.29 -33.53
CA GLU M 188 9.41 -72.44 -33.59
C GLU M 188 9.08 -73.52 -32.57
N LYS M 189 8.21 -73.23 -31.59
CA LYS M 189 7.85 -74.22 -30.59
C LYS M 189 6.63 -75.05 -30.97
N HIS M 190 6.00 -74.78 -32.12
CA HIS M 190 4.82 -75.50 -32.55
C HIS M 190 5.11 -76.29 -33.82
N LYS M 191 4.23 -77.27 -34.08
CA LYS M 191 4.44 -78.23 -35.16
C LYS M 191 3.62 -77.90 -36.40
N VAL M 192 2.31 -77.78 -36.26
CA VAL M 192 1.41 -77.64 -37.40
C VAL M 192 0.72 -76.28 -37.35
N TYR M 193 0.34 -75.80 -38.53
CA TYR M 193 -0.39 -74.54 -38.66
C TYR M 193 -1.45 -74.69 -39.74
N ALA M 194 -2.64 -74.19 -39.45
CA ALA M 194 -3.74 -74.25 -40.41
C ALA M 194 -4.77 -73.18 -40.07
N CYS M 195 -5.51 -72.74 -41.09
CA CYS M 195 -6.61 -71.80 -40.91
C CYS M 195 -7.88 -72.41 -41.49
N GLU M 196 -8.96 -72.37 -40.72
CA GLU M 196 -10.24 -72.93 -41.11
C GLU M 196 -11.11 -71.81 -41.68
N VAL M 197 -11.68 -72.05 -42.87
CA VAL M 197 -12.49 -71.06 -43.57
C VAL M 197 -13.89 -71.63 -43.76
N THR M 198 -14.91 -70.83 -43.43
CA THR M 198 -16.30 -71.21 -43.58
C THR M 198 -16.98 -70.24 -44.53
N HIS M 199 -17.70 -70.79 -45.50
CA HIS M 199 -18.37 -69.98 -46.51
C HIS M 199 -19.59 -70.74 -47.01
N GLN M 200 -20.62 -69.99 -47.40
CA GLN M 200 -21.83 -70.63 -47.91
C GLN M 200 -21.63 -71.23 -49.30
N GLY M 201 -20.55 -70.88 -49.99
CA GLY M 201 -20.23 -71.50 -51.26
C GLY M 201 -19.69 -72.90 -51.16
N LEU M 202 -19.29 -73.34 -49.96
CA LEU M 202 -18.80 -74.69 -49.71
C LEU M 202 -19.56 -75.28 -48.54
N SER M 203 -20.27 -76.38 -48.78
CA SER M 203 -21.02 -77.03 -47.71
C SER M 203 -20.08 -77.55 -46.63
N SER M 204 -18.96 -78.15 -47.03
CA SER M 204 -17.99 -78.67 -46.09
C SER M 204 -16.83 -77.71 -45.97
N PRO M 205 -16.55 -77.16 -44.79
CA PRO M 205 -15.41 -76.25 -44.66
C PRO M 205 -14.09 -76.95 -44.99
N VAL M 206 -13.18 -76.20 -45.59
CA VAL M 206 -11.89 -76.72 -46.03
C VAL M 206 -10.80 -76.14 -45.13
N THR M 207 -9.90 -77.01 -44.69
CA THR M 207 -8.77 -76.63 -43.84
C THR M 207 -7.48 -76.96 -44.57
N LYS M 208 -6.66 -75.94 -44.80
CA LYS M 208 -5.36 -76.10 -45.45
C LYS M 208 -4.27 -75.97 -44.39
N SER M 209 -3.42 -76.99 -44.28
CA SER M 209 -2.42 -77.06 -43.24
C SER M 209 -1.04 -77.29 -43.86
N PHE M 210 -0.03 -76.69 -43.24
CA PHE M 210 1.36 -76.91 -43.61
C PHE M 210 2.17 -77.17 -42.35
N ASN M 211 3.27 -77.89 -42.51
CA ASN M 211 4.15 -78.25 -41.41
C ASN M 211 5.49 -77.58 -41.60
N ARG M 212 5.98 -76.94 -40.53
CA ARG M 212 7.24 -76.21 -40.60
C ARG M 212 8.41 -77.19 -40.72
N GLY M 213 9.35 -76.89 -41.60
CA GLY M 213 10.57 -77.66 -41.74
C GLY M 213 10.78 -78.29 -43.10
N GLU M 214 9.73 -78.44 -43.92
CA GLU M 214 9.88 -79.00 -45.25
C GLU M 214 9.02 -78.22 -46.24
N CYS M 215 9.43 -78.27 -47.49
CA CYS M 215 8.70 -77.58 -48.56
C CYS M 215 8.30 -78.56 -49.65
N GLU N 1 -63.24 -50.15 -30.47
CA GLU N 1 -63.99 -48.90 -30.30
C GLU N 1 -63.76 -48.31 -28.91
N VAL N 2 -63.33 -47.05 -28.89
CA VAL N 2 -63.06 -46.37 -27.61
C VAL N 2 -64.39 -45.97 -26.98
N GLN N 3 -64.52 -46.23 -25.68
CA GLN N 3 -65.73 -45.93 -24.96
C GLN N 3 -65.43 -45.89 -23.46
N LEU N 4 -66.22 -45.12 -22.73
CA LEU N 4 -66.05 -44.92 -21.30
C LEU N 4 -67.25 -45.46 -20.55
N VAL N 5 -66.98 -46.23 -19.49
CA VAL N 5 -68.01 -46.75 -18.61
C VAL N 5 -67.80 -46.15 -17.23
N GLU N 6 -68.86 -45.60 -16.65
CA GLU N 6 -68.80 -44.99 -15.33
C GLU N 6 -69.93 -45.53 -14.47
N SER N 7 -69.70 -45.56 -13.16
CA SER N 7 -70.65 -46.12 -12.22
C SER N 7 -70.37 -45.51 -10.84
N GLY N 8 -70.95 -46.13 -9.81
CA GLY N 8 -70.74 -45.67 -8.45
C GLY N 8 -71.62 -44.52 -8.02
N GLY N 9 -72.78 -44.34 -8.67
CA GLY N 9 -73.66 -43.25 -8.34
C GLY N 9 -75.03 -43.77 -7.96
N GLY N 10 -75.76 -42.93 -7.21
CA GLY N 10 -77.09 -43.28 -6.77
C GLY N 10 -77.57 -42.30 -5.72
N VAL N 11 -78.69 -42.66 -5.10
CA VAL N 11 -79.26 -41.81 -4.05
C VAL N 11 -78.45 -41.95 -2.77
N VAL N 12 -78.05 -40.83 -2.20
CA VAL N 12 -77.22 -40.80 -1.00
C VAL N 12 -77.76 -39.74 -0.06
N GLN N 13 -77.86 -40.09 1.23
CA GLN N 13 -78.27 -39.13 2.23
C GLN N 13 -77.24 -38.00 2.33
N PRO N 14 -77.67 -36.75 2.53
CA PRO N 14 -76.71 -35.66 2.64
C PRO N 14 -75.75 -35.86 3.81
N GLY N 15 -74.49 -35.48 3.60
CA GLY N 15 -73.47 -35.61 4.60
C GLY N 15 -72.67 -36.89 4.57
N ARG N 16 -73.08 -37.87 3.77
CA ARG N 16 -72.38 -39.15 3.66
C ARG N 16 -71.35 -39.07 2.54
N SER N 17 -70.78 -40.22 2.17
CA SER N 17 -69.73 -40.29 1.17
C SER N 17 -70.12 -41.27 0.07
N LEU N 18 -69.55 -41.06 -1.11
CA LEU N 18 -69.80 -41.92 -2.26
C LEU N 18 -68.52 -42.02 -3.08
N ARG N 19 -68.39 -43.12 -3.82
CA ARG N 19 -67.23 -43.39 -4.65
C ARG N 19 -67.69 -43.64 -6.08
N LEU N 20 -67.17 -42.87 -7.02
CA LEU N 20 -67.52 -42.99 -8.44
C LEU N 20 -66.33 -43.51 -9.22
N SER N 21 -66.56 -44.57 -10.00
CA SER N 21 -65.51 -45.19 -10.81
C SER N 21 -65.88 -45.06 -12.28
N CYS N 22 -64.97 -44.48 -13.07
CA CYS N 22 -65.14 -44.36 -14.51
C CYS N 22 -64.15 -45.27 -15.18
N ALA N 23 -64.63 -46.41 -15.68
CA ALA N 23 -63.77 -47.39 -16.34
C ALA N 23 -63.51 -46.98 -17.79
N ALA N 24 -62.29 -47.23 -18.26
CA ALA N 24 -61.86 -46.84 -19.58
C ALA N 24 -61.42 -48.07 -20.37
N SER N 25 -61.66 -48.04 -21.68
CA SER N 25 -61.29 -49.13 -22.57
C SER N 25 -61.11 -48.60 -23.98
N GLY N 26 -60.26 -49.28 -24.74
CA GLY N 26 -59.99 -48.92 -26.11
C GLY N 26 -58.79 -48.01 -26.32
N PHE N 27 -58.19 -47.50 -25.25
CA PHE N 27 -57.06 -46.60 -25.35
C PHE N 27 -56.15 -46.79 -24.15
N THR N 28 -55.06 -46.01 -24.13
CA THR N 28 -54.08 -46.06 -23.05
C THR N 28 -54.51 -45.11 -21.94
N PHE N 29 -54.93 -45.66 -20.80
CA PHE N 29 -55.36 -44.84 -19.68
C PHE N 29 -54.19 -44.19 -18.95
N SER N 30 -52.98 -44.70 -19.13
CA SER N 30 -51.83 -44.22 -18.38
C SER N 30 -51.19 -42.97 -18.98
N SER N 31 -51.73 -42.44 -20.08
CA SER N 31 -51.14 -41.28 -20.73
C SER N 31 -52.10 -40.14 -21.03
N TYR N 32 -53.42 -40.36 -21.02
CA TYR N 32 -54.34 -39.28 -21.28
C TYR N 32 -54.70 -38.54 -19.99
N ALA N 33 -55.35 -37.39 -20.17
CA ALA N 33 -55.88 -36.60 -19.07
C ALA N 33 -57.37 -36.84 -18.94
N MET N 34 -57.83 -36.94 -17.70
CA MET N 34 -59.22 -37.28 -17.41
C MET N 34 -59.94 -36.08 -16.81
N HIS N 35 -61.22 -35.93 -17.16
CA HIS N 35 -62.03 -34.82 -16.69
C HIS N 35 -63.30 -35.36 -16.05
N TRP N 36 -63.83 -34.58 -15.09
CA TRP N 36 -65.13 -34.84 -14.49
C TRP N 36 -66.02 -33.62 -14.73
N VAL N 37 -67.21 -33.84 -15.28
CA VAL N 37 -68.14 -32.77 -15.58
C VAL N 37 -69.53 -33.21 -15.16
N ARG N 38 -70.22 -32.37 -14.39
CA ARG N 38 -71.57 -32.64 -13.94
C ARG N 38 -72.55 -31.70 -14.64
N GLN N 39 -73.82 -32.10 -14.64
CA GLN N 39 -74.89 -31.34 -15.29
C GLN N 39 -76.13 -31.43 -14.43
N ALA N 40 -76.52 -30.30 -13.82
CA ALA N 40 -77.71 -30.28 -12.98
C ALA N 40 -78.96 -30.50 -13.83
N PRO N 41 -79.99 -31.13 -13.26
CA PRO N 41 -81.22 -31.36 -14.02
C PRO N 41 -81.85 -30.05 -14.47
N GLY N 42 -82.04 -29.92 -15.78
CA GLY N 42 -82.57 -28.70 -16.36
C GLY N 42 -81.57 -27.60 -16.58
N LYS N 43 -80.30 -27.83 -16.28
CA LYS N 43 -79.24 -26.84 -16.42
C LYS N 43 -78.16 -27.37 -17.36
N GLY N 44 -77.20 -26.51 -17.66
CA GLY N 44 -76.11 -26.87 -18.55
C GLY N 44 -74.98 -27.57 -17.83
N LEU N 45 -73.90 -27.80 -18.57
CA LEU N 45 -72.72 -28.46 -18.03
C LEU N 45 -71.96 -27.53 -17.10
N GLU N 46 -71.32 -28.12 -16.10
CA GLU N 46 -70.46 -27.38 -15.18
C GLU N 46 -69.20 -28.19 -14.92
N TRP N 47 -68.04 -27.57 -15.13
CA TRP N 47 -66.77 -28.25 -14.92
C TRP N 47 -66.57 -28.56 -13.44
N VAL N 48 -65.97 -29.72 -13.16
CA VAL N 48 -65.80 -30.15 -11.78
C VAL N 48 -64.32 -30.25 -11.42
N ALA N 49 -63.58 -31.14 -12.10
CA ALA N 49 -62.20 -31.37 -11.73
C ALA N 49 -61.45 -31.98 -12.91
N VAL N 50 -60.12 -31.88 -12.85
CA VAL N 50 -59.23 -32.44 -13.85
C VAL N 50 -58.03 -33.06 -13.14
N ILE N 51 -57.44 -34.07 -13.77
CA ILE N 51 -56.26 -34.74 -13.24
C ILE N 51 -55.31 -35.04 -14.40
N SER N 52 -54.01 -34.94 -14.14
CA SER N 52 -53.01 -35.22 -15.16
C SER N 52 -52.92 -36.73 -15.41
N PHE N 53 -52.09 -37.10 -16.39
CA PHE N 53 -51.97 -38.52 -16.74
C PHE N 53 -51.37 -39.33 -15.60
N ASP N 54 -50.38 -38.78 -14.91
CA ASP N 54 -49.74 -39.47 -13.81
C ASP N 54 -50.35 -39.14 -12.45
N GLY N 55 -51.40 -38.33 -12.42
CA GLY N 55 -52.06 -37.98 -11.18
C GLY N 55 -51.19 -37.19 -10.23
N SER N 56 -50.49 -36.18 -10.74
CA SER N 56 -49.61 -35.37 -9.92
C SER N 56 -50.08 -33.93 -9.75
N ASN N 57 -50.81 -33.38 -10.71
CA ASN N 57 -51.35 -32.03 -10.63
C ASN N 57 -52.87 -32.13 -10.67
N LYS N 58 -53.50 -31.87 -9.53
CA LYS N 58 -54.93 -32.08 -9.35
C LYS N 58 -55.61 -30.74 -9.16
N TYR N 59 -56.52 -30.39 -10.06
CA TYR N 59 -57.14 -29.07 -10.09
C TYR N 59 -58.65 -29.21 -10.09
N TYR N 60 -59.31 -28.45 -9.22
CA TYR N 60 -60.75 -28.51 -9.03
C TYR N 60 -61.39 -27.21 -9.46
N ALA N 61 -62.72 -27.22 -9.52
CA ALA N 61 -63.46 -26.00 -9.86
C ALA N 61 -63.48 -25.05 -8.66
N ASP N 62 -63.84 -23.80 -8.94
CA ASP N 62 -63.83 -22.77 -7.90
C ASP N 62 -64.88 -23.01 -6.82
N SER N 63 -66.00 -23.66 -7.16
CA SER N 63 -67.10 -23.84 -6.23
C SER N 63 -66.99 -25.12 -5.41
N VAL N 64 -66.35 -26.15 -5.95
CA VAL N 64 -66.29 -27.46 -5.29
C VAL N 64 -64.96 -27.69 -4.59
N LYS N 65 -64.15 -26.65 -4.42
CA LYS N 65 -62.86 -26.81 -3.78
C LYS N 65 -63.02 -27.14 -2.31
N GLY N 66 -62.21 -28.08 -1.82
CA GLY N 66 -62.22 -28.50 -0.43
C GLY N 66 -63.10 -29.70 -0.14
N ARG N 67 -64.22 -29.81 -0.84
CA ARG N 67 -65.15 -30.92 -0.63
C ARG N 67 -64.84 -32.08 -1.56
N PHE N 68 -64.82 -31.83 -2.87
CA PHE N 68 -64.58 -32.87 -3.84
C PHE N 68 -63.09 -33.15 -3.98
N THR N 69 -62.72 -34.43 -3.94
CA THR N 69 -61.34 -34.85 -4.15
C THR N 69 -61.33 -35.95 -5.20
N ILE N 70 -60.28 -35.95 -6.02
CA ILE N 70 -60.18 -36.83 -7.18
C ILE N 70 -58.87 -37.60 -7.10
N SER N 71 -58.85 -38.76 -7.75
CA SER N 71 -57.64 -39.58 -7.83
C SER N 71 -57.80 -40.55 -9.00
N ARG N 72 -56.68 -41.11 -9.44
CA ARG N 72 -56.68 -42.05 -10.53
C ARG N 72 -55.78 -43.23 -10.20
N ASP N 73 -56.09 -44.37 -10.81
CA ASP N 73 -55.30 -45.59 -10.66
C ASP N 73 -55.10 -46.14 -12.07
N ASN N 74 -53.94 -45.86 -12.65
CA ASN N 74 -53.67 -46.31 -14.02
C ASN N 74 -53.60 -47.83 -14.10
N SER N 75 -53.05 -48.47 -13.07
CA SER N 75 -52.96 -49.93 -13.06
C SER N 75 -54.35 -50.56 -13.09
N LYS N 76 -55.29 -50.00 -12.32
CA LYS N 76 -56.66 -50.50 -12.32
C LYS N 76 -57.47 -50.00 -13.51
N ASN N 77 -56.96 -49.00 -14.24
CA ASN N 77 -57.67 -48.43 -15.38
C ASN N 77 -59.03 -47.87 -14.97
N THR N 78 -59.04 -47.11 -13.87
CA THR N 78 -60.26 -46.54 -13.32
C THR N 78 -59.99 -45.12 -12.84
N LEU N 79 -61.06 -44.33 -12.77
CA LEU N 79 -61.02 -42.97 -12.26
C LEU N 79 -61.81 -42.91 -10.96
N TYR N 80 -61.19 -42.36 -9.91
CA TYR N 80 -61.78 -42.34 -8.58
C TYR N 80 -62.11 -40.91 -8.18
N LEU N 81 -63.36 -40.68 -7.80
CA LEU N 81 -63.81 -39.38 -7.31
C LEU N 81 -64.46 -39.59 -5.95
N GLN N 82 -63.97 -38.88 -4.94
CA GLN N 82 -64.46 -39.02 -3.57
C GLN N 82 -65.50 -37.95 -3.27
N MET N 83 -66.63 -38.36 -2.72
CA MET N 83 -67.70 -37.44 -2.33
C MET N 83 -67.56 -37.14 -0.85
N ASN N 84 -67.18 -35.91 -0.51
CA ASN N 84 -67.01 -35.48 0.87
C ASN N 84 -67.80 -34.22 1.11
N SER N 85 -68.49 -34.16 2.26
CA SER N 85 -69.33 -33.01 2.62
C SER N 85 -70.34 -32.71 1.53
N LEU N 86 -70.96 -33.76 1.00
CA LEU N 86 -71.94 -33.60 -0.06
C LEU N 86 -73.16 -32.84 0.46
N ARG N 87 -73.63 -31.87 -0.33
CA ARG N 87 -74.76 -31.03 0.05
C ARG N 87 -75.86 -31.14 -1.00
N ALA N 88 -76.94 -30.39 -0.77
CA ALA N 88 -78.18 -30.61 -1.51
C ALA N 88 -78.06 -30.24 -2.97
N GLU N 89 -77.37 -29.13 -3.28
CA GLU N 89 -77.32 -28.64 -4.65
C GLU N 89 -76.46 -29.48 -5.58
N ASP N 90 -75.72 -30.46 -5.04
CA ASP N 90 -74.87 -31.31 -5.85
C ASP N 90 -75.64 -32.39 -6.61
N THR N 91 -76.97 -32.30 -6.66
CA THR N 91 -77.77 -33.23 -7.44
C THR N 91 -77.56 -32.96 -8.93
N ALA N 92 -76.95 -33.91 -9.63
CA ALA N 92 -76.64 -33.74 -11.04
C ALA N 92 -76.25 -35.11 -11.60
N VAL N 93 -76.02 -35.15 -12.91
CA VAL N 93 -75.47 -36.31 -13.59
C VAL N 93 -74.01 -36.01 -13.93
N TYR N 94 -73.13 -36.95 -13.60
CA TYR N 94 -71.70 -36.72 -13.67
C TYR N 94 -71.11 -37.42 -14.90
N TYR N 95 -70.41 -36.66 -15.73
CA TYR N 95 -69.79 -37.15 -16.95
C TYR N 95 -68.28 -37.21 -16.77
N CYS N 96 -67.67 -38.33 -17.11
CA CYS N 96 -66.21 -38.46 -17.15
C CYS N 96 -65.77 -38.40 -18.61
N ALA N 97 -64.88 -37.47 -18.92
CA ALA N 97 -64.43 -37.23 -20.28
C ALA N 97 -62.96 -37.58 -20.44
N ARG N 98 -62.49 -37.50 -21.68
CA ARG N 98 -61.12 -37.83 -22.05
C ARG N 98 -60.51 -36.64 -22.78
N ALA N 99 -59.31 -36.23 -22.35
CA ALA N 99 -58.63 -35.09 -22.94
C ALA N 99 -57.16 -35.44 -23.13
N SER N 100 -56.54 -34.80 -24.12
CA SER N 100 -55.14 -35.06 -24.44
C SER N 100 -54.21 -34.29 -23.51
N ILE N 101 -54.28 -32.97 -23.52
CA ILE N 101 -53.46 -32.13 -22.67
C ILE N 101 -54.10 -32.04 -21.29
N THR N 102 -53.27 -31.93 -20.25
CA THR N 102 -53.79 -31.71 -18.91
C THR N 102 -54.59 -30.42 -18.84
N THR N 103 -54.15 -29.39 -19.55
CA THR N 103 -54.90 -28.14 -19.64
C THR N 103 -56.00 -28.18 -20.70
N THR N 104 -56.25 -29.36 -21.29
CA THR N 104 -57.25 -29.54 -22.33
C THR N 104 -57.04 -28.52 -23.46
N ASP N 105 -55.81 -28.50 -23.96
CA ASP N 105 -55.50 -27.62 -25.09
C ASP N 105 -56.27 -28.03 -26.33
N ASP N 106 -56.42 -29.33 -26.55
CA ASP N 106 -57.09 -29.85 -27.75
C ASP N 106 -58.05 -30.99 -27.44
N GLY N 107 -58.18 -31.38 -26.18
CA GLY N 107 -58.93 -32.56 -25.80
C GLY N 107 -60.38 -32.28 -25.49
N MET N 108 -60.94 -33.08 -24.58
CA MET N 108 -62.37 -33.08 -24.24
C MET N 108 -63.21 -33.44 -25.47
N ASP N 109 -62.89 -34.60 -26.04
CA ASP N 109 -63.55 -35.09 -27.24
C ASP N 109 -64.30 -36.40 -27.06
N VAL N 110 -63.86 -37.26 -26.14
CA VAL N 110 -64.47 -38.57 -25.92
C VAL N 110 -65.07 -38.58 -24.52
N TRP N 111 -66.35 -38.90 -24.44
CA TRP N 111 -67.10 -38.91 -23.19
C TRP N 111 -67.67 -40.30 -22.93
N GLY N 112 -68.44 -40.42 -21.85
CA GLY N 112 -69.13 -41.63 -21.48
C GLY N 112 -70.63 -41.51 -21.66
N GLN N 113 -71.37 -41.95 -20.63
CA GLN N 113 -72.83 -41.84 -20.63
C GLN N 113 -73.39 -41.02 -19.48
N GLY N 114 -72.70 -40.97 -18.34
CA GLY N 114 -73.15 -40.16 -17.23
C GLY N 114 -74.05 -40.89 -16.27
N THR N 115 -73.60 -41.04 -15.02
CA THR N 115 -74.41 -41.62 -13.95
C THR N 115 -74.97 -40.49 -13.10
N THR N 116 -76.29 -40.44 -12.97
CA THR N 116 -76.94 -39.41 -12.17
C THR N 116 -76.77 -39.71 -10.68
N VAL N 117 -76.57 -38.65 -9.91
CA VAL N 117 -76.53 -38.74 -8.45
C VAL N 117 -77.54 -37.75 -7.89
N THR N 118 -78.37 -38.22 -6.96
CA THR N 118 -79.45 -37.41 -6.39
C THR N 118 -79.36 -37.47 -4.87
N VAL N 119 -79.41 -36.30 -4.24
CA VAL N 119 -79.44 -36.19 -2.78
C VAL N 119 -80.75 -35.53 -2.38
N SER N 120 -81.50 -36.21 -1.52
CA SER N 120 -82.81 -35.75 -1.08
C SER N 120 -83.28 -36.69 0.04
N SER N 121 -84.45 -36.38 0.59
CA SER N 121 -85.02 -37.19 1.66
C SER N 121 -85.86 -38.33 1.09
N ASP O 1 -61.55 -15.76 -12.35
CA ASP O 1 -62.58 -16.51 -13.06
C ASP O 1 -63.09 -15.74 -14.27
N ILE O 2 -63.41 -16.46 -15.34
CA ILE O 2 -63.87 -15.87 -16.59
C ILE O 2 -65.28 -16.38 -16.86
N GLN O 3 -66.20 -15.45 -17.10
CA GLN O 3 -67.59 -15.78 -17.39
C GLN O 3 -67.78 -15.93 -18.89
N MET O 4 -68.56 -16.95 -19.27
CA MET O 4 -68.80 -17.28 -20.67
C MET O 4 -70.26 -17.02 -20.97
N THR O 5 -70.53 -16.17 -21.96
CA THR O 5 -71.89 -15.77 -22.31
C THR O 5 -72.10 -15.89 -23.80
N GLN O 6 -73.28 -16.37 -24.19
CA GLN O 6 -73.71 -16.42 -25.58
C GLN O 6 -74.84 -15.43 -25.77
N SER O 7 -74.66 -14.49 -26.70
CA SER O 7 -75.72 -13.50 -26.95
C SER O 7 -77.03 -14.13 -27.43
N PRO O 8 -77.05 -15.08 -28.39
CA PRO O 8 -78.32 -15.73 -28.73
C PRO O 8 -78.67 -16.80 -27.71
N SER O 9 -79.65 -16.50 -26.85
CA SER O 9 -80.14 -17.51 -25.92
C SER O 9 -80.86 -18.62 -26.66
N SER O 10 -81.63 -18.27 -27.68
CA SER O 10 -82.33 -19.24 -28.53
C SER O 10 -82.45 -18.65 -29.92
N VAL O 11 -82.34 -19.50 -30.93
CA VAL O 11 -82.44 -19.08 -32.32
C VAL O 11 -83.46 -19.96 -33.03
N SER O 12 -84.10 -19.41 -34.04
CA SER O 12 -85.14 -20.09 -34.79
C SER O 12 -84.74 -20.20 -36.26
N ALA O 13 -84.79 -21.42 -36.79
CA ALA O 13 -84.47 -21.68 -38.20
C ALA O 13 -84.92 -23.11 -38.51
N SER O 14 -84.65 -23.54 -39.73
CA SER O 14 -84.98 -24.88 -40.17
C SER O 14 -83.85 -25.40 -41.05
N VAL O 15 -84.10 -26.50 -41.75
CA VAL O 15 -83.08 -27.10 -42.61
C VAL O 15 -82.80 -26.19 -43.80
N GLY O 16 -81.58 -26.26 -44.30
CA GLY O 16 -81.17 -25.44 -45.43
C GLY O 16 -81.15 -23.95 -45.15
N ASP O 17 -80.64 -23.55 -43.98
CA ASP O 17 -80.60 -22.14 -43.61
C ASP O 17 -79.21 -21.74 -43.15
N ARG O 18 -79.07 -20.54 -42.60
CA ARG O 18 -77.81 -20.06 -42.05
C ARG O 18 -78.03 -19.57 -40.64
N VAL O 19 -77.26 -20.12 -39.69
CA VAL O 19 -77.38 -19.76 -38.28
C VAL O 19 -75.98 -19.46 -37.74
N THR O 20 -75.84 -18.34 -37.06
CA THR O 20 -74.59 -17.95 -36.42
C THR O 20 -74.80 -17.83 -34.92
N ILE O 21 -74.00 -18.55 -34.14
CA ILE O 21 -74.06 -18.52 -32.69
C ILE O 21 -72.80 -17.83 -32.20
N THR O 22 -72.96 -16.79 -31.40
CA THR O 22 -71.85 -15.98 -30.93
C THR O 22 -71.68 -16.17 -29.42
N CYS O 23 -70.43 -16.35 -29.00
CA CYS O 23 -70.10 -16.52 -27.59
C CYS O 23 -69.05 -15.48 -27.20
N ARG O 24 -69.15 -15.01 -25.95
CA ARG O 24 -68.27 -13.97 -25.45
C ARG O 24 -67.67 -14.41 -24.13
N ALA O 25 -66.55 -13.79 -23.77
CA ALA O 25 -65.81 -14.13 -22.56
C ALA O 25 -65.54 -12.88 -21.75
N SER O 26 -65.41 -13.06 -20.43
CA SER O 26 -65.16 -11.93 -19.54
C SER O 26 -63.82 -11.27 -19.83
N GLN O 27 -62.78 -12.08 -20.04
CA GLN O 27 -61.44 -11.60 -20.31
C GLN O 27 -61.04 -11.95 -21.73
N GLY O 28 -59.78 -11.66 -22.06
CA GLY O 28 -59.27 -11.92 -23.39
C GLY O 28 -58.51 -13.23 -23.50
N ILE O 29 -59.16 -14.25 -24.07
CA ILE O 29 -58.52 -15.54 -24.31
C ILE O 29 -57.97 -15.52 -25.73
N SER O 30 -56.76 -16.06 -25.90
CA SER O 30 -56.11 -15.98 -27.20
C SER O 30 -56.90 -16.75 -28.26
N SER O 31 -56.90 -18.08 -28.17
CA SER O 31 -57.73 -18.88 -29.06
C SER O 31 -58.32 -20.10 -28.38
N TRP O 32 -58.14 -20.29 -27.07
CA TRP O 32 -58.52 -21.53 -26.41
C TRP O 32 -60.02 -21.51 -26.15
N LEU O 33 -60.77 -22.10 -27.07
CA LEU O 33 -62.22 -22.19 -26.94
C LEU O 33 -62.71 -23.39 -27.73
N ALA O 34 -63.71 -24.09 -27.18
CA ALA O 34 -64.26 -25.29 -27.81
C ALA O 34 -65.77 -25.22 -27.82
N TRP O 35 -66.37 -25.79 -28.85
CA TRP O 35 -67.81 -25.89 -29.00
C TRP O 35 -68.24 -27.34 -28.90
N TYR O 36 -69.44 -27.57 -28.39
CA TYR O 36 -69.93 -28.92 -28.16
C TYR O 36 -71.37 -29.02 -28.66
N GLN O 37 -71.77 -30.26 -28.98
CA GLN O 37 -73.13 -30.58 -29.38
C GLN O 37 -73.77 -31.41 -28.28
N GLN O 38 -74.90 -30.94 -27.76
CA GLN O 38 -75.61 -31.59 -26.66
C GLN O 38 -77.04 -31.90 -27.09
N LYS O 39 -77.22 -33.06 -27.72
CA LYS O 39 -78.57 -33.55 -27.95
C LYS O 39 -79.18 -33.99 -26.61
N PRO O 40 -80.48 -33.80 -26.42
CA PRO O 40 -81.10 -34.18 -25.15
C PRO O 40 -80.91 -35.65 -24.85
N GLY O 41 -80.59 -35.96 -23.59
CA GLY O 41 -80.38 -37.33 -23.18
C GLY O 41 -79.16 -38.00 -23.75
N LYS O 42 -78.22 -37.23 -24.29
CA LYS O 42 -77.03 -37.80 -24.92
C LYS O 42 -75.78 -37.07 -24.43
N ALA O 43 -74.66 -37.78 -24.45
CA ALA O 43 -73.39 -37.20 -24.05
C ALA O 43 -72.94 -36.15 -25.07
N PRO O 44 -72.25 -35.10 -24.62
CA PRO O 44 -71.74 -34.11 -25.55
C PRO O 44 -70.63 -34.66 -26.42
N LYS O 45 -70.47 -34.05 -27.59
CA LYS O 45 -69.41 -34.41 -28.52
C LYS O 45 -68.74 -33.14 -29.03
N LEU O 46 -67.42 -33.20 -29.19
CA LEU O 46 -66.66 -32.06 -29.66
C LEU O 46 -66.77 -31.93 -31.18
N LEU O 47 -66.97 -30.71 -31.64
CA LEU O 47 -66.95 -30.45 -33.07
C LEU O 47 -65.98 -29.34 -33.46
N ILE O 48 -65.83 -28.32 -32.62
CA ILE O 48 -64.93 -27.20 -32.88
C ILE O 48 -63.96 -27.11 -31.70
N TYR O 49 -62.66 -27.06 -32.00
CA TYR O 49 -61.64 -26.87 -30.99
C TYR O 49 -60.63 -25.83 -31.47
N ALA O 50 -59.96 -25.20 -30.51
CA ALA O 50 -59.02 -24.12 -30.75
C ALA O 50 -59.67 -22.94 -31.48
N ALA O 51 -61.00 -22.87 -31.45
CA ALA O 51 -61.81 -21.79 -31.99
C ALA O 51 -61.81 -21.78 -33.51
N SER O 52 -60.95 -22.61 -34.13
CA SER O 52 -60.99 -22.80 -35.58
C SER O 52 -60.29 -24.13 -35.87
N SER O 53 -61.09 -25.18 -36.05
CA SER O 53 -60.61 -26.52 -36.39
C SER O 53 -61.84 -27.40 -36.57
N LEU O 54 -61.60 -28.61 -37.08
CA LEU O 54 -62.65 -29.60 -37.24
C LEU O 54 -62.22 -30.90 -36.58
N GLN O 55 -63.04 -31.40 -35.67
CA GLN O 55 -62.76 -32.69 -35.05
C GLN O 55 -62.87 -33.80 -36.09
N SER O 56 -62.02 -34.82 -35.94
CA SER O 56 -61.99 -35.94 -36.88
C SER O 56 -63.29 -36.72 -36.78
N GLY O 57 -64.16 -36.55 -37.78
CA GLY O 57 -65.42 -37.26 -37.79
C GLY O 57 -66.62 -36.39 -38.05
N VAL O 58 -66.60 -35.16 -37.54
CA VAL O 58 -67.71 -34.23 -37.69
C VAL O 58 -67.80 -33.79 -39.15
N PRO O 59 -68.99 -33.46 -39.65
CA PRO O 59 -69.11 -32.98 -41.04
C PRO O 59 -68.38 -31.65 -41.22
N SER O 60 -67.93 -31.43 -42.45
CA SER O 60 -67.19 -30.22 -42.81
C SER O 60 -68.13 -29.07 -43.16
N ARG O 61 -69.07 -28.78 -42.25
CA ARG O 61 -69.97 -27.65 -42.40
C ARG O 61 -69.94 -26.70 -41.21
N PHE O 62 -69.52 -27.15 -40.04
CA PHE O 62 -69.45 -26.32 -38.85
C PHE O 62 -68.10 -25.61 -38.87
N SER O 63 -68.10 -24.34 -39.29
CA SER O 63 -66.88 -23.57 -39.45
C SER O 63 -66.86 -22.45 -38.41
N GLY O 64 -66.33 -22.76 -37.23
CA GLY O 64 -66.17 -21.74 -36.21
C GLY O 64 -65.06 -20.76 -36.56
N SER O 65 -65.11 -19.60 -35.92
CA SER O 65 -64.12 -18.55 -36.14
C SER O 65 -64.09 -17.65 -34.92
N GLY O 66 -63.32 -16.58 -35.01
CA GLY O 66 -63.19 -15.62 -33.92
C GLY O 66 -61.97 -15.88 -33.07
N SER O 67 -61.40 -14.79 -32.55
CA SER O 67 -60.23 -14.87 -31.70
C SER O 67 -60.20 -13.64 -30.81
N GLY O 68 -59.75 -13.82 -29.57
CA GLY O 68 -59.75 -12.74 -28.60
C GLY O 68 -60.92 -12.84 -27.64
N THR O 69 -61.95 -12.04 -27.87
CA THR O 69 -63.17 -12.08 -27.05
C THR O 69 -64.39 -12.52 -27.84
N ASP O 70 -64.52 -12.08 -29.10
CA ASP O 70 -65.66 -12.48 -29.91
C ASP O 70 -65.40 -13.82 -30.57
N PHE O 71 -66.34 -14.76 -30.37
CA PHE O 71 -66.23 -16.08 -30.96
C PHE O 71 -67.57 -16.46 -31.57
N THR O 72 -67.55 -16.91 -32.82
CA THR O 72 -68.76 -17.22 -33.57
C THR O 72 -68.71 -18.63 -34.12
N LEU O 73 -69.88 -19.25 -34.23
CA LEU O 73 -70.04 -20.56 -34.86
C LEU O 73 -71.04 -20.40 -36.00
N THR O 74 -70.56 -20.52 -37.23
CA THR O 74 -71.36 -20.28 -38.42
C THR O 74 -71.69 -21.61 -39.10
N ILE O 75 -72.99 -21.83 -39.35
CA ILE O 75 -73.46 -23.01 -40.07
C ILE O 75 -74.22 -22.51 -41.29
N SER O 76 -73.89 -23.08 -42.45
CA SER O 76 -74.56 -22.73 -43.70
C SER O 76 -75.31 -23.91 -44.32
N SER O 77 -75.23 -25.08 -43.72
CA SER O 77 -75.75 -26.32 -44.28
C SER O 77 -76.53 -27.11 -43.22
N LEU O 78 -77.44 -26.45 -42.54
CA LEU O 78 -78.19 -27.10 -41.46
C LEU O 78 -78.95 -28.33 -41.95
N GLN O 79 -78.72 -29.44 -41.29
CA GLN O 79 -79.42 -30.71 -41.43
C GLN O 79 -80.29 -30.94 -40.20
N PRO O 80 -81.22 -31.91 -40.25
CA PRO O 80 -82.05 -32.17 -39.07
C PRO O 80 -81.28 -32.61 -37.85
N GLU O 81 -80.04 -33.09 -38.01
CA GLU O 81 -79.20 -33.49 -36.89
C GLU O 81 -78.49 -32.31 -36.23
N ASP O 82 -78.82 -31.08 -36.63
CA ASP O 82 -78.21 -29.87 -36.10
C ASP O 82 -79.05 -29.27 -34.97
N PHE O 83 -79.98 -30.04 -34.43
CA PHE O 83 -80.95 -29.54 -33.43
C PHE O 83 -80.48 -30.00 -32.06
N ALA O 84 -79.73 -29.14 -31.37
CA ALA O 84 -79.21 -29.43 -30.04
C ALA O 84 -78.83 -28.10 -29.38
N THR O 85 -78.17 -28.19 -28.23
CA THR O 85 -77.69 -27.03 -27.49
C THR O 85 -76.18 -26.93 -27.67
N TYR O 86 -75.70 -25.74 -27.99
CA TYR O 86 -74.29 -25.50 -28.28
C TYR O 86 -73.66 -24.71 -27.15
N TYR O 87 -72.58 -25.25 -26.59
CA TYR O 87 -71.85 -24.62 -25.49
C TYR O 87 -70.51 -24.11 -25.99
N CYS O 88 -69.94 -23.16 -25.25
CA CYS O 88 -68.61 -22.63 -25.54
C CYS O 88 -67.79 -22.69 -24.26
N GLN O 89 -66.71 -23.47 -24.28
CA GLN O 89 -65.83 -23.65 -23.13
C GLN O 89 -64.49 -23.00 -23.40
N GLN O 90 -64.03 -22.18 -22.45
CA GLN O 90 -62.73 -21.55 -22.53
C GLN O 90 -61.69 -22.39 -21.80
N ALA O 91 -60.41 -22.14 -22.15
CA ALA O 91 -59.32 -22.90 -21.54
C ALA O 91 -58.12 -22.02 -21.22
N ASN O 92 -58.29 -20.70 -21.15
CA ASN O 92 -57.16 -19.82 -20.84
C ASN O 92 -56.78 -19.89 -19.36
N SER O 93 -57.68 -20.37 -18.50
CA SER O 93 -57.37 -20.55 -17.09
C SER O 93 -57.86 -21.91 -16.64
N PHE O 94 -57.25 -22.42 -15.58
CA PHE O 94 -57.59 -23.76 -15.10
C PHE O 94 -59.07 -23.93 -14.76
N PRO O 95 -59.75 -23.00 -14.07
CA PRO O 95 -61.20 -23.16 -13.90
C PRO O 95 -61.95 -22.97 -15.20
N PHE O 96 -61.92 -23.99 -16.06
CA PHE O 96 -62.65 -23.94 -17.33
C PHE O 96 -64.13 -23.77 -17.05
N SER O 97 -64.78 -22.85 -17.77
CA SER O 97 -66.18 -22.55 -17.57
C SER O 97 -66.92 -22.66 -18.90
N PHE O 98 -68.04 -23.36 -18.89
CA PHE O 98 -68.90 -23.46 -20.06
C PHE O 98 -69.80 -22.22 -20.11
N GLY O 99 -70.77 -22.24 -21.02
CA GLY O 99 -71.77 -21.21 -21.08
C GLY O 99 -73.15 -21.78 -20.81
N PRO O 100 -74.15 -20.90 -20.68
CA PRO O 100 -75.53 -21.40 -20.53
C PRO O 100 -75.96 -22.31 -21.66
N GLY O 101 -75.83 -21.86 -22.91
CA GLY O 101 -76.17 -22.68 -24.04
C GLY O 101 -76.99 -21.95 -25.09
N THR O 102 -77.40 -22.66 -26.14
CA THR O 102 -78.21 -22.10 -27.21
C THR O 102 -78.99 -23.23 -27.87
N LYS O 103 -80.29 -23.28 -27.63
CA LYS O 103 -81.11 -24.35 -28.14
C LYS O 103 -81.55 -24.08 -29.57
N VAL O 104 -81.57 -25.12 -30.39
CA VAL O 104 -82.03 -25.06 -31.77
C VAL O 104 -83.38 -25.75 -31.86
N ASP O 105 -84.36 -25.07 -32.45
CA ASP O 105 -85.72 -25.55 -32.53
C ASP O 105 -86.09 -25.84 -33.98
N ILE O 106 -87.36 -26.19 -34.18
CA ILE O 106 -87.90 -26.50 -35.51
C ILE O 106 -88.72 -25.29 -35.95
N LYS O 107 -88.16 -24.48 -36.84
CA LYS O 107 -88.86 -23.31 -37.35
C LYS O 107 -88.50 -23.07 -38.83
#